data_9C8D
#
_entry.id   9C8D
#
_cell.length_a   1.00
_cell.length_b   1.00
_cell.length_c   1.00
_cell.angle_alpha   90.00
_cell.angle_beta   90.00
_cell.angle_gamma   90.00
#
_symmetry.space_group_name_H-M   'P 1'
#
loop_
_entity.id
_entity.type
_entity.pdbx_description
1 polymer Seipin
2 polymer Adipogenin
#
loop_
_entity_poly.entity_id
_entity_poly.type
_entity_poly.pdbx_seq_one_letter_code
_entity_poly.pdbx_strand_id
1 'polypeptide(L)'
;MSGRWSHPQFEKIHQRREAGARETCRDQIKGSDKDEEPSAALSHGQGYRPCGRPARNSKPEAGARPPAVPIMVNDPPVPA
LLWAQEVGHVLAGRARRLMLQFGVLFCTILLLLWVSVFLYGSFYYSYMPTVSHLSPVHFHYRTDCDSSTASLCSFPVANV
SLAKSGRDRVLMYGQPYRVTLELELPESPVNQDLGMFLVTVSCYTRGGRIISTSSRSVMLHYRSQLLQVLDTLLFSSLLL
FGFAEQKQLLEVELYSDYRENSYVPTTGAIIEIHSKRIQMYGAYLRIHAHFTGLRYLLYNFPMTCAFVGVASNFTFLSVI
VLFSYMQWVWGAVWPRHRFSLQVNIRQRDNSHHGAPRRISRHQPGQESTQQSDVTEDGESPEDPSGTEGQLSEEEKPEKR
PLNGEEEQEPEASDGSWEDAALLTEANPPTSASASALAPETLGSLRQRPTCSSS
;
A,B,C,D,E,F,G,H,I,J,K,L
2 'polypeptide(L)'
;MKYPLVPLVSDLTLSFLVFWLCLPVALLLFLTIVWLHFLLSQESKEDDSDLCFNWEPWSKRPSECGCEETFPGEEDGLHW
GGSGSGDYKDDDDK
;
M,N,O,P,Q,R,S,T,U,V,W,X
#
# COMPACT_ATOMS: atom_id res chain seq x y z
N LEU A 112 -2.65 -48.22 -40.38
CA LEU A 112 -2.21 -47.76 -41.70
C LEU A 112 -2.10 -46.24 -41.73
N LEU A 113 -1.85 -45.64 -40.56
CA LEU A 113 -1.70 -44.19 -40.50
C LEU A 113 -0.46 -43.72 -41.26
N TRP A 114 0.55 -44.59 -41.38
CA TRP A 114 1.71 -44.28 -42.22
C TRP A 114 1.30 -44.05 -43.67
N VAL A 115 0.47 -44.94 -44.22
CA VAL A 115 -0.01 -44.79 -45.58
C VAL A 115 -0.90 -43.55 -45.70
N SER A 116 -1.68 -43.26 -44.65
CA SER A 116 -2.51 -42.06 -44.66
C SER A 116 -1.66 -40.80 -44.73
N VAL A 117 -0.57 -40.74 -43.94
CA VAL A 117 0.31 -39.59 -43.97
C VAL A 117 0.97 -39.46 -45.33
N PHE A 118 1.43 -40.58 -45.91
CA PHE A 118 2.02 -40.52 -47.24
C PHE A 118 1.03 -40.04 -48.27
N LEU A 119 -0.22 -40.50 -48.18
CA LEU A 119 -1.25 -40.07 -49.13
C LEU A 119 -1.55 -38.59 -48.98
N TYR A 120 -1.62 -38.09 -47.74
CA TYR A 120 -1.85 -36.66 -47.54
C TYR A 120 -0.70 -35.84 -48.10
N GLY A 121 0.54 -36.29 -47.90
CA GLY A 121 1.67 -35.60 -48.47
C GLY A 121 1.64 -35.57 -49.98
N SER A 122 1.31 -36.71 -50.60
CA SER A 122 1.20 -36.76 -52.05
C SER A 122 0.08 -35.86 -52.55
N PHE A 123 -1.04 -35.84 -51.83
CA PHE A 123 -2.14 -34.93 -52.15
C PHE A 123 -1.67 -33.48 -52.14
N TYR A 124 -0.97 -33.08 -51.09
CA TYR A 124 -0.48 -31.70 -50.99
C TYR A 124 0.50 -31.39 -52.11
N TYR A 125 1.41 -32.33 -52.39
CA TYR A 125 2.40 -32.08 -53.44
C TYR A 125 1.75 -31.95 -54.81
N SER A 126 0.79 -32.84 -55.11
CA SER A 126 0.16 -32.80 -56.43
C SER A 126 -0.70 -31.56 -56.59
N TYR A 127 -1.44 -31.16 -55.55
CA TYR A 127 -2.37 -30.06 -55.72
C TYR A 127 -1.74 -28.71 -55.37
N MET A 128 -0.46 -28.68 -55.04
CA MET A 128 0.26 -27.41 -54.80
C MET A 128 1.55 -27.34 -55.62
N PRO A 129 1.44 -27.22 -56.95
CA PRO A 129 2.61 -26.84 -57.76
C PRO A 129 2.72 -25.31 -57.90
N THR A 130 2.87 -24.65 -56.76
CA THR A 130 2.73 -23.19 -56.71
C THR A 130 3.78 -22.52 -57.58
N VAL A 131 3.36 -21.98 -58.72
CA VAL A 131 4.24 -21.20 -59.57
C VAL A 131 4.28 -19.80 -58.97
N SER A 132 5.22 -19.57 -58.05
CA SER A 132 5.27 -18.34 -57.29
C SER A 132 6.72 -17.98 -57.03
N HIS A 133 7.00 -16.68 -56.96
CA HIS A 133 8.32 -16.19 -56.62
C HIS A 133 8.22 -15.40 -55.33
N LEU A 134 8.93 -15.86 -54.30
CA LEU A 134 8.89 -15.29 -52.96
C LEU A 134 10.08 -14.34 -52.83
N SER A 135 9.91 -13.12 -53.33
CA SER A 135 11.02 -12.18 -53.31
C SER A 135 11.25 -11.65 -51.90
N PRO A 136 12.42 -11.87 -51.32
CA PRO A 136 12.70 -11.27 -50.01
C PRO A 136 12.79 -9.75 -50.15
N VAL A 137 12.37 -9.06 -49.09
CA VAL A 137 12.41 -7.60 -49.04
C VAL A 137 13.31 -7.18 -47.91
N HIS A 138 14.31 -6.37 -48.20
CA HIS A 138 15.32 -5.97 -47.24
C HIS A 138 15.20 -4.46 -47.02
N PHE A 139 14.67 -4.07 -45.87
CA PHE A 139 14.47 -2.66 -45.58
C PHE A 139 15.76 -2.04 -45.05
N HIS A 140 16.26 -1.05 -45.77
CA HIS A 140 17.44 -0.30 -45.34
C HIS A 140 17.01 1.10 -44.92
N TYR A 141 17.66 1.60 -43.89
CA TYR A 141 17.30 2.86 -43.25
C TYR A 141 18.32 3.93 -43.57
N ARG A 142 18.08 5.11 -43.00
CA ARG A 142 19.08 6.17 -42.92
C ARG A 142 19.43 6.35 -41.45
N THR A 143 20.73 6.29 -41.13
CA THR A 143 21.16 6.29 -39.74
C THR A 143 22.04 7.48 -39.38
N ASP A 144 21.84 8.62 -40.03
CA ASP A 144 22.64 9.81 -39.73
C ASP A 144 21.99 10.71 -38.69
N CYS A 145 20.82 10.36 -38.16
CA CYS A 145 20.16 11.20 -37.17
C CYS A 145 20.65 10.83 -35.78
N ASP A 146 20.05 11.47 -34.76
CA ASP A 146 20.48 11.23 -33.38
C ASP A 146 20.25 9.79 -32.96
N SER A 147 19.07 9.25 -33.27
CA SER A 147 18.70 7.87 -32.93
C SER A 147 18.82 7.59 -31.43
N SER A 148 18.58 8.60 -30.59
CA SER A 148 18.70 8.44 -29.15
C SER A 148 17.48 7.76 -28.54
N THR A 149 16.39 7.60 -29.28
CA THR A 149 15.18 6.97 -28.79
C THR A 149 14.86 5.75 -29.64
N ALA A 150 13.85 5.00 -29.22
CA ALA A 150 13.44 3.78 -29.92
C ALA A 150 12.61 4.13 -31.15
N SER A 151 13.25 4.82 -32.09
CA SER A 151 12.61 5.20 -33.34
C SER A 151 13.69 5.47 -34.37
N LEU A 152 13.45 5.02 -35.60
CA LEU A 152 14.40 5.20 -36.68
C LEU A 152 14.43 6.67 -37.13
N CYS A 153 15.26 6.93 -38.15
CA CYS A 153 15.38 8.28 -38.69
C CYS A 153 14.43 8.52 -39.85
N SER A 154 14.42 7.61 -40.82
CA SER A 154 13.59 7.73 -42.01
C SER A 154 12.74 6.47 -42.17
N PHE A 155 11.85 6.50 -43.15
CA PHE A 155 10.93 5.39 -43.37
C PHE A 155 11.66 4.19 -43.98
N PRO A 156 11.33 2.97 -43.54
CA PRO A 156 11.85 1.78 -44.21
C PRO A 156 11.43 1.74 -45.68
N VAL A 157 12.45 1.69 -46.55
CA VAL A 157 12.25 1.60 -47.99
C VAL A 157 13.04 0.41 -48.51
N ALA A 158 12.62 -0.11 -49.66
CA ALA A 158 13.29 -1.29 -50.20
C ALA A 158 13.04 -1.50 -51.69
N ASN A 159 14.12 -1.61 -52.46
CA ASN A 159 14.05 -2.06 -53.84
C ASN A 159 14.11 -3.58 -53.89
N VAL A 160 13.24 -4.18 -54.70
CA VAL A 160 13.24 -5.62 -54.89
C VAL A 160 13.14 -5.91 -56.38
N SER A 161 13.97 -6.84 -56.85
CA SER A 161 13.99 -7.24 -58.24
C SER A 161 13.44 -8.65 -58.38
N LEU A 162 12.56 -8.86 -59.35
CA LEU A 162 11.89 -10.13 -59.57
C LEU A 162 12.61 -11.02 -60.57
N ALA A 163 13.75 -10.58 -61.10
CA ALA A 163 14.49 -11.37 -62.06
C ALA A 163 15.19 -12.54 -61.38
N ARG A 169 9.99 -16.47 -66.89
CA ARG A 169 9.57 -15.53 -65.85
C ARG A 169 8.35 -16.05 -65.10
N VAL A 170 7.71 -15.15 -64.36
CA VAL A 170 6.45 -15.44 -63.67
C VAL A 170 5.34 -14.50 -64.12
N LEU A 171 5.62 -13.19 -64.16
CA LEU A 171 4.64 -12.19 -64.55
C LEU A 171 4.46 -12.23 -66.05
N MET A 172 3.65 -13.18 -66.51
CA MET A 172 3.28 -13.30 -67.91
C MET A 172 1.90 -12.70 -68.12
N TYR A 173 1.36 -12.88 -69.32
CA TYR A 173 0.19 -12.12 -69.77
C TYR A 173 -1.07 -12.98 -69.69
N GLY A 174 -2.14 -12.38 -69.21
CA GLY A 174 -3.44 -13.03 -69.12
C GLY A 174 -3.78 -13.69 -67.81
N GLN A 175 -2.79 -14.32 -67.18
CA GLN A 175 -3.05 -15.02 -65.92
C GLN A 175 -3.25 -14.02 -64.79
N PRO A 176 -4.31 -14.16 -64.00
CA PRO A 176 -4.50 -13.25 -62.85
C PRO A 176 -3.58 -13.62 -61.69
N TYR A 177 -3.00 -12.59 -61.07
CA TYR A 177 -2.02 -12.77 -60.01
C TYR A 177 -2.39 -11.90 -58.82
N ARG A 178 -2.05 -12.38 -57.63
CA ARG A 178 -2.33 -11.68 -56.38
C ARG A 178 -1.01 -11.25 -55.74
N VAL A 179 -0.70 -9.97 -55.84
CA VAL A 179 0.53 -9.40 -55.30
C VAL A 179 0.29 -8.99 -53.86
N THR A 180 1.02 -9.61 -52.93
CA THR A 180 0.88 -9.33 -51.51
C THR A 180 2.27 -9.15 -50.91
N LEU A 181 2.29 -8.57 -49.71
CA LEU A 181 3.52 -8.35 -48.94
C LEU A 181 3.31 -8.91 -47.54
N GLU A 182 3.63 -10.19 -47.36
CA GLU A 182 3.53 -10.82 -46.05
C GLU A 182 4.54 -10.19 -45.11
N LEU A 183 4.05 -9.54 -44.06
CA LEU A 183 4.86 -8.73 -43.16
C LEU A 183 4.88 -9.38 -41.79
N GLU A 184 6.08 -9.49 -41.22
CA GLU A 184 6.28 -10.21 -39.96
C GLU A 184 6.60 -9.20 -38.87
N LEU A 185 5.65 -9.00 -37.96
CA LEU A 185 5.81 -8.06 -36.85
C LEU A 185 5.91 -8.82 -35.53
N PRO A 186 6.66 -8.31 -34.56
CA PRO A 186 6.53 -8.83 -33.20
C PRO A 186 5.41 -8.13 -32.45
N GLU A 187 4.94 -8.80 -31.40
CA GLU A 187 3.88 -8.30 -30.54
C GLU A 187 4.41 -7.43 -29.41
N SER A 188 5.53 -6.76 -29.63
CA SER A 188 6.11 -5.91 -28.61
C SER A 188 5.17 -4.75 -28.29
N PRO A 189 5.26 -4.19 -27.08
CA PRO A 189 4.37 -3.08 -26.73
C PRO A 189 4.46 -1.89 -27.67
N VAL A 190 5.62 -1.65 -28.28
CA VAL A 190 5.75 -0.55 -29.22
C VAL A 190 4.84 -0.78 -30.42
N ASN A 191 4.80 -2.02 -30.91
CA ASN A 191 3.95 -2.33 -32.06
C ASN A 191 2.47 -2.20 -31.72
N GLN A 192 2.07 -2.61 -30.52
CA GLN A 192 0.67 -2.49 -30.12
C GLN A 192 0.27 -1.04 -29.89
N ASP A 193 1.20 -0.22 -29.42
CA ASP A 193 0.91 1.19 -29.20
C ASP A 193 1.11 2.03 -30.45
N LEU A 194 1.67 1.47 -31.52
CA LEU A 194 1.94 2.23 -32.73
C LEU A 194 0.66 2.64 -33.44
N GLY A 195 -0.23 1.69 -33.69
CA GLY A 195 -1.45 1.98 -34.41
C GLY A 195 -1.31 1.80 -35.92
N MET A 196 -2.14 2.53 -36.65
CA MET A 196 -2.20 2.40 -38.10
C MET A 196 -0.91 2.90 -38.75
N PHE A 197 -0.58 2.29 -39.89
CA PHE A 197 0.54 2.76 -40.69
C PHE A 197 0.31 2.39 -42.15
N LEU A 198 0.83 3.23 -43.04
CA LEU A 198 0.60 3.14 -44.48
C LEU A 198 1.71 2.35 -45.15
N VAL A 199 1.32 1.52 -46.11
CA VAL A 199 2.23 0.71 -46.90
C VAL A 199 2.05 1.09 -48.37
N THR A 200 3.16 1.42 -49.03
CA THR A 200 3.11 1.83 -50.43
C THR A 200 4.00 0.92 -51.26
N VAL A 201 3.49 0.53 -52.43
CA VAL A 201 4.24 -0.28 -53.38
C VAL A 201 4.19 0.42 -54.72
N SER A 202 5.34 0.43 -55.40
CA SER A 202 5.46 1.10 -56.70
C SER A 202 6.23 0.19 -57.63
N CYS A 203 5.54 -0.40 -58.60
CA CYS A 203 6.23 -1.16 -59.62
C CYS A 203 6.89 -0.22 -60.62
N TYR A 204 8.09 -0.58 -61.06
CA TYR A 204 8.89 0.28 -61.91
C TYR A 204 9.30 -0.44 -63.18
N THR A 205 9.55 0.34 -64.22
CA THR A 205 10.00 -0.19 -65.49
C THR A 205 11.50 -0.41 -65.46
N ARG A 206 12.07 -0.79 -66.61
CA ARG A 206 13.52 -0.94 -66.70
C ARG A 206 14.23 0.40 -66.58
N GLY A 207 13.64 1.46 -67.14
CA GLY A 207 14.23 2.78 -67.12
C GLY A 207 13.90 3.63 -65.91
N GLY A 208 13.19 3.06 -64.93
CA GLY A 208 12.84 3.78 -63.72
C GLY A 208 11.42 4.30 -63.67
N ARG A 209 10.73 4.34 -64.81
CA ARG A 209 9.36 4.81 -64.83
C ARG A 209 8.47 3.90 -63.99
N ILE A 210 7.46 4.50 -63.36
CA ILE A 210 6.57 3.78 -62.45
C ILE A 210 5.47 3.09 -63.27
N ILE A 211 5.21 1.84 -62.96
CA ILE A 211 4.19 1.06 -63.66
C ILE A 211 2.83 1.27 -63.03
N SER A 212 2.68 0.88 -61.76
CA SER A 212 1.38 0.92 -61.08
C SER A 212 1.62 1.20 -59.61
N THR A 213 1.26 2.40 -59.16
CA THR A 213 1.35 2.77 -57.76
C THR A 213 0.12 2.29 -57.00
N SER A 214 0.37 1.72 -55.82
CA SER A 214 -0.70 1.26 -54.96
C SER A 214 -0.42 1.72 -53.53
N SER A 215 -1.40 1.56 -52.66
CA SER A 215 -1.24 1.93 -51.26
C SER A 215 -2.31 1.23 -50.44
N ARG A 216 -1.95 0.88 -49.21
CA ARG A 216 -2.86 0.25 -48.26
C ARG A 216 -2.55 0.78 -46.88
N SER A 217 -3.49 0.59 -45.96
CA SER A 217 -3.26 0.92 -44.55
C SER A 217 -3.39 -0.36 -43.75
N VAL A 218 -2.30 -0.74 -43.07
CA VAL A 218 -2.31 -2.00 -42.34
C VAL A 218 -1.91 -1.74 -40.90
N MET A 219 -2.43 -2.56 -40.00
CA MET A 219 -2.21 -2.37 -38.57
C MET A 219 -2.22 -3.72 -37.88
N LEU A 220 -1.47 -3.81 -36.79
CA LEU A 220 -1.34 -5.06 -36.05
C LEU A 220 -2.67 -5.48 -35.46
N HIS A 221 -2.98 -6.77 -35.55
CA HIS A 221 -4.17 -7.30 -34.89
C HIS A 221 -4.07 -7.11 -33.39
N TYR A 222 -5.17 -6.66 -32.79
CA TYR A 222 -5.19 -6.39 -31.36
C TYR A 222 -5.68 -7.60 -30.58
N ARG A 223 -4.98 -7.94 -29.52
CA ARG A 223 -5.41 -8.97 -28.58
C ARG A 223 -5.23 -8.43 -27.17
N SER A 224 -6.21 -8.67 -26.30
CA SER A 224 -6.18 -8.13 -24.96
C SER A 224 -5.05 -8.75 -24.15
N GLN A 225 -4.68 -8.08 -23.06
CA GLN A 225 -3.57 -8.54 -22.24
C GLN A 225 -3.86 -9.90 -21.63
N LEU A 226 -5.11 -10.12 -21.19
CA LEU A 226 -5.49 -11.43 -20.69
C LEU A 226 -5.39 -12.49 -21.77
N LEU A 227 -5.80 -12.13 -23.00
CA LEU A 227 -5.66 -13.05 -24.11
C LEU A 227 -4.20 -13.36 -24.40
N GLN A 228 -3.34 -12.34 -24.32
CA GLN A 228 -1.91 -12.55 -24.54
C GLN A 228 -1.32 -13.49 -23.49
N VAL A 229 -1.70 -13.30 -22.23
CA VAL A 229 -1.18 -14.15 -21.17
C VAL A 229 -1.67 -15.58 -21.34
N LEU A 230 -2.95 -15.75 -21.70
CA LEU A 230 -3.50 -17.08 -21.91
C LEU A 230 -2.81 -17.77 -23.09
N ASP A 231 -2.54 -17.02 -24.16
CA ASP A 231 -1.82 -17.57 -25.30
C ASP A 231 -0.42 -18.01 -24.90
N THR A 232 0.30 -17.15 -24.16
CA THR A 232 1.64 -17.50 -23.71
C THR A 232 1.62 -18.74 -22.83
N LEU A 233 0.59 -18.90 -22.01
CA LEU A 233 0.53 -20.04 -21.11
C LEU A 233 0.22 -21.32 -21.86
N LEU A 234 -0.74 -21.28 -22.80
CA LEU A 234 -1.20 -22.51 -23.43
C LEU A 234 -0.29 -22.97 -24.56
N PHE A 235 0.22 -22.04 -25.38
CA PHE A 235 1.19 -22.35 -26.41
C PHE A 235 2.62 -22.28 -25.92
N SER A 236 2.82 -22.48 -24.61
CA SER A 236 4.14 -22.26 -24.01
C SER A 236 5.18 -23.24 -24.56
N SER A 237 4.80 -24.50 -24.76
CA SER A 237 5.77 -25.49 -25.21
C SER A 237 6.34 -25.14 -26.57
N LEU A 238 5.46 -24.74 -27.50
CA LEU A 238 5.91 -24.38 -28.83
C LEU A 238 6.81 -23.16 -28.80
N LEU A 239 6.47 -22.17 -27.96
CA LEU A 239 7.31 -20.98 -27.86
C LEU A 239 8.66 -21.30 -27.21
N LEU A 240 8.69 -22.25 -26.28
CA LEU A 240 9.94 -22.60 -25.61
C LEU A 240 10.86 -23.40 -26.51
N PHE A 241 10.32 -24.37 -27.25
CA PHE A 241 11.16 -25.21 -28.09
C PHE A 241 11.52 -24.55 -29.41
N GLY A 242 10.99 -23.37 -29.71
CA GLY A 242 11.29 -22.68 -30.94
C GLY A 242 10.33 -22.93 -32.07
N PHE A 243 9.26 -23.70 -31.84
CA PHE A 243 8.28 -23.93 -32.89
C PHE A 243 7.47 -22.67 -33.18
N ALA A 244 6.73 -22.19 -32.19
CA ALA A 244 5.93 -20.99 -32.33
C ALA A 244 6.69 -19.78 -31.83
N GLU A 245 6.24 -18.60 -32.29
CA GLU A 245 6.83 -17.35 -31.87
C GLU A 245 5.74 -16.30 -31.78
N GLN A 246 5.87 -15.41 -30.79
CA GLN A 246 4.87 -14.37 -30.54
C GLN A 246 5.00 -13.29 -31.61
N LYS A 247 4.49 -13.60 -32.79
CA LYS A 247 4.59 -12.72 -33.94
C LYS A 247 3.27 -12.71 -34.69
N GLN A 248 3.09 -11.66 -35.49
CA GLN A 248 1.92 -11.50 -36.33
C GLN A 248 2.35 -11.44 -37.79
N LEU A 249 1.59 -12.11 -38.65
CA LEU A 249 1.80 -12.06 -40.10
C LEU A 249 0.64 -11.29 -40.72
N LEU A 250 0.94 -10.11 -41.23
CA LEU A 250 -0.05 -9.29 -41.92
C LEU A 250 0.10 -9.50 -43.42
N GLU A 251 -0.97 -9.96 -44.07
CA GLU A 251 -0.95 -10.21 -45.51
C GLU A 251 -1.52 -8.99 -46.21
N VAL A 252 -0.68 -7.96 -46.32
CA VAL A 252 -1.05 -6.75 -47.04
C VAL A 252 -1.28 -7.11 -48.51
N GLU A 253 -2.53 -7.04 -48.96
CA GLU A 253 -2.91 -7.46 -50.30
C GLU A 253 -2.79 -6.25 -51.23
N LEU A 254 -1.58 -6.07 -51.76
CA LEU A 254 -1.31 -4.90 -52.60
C LEU A 254 -2.11 -4.94 -53.89
N TYR A 255 -2.33 -6.12 -54.45
CA TYR A 255 -3.02 -6.24 -55.73
C TYR A 255 -3.88 -7.50 -55.69
N SER A 256 -5.19 -7.32 -55.54
CA SER A 256 -6.11 -8.44 -55.50
C SER A 256 -6.21 -9.15 -56.85
N ASP A 257 -5.89 -8.46 -57.94
CA ASP A 257 -5.95 -9.07 -59.26
C ASP A 257 -4.98 -8.30 -60.16
N TYR A 258 -3.85 -8.93 -60.49
CA TYR A 258 -2.81 -8.32 -61.29
C TYR A 258 -2.76 -8.94 -62.67
N ARG A 259 -2.61 -8.09 -63.68
CA ARG A 259 -2.38 -8.52 -65.05
C ARG A 259 -1.30 -7.62 -65.65
N GLU A 260 -0.32 -8.22 -66.30
CA GLU A 260 0.88 -7.52 -66.74
C GLU A 260 0.60 -6.69 -67.99
N ASN A 261 1.14 -5.48 -68.02
CA ASN A 261 1.10 -4.66 -69.22
C ASN A 261 1.90 -5.34 -70.33
N SER A 262 1.34 -5.29 -71.55
CA SER A 262 1.92 -6.06 -72.64
C SER A 262 3.30 -5.55 -73.05
N TYR A 263 3.42 -4.24 -73.27
CA TYR A 263 4.66 -3.70 -73.83
C TYR A 263 5.78 -3.61 -72.80
N VAL A 264 5.46 -3.37 -71.54
CA VAL A 264 6.49 -3.21 -70.51
C VAL A 264 6.24 -4.18 -69.38
N PRO A 265 7.12 -5.15 -69.16
CA PRO A 265 6.98 -6.07 -68.03
C PRO A 265 7.42 -5.40 -66.73
N THR A 266 7.14 -6.08 -65.62
CA THR A 266 7.47 -5.56 -64.30
C THR A 266 8.86 -6.07 -63.90
N THR A 267 9.82 -5.15 -63.82
CA THR A 267 11.16 -5.53 -63.41
C THR A 267 11.26 -5.75 -61.91
N GLY A 268 10.53 -4.97 -61.12
CA GLY A 268 10.60 -5.10 -59.68
C GLY A 268 9.63 -4.16 -59.00
N ALA A 269 9.82 -4.00 -57.70
CA ALA A 269 8.94 -3.19 -56.86
C ALA A 269 9.72 -2.42 -55.82
N ILE A 270 9.31 -1.17 -55.58
CA ILE A 270 9.84 -0.36 -54.49
C ILE A 270 8.76 -0.29 -53.42
N ILE A 271 9.10 -0.74 -52.22
CA ILE A 271 8.12 -0.87 -51.14
C ILE A 271 8.56 0.01 -49.98
N GLU A 272 7.58 0.67 -49.36
CA GLU A 272 7.86 1.62 -48.30
C GLU A 272 6.83 1.47 -47.19
N ILE A 273 7.31 1.50 -45.95
CA ILE A 273 6.46 1.55 -44.78
C ILE A 273 6.70 2.89 -44.09
N HIS A 274 5.63 3.64 -43.87
CA HIS A 274 5.73 5.01 -43.41
C HIS A 274 5.80 5.13 -41.90
N SER A 275 5.86 4.02 -41.19
CA SER A 275 6.00 4.04 -39.74
C SER A 275 7.48 4.15 -39.39
N LYS A 276 7.80 5.11 -38.52
CA LYS A 276 9.13 5.26 -37.97
C LYS A 276 9.32 4.44 -36.70
N ARG A 277 8.35 3.59 -36.35
CA ARG A 277 8.46 2.77 -35.16
C ARG A 277 8.02 1.33 -35.38
N ILE A 278 7.82 0.91 -36.63
CA ILE A 278 7.34 -0.43 -36.92
C ILE A 278 8.47 -1.43 -36.69
N GLN A 279 8.44 -2.09 -35.53
CA GLN A 279 9.34 -3.19 -35.25
C GLN A 279 8.91 -4.39 -36.09
N MET A 280 9.84 -4.96 -36.85
CA MET A 280 9.53 -6.06 -37.75
C MET A 280 10.77 -6.92 -37.95
N TYR A 281 10.53 -8.17 -38.34
CA TYR A 281 11.60 -9.15 -38.57
C TYR A 281 12.04 -9.18 -40.02
N GLY A 282 11.10 -9.23 -40.95
CA GLY A 282 11.41 -9.31 -42.37
C GLY A 282 10.16 -9.04 -43.19
N ALA A 283 10.26 -9.36 -44.48
CA ALA A 283 9.14 -9.11 -45.40
C ALA A 283 9.33 -9.95 -46.66
N TYR A 284 8.24 -10.53 -47.12
CA TYR A 284 8.20 -11.28 -48.38
C TYR A 284 7.22 -10.61 -49.33
N LEU A 285 7.61 -10.50 -50.60
CA LEU A 285 6.70 -10.10 -51.66
C LEU A 285 6.35 -11.35 -52.43
N ARG A 286 5.07 -11.73 -52.40
CA ARG A 286 4.62 -13.00 -52.95
C ARG A 286 3.63 -12.76 -54.07
N ILE A 287 3.87 -13.38 -55.22
CA ILE A 287 2.97 -13.34 -56.36
C ILE A 287 2.62 -14.76 -56.74
N HIS A 288 1.33 -15.03 -56.84
CA HIS A 288 0.85 -16.41 -57.02
C HIS A 288 -0.35 -16.38 -57.96
N ALA A 289 -0.55 -17.49 -58.68
CA ALA A 289 -1.70 -17.60 -59.56
C ALA A 289 -3.00 -17.46 -58.78
N HIS A 290 -3.96 -16.76 -59.36
CA HIS A 290 -5.20 -16.47 -58.65
C HIS A 290 -6.17 -17.65 -58.63
N PHE A 291 -5.86 -18.75 -59.32
CA PHE A 291 -6.66 -19.95 -59.22
C PHE A 291 -6.70 -20.42 -57.77
N THR A 292 -7.86 -20.35 -57.14
CA THR A 292 -7.93 -20.59 -55.71
C THR A 292 -9.00 -21.60 -55.32
N GLY A 293 -10.12 -21.65 -56.05
CA GLY A 293 -11.28 -22.37 -55.56
C GLY A 293 -11.01 -23.82 -55.23
N LEU A 294 -10.26 -24.50 -56.10
CA LEU A 294 -9.91 -25.89 -55.81
C LEU A 294 -8.98 -25.99 -54.61
N ARG A 295 -8.02 -25.08 -54.49
CA ARG A 295 -6.99 -25.13 -53.47
C ARG A 295 -7.22 -24.14 -52.34
N TYR A 296 -8.41 -23.55 -52.23
CA TYR A 296 -8.64 -22.46 -51.28
C TYR A 296 -8.25 -22.87 -49.87
N LEU A 297 -8.66 -24.06 -49.44
CA LEU A 297 -8.28 -24.54 -48.11
C LEU A 297 -6.76 -24.64 -48.00
N LEU A 298 -6.11 -25.23 -49.00
CA LEU A 298 -4.65 -25.29 -48.99
C LEU A 298 -4.05 -23.91 -49.21
N TYR A 299 -4.77 -23.03 -49.91
CA TYR A 299 -4.26 -21.68 -50.17
C TYR A 299 -4.18 -20.86 -48.88
N ASN A 300 -5.10 -21.11 -47.95
CA ASN A 300 -5.16 -20.25 -46.77
C ASN A 300 -5.12 -20.99 -45.43
N PHE A 301 -5.63 -22.22 -45.36
CA PHE A 301 -5.79 -22.94 -44.09
C PHE A 301 -5.15 -24.32 -44.19
N PRO A 302 -3.82 -24.40 -44.08
CA PRO A 302 -3.13 -25.70 -44.24
C PRO A 302 -3.41 -26.69 -43.12
N MET A 303 -3.52 -26.19 -41.88
CA MET A 303 -3.75 -27.08 -40.75
C MET A 303 -5.07 -27.82 -40.86
N THR A 304 -6.13 -27.11 -41.28
CA THR A 304 -7.41 -27.77 -41.52
C THR A 304 -7.28 -28.79 -42.65
N CYS A 305 -6.48 -28.49 -43.68
CA CYS A 305 -6.26 -29.45 -44.75
C CYS A 305 -5.64 -30.73 -44.22
N ALA A 306 -4.64 -30.60 -43.36
CA ALA A 306 -4.04 -31.79 -42.74
C ALA A 306 -5.07 -32.54 -41.92
N PHE A 307 -5.78 -31.83 -41.04
CA PHE A 307 -6.74 -32.47 -40.14
C PHE A 307 -7.83 -33.22 -40.91
N VAL A 308 -8.21 -32.69 -42.08
CA VAL A 308 -9.25 -33.33 -42.88
C VAL A 308 -8.69 -34.46 -43.72
N GLY A 309 -7.61 -34.20 -44.46
CA GLY A 309 -7.10 -35.20 -45.39
C GLY A 309 -6.53 -36.42 -44.69
N VAL A 310 -5.77 -36.23 -43.61
CA VAL A 310 -5.20 -37.37 -42.90
C VAL A 310 -6.30 -38.25 -42.34
N ALA A 311 -7.32 -37.63 -41.73
CA ALA A 311 -8.42 -38.39 -41.18
C ALA A 311 -9.20 -39.12 -42.26
N SER A 312 -9.46 -38.45 -43.40
CA SER A 312 -10.20 -39.08 -44.48
C SER A 312 -9.43 -40.26 -45.06
N ASN A 313 -8.12 -40.10 -45.25
CA ASN A 313 -7.32 -41.20 -45.79
C ASN A 313 -7.22 -42.35 -44.80
N PHE A 314 -7.11 -42.05 -43.50
CA PHE A 314 -7.07 -43.11 -42.49
C PHE A 314 -8.38 -43.88 -42.45
N THR A 315 -9.51 -43.16 -42.51
CA THR A 315 -10.81 -43.84 -42.53
C THR A 315 -10.98 -44.67 -43.80
N PHE A 316 -10.55 -44.14 -44.94
CA PHE A 316 -10.62 -44.89 -46.18
C PHE A 316 -9.73 -46.13 -46.13
N LEU A 317 -8.55 -46.00 -45.56
CA LEU A 317 -7.62 -47.13 -45.44
C LEU A 317 -8.10 -48.10 -44.36
N LEU B 112 21.54 -51.41 -27.76
CA LEU B 112 22.53 -51.08 -28.77
C LEU B 112 22.56 -49.58 -29.06
N LEU B 113 22.14 -48.79 -28.06
CA LEU B 113 22.15 -47.33 -28.22
C LEU B 113 23.57 -46.81 -28.39
N TRP B 114 24.56 -47.55 -27.89
CA TRP B 114 25.96 -47.23 -28.15
C TRP B 114 26.26 -47.24 -29.65
N VAL B 115 25.88 -48.32 -30.32
CA VAL B 115 26.09 -48.42 -31.76
C VAL B 115 25.25 -47.38 -32.50
N SER B 116 24.05 -47.10 -32.00
CA SER B 116 23.20 -46.09 -32.62
C SER B 116 23.84 -44.71 -32.56
N VAL B 117 24.40 -44.36 -31.42
CA VAL B 117 25.08 -43.06 -31.28
C VAL B 117 26.30 -43.01 -32.19
N PHE B 118 27.07 -44.10 -32.24
CA PHE B 118 28.23 -44.12 -33.13
C PHE B 118 27.82 -43.96 -34.59
N LEU B 119 26.73 -44.63 -34.99
CA LEU B 119 26.26 -44.53 -36.36
C LEU B 119 25.74 -43.13 -36.68
N TYR B 120 25.06 -42.49 -35.73
CA TYR B 120 24.62 -41.11 -35.94
C TYR B 120 25.80 -40.18 -36.09
N GLY B 121 26.84 -40.38 -35.28
CA GLY B 121 28.04 -39.57 -35.40
C GLY B 121 28.71 -39.75 -36.76
N SER B 122 28.78 -41.00 -37.22
CA SER B 122 29.35 -41.26 -38.55
C SER B 122 28.50 -40.63 -39.64
N PHE B 123 27.17 -40.69 -39.49
CA PHE B 123 26.27 -40.03 -40.42
C PHE B 123 26.55 -38.53 -40.49
N TYR B 124 26.67 -37.90 -39.33
CA TYR B 124 26.95 -36.46 -39.29
C TYR B 124 28.31 -36.14 -39.93
N TYR B 125 29.33 -36.95 -39.62
CA TYR B 125 30.65 -36.69 -40.17
C TYR B 125 30.66 -36.86 -41.68
N SER B 126 29.99 -37.89 -42.20
CA SER B 126 29.98 -38.13 -43.63
C SER B 126 29.19 -37.07 -44.38
N TYR B 127 28.01 -36.70 -43.86
CA TYR B 127 27.16 -35.78 -44.60
C TYR B 127 27.45 -34.32 -44.28
N MET B 128 28.41 -34.04 -43.41
CA MET B 128 28.84 -32.66 -43.12
C MET B 128 30.34 -32.51 -43.27
N PRO B 129 30.88 -32.63 -44.50
CA PRO B 129 32.26 -32.16 -44.74
C PRO B 129 32.25 -30.70 -45.17
N THR B 130 31.83 -29.83 -44.25
CA THR B 130 31.52 -28.45 -44.59
C THR B 130 32.76 -27.71 -45.08
N VAL B 131 32.79 -27.41 -46.37
CA VAL B 131 33.82 -26.57 -46.93
C VAL B 131 33.40 -25.13 -46.64
N SER B 132 33.81 -24.62 -45.47
CA SER B 132 33.30 -23.35 -44.97
C SER B 132 34.36 -22.71 -44.09
N HIS B 133 34.24 -21.40 -43.89
CA HIS B 133 35.10 -20.68 -42.99
C HIS B 133 34.29 -19.79 -42.07
N LEU B 134 34.81 -19.63 -40.85
CA LEU B 134 34.12 -19.00 -39.74
C LEU B 134 34.96 -17.86 -39.17
N SER B 135 35.40 -16.96 -40.03
CA SER B 135 36.18 -15.79 -39.65
C SER B 135 35.53 -15.04 -38.48
N PRO B 136 36.17 -15.01 -37.32
CA PRO B 136 35.60 -14.27 -36.19
C PRO B 136 35.78 -12.77 -36.37
N VAL B 137 34.73 -12.03 -36.08
CA VAL B 137 34.72 -10.58 -36.19
C VAL B 137 35.01 -9.98 -34.82
N HIS B 138 35.88 -8.97 -34.80
CA HIS B 138 36.34 -8.36 -33.54
C HIS B 138 35.99 -6.88 -33.58
N PHE B 139 34.94 -6.50 -32.87
CA PHE B 139 34.46 -5.13 -32.91
C PHE B 139 35.26 -4.23 -31.99
N HIS B 140 35.85 -3.19 -32.57
CA HIS B 140 36.60 -2.20 -31.82
C HIS B 140 35.89 -0.85 -31.91
N TYR B 141 35.92 -0.11 -30.81
CA TYR B 141 35.17 1.12 -30.65
C TYR B 141 36.12 2.31 -30.65
N ARG B 142 35.54 3.49 -30.40
CA ARG B 142 36.27 4.68 -30.03
C ARG B 142 35.82 5.08 -28.63
N THR B 143 36.78 5.25 -27.72
CA THR B 143 36.46 5.47 -26.31
C THR B 143 36.95 6.80 -25.78
N ASP B 144 37.06 7.83 -26.61
CA ASP B 144 37.49 9.14 -26.15
C ASP B 144 36.33 10.02 -25.67
N CYS B 145 35.09 9.52 -25.72
CA CYS B 145 33.95 10.32 -25.30
C CYS B 145 33.81 10.26 -23.78
N ASP B 146 32.76 10.91 -23.26
CA ASP B 146 32.54 10.93 -21.83
C ASP B 146 32.25 9.54 -21.28
N SER B 147 31.41 8.77 -22.00
CA SER B 147 31.04 7.41 -21.62
C SER B 147 30.41 7.33 -20.23
N SER B 148 29.74 8.40 -19.80
CA SER B 148 29.12 8.40 -18.48
C SER B 148 27.83 7.59 -18.43
N THR B 149 27.30 7.18 -19.58
CA THR B 149 26.06 6.41 -19.64
C THR B 149 26.33 5.07 -20.31
N ALA B 150 25.34 4.18 -20.25
CA ALA B 150 25.45 2.85 -20.84
C ALA B 150 25.25 2.94 -22.35
N SER B 151 26.22 3.59 -23.00
CA SER B 151 26.19 3.75 -24.45
C SER B 151 27.61 4.05 -24.92
N LEU B 152 28.00 3.42 -26.03
CA LEU B 152 29.32 3.63 -26.58
C LEU B 152 29.41 4.99 -27.26
N CYS B 153 30.62 5.33 -27.72
CA CYS B 153 30.82 6.62 -28.37
C CYS B 153 30.56 6.53 -29.86
N SER B 154 31.08 5.49 -30.52
CA SER B 154 30.95 5.34 -31.96
C SER B 154 30.40 3.95 -32.26
N PHE B 155 30.07 3.72 -33.53
CA PHE B 155 29.45 2.47 -33.93
C PHE B 155 30.50 1.36 -33.99
N PRO B 156 30.13 0.13 -33.59
CA PRO B 156 31.04 -1.00 -33.77
C PRO B 156 31.38 -1.21 -35.23
N VAL B 157 32.68 -1.17 -35.54
CA VAL B 157 33.21 -1.42 -36.86
C VAL B 157 34.30 -2.48 -36.74
N ALA B 158 34.52 -3.22 -37.83
CA ALA B 158 35.53 -4.26 -37.76
C ALA B 158 35.98 -4.66 -39.15
N ASN B 159 37.30 -4.79 -39.31
CA ASN B 159 37.89 -5.39 -40.50
C ASN B 159 38.13 -6.88 -40.24
N VAL B 160 37.75 -7.71 -41.21
CA VAL B 160 38.02 -9.13 -41.13
C VAL B 160 38.66 -9.57 -42.44
N SER B 161 39.75 -10.31 -42.33
CA SER B 161 40.49 -10.78 -43.49
C SER B 161 40.26 -12.28 -43.68
N LEU B 162 40.34 -12.72 -44.93
CA LEU B 162 40.08 -14.10 -45.29
C LEU B 162 41.30 -14.85 -45.79
N ALA B 163 42.45 -14.18 -45.91
CA ALA B 163 43.66 -14.83 -46.40
C ALA B 163 44.25 -15.74 -45.33
N ARG B 169 42.00 -21.05 -51.57
CA ARG B 169 41.13 -20.24 -50.72
C ARG B 169 39.81 -20.95 -50.46
N VAL B 170 38.76 -20.17 -50.20
CA VAL B 170 37.41 -20.67 -50.07
C VAL B 170 36.48 -20.02 -51.08
N LEU B 171 36.55 -18.69 -51.22
CA LEU B 171 35.72 -17.95 -52.17
C LEU B 171 36.28 -18.17 -53.57
N MET B 172 35.86 -19.26 -54.20
CA MET B 172 36.25 -19.62 -55.56
C MET B 172 35.10 -19.33 -56.51
N TYR B 173 35.23 -19.79 -57.74
CA TYR B 173 34.36 -19.32 -58.81
C TYR B 173 33.32 -20.36 -59.19
N GLY B 174 32.13 -19.89 -59.53
CA GLY B 174 31.04 -20.75 -59.95
C GLY B 174 30.08 -21.19 -58.85
N GLN B 175 30.61 -21.76 -57.78
CA GLN B 175 29.77 -22.24 -56.70
C GLN B 175 29.12 -21.07 -55.98
N PRO B 176 27.82 -21.13 -55.71
CA PRO B 176 27.17 -20.08 -54.92
C PRO B 176 27.40 -20.25 -53.43
N TYR B 177 27.55 -19.12 -52.75
CA TYR B 177 27.89 -19.10 -51.32
C TYR B 177 26.93 -18.19 -50.58
N ARG B 178 26.72 -18.48 -49.30
CA ARG B 178 25.82 -17.72 -48.44
C ARG B 178 26.64 -17.04 -47.35
N VAL B 179 26.77 -15.72 -47.46
CA VAL B 179 27.53 -14.93 -46.50
C VAL B 179 26.57 -14.42 -45.42
N THR B 180 26.84 -14.81 -44.17
CA THR B 180 26.00 -14.40 -43.06
C THR B 180 26.90 -13.94 -41.91
N LEU B 181 26.33 -13.15 -41.02
CA LEU B 181 27.01 -12.65 -39.82
C LEU B 181 26.21 -13.11 -38.60
N GLU B 182 26.53 -14.31 -38.11
CA GLU B 182 25.90 -14.81 -36.90
C GLU B 182 26.32 -13.93 -35.72
N LEU B 183 25.33 -13.28 -35.10
CA LEU B 183 25.58 -12.25 -34.11
C LEU B 183 24.97 -12.69 -32.79
N GLU B 184 25.75 -12.57 -31.71
CA GLU B 184 25.41 -13.13 -30.40
C GLU B 184 25.06 -12.00 -29.45
N LEU B 185 23.81 -11.96 -29.00
CA LEU B 185 23.32 -10.90 -28.15
C LEU B 185 22.86 -11.46 -26.80
N PRO B 186 22.97 -10.70 -25.73
CA PRO B 186 22.26 -11.04 -24.49
C PRO B 186 20.85 -10.48 -24.49
N GLU B 187 19.95 -11.20 -23.81
CA GLU B 187 18.58 -10.76 -23.67
C GLU B 187 18.46 -9.77 -22.52
N SER B 188 19.35 -8.80 -22.48
CA SER B 188 19.38 -7.82 -21.41
C SER B 188 18.30 -6.77 -21.63
N PRO B 189 17.84 -6.11 -20.55
CA PRO B 189 16.85 -5.04 -20.72
C PRO B 189 17.34 -3.92 -21.61
N VAL B 190 18.65 -3.70 -21.71
CA VAL B 190 19.17 -2.69 -22.63
C VAL B 190 18.96 -3.10 -24.08
N ASN B 191 18.97 -4.40 -24.37
CA ASN B 191 18.83 -4.88 -25.74
C ASN B 191 17.37 -5.01 -26.18
N GLN B 192 16.46 -5.31 -25.26
CA GLN B 192 15.05 -5.38 -25.61
C GLN B 192 14.49 -4.01 -25.94
N ASP B 193 14.91 -2.98 -25.19
CA ASP B 193 14.44 -1.63 -25.45
C ASP B 193 15.15 -0.98 -26.64
N LEU B 194 16.17 -1.64 -27.20
CA LEU B 194 16.95 -1.02 -28.26
C LEU B 194 16.14 -0.89 -29.55
N GLY B 195 15.49 -1.98 -29.96
CA GLY B 195 14.71 -1.94 -31.19
C GLY B 195 15.56 -2.26 -32.42
N MET B 196 15.09 -1.76 -33.56
CA MET B 196 15.75 -2.04 -34.83
C MET B 196 17.13 -1.39 -34.89
N PHE B 197 18.04 -2.04 -35.60
CA PHE B 197 19.34 -1.47 -35.87
C PHE B 197 19.91 -2.06 -37.16
N LEU B 198 20.75 -1.27 -37.81
CA LEU B 198 21.23 -1.55 -39.16
C LEU B 198 22.60 -2.22 -39.12
N VAL B 199 22.79 -3.20 -40.02
CA VAL B 199 24.04 -3.91 -40.19
C VAL B 199 24.50 -3.72 -41.63
N THR B 200 25.74 -3.27 -41.79
CA THR B 200 26.30 -3.00 -43.11
C THR B 200 27.54 -3.84 -43.31
N VAL B 201 27.68 -4.41 -44.50
CA VAL B 201 28.83 -5.21 -44.87
C VAL B 201 29.40 -4.68 -46.19
N SER B 202 30.72 -4.58 -46.25
CA SER B 202 31.39 -4.05 -47.44
C SER B 202 32.61 -4.93 -47.70
N CYS B 203 32.52 -5.78 -48.72
CA CYS B 203 33.68 -6.54 -49.14
C CYS B 203 34.65 -5.63 -49.88
N TYR B 204 35.94 -5.77 -49.60
CA TYR B 204 36.94 -4.87 -50.14
C TYR B 204 37.96 -5.64 -50.99
N THR B 205 38.57 -4.92 -51.92
CA THR B 205 39.63 -5.46 -52.75
C THR B 205 40.96 -5.42 -52.01
N ARG B 206 42.03 -5.79 -52.70
CA ARG B 206 43.37 -5.69 -52.12
C ARG B 206 43.76 -4.24 -51.91
N GLY B 207 43.39 -3.36 -52.84
CA GLY B 207 43.72 -1.95 -52.78
C GLY B 207 42.77 -1.07 -52.00
N GLY B 208 41.77 -1.65 -51.35
CA GLY B 208 40.81 -0.91 -50.56
C GLY B 208 39.50 -0.62 -51.26
N ARG B 209 39.44 -0.82 -52.58
CA ARG B 209 38.20 -0.60 -53.30
C ARG B 209 37.13 -1.56 -52.83
N ILE B 210 35.88 -1.09 -52.80
CA ILE B 210 34.76 -1.87 -52.29
C ILE B 210 34.22 -2.76 -53.42
N ILE B 211 34.02 -4.04 -53.09
CA ILE B 211 33.52 -5.01 -54.07
C ILE B 211 32.00 -4.96 -54.13
N SER B 212 31.34 -5.27 -53.03
CA SER B 212 29.89 -5.36 -52.99
C SER B 212 29.40 -4.89 -51.62
N THR B 213 28.60 -3.83 -51.62
CA THR B 213 28.03 -3.29 -50.39
C THR B 213 26.63 -3.88 -50.17
N SER B 214 26.37 -4.26 -48.92
CA SER B 214 25.06 -4.80 -48.56
C SER B 214 24.67 -4.25 -47.20
N SER B 215 23.36 -4.18 -46.98
CA SER B 215 22.82 -3.67 -45.72
C SER B 215 21.56 -4.45 -45.37
N ARG B 216 21.34 -4.61 -44.06
CA ARG B 216 20.17 -5.30 -43.54
C ARG B 216 19.74 -4.61 -42.26
N SER B 217 18.48 -4.82 -41.87
CA SER B 217 17.98 -4.35 -40.59
C SER B 217 17.68 -5.57 -39.73
N VAL B 218 18.33 -5.67 -38.58
CA VAL B 218 18.19 -6.84 -37.73
C VAL B 218 17.79 -6.38 -36.33
N MET B 219 16.94 -7.18 -35.69
CA MET B 219 16.40 -6.82 -34.38
C MET B 219 16.22 -8.09 -33.56
N LEU B 220 16.35 -7.93 -32.25
CA LEU B 220 16.33 -9.06 -31.32
C LEU B 220 14.91 -9.61 -31.19
N HIS B 221 14.80 -10.93 -31.25
CA HIS B 221 13.51 -11.61 -31.17
C HIS B 221 12.82 -11.29 -29.84
N TYR B 222 11.58 -10.83 -29.92
CA TYR B 222 10.83 -10.44 -28.74
C TYR B 222 10.19 -11.64 -28.07
N ARG B 223 10.33 -11.70 -26.74
CA ARG B 223 9.62 -12.67 -25.91
C ARG B 223 9.09 -11.95 -24.69
N SER B 224 7.86 -12.30 -24.30
CA SER B 224 7.21 -11.62 -23.19
C SER B 224 7.90 -11.95 -21.87
N GLN B 225 7.63 -11.12 -20.86
CA GLN B 225 8.24 -11.31 -19.55
C GLN B 225 7.83 -12.63 -18.93
N LEU B 226 6.56 -13.02 -19.08
CA LEU B 226 6.11 -14.32 -18.60
C LEU B 226 6.83 -15.43 -19.34
N LEU B 227 7.02 -15.28 -20.65
CA LEU B 227 7.76 -16.27 -21.41
C LEU B 227 9.22 -16.34 -20.97
N GLN B 228 9.83 -15.20 -20.69
CA GLN B 228 11.21 -15.19 -20.20
C GLN B 228 11.32 -15.91 -18.86
N VAL B 229 10.37 -15.65 -17.96
CA VAL B 229 10.39 -16.30 -16.65
C VAL B 229 10.18 -17.80 -16.79
N LEU B 230 9.26 -18.23 -17.65
CA LEU B 230 9.04 -19.65 -17.87
C LEU B 230 10.27 -20.32 -18.47
N ASP B 231 10.94 -19.65 -19.42
CA ASP B 231 12.17 -20.19 -19.98
C ASP B 231 13.24 -20.32 -18.91
N THR B 232 13.40 -19.30 -18.07
CA THR B 232 14.40 -19.34 -17.02
C THR B 232 14.11 -20.48 -16.05
N LEU B 233 12.84 -20.71 -15.72
CA LEU B 233 12.51 -21.76 -14.76
C LEU B 233 12.69 -23.15 -15.36
N LEU B 234 12.20 -23.38 -16.57
CA LEU B 234 12.21 -24.73 -17.14
C LEU B 234 13.60 -25.14 -17.64
N PHE B 235 14.34 -24.22 -18.25
CA PHE B 235 15.72 -24.47 -18.65
C PHE B 235 16.72 -24.10 -17.57
N SER B 236 16.30 -24.13 -16.31
CA SER B 236 17.15 -23.65 -15.22
C SER B 236 18.42 -24.48 -15.10
N SER B 237 18.30 -25.81 -15.24
CA SER B 237 19.45 -26.68 -15.05
C SER B 237 20.54 -26.39 -16.06
N LEU B 238 20.16 -26.23 -17.33
CA LEU B 238 21.14 -25.98 -18.37
C LEU B 238 21.80 -24.62 -18.20
N LEU B 239 21.06 -23.63 -17.69
CA LEU B 239 21.64 -22.32 -17.47
C LEU B 239 22.56 -22.33 -16.25
N LEU B 240 22.23 -23.13 -15.24
CA LEU B 240 23.07 -23.19 -14.04
C LEU B 240 24.36 -23.94 -14.29
N PHE B 241 24.29 -25.06 -15.01
CA PHE B 241 25.48 -25.87 -15.24
C PHE B 241 26.38 -25.32 -16.34
N GLY B 242 25.94 -24.28 -17.05
CA GLY B 242 26.75 -23.67 -18.09
C GLY B 242 26.49 -24.15 -19.49
N PHE B 243 25.57 -25.11 -19.68
CA PHE B 243 25.27 -25.59 -21.02
C PHE B 243 24.55 -24.52 -21.83
N ALA B 244 23.37 -24.11 -21.37
CA ALA B 244 22.60 -23.09 -22.07
C ALA B 244 22.93 -21.71 -21.52
N GLU B 245 22.60 -20.69 -22.31
CA GLU B 245 22.79 -19.31 -21.91
C GLU B 245 21.67 -18.47 -22.49
N GLN B 246 21.24 -17.47 -21.70
CA GLN B 246 20.14 -16.59 -22.10
C GLN B 246 20.66 -15.61 -23.15
N LYS B 247 20.71 -16.09 -24.39
CA LYS B 247 21.29 -15.32 -25.48
C LYS B 247 20.48 -15.56 -26.75
N GLN B 248 20.63 -14.63 -27.70
CA GLN B 248 20.01 -14.71 -29.01
C GLN B 248 21.10 -14.80 -30.06
N LEU B 249 20.88 -15.66 -31.05
CA LEU B 249 21.74 -15.77 -32.22
C LEU B 249 20.97 -15.26 -33.43
N LEU B 250 21.32 -14.07 -33.91
CA LEU B 250 20.69 -13.49 -35.08
C LEU B 250 21.53 -13.84 -36.31
N GLU B 251 20.90 -14.47 -37.30
CA GLU B 251 21.58 -14.87 -38.52
C GLU B 251 21.29 -13.83 -39.59
N VAL B 252 22.02 -12.71 -39.49
CA VAL B 252 21.93 -11.66 -40.49
C VAL B 252 22.49 -12.20 -41.80
N GLU B 253 21.61 -12.48 -42.77
CA GLU B 253 22.00 -13.09 -44.03
C GLU B 253 22.42 -12.00 -45.00
N LEU B 254 23.72 -11.73 -45.04
CA LEU B 254 24.23 -10.64 -45.88
C LEU B 254 24.13 -10.96 -47.35
N TYR B 255 24.32 -12.22 -47.72
CA TYR B 255 24.32 -12.63 -49.12
C TYR B 255 23.79 -14.05 -49.23
N SER B 256 22.85 -14.26 -50.15
CA SER B 256 22.19 -15.55 -50.31
C SER B 256 22.82 -16.43 -51.38
N ASP B 257 23.30 -15.84 -52.48
CA ASP B 257 23.91 -16.58 -53.57
C ASP B 257 25.19 -15.89 -54.04
N TYR B 258 26.09 -15.61 -53.10
CA TYR B 258 27.35 -14.95 -53.45
C TYR B 258 28.12 -15.76 -54.48
N ARG B 259 28.58 -15.08 -55.53
CA ARG B 259 29.44 -15.65 -56.55
C ARG B 259 30.56 -14.66 -56.82
N GLU B 260 31.79 -15.14 -56.82
CA GLU B 260 32.94 -14.23 -56.82
C GLU B 260 33.21 -13.67 -58.21
N ASN B 261 33.54 -12.38 -58.23
CA ASN B 261 33.98 -11.73 -59.47
C ASN B 261 35.29 -12.35 -59.95
N SER B 262 35.38 -12.57 -61.26
CA SER B 262 36.47 -13.36 -61.82
C SER B 262 37.83 -12.66 -61.65
N TYR B 263 37.90 -11.38 -61.98
CA TYR B 263 39.17 -10.68 -62.05
C TYR B 263 39.67 -10.18 -60.70
N VAL B 264 38.76 -9.88 -59.77
CA VAL B 264 39.17 -9.33 -58.47
C VAL B 264 38.61 -10.21 -57.37
N PRO B 265 39.45 -10.85 -56.56
CA PRO B 265 38.96 -11.71 -55.48
C PRO B 265 38.57 -10.88 -54.26
N THR B 266 37.92 -11.53 -53.31
CA THR B 266 37.48 -10.90 -52.07
C THR B 266 38.54 -11.11 -51.00
N THR B 267 39.28 -10.05 -50.69
CA THR B 267 40.28 -10.13 -49.63
C THR B 267 39.67 -10.19 -48.25
N GLY B 268 38.58 -9.46 -48.01
CA GLY B 268 37.97 -9.45 -46.70
C GLY B 268 36.76 -8.53 -46.68
N ALA B 269 36.21 -8.37 -45.48
CA ALA B 269 34.97 -7.63 -45.29
C ALA B 269 35.09 -6.65 -44.13
N ILE B 270 34.57 -5.44 -44.33
CA ILE B 270 34.41 -4.47 -43.25
C ILE B 270 32.95 -4.48 -42.84
N ILE B 271 32.70 -4.70 -41.55
CA ILE B 271 31.36 -4.92 -41.03
C ILE B 271 31.09 -3.86 -39.96
N GLU B 272 29.88 -3.30 -40.02
CA GLU B 272 29.51 -2.22 -39.12
C GLU B 272 28.11 -2.47 -38.58
N ILE B 273 27.92 -2.15 -37.30
CA ILE B 273 26.60 -2.19 -36.68
C ILE B 273 26.28 -0.78 -36.20
N HIS B 274 25.18 -0.23 -36.69
CA HIS B 274 24.83 1.17 -36.45
C HIS B 274 23.97 1.36 -35.20
N SER B 275 24.44 0.83 -34.08
CA SER B 275 23.78 1.04 -32.80
C SER B 275 24.82 1.36 -31.74
N LYS B 276 24.57 2.42 -30.99
CA LYS B 276 25.47 2.84 -29.91
C LYS B 276 25.15 2.17 -28.59
N ARG B 277 24.20 1.23 -28.59
CA ARG B 277 23.79 0.58 -27.35
C ARG B 277 23.67 -0.94 -27.49
N ILE B 278 24.07 -1.51 -28.63
CA ILE B 278 23.81 -2.92 -28.89
C ILE B 278 24.78 -3.77 -28.07
N GLN B 279 24.27 -4.36 -26.99
CA GLN B 279 25.08 -5.23 -26.16
C GLN B 279 25.24 -6.58 -26.86
N MET B 280 26.48 -7.04 -27.01
CA MET B 280 26.76 -8.28 -27.72
C MET B 280 28.01 -8.93 -27.16
N TYR B 281 28.11 -10.24 -27.41
CA TYR B 281 29.25 -11.03 -26.97
C TYR B 281 30.32 -11.18 -28.05
N GLY B 282 29.89 -11.44 -29.28
CA GLY B 282 30.83 -11.64 -30.38
C GLY B 282 30.11 -11.73 -31.70
N ALA B 283 30.84 -12.13 -32.74
CA ALA B 283 30.27 -12.21 -34.07
C ALA B 283 31.14 -13.09 -34.95
N TYR B 284 30.51 -13.84 -35.85
CA TYR B 284 31.18 -14.65 -36.85
C TYR B 284 30.70 -14.25 -38.23
N LEU B 285 31.59 -14.32 -39.22
CA LEU B 285 31.25 -14.08 -40.61
C LEU B 285 31.39 -15.41 -41.33
N ARG B 286 30.34 -16.23 -41.30
CA ARG B 286 30.38 -17.59 -41.79
C ARG B 286 30.05 -17.62 -43.28
N ILE B 287 30.90 -18.30 -44.05
CA ILE B 287 30.64 -18.51 -45.47
C ILE B 287 30.65 -20.01 -45.76
N HIS B 288 29.62 -20.48 -46.45
CA HIS B 288 29.41 -21.90 -46.64
C HIS B 288 28.78 -22.15 -48.00
N ALA B 289 29.03 -23.33 -48.56
CA ALA B 289 28.48 -23.70 -49.85
C ALA B 289 26.95 -23.71 -49.80
N HIS B 290 26.32 -23.24 -50.88
CA HIS B 290 24.88 -23.07 -50.90
C HIS B 290 24.13 -24.39 -51.00
N PHE B 291 24.82 -25.51 -51.24
CA PHE B 291 24.17 -26.81 -51.29
C PHE B 291 23.46 -27.10 -49.96
N THR B 292 22.14 -27.14 -49.99
CA THR B 292 21.35 -27.29 -48.78
C THR B 292 20.46 -28.51 -48.77
N GLY B 293 19.81 -28.83 -49.90
CA GLY B 293 18.76 -29.83 -49.98
C GLY B 293 18.95 -31.11 -49.18
N LEU B 294 20.03 -31.85 -49.46
CA LEU B 294 20.28 -33.09 -48.73
C LEU B 294 20.56 -32.81 -47.26
N ARG B 295 21.30 -31.75 -46.97
CA ARG B 295 21.74 -31.44 -45.61
C ARG B 295 20.85 -30.41 -44.92
N TYR B 296 19.69 -30.09 -45.49
CA TYR B 296 18.87 -29.00 -44.98
C TYR B 296 18.58 -29.13 -43.50
N LEU B 297 18.19 -30.34 -43.06
CA LEU B 297 17.94 -30.55 -41.65
C LEU B 297 19.18 -30.28 -40.82
N LEU B 298 20.34 -30.81 -41.27
CA LEU B 298 21.58 -30.54 -40.57
C LEU B 298 22.07 -29.11 -40.82
N TYR B 299 21.66 -28.51 -41.93
CA TYR B 299 22.08 -27.15 -42.24
C TYR B 299 21.44 -26.15 -41.30
N ASN B 300 20.17 -26.36 -40.95
CA ASN B 300 19.41 -25.36 -40.19
C ASN B 300 18.84 -25.86 -38.86
N PHE B 301 18.53 -27.15 -38.71
CA PHE B 301 17.90 -27.68 -37.50
C PHE B 301 18.74 -28.84 -36.96
N PRO B 302 19.93 -28.55 -36.42
CA PRO B 302 20.84 -29.63 -36.02
C PRO B 302 20.29 -30.55 -34.95
N MET B 303 19.53 -30.00 -34.01
CA MET B 303 19.06 -30.79 -32.87
C MET B 303 18.13 -31.91 -33.30
N THR B 304 17.22 -31.65 -34.23
CA THR B 304 16.28 -32.67 -34.66
C THR B 304 16.98 -33.82 -35.38
N CYS B 305 18.10 -33.52 -36.05
CA CYS B 305 18.84 -34.56 -36.75
C CYS B 305 19.37 -35.62 -35.79
N ALA B 306 19.78 -35.19 -34.59
CA ALA B 306 20.24 -36.16 -33.59
C ALA B 306 19.14 -37.16 -33.26
N PHE B 307 17.94 -36.66 -32.95
CA PHE B 307 16.83 -37.55 -32.64
C PHE B 307 16.49 -38.45 -33.81
N VAL B 308 16.42 -37.89 -35.02
CA VAL B 308 16.04 -38.68 -36.18
C VAL B 308 17.05 -39.79 -36.43
N GLY B 309 18.34 -39.44 -36.46
CA GLY B 309 19.36 -40.44 -36.72
C GLY B 309 19.43 -41.50 -35.65
N VAL B 310 19.37 -41.09 -34.37
CA VAL B 310 19.44 -42.05 -33.29
C VAL B 310 18.25 -43.01 -33.34
N ALA B 311 17.05 -42.48 -33.53
CA ALA B 311 15.87 -43.34 -33.58
C ALA B 311 15.93 -44.28 -34.78
N SER B 312 16.33 -43.78 -35.95
CA SER B 312 16.40 -44.61 -37.14
C SER B 312 17.43 -45.73 -36.97
N ASN B 313 18.59 -45.40 -36.42
CA ASN B 313 19.63 -46.42 -36.27
C ASN B 313 19.27 -47.43 -35.19
N PHE B 314 18.62 -46.97 -34.10
CA PHE B 314 18.21 -47.89 -33.05
C PHE B 314 17.14 -48.84 -33.54
N THR B 315 16.19 -48.34 -34.33
CA THR B 315 15.19 -49.21 -34.93
C THR B 315 15.84 -50.19 -35.92
N PHE B 316 16.80 -49.70 -36.71
CA PHE B 316 17.51 -50.58 -37.63
C PHE B 316 18.32 -51.63 -36.88
N LEU B 317 18.97 -51.22 -35.79
CA LEU B 317 19.76 -52.15 -34.99
C LEU B 317 18.87 -53.11 -34.22
N LEU C 112 37.07 -49.94 -5.52
CA LEU C 112 38.35 -49.60 -6.15
C LEU C 112 38.31 -48.20 -6.74
N LEU C 113 37.37 -47.39 -6.26
CA LEU C 113 37.26 -46.01 -6.75
C LEU C 113 38.48 -45.20 -6.37
N TRP C 114 39.19 -45.60 -5.31
CA TRP C 114 40.47 -44.97 -4.97
C TRP C 114 41.48 -45.12 -6.11
N VAL C 115 41.60 -46.34 -6.65
CA VAL C 115 42.50 -46.57 -7.77
C VAL C 115 42.02 -45.80 -9.00
N SER C 116 40.70 -45.69 -9.17
CA SER C 116 40.16 -44.92 -10.28
C SER C 116 40.53 -43.46 -10.18
N VAL C 117 40.45 -42.89 -8.98
CA VAL C 117 40.83 -41.49 -8.78
C VAL C 117 42.31 -41.30 -9.04
N PHE C 118 43.14 -42.22 -8.55
CA PHE C 118 44.58 -42.13 -8.80
C PHE C 118 44.88 -42.22 -10.29
N LEU C 119 44.20 -43.11 -11.00
CA LEU C 119 44.41 -43.25 -12.44
C LEU C 119 43.99 -41.99 -13.19
N TYR C 120 42.85 -41.39 -12.79
CA TYR C 120 42.44 -40.14 -13.42
C TYR C 120 43.45 -39.03 -13.15
N GLY C 121 43.98 -38.96 -11.93
CA GLY C 121 44.99 -37.96 -11.65
C GLY C 121 46.24 -38.15 -12.48
N SER C 122 46.69 -39.40 -12.62
CA SER C 122 47.85 -39.68 -13.47
C SER C 122 47.56 -39.33 -14.92
N PHE C 123 46.34 -39.64 -15.39
CA PHE C 123 45.92 -39.25 -16.74
C PHE C 123 46.05 -37.75 -16.94
N TYR C 124 45.51 -36.97 -16.00
CA TYR C 124 45.56 -35.51 -16.12
C TYR C 124 47.01 -35.02 -16.07
N TYR C 125 47.81 -35.58 -15.18
CA TYR C 125 49.20 -35.13 -15.06
C TYR C 125 49.99 -35.43 -16.32
N SER C 126 49.80 -36.62 -16.91
CA SER C 126 50.53 -36.98 -18.11
C SER C 126 50.08 -36.17 -19.31
N TYR C 127 48.77 -35.99 -19.48
CA TYR C 127 48.29 -35.33 -20.68
C TYR C 127 48.24 -33.81 -20.53
N MET C 128 48.61 -33.27 -19.37
CA MET C 128 48.70 -31.83 -19.17
C MET C 128 50.06 -31.43 -18.61
N PRO C 129 51.14 -31.57 -19.39
CA PRO C 129 52.41 -30.90 -19.05
C PRO C 129 52.48 -29.52 -19.68
N THR C 130 51.52 -28.67 -19.33
CA THR C 130 51.31 -27.42 -20.05
C THR C 130 52.54 -26.53 -19.99
N VAL C 131 53.20 -26.38 -21.14
CA VAL C 131 54.30 -25.42 -21.28
C VAL C 131 53.66 -24.06 -21.49
N SER C 132 53.39 -23.36 -20.39
CA SER C 132 52.60 -22.14 -20.44
C SER C 132 53.02 -21.24 -19.29
N HIS C 133 52.74 -19.95 -19.42
CA HIS C 133 53.06 -19.02 -18.35
C HIS C 133 51.85 -18.14 -18.05
N LEU C 134 51.64 -17.90 -16.76
CA LEU C 134 50.51 -17.16 -16.20
C LEU C 134 51.07 -15.91 -15.54
N SER C 135 51.24 -14.85 -16.31
CA SER C 135 51.75 -13.61 -15.76
C SER C 135 50.63 -12.87 -15.03
N PRO C 136 50.77 -12.58 -13.74
CA PRO C 136 49.76 -11.78 -13.05
C PRO C 136 49.79 -10.34 -13.56
N VAL C 137 48.61 -9.72 -13.57
CA VAL C 137 48.47 -8.35 -14.06
C VAL C 137 48.00 -7.48 -12.91
N HIS C 138 48.71 -6.37 -12.69
CA HIS C 138 48.48 -5.51 -11.53
C HIS C 138 48.06 -4.14 -12.06
N PHE C 139 46.78 -3.83 -11.95
CA PHE C 139 46.26 -2.57 -12.48
C PHE C 139 46.43 -1.46 -11.44
N HIS C 140 47.11 -0.39 -11.83
CA HIS C 140 47.27 0.78 -10.99
C HIS C 140 46.50 1.93 -11.59
N TYR C 141 45.99 2.80 -10.71
CA TYR C 141 45.00 3.80 -11.06
C TYR C 141 45.60 5.20 -10.89
N ARG C 142 44.75 6.20 -11.02
CA ARG C 142 45.01 7.55 -10.55
C ARG C 142 43.97 7.89 -9.50
N THR C 143 44.38 8.64 -8.47
CA THR C 143 43.49 8.88 -7.34
C THR C 143 43.48 10.35 -6.91
N ASP C 144 43.28 11.27 -7.85
CA ASP C 144 43.27 12.69 -7.56
C ASP C 144 41.87 13.30 -7.57
N CYS C 145 40.83 12.52 -7.84
CA CYS C 145 39.49 13.08 -7.95
C CYS C 145 38.83 13.17 -6.58
N ASP C 146 37.64 13.78 -6.55
CA ASP C 146 36.92 13.94 -5.30
C ASP C 146 36.43 12.61 -4.75
N SER C 147 36.30 11.59 -5.62
CA SER C 147 35.83 10.26 -5.24
C SER C 147 34.45 10.28 -4.62
N SER C 148 33.59 11.20 -5.04
CA SER C 148 32.22 11.25 -4.52
C SER C 148 31.35 10.12 -5.06
N THR C 149 31.79 9.43 -6.11
CA THR C 149 31.05 8.33 -6.69
C THR C 149 31.97 7.12 -6.86
N ALA C 150 31.36 5.96 -7.02
CA ALA C 150 32.10 4.71 -7.17
C ALA C 150 32.66 4.58 -8.59
N SER C 151 33.52 5.53 -8.94
CA SER C 151 34.18 5.54 -10.24
C SER C 151 35.61 6.03 -10.05
N LEU C 152 36.54 5.42 -10.78
CA LEU C 152 37.94 5.76 -10.67
C LEU C 152 38.23 7.06 -11.42
N CYS C 153 39.51 7.43 -11.49
CA CYS C 153 39.92 8.62 -12.22
C CYS C 153 40.35 8.28 -13.64
N SER C 154 41.31 7.38 -13.79
CA SER C 154 41.86 7.02 -15.09
C SER C 154 41.61 5.54 -15.34
N PHE C 155 41.83 5.14 -16.59
CA PHE C 155 41.58 3.76 -16.99
C PHE C 155 42.60 2.82 -16.35
N PRO C 156 42.18 1.65 -15.87
CA PRO C 156 43.15 0.65 -15.41
C PRO C 156 44.17 0.32 -16.49
N VAL C 157 45.45 0.48 -16.13
CA VAL C 157 46.57 0.17 -17.01
C VAL C 157 47.52 -0.74 -16.26
N ALA C 158 48.34 -1.48 -17.01
CA ALA C 158 49.28 -2.38 -16.39
C ALA C 158 50.43 -2.79 -17.31
N ASN C 159 51.67 -2.58 -16.85
CA ASN C 159 52.85 -3.14 -17.48
C ASN C 159 53.09 -4.52 -16.90
N VAL C 160 53.27 -5.52 -17.76
CA VAL C 160 53.58 -6.88 -17.32
C VAL C 160 54.79 -7.36 -18.10
N SER C 161 55.77 -7.91 -17.40
CA SER C 161 56.98 -8.44 -18.01
C SER C 161 56.97 -9.96 -18.00
N LEU C 162 57.37 -10.56 -19.11
CA LEU C 162 57.35 -12.00 -19.28
C LEU C 162 58.65 -12.68 -18.86
N ALA C 163 59.66 -11.91 -18.48
CA ALA C 163 60.94 -12.48 -18.07
C ALA C 163 60.85 -13.05 -16.65
N ARG C 169 62.98 -18.91 -22.16
CA ARG C 169 61.83 -18.15 -22.60
C ARG C 169 60.69 -19.07 -23.03
N VAL C 170 59.49 -18.50 -23.14
CA VAL C 170 58.31 -19.23 -23.59
C VAL C 170 57.90 -18.83 -25.00
N LEU C 171 57.96 -17.54 -25.31
CA LEU C 171 57.57 -17.05 -26.63
C LEU C 171 58.73 -17.24 -27.59
N MET C 172 58.84 -18.44 -28.15
CA MET C 172 59.85 -18.80 -29.13
C MET C 172 59.25 -18.72 -30.53
N TYR C 173 59.97 -19.24 -31.51
CA TYR C 173 59.63 -19.05 -32.91
C TYR C 173 59.10 -20.35 -33.52
N GLY C 174 58.12 -20.20 -34.39
CA GLY C 174 57.50 -21.34 -35.07
C GLY C 174 56.27 -21.90 -34.40
N GLN C 175 56.36 -22.21 -33.11
CA GLN C 175 55.22 -22.72 -32.38
C GLN C 175 54.19 -21.62 -32.20
N PRO C 176 52.91 -21.90 -32.43
CA PRO C 176 51.87 -20.89 -32.16
C PRO C 176 51.41 -20.94 -30.71
N TYR C 177 51.02 -19.77 -30.20
CA TYR C 177 50.49 -19.65 -28.85
C TYR C 177 49.26 -18.76 -28.86
N ARG C 178 48.39 -18.95 -27.86
CA ARG C 178 47.15 -18.21 -27.73
C ARG C 178 47.27 -17.26 -26.54
N VAL C 179 47.39 -15.96 -26.82
CA VAL C 179 47.52 -14.95 -25.79
C VAL C 179 46.12 -14.48 -25.39
N THR C 180 45.79 -14.66 -24.11
CA THR C 180 44.49 -14.23 -23.58
C THR C 180 44.71 -13.52 -22.26
N LEU C 181 43.68 -12.79 -21.84
CA LEU C 181 43.67 -12.08 -20.56
C LEU C 181 42.47 -12.57 -19.76
N GLU C 182 42.67 -13.60 -18.94
CA GLU C 182 41.61 -14.07 -18.07
C GLU C 182 41.33 -13.02 -17.00
N LEU C 183 40.09 -12.55 -16.95
CA LEU C 183 39.71 -11.39 -16.15
C LEU C 183 38.61 -11.80 -15.18
N GLU C 184 38.79 -11.42 -13.91
CA GLU C 184 37.91 -11.85 -12.83
C GLU C 184 37.05 -10.67 -12.39
N LEU C 185 35.76 -10.76 -12.64
CA LEU C 185 34.82 -9.70 -12.30
C LEU C 185 33.86 -10.19 -11.22
N PRO C 186 33.38 -9.30 -10.36
CA PRO C 186 32.23 -9.63 -9.52
C PRO C 186 30.93 -9.33 -10.24
N GLU C 187 29.92 -10.14 -9.93
CA GLU C 187 28.61 -9.97 -10.51
C GLU C 187 27.83 -8.93 -9.72
N SER C 188 28.45 -7.81 -9.48
CA SER C 188 27.87 -6.71 -8.73
C SER C 188 26.93 -5.89 -9.60
N PRO C 189 25.97 -5.21 -8.98
CA PRO C 189 25.04 -4.37 -9.77
C PRO C 189 25.75 -3.30 -10.58
N VAL C 190 26.91 -2.83 -10.14
CA VAL C 190 27.66 -1.87 -10.94
C VAL C 190 28.19 -2.50 -12.22
N ASN C 191 28.56 -3.78 -12.19
CA ASN C 191 29.10 -4.47 -13.35
C ASN C 191 28.03 -4.86 -14.36
N GLN C 192 26.82 -5.20 -13.90
CA GLN C 192 25.76 -5.54 -14.83
C GLN C 192 25.27 -4.32 -15.59
N ASP C 193 25.27 -3.16 -14.96
CA ASP C 193 24.85 -1.94 -15.62
C ASP C 193 25.99 -1.25 -16.37
N LEU C 194 27.21 -1.80 -16.31
CA LEU C 194 28.33 -1.17 -16.97
C LEU C 194 28.21 -1.27 -18.49
N GLY C 195 27.92 -2.46 -19.00
CA GLY C 195 27.83 -2.64 -20.43
C GLY C 195 29.15 -2.99 -21.06
N MET C 196 29.25 -2.70 -22.36
CA MET C 196 30.45 -3.01 -23.12
C MET C 196 31.63 -2.16 -22.67
N PHE C 197 32.82 -2.75 -22.74
CA PHE C 197 34.05 -2.01 -22.45
C PHE C 197 35.21 -2.65 -23.21
N LEU C 198 36.16 -1.80 -23.58
CA LEU C 198 37.23 -2.12 -24.50
C LEU C 198 38.48 -2.52 -23.74
N VAL C 199 39.10 -3.61 -24.18
CA VAL C 199 40.35 -4.11 -23.62
C VAL C 199 41.42 -4.03 -24.71
N THR C 200 42.54 -3.38 -24.40
CA THR C 200 43.60 -3.18 -25.38
C THR C 200 44.90 -3.76 -24.85
N VAL C 201 45.61 -4.50 -25.70
CA VAL C 201 46.90 -5.08 -25.37
C VAL C 201 47.93 -4.57 -26.37
N SER C 202 49.09 -4.17 -25.86
CA SER C 202 50.18 -3.65 -26.69
C SER C 202 51.47 -4.33 -26.24
N CYS C 203 51.95 -5.29 -27.03
CA CYS C 203 53.24 -5.91 -26.74
C CYS C 203 54.36 -4.95 -27.11
N TYR C 204 55.36 -4.85 -26.25
CA TYR C 204 56.43 -3.86 -26.42
C TYR C 204 57.77 -4.56 -26.58
N THR C 205 58.70 -3.86 -27.22
CA THR C 205 60.06 -4.34 -27.42
C THR C 205 60.88 -4.11 -26.16
N ARG C 206 62.18 -4.41 -26.24
CA ARG C 206 63.08 -4.12 -25.14
C ARG C 206 63.24 -2.62 -24.92
N GLY C 207 63.29 -1.85 -26.00
CA GLY C 207 63.50 -0.42 -25.94
C GLY C 207 62.24 0.41 -25.84
N GLY C 208 61.07 -0.21 -25.69
CA GLY C 208 59.82 0.51 -25.54
C GLY C 208 58.97 0.56 -26.79
N ARG C 209 59.51 0.23 -27.95
CA ARG C 209 58.73 0.21 -29.18
C ARG C 209 57.65 -0.86 -29.11
N ILE C 210 56.52 -0.59 -29.75
CA ILE C 210 55.38 -1.50 -29.69
C ILE C 210 55.53 -2.58 -30.76
N ILE C 211 55.36 -3.83 -30.35
CA ILE C 211 55.45 -4.95 -31.29
C ILE C 211 54.15 -5.12 -32.07
N SER C 212 53.07 -5.44 -31.35
CA SER C 212 51.78 -5.71 -31.98
C SER C 212 50.67 -5.16 -31.10
N THR C 213 49.80 -4.36 -31.70
CA THR C 213 48.66 -3.76 -31.00
C THR C 213 47.38 -4.49 -31.37
N SER C 214 46.63 -4.87 -30.33
CA SER C 214 45.36 -5.56 -30.51
C SER C 214 44.29 -4.78 -29.76
N SER C 215 43.03 -5.21 -29.92
CA SER C 215 41.91 -4.61 -29.21
C SER C 215 40.72 -5.55 -29.31
N ARG C 216 39.97 -5.62 -28.22
CA ARG C 216 38.78 -6.44 -28.14
C ARG C 216 37.74 -5.70 -27.31
N SER C 217 36.48 -6.11 -27.43
CA SER C 217 35.40 -5.57 -26.61
C SER C 217 34.79 -6.70 -25.82
N VAL C 218 34.85 -6.60 -24.49
CA VAL C 218 34.36 -7.68 -23.64
C VAL C 218 33.29 -7.12 -22.71
N MET C 219 32.31 -7.95 -22.41
CA MET C 219 31.19 -7.53 -21.59
C MET C 219 30.75 -8.69 -20.70
N LEU C 220 30.19 -8.35 -19.54
CA LEU C 220 29.78 -9.35 -18.57
C LEU C 220 28.64 -10.20 -19.10
N HIS C 221 28.71 -11.50 -18.85
CA HIS C 221 27.60 -12.39 -19.20
C HIS C 221 26.34 -11.99 -18.43
N TYR C 222 25.23 -11.93 -19.14
CA TYR C 222 23.95 -11.54 -18.54
C TYR C 222 23.20 -12.74 -18.01
N ARG C 223 22.78 -12.65 -16.76
CA ARG C 223 21.90 -13.64 -16.16
C ARG C 223 20.78 -12.90 -15.45
N SER C 224 19.55 -13.36 -15.62
CA SER C 224 18.40 -12.67 -15.06
C SER C 224 18.42 -12.72 -13.55
N GLN C 225 17.66 -11.81 -12.94
CA GLN C 225 17.62 -11.72 -11.48
C GLN C 225 17.08 -13.01 -10.86
N LEU C 226 16.05 -13.60 -11.45
CA LEU C 226 15.57 -14.89 -10.99
C LEU C 226 16.63 -15.97 -11.14
N LEU C 227 17.37 -15.93 -12.25
CA LEU C 227 18.46 -16.87 -12.43
C LEU C 227 19.54 -16.68 -11.36
N GLN C 228 19.87 -15.43 -11.04
CA GLN C 228 20.85 -15.17 -9.99
C GLN C 228 20.37 -15.69 -8.65
N VAL C 229 19.09 -15.48 -8.33
CA VAL C 229 18.55 -15.94 -7.06
C VAL C 229 18.57 -17.45 -6.99
N LEU C 230 18.17 -18.13 -8.07
CA LEU C 230 18.18 -19.58 -8.08
C LEU C 230 19.60 -20.14 -7.96
N ASP C 231 20.55 -19.48 -8.63
CA ASP C 231 21.96 -19.87 -8.50
C ASP C 231 22.43 -19.72 -7.06
N THR C 232 22.10 -18.59 -6.43
CA THR C 232 22.50 -18.38 -5.05
C THR C 232 21.89 -19.43 -4.13
N LEU C 233 20.65 -19.83 -4.40
CA LEU C 233 20.00 -20.82 -3.55
C LEU C 233 20.60 -22.21 -3.73
N LEU C 234 20.78 -22.65 -4.97
CA LEU C 234 21.21 -24.02 -5.21
C LEU C 234 22.70 -24.22 -4.95
N PHE C 235 23.53 -23.25 -5.35
CA PHE C 235 24.96 -23.31 -5.10
C PHE C 235 25.33 -22.68 -3.76
N SER C 236 24.40 -22.66 -2.80
CA SER C 236 24.62 -21.92 -1.56
C SER C 236 25.77 -22.51 -0.75
N SER C 237 25.86 -23.84 -0.69
CA SER C 237 26.87 -24.46 0.16
C SER C 237 28.28 -24.09 -0.29
N LEU C 238 28.55 -24.17 -1.59
CA LEU C 238 29.87 -23.85 -2.10
C LEU C 238 30.21 -22.38 -1.88
N LEU C 239 29.23 -21.50 -2.01
CA LEU C 239 29.47 -20.08 -1.76
C LEU C 239 29.68 -19.79 -0.29
N LEU C 240 29.04 -20.54 0.60
CA LEU C 240 29.18 -20.31 2.03
C LEU C 240 30.53 -20.83 2.53
N PHE C 241 30.95 -21.99 2.05
CA PHE C 241 32.20 -22.59 2.51
C PHE C 241 33.43 -22.04 1.79
N GLY C 242 33.25 -21.14 0.83
CA GLY C 242 34.36 -20.55 0.12
C GLY C 242 34.83 -21.29 -1.10
N PHE C 243 34.21 -22.43 -1.43
CA PHE C 243 34.58 -23.14 -2.65
C PHE C 243 34.24 -22.33 -3.89
N ALA C 244 33.01 -21.85 -3.98
CA ALA C 244 32.55 -21.08 -5.13
C ALA C 244 32.38 -19.61 -4.75
N GLU C 245 32.39 -18.76 -5.77
CA GLU C 245 32.24 -17.33 -5.57
C GLU C 245 31.43 -16.76 -6.72
N GLN C 246 30.57 -15.77 -6.39
CA GLN C 246 29.71 -15.13 -7.38
C GLN C 246 30.55 -14.20 -8.25
N LYS C 247 31.31 -14.81 -9.15
CA LYS C 247 32.24 -14.09 -10.00
C LYS C 247 32.15 -14.62 -11.42
N GLN C 248 32.58 -13.79 -12.36
CA GLN C 248 32.64 -14.12 -13.78
C GLN C 248 34.09 -14.13 -14.22
N LEU C 249 34.45 -15.13 -15.03
CA LEU C 249 35.76 -15.20 -15.65
C LEU C 249 35.60 -14.97 -17.14
N LEU C 250 36.09 -13.83 -17.62
CA LEU C 250 36.05 -13.49 -19.03
C LEU C 250 37.41 -13.78 -19.66
N GLU C 251 37.42 -14.61 -20.70
CA GLU C 251 38.65 -14.96 -21.40
C GLU C 251 38.73 -14.08 -22.64
N VAL C 252 39.21 -12.85 -22.45
CA VAL C 252 39.45 -11.94 -23.56
C VAL C 252 40.59 -12.52 -24.39
N GLU C 253 40.27 -13.05 -25.57
CA GLU C 253 41.24 -13.73 -26.42
C GLU C 253 42.00 -12.69 -27.22
N LEU C 254 43.13 -12.24 -26.67
CA LEU C 254 43.87 -11.16 -27.30
C LEU C 254 44.51 -11.59 -28.61
N TYR C 255 44.89 -12.86 -28.72
CA TYR C 255 45.59 -13.34 -29.91
C TYR C 255 45.26 -14.82 -30.11
N SER C 256 44.51 -15.12 -31.18
CA SER C 256 44.12 -16.48 -31.46
C SER C 256 45.29 -17.35 -31.89
N ASP C 257 46.30 -16.76 -32.53
CA ASP C 257 47.51 -17.49 -32.91
C ASP C 257 48.67 -16.51 -32.95
N TYR C 258 49.59 -16.64 -32.00
CA TYR C 258 50.74 -15.77 -31.91
C TYR C 258 51.98 -16.49 -32.45
N ARG C 259 52.76 -15.80 -33.26
CA ARG C 259 54.04 -16.28 -33.76
C ARG C 259 55.06 -15.17 -33.57
N GLU C 260 56.12 -15.45 -32.82
CA GLU C 260 57.06 -14.42 -32.41
C GLU C 260 57.96 -13.99 -33.56
N ASN C 261 58.21 -12.68 -33.65
CA ASN C 261 59.18 -12.17 -34.61
C ASN C 261 60.58 -12.61 -34.21
N SER C 262 61.34 -13.09 -35.20
CA SER C 262 62.64 -13.69 -34.92
C SER C 262 63.62 -12.67 -34.35
N TYR C 263 63.68 -11.47 -34.94
CA TYR C 263 64.69 -10.50 -34.54
C TYR C 263 64.38 -9.84 -33.20
N VAL C 264 63.13 -9.50 -32.94
CA VAL C 264 62.77 -8.76 -31.73
C VAL C 264 61.81 -9.58 -30.89
N PRO C 265 62.26 -10.14 -29.77
CA PRO C 265 61.36 -10.92 -28.91
C PRO C 265 60.41 -10.02 -28.14
N THR C 266 59.39 -10.64 -27.56
CA THR C 266 58.38 -9.93 -26.77
C THR C 266 58.84 -9.84 -25.32
N THR C 267 59.24 -8.65 -24.91
CA THR C 267 59.63 -8.45 -23.51
C THR C 267 58.42 -8.45 -22.58
N GLY C 268 57.32 -7.83 -22.99
CA GLY C 268 56.15 -7.78 -22.14
C GLY C 268 55.01 -7.07 -22.83
N ALA C 269 53.94 -6.87 -22.06
CA ALA C 269 52.69 -6.32 -22.59
C ALA C 269 52.15 -5.22 -21.69
N ILE C 270 51.62 -4.17 -22.32
CA ILE C 270 50.86 -3.14 -21.62
C ILE C 270 49.39 -3.37 -21.90
N ILE C 271 48.61 -3.53 -20.83
CA ILE C 271 47.20 -3.91 -20.93
C ILE C 271 46.36 -2.80 -20.32
N GLU C 272 45.26 -2.48 -20.99
CA GLU C 272 44.42 -1.36 -20.56
C GLU C 272 42.96 -1.74 -20.69
N ILE C 273 42.17 -1.32 -19.71
CA ILE C 273 40.72 -1.45 -19.74
C ILE C 273 40.11 -0.05 -19.72
N HIS C 274 39.32 0.26 -20.73
CA HIS C 274 38.78 1.61 -20.90
C HIS C 274 37.42 1.77 -20.22
N SER C 275 37.35 1.40 -18.96
CA SER C 275 36.13 1.57 -18.17
C SER C 275 36.50 2.17 -16.82
N LYS C 276 35.81 3.23 -16.45
CA LYS C 276 36.02 3.91 -15.17
C LYS C 276 35.17 3.35 -14.05
N ARG C 277 34.39 2.30 -14.32
CA ARG C 277 33.53 1.70 -13.31
C ARG C 277 33.65 0.18 -13.25
N ILE C 278 34.64 -0.41 -13.91
CA ILE C 278 34.73 -1.86 -14.01
C ILE C 278 35.24 -2.45 -12.71
N GLN C 279 34.34 -2.98 -11.89
CA GLN C 279 34.75 -3.65 -10.66
C GLN C 279 35.39 -4.99 -11.02
N MET C 280 36.57 -5.26 -10.46
CA MET C 280 37.28 -6.49 -10.77
C MET C 280 38.20 -6.87 -9.61
N TYR C 281 38.55 -8.14 -9.56
CA TYR C 281 39.42 -8.68 -8.53
C TYR C 281 40.88 -8.78 -8.96
N GLY C 282 41.14 -9.27 -10.16
CA GLY C 282 42.50 -9.43 -10.65
C GLY C 282 42.48 -9.75 -12.14
N ALA C 283 43.65 -10.14 -12.64
CA ALA C 283 43.79 -10.41 -14.06
C ALA C 283 45.04 -11.24 -14.31
N TYR C 284 44.95 -12.17 -15.27
CA TYR C 284 46.07 -13.00 -15.69
C TYR C 284 46.26 -12.87 -17.19
N LEU C 285 47.52 -12.88 -17.63
CA LEU C 285 47.86 -12.88 -19.05
C LEU C 285 48.47 -14.24 -19.35
N ARG C 286 47.62 -15.20 -19.66
CA ARG C 286 48.04 -16.57 -19.88
C ARG C 286 48.50 -16.76 -21.32
N ILE C 287 49.66 -17.39 -21.49
CA ILE C 287 50.14 -17.78 -22.81
C ILE C 287 50.46 -19.26 -22.79
N HIS C 288 49.97 -19.96 -23.81
CA HIS C 288 49.94 -21.41 -23.90
C HIS C 288 50.01 -21.79 -25.37
N ALA C 289 50.79 -22.83 -25.68
CA ALA C 289 50.91 -23.30 -27.05
C ALA C 289 49.56 -23.73 -27.59
N HIS C 290 49.34 -23.50 -28.89
CA HIS C 290 48.03 -23.66 -29.49
C HIS C 290 47.59 -25.11 -29.64
N PHE C 291 48.48 -26.07 -29.39
CA PHE C 291 48.09 -27.48 -29.46
C PHE C 291 46.92 -27.76 -28.53
N THR C 292 45.78 -28.08 -29.10
CA THR C 292 44.55 -28.19 -28.32
C THR C 292 43.81 -29.49 -28.54
N GLY C 293 43.85 -30.05 -29.75
CA GLY C 293 42.90 -31.10 -30.13
C GLY C 293 42.90 -32.28 -29.19
N LEU C 294 44.08 -32.77 -28.82
CA LEU C 294 44.15 -33.90 -27.89
C LEU C 294 43.66 -33.49 -26.50
N ARG C 295 43.99 -32.28 -26.07
CA ARG C 295 43.69 -31.81 -24.73
C ARG C 295 42.49 -30.88 -24.68
N TYR C 296 41.71 -30.77 -25.76
CA TYR C 296 40.66 -29.77 -25.85
C TYR C 296 39.70 -29.85 -24.67
N LEU C 297 39.20 -31.05 -24.37
CA LEU C 297 38.30 -31.21 -23.25
C LEU C 297 38.98 -30.84 -21.94
N LEU C 298 40.22 -31.27 -21.74
CA LEU C 298 40.94 -30.92 -20.52
C LEU C 298 41.29 -29.44 -20.48
N TYR C 299 41.61 -28.86 -21.65
CA TYR C 299 42.00 -27.46 -21.68
C TYR C 299 40.80 -26.53 -21.51
N ASN C 300 39.59 -27.03 -21.74
CA ASN C 300 38.43 -26.15 -21.68
C ASN C 300 37.34 -26.62 -20.72
N PHE C 301 37.11 -27.92 -20.61
CA PHE C 301 36.00 -28.47 -19.81
C PHE C 301 36.55 -29.52 -18.84
N PRO C 302 37.06 -29.07 -17.68
CA PRO C 302 37.71 -30.02 -16.76
C PRO C 302 36.75 -30.98 -16.07
N MET C 303 35.59 -30.50 -15.62
CA MET C 303 34.69 -31.33 -14.84
C MET C 303 34.19 -32.53 -15.64
N THR C 304 33.88 -32.31 -16.93
CA THR C 304 33.48 -33.41 -17.79
C THR C 304 34.61 -34.42 -17.93
N CYS C 305 35.85 -33.95 -18.04
CA CYS C 305 36.99 -34.87 -18.08
C CYS C 305 37.07 -35.70 -16.82
N ALA C 306 36.90 -35.07 -15.66
CA ALA C 306 36.94 -35.81 -14.40
C ALA C 306 35.85 -36.88 -14.38
N PHE C 307 34.63 -36.50 -14.74
CA PHE C 307 33.52 -37.46 -14.74
C PHE C 307 33.81 -38.64 -15.66
N VAL C 308 34.18 -38.36 -16.90
CA VAL C 308 34.40 -39.41 -17.89
C VAL C 308 35.56 -40.31 -17.46
N GLY C 309 36.67 -39.71 -17.05
CA GLY C 309 37.83 -40.50 -16.67
C GLY C 309 37.57 -41.37 -15.45
N VAL C 310 36.92 -40.81 -14.43
CA VAL C 310 36.62 -41.59 -13.23
C VAL C 310 35.68 -42.74 -13.57
N ALA C 311 34.63 -42.46 -14.36
CA ALA C 311 33.69 -43.52 -14.71
C ALA C 311 34.38 -44.62 -15.52
N SER C 312 35.19 -44.24 -16.50
CA SER C 312 35.86 -45.22 -17.34
C SER C 312 36.84 -46.06 -16.53
N ASN C 313 37.61 -45.43 -15.64
CA ASN C 313 38.58 -46.16 -14.85
C ASN C 313 37.91 -47.06 -13.84
N PHE C 314 36.79 -46.62 -13.25
CA PHE C 314 36.05 -47.46 -12.32
C PHE C 314 35.44 -48.66 -13.02
N THR C 315 34.89 -48.46 -14.22
CA THR C 315 34.37 -49.59 -14.99
C THR C 315 35.48 -50.54 -15.37
N PHE C 316 36.65 -50.02 -15.75
CA PHE C 316 37.79 -50.88 -16.06
C PHE C 316 38.25 -51.65 -14.83
N LEU C 317 38.24 -51.01 -13.67
CA LEU C 317 38.66 -51.65 -12.42
C LEU C 317 37.56 -52.53 -11.87
N LEU D 112 40.58 -43.36 20.08
CA LEU D 112 41.95 -42.85 20.20
C LEU D 112 42.10 -41.53 19.44
N LEU D 113 41.01 -40.77 19.38
CA LEU D 113 41.03 -39.45 18.76
C LEU D 113 41.94 -38.49 19.52
N TRP D 114 42.19 -38.76 20.80
CA TRP D 114 43.18 -38.01 21.57
C TRP D 114 44.56 -38.06 20.91
N VAL D 115 45.01 -39.28 20.59
CA VAL D 115 46.33 -39.41 19.98
C VAL D 115 46.30 -38.81 18.57
N SER D 116 45.16 -38.91 17.88
CA SER D 116 45.03 -38.31 16.56
C SER D 116 45.21 -36.79 16.61
N VAL D 117 44.55 -36.14 17.57
CA VAL D 117 44.69 -34.69 17.70
C VAL D 117 46.12 -34.34 18.10
N PHE D 118 46.73 -35.12 19.00
CA PHE D 118 48.11 -34.86 19.38
C PHE D 118 49.03 -34.95 18.17
N LEU D 119 48.85 -35.98 17.34
CA LEU D 119 49.66 -36.13 16.14
C LEU D 119 49.45 -35.01 15.14
N TYR D 120 48.21 -34.57 14.93
CA TYR D 120 47.96 -33.45 14.02
C TYR D 120 48.62 -32.18 14.54
N GLY D 121 48.51 -31.93 15.85
CA GLY D 121 49.16 -30.74 16.40
C GLY D 121 50.67 -30.80 16.29
N SER D 122 51.25 -31.97 16.53
CA SER D 122 52.70 -32.12 16.40
C SER D 122 53.14 -31.93 14.96
N PHE D 123 52.38 -32.46 14.01
CA PHE D 123 52.69 -32.27 12.60
C PHE D 123 52.63 -30.79 12.24
N TYR D 124 51.61 -30.08 12.72
CA TYR D 124 51.50 -28.66 12.45
C TYR D 124 52.67 -27.90 13.06
N TYR D 125 53.03 -28.22 14.30
CA TYR D 125 54.10 -27.51 14.96
C TYR D 125 55.45 -27.74 14.27
N SER D 126 55.73 -28.99 13.89
CA SER D 126 56.99 -29.28 13.22
C SER D 126 57.03 -28.67 11.83
N TYR D 127 55.91 -28.72 11.11
CA TYR D 127 55.91 -28.26 9.72
C TYR D 127 55.78 -26.75 9.60
N MET D 128 55.44 -26.05 10.69
CA MET D 128 55.23 -24.61 10.65
C MET D 128 56.05 -23.90 11.71
N PRO D 129 57.38 -23.84 11.55
CA PRO D 129 58.17 -22.86 12.32
C PRO D 129 58.27 -21.56 11.54
N THR D 130 57.13 -20.89 11.39
CA THR D 130 57.01 -19.78 10.47
C THR D 130 57.93 -18.63 10.88
N VAL D 131 59.05 -18.49 10.17
CA VAL D 131 59.96 -17.38 10.40
C VAL D 131 59.32 -16.16 9.73
N SER D 132 58.56 -15.39 10.51
CA SER D 132 57.80 -14.28 9.97
C SER D 132 57.67 -13.21 11.04
N HIS D 133 57.49 -11.97 10.58
CA HIS D 133 57.29 -10.84 11.48
C HIS D 133 55.98 -10.17 11.10
N LEU D 134 54.93 -10.45 11.89
CA LEU D 134 53.60 -9.89 11.65
C LEU D 134 53.58 -8.48 12.19
N SER D 135 54.07 -7.54 11.40
CA SER D 135 54.14 -6.16 11.88
C SER D 135 52.75 -5.55 11.89
N PRO D 136 52.25 -5.11 13.04
CA PRO D 136 50.96 -4.42 13.06
C PRO D 136 51.06 -3.08 12.34
N VAL D 137 49.98 -2.68 11.69
CA VAL D 137 49.92 -1.43 10.96
C VAL D 137 48.84 -0.56 11.60
N HIS D 138 49.22 0.66 11.96
CA HIS D 138 48.35 1.58 12.67
C HIS D 138 48.11 2.80 11.79
N PHE D 139 46.89 2.93 11.28
CA PHE D 139 46.56 4.02 10.37
C PHE D 139 46.10 5.23 11.14
N HIS D 140 46.79 6.35 10.97
CA HIS D 140 46.41 7.61 11.59
C HIS D 140 45.94 8.58 10.51
N TYR D 141 44.99 9.43 10.89
CA TYR D 141 44.25 10.26 9.96
C TYR D 141 44.55 11.72 10.20
N ARG D 142 43.82 12.56 9.49
CA ARG D 142 43.65 13.98 9.80
C ARG D 142 42.20 14.21 10.20
N THR D 143 41.98 15.13 11.15
CA THR D 143 40.64 15.32 11.68
C THR D 143 40.26 16.78 11.77
N ASP D 144 40.40 17.54 10.68
CA ASP D 144 40.04 18.95 10.67
C ASP D 144 38.74 19.24 9.93
N CYS D 145 38.09 18.23 9.36
CA CYS D 145 36.91 18.48 8.55
C CYS D 145 35.67 18.66 9.43
N ASP D 146 34.58 19.11 8.79
CA ASP D 146 33.33 19.31 9.51
C ASP D 146 32.74 18.00 10.01
N SER D 147 33.12 16.88 9.39
CA SER D 147 32.66 15.55 9.76
C SER D 147 31.15 15.40 9.64
N SER D 148 30.53 16.11 8.69
CA SER D 148 29.10 15.97 8.46
C SER D 148 28.73 14.61 7.86
N THR D 149 29.69 13.90 7.28
CA THR D 149 29.47 12.60 6.70
C THR D 149 30.51 11.62 7.20
N ALA D 150 30.22 10.33 7.06
CA ALA D 150 31.11 9.27 7.53
C ALA D 150 32.27 9.07 6.55
N SER D 151 33.04 10.14 6.38
CA SER D 151 34.22 10.13 5.52
C SER D 151 35.34 10.88 6.22
N LEU D 152 36.56 10.38 6.07
CA LEU D 152 37.71 10.96 6.74
C LEU D 152 38.19 12.20 5.99
N CYS D 153 39.32 12.74 6.41
CA CYS D 153 39.92 13.91 5.78
C CYS D 153 40.98 13.51 4.76
N SER D 154 42.00 12.78 5.19
CA SER D 154 43.11 12.37 4.34
C SER D 154 43.16 10.85 4.27
N PHE D 155 44.00 10.35 3.37
CA PHE D 155 44.11 8.91 3.17
C PHE D 155 44.80 8.25 4.36
N PRO D 156 44.31 7.10 4.80
CA PRO D 156 45.03 6.33 5.83
C PRO D 156 46.46 6.02 5.43
N VAL D 157 47.42 6.57 6.18
CA VAL D 157 48.83 6.34 5.97
C VAL D 157 49.39 5.73 7.26
N ALA D 158 50.50 5.00 7.13
CA ALA D 158 51.06 4.34 8.30
C ALA D 158 52.52 4.00 8.06
N ASN D 159 53.39 4.48 8.94
CA ASN D 159 54.77 4.02 9.03
C ASN D 159 54.83 2.75 9.87
N VAL D 160 55.62 1.78 9.42
CA VAL D 160 55.84 0.56 10.17
C VAL D 160 57.32 0.25 10.13
N SER D 161 57.88 -0.12 11.29
CA SER D 161 59.28 -0.48 11.41
C SER D 161 59.40 -1.98 11.65
N LEU D 162 60.31 -2.62 10.92
CA LEU D 162 60.49 -4.05 10.98
C LEU D 162 61.54 -4.50 11.99
N ALA D 163 62.20 -3.56 12.67
CA ALA D 163 63.21 -3.91 13.66
C ALA D 163 62.56 -4.40 14.95
N ARG D 169 68.57 -7.79 12.06
CA ARG D 169 67.93 -7.76 10.76
C ARG D 169 67.25 -9.08 10.45
N VAL D 170 66.00 -9.01 10.00
CA VAL D 170 65.25 -10.21 9.63
C VAL D 170 65.23 -10.45 8.12
N LEU D 171 65.17 -9.39 7.31
CA LEU D 171 65.21 -9.53 5.86
C LEU D 171 66.65 -9.70 5.42
N MET D 172 67.03 -10.94 5.13
CA MET D 172 68.38 -11.29 4.71
C MET D 172 68.39 -11.55 3.20
N TYR D 173 69.52 -12.06 2.72
CA TYR D 173 69.77 -12.17 1.29
C TYR D 173 69.62 -13.62 0.82
N GLY D 174 69.28 -13.77 -0.44
CA GLY D 174 69.14 -15.08 -1.07
C GLY D 174 67.78 -15.71 -0.94
N GLN D 175 67.28 -15.83 0.28
CA GLN D 175 65.97 -16.40 0.51
C GLN D 175 64.89 -15.43 0.03
N PRO D 176 63.94 -15.88 -0.79
CA PRO D 176 62.82 -15.01 -1.16
C PRO D 176 61.76 -14.99 -0.08
N TYR D 177 60.96 -13.92 -0.10
CA TYR D 177 59.83 -13.77 0.82
C TYR D 177 58.66 -13.13 0.10
N ARG D 178 57.46 -13.37 0.64
CA ARG D 178 56.22 -12.84 0.09
C ARG D 178 55.68 -11.77 1.02
N VAL D 179 55.82 -10.51 0.62
CA VAL D 179 55.35 -9.37 1.40
C VAL D 179 53.87 -9.14 1.09
N THR D 180 53.03 -9.22 2.12
CA THR D 180 51.59 -9.04 1.95
C THR D 180 51.08 -8.12 3.06
N LEU D 181 49.91 -7.51 2.80
CA LEU D 181 49.21 -6.67 3.78
C LEU D 181 47.81 -7.25 3.97
N GLU D 182 47.67 -8.09 4.99
CA GLU D 182 46.35 -8.61 5.33
C GLU D 182 45.51 -7.49 5.95
N LEU D 183 44.37 -7.21 5.33
CA LEU D 183 43.54 -6.07 5.67
C LEU D 183 42.19 -6.57 6.14
N GLU D 184 41.72 -6.06 7.29
CA GLU D 184 40.48 -6.50 7.90
C GLU D 184 39.40 -5.45 7.66
N LEU D 185 38.41 -5.79 6.83
CA LEU D 185 37.31 -4.89 6.54
C LEU D 185 36.01 -5.43 7.13
N PRO D 186 35.09 -4.57 7.52
CA PRO D 186 33.72 -5.02 7.80
C PRO D 186 32.88 -5.01 6.53
N GLU D 187 31.90 -5.91 6.51
CA GLU D 187 30.98 -6.02 5.38
C GLU D 187 29.83 -5.06 5.60
N SER D 188 30.14 -3.82 5.86
CA SER D 188 29.19 -2.75 6.10
C SER D 188 28.66 -2.21 4.78
N PRO D 189 27.46 -1.63 4.80
CA PRO D 189 26.94 -1.03 3.56
C PRO D 189 27.83 0.05 2.98
N VAL D 190 28.60 0.75 3.82
CA VAL D 190 29.52 1.75 3.29
C VAL D 190 30.66 1.08 2.52
N ASN D 191 31.11 -0.09 2.97
CA ASN D 191 32.23 -0.76 2.31
C ASN D 191 31.80 -1.45 1.01
N GLN D 192 30.55 -1.89 0.91
CA GLN D 192 30.10 -2.53 -0.32
C GLN D 192 29.86 -1.51 -1.42
N ASP D 193 29.48 -0.28 -1.05
CA ASP D 193 29.28 0.78 -2.03
C ASP D 193 30.58 1.51 -2.37
N LEU D 194 31.67 1.21 -1.67
CA LEU D 194 32.92 1.95 -1.88
C LEU D 194 33.53 1.60 -3.22
N GLY D 195 33.64 0.31 -3.55
CA GLY D 195 34.23 -0.10 -4.80
C GLY D 195 35.74 -0.25 -4.74
N MET D 196 36.39 -0.09 -5.88
CA MET D 196 37.83 -0.27 -5.96
C MET D 196 38.56 0.82 -5.19
N PHE D 197 39.71 0.46 -4.63
CA PHE D 197 40.58 1.43 -3.97
C PHE D 197 42.02 0.94 -4.03
N LEU D 198 42.94 1.90 -4.08
CA LEU D 198 44.35 1.65 -4.34
C LEU D 198 45.12 1.53 -3.02
N VAL D 199 46.05 0.57 -2.98
CA VAL D 199 46.93 0.35 -1.84
C VAL D 199 48.36 0.49 -2.31
N THR D 200 49.12 1.36 -1.64
CA THR D 200 50.49 1.63 -2.02
C THR D 200 51.42 1.33 -0.85
N VAL D 201 52.55 0.71 -1.17
CA VAL D 201 53.58 0.41 -0.17
C VAL D 201 54.91 0.95 -0.67
N SER D 202 55.68 1.53 0.24
CA SER D 202 56.96 2.13 -0.10
C SER D 202 57.95 1.73 0.99
N CYS D 203 58.90 0.86 0.65
CA CYS D 203 59.96 0.54 1.59
C CYS D 203 61.02 1.65 1.57
N TYR D 204 61.54 1.97 2.75
CA TYR D 204 62.44 3.11 2.91
C TYR D 204 63.75 2.67 3.52
N THR D 205 64.80 3.44 3.23
CA THR D 205 66.12 3.19 3.77
C THR D 205 66.21 3.76 5.18
N ARG D 206 67.42 3.69 5.76
CA ARG D 206 67.64 4.30 7.07
C ARG D 206 67.53 5.82 6.99
N GLY D 207 68.01 6.41 5.90
CA GLY D 207 67.98 7.84 5.70
C GLY D 207 66.72 8.41 5.08
N GLY D 208 65.71 7.58 4.84
CA GLY D 208 64.45 8.03 4.28
C GLY D 208 64.29 7.75 2.80
N ARG D 209 65.36 7.41 2.10
CA ARG D 209 65.26 7.11 0.68
C ARG D 209 64.38 5.89 0.45
N ILE D 210 63.66 5.89 -0.68
CA ILE D 210 62.72 4.83 -0.98
C ILE D 210 63.46 3.64 -1.57
N ILE D 211 63.15 2.43 -1.09
CA ILE D 211 63.80 1.21 -1.56
C ILE D 211 63.04 0.66 -2.76
N SER D 212 61.77 0.29 -2.55
CA SER D 212 60.99 -0.35 -3.60
C SER D 212 59.53 0.04 -3.44
N THR D 213 59.02 0.82 -4.39
CA THR D 213 57.63 1.24 -4.41
C THR D 213 56.78 0.21 -5.15
N SER D 214 55.61 -0.09 -4.58
CA SER D 214 54.67 -1.00 -5.22
C SER D 214 53.28 -0.39 -5.13
N SER D 215 52.33 -0.99 -5.86
CA SER D 215 50.95 -0.54 -5.84
C SER D 215 50.06 -1.67 -6.31
N ARG D 216 48.88 -1.77 -5.69
CA ARG D 216 47.88 -2.75 -6.05
C ARG D 216 46.51 -2.09 -5.94
N SER D 217 45.51 -2.70 -6.57
CA SER D 217 44.13 -2.26 -6.44
C SER D 217 43.33 -3.39 -5.83
N VAL D 218 42.70 -3.13 -4.68
CA VAL D 218 41.99 -4.17 -3.97
C VAL D 218 40.58 -3.69 -3.66
N MET D 219 39.66 -4.63 -3.57
CA MET D 219 38.25 -4.31 -3.38
C MET D 219 37.58 -5.46 -2.63
N LEU D 220 36.56 -5.11 -1.86
CA LEU D 220 35.84 -6.08 -1.05
C LEU D 220 35.16 -7.12 -1.92
N HIS D 221 35.26 -8.38 -1.54
CA HIS D 221 34.54 -9.45 -2.23
C HIS D 221 33.04 -9.21 -2.15
N TYR D 222 32.37 -9.33 -3.30
CA TYR D 222 30.94 -9.08 -3.37
C TYR D 222 30.16 -10.36 -3.10
N ARG D 223 29.13 -10.25 -2.28
CA ARG D 223 28.19 -11.34 -2.02
C ARG D 223 26.79 -10.74 -1.98
N SER D 224 25.84 -11.40 -2.64
CA SER D 224 24.51 -10.84 -2.78
C SER D 224 23.82 -10.76 -1.42
N GLN D 225 22.75 -9.96 -1.37
CA GLN D 225 22.03 -9.74 -0.11
C GLN D 225 21.42 -11.04 0.39
N LEU D 226 20.88 -11.85 -0.50
CA LEU D 226 20.35 -13.16 -0.10
C LEU D 226 21.46 -14.04 0.45
N LEU D 227 22.64 -14.01 -0.17
CA LEU D 227 23.78 -14.75 0.36
C LEU D 227 24.18 -14.25 1.73
N GLN D 228 24.16 -12.94 1.95
CA GLN D 228 24.48 -12.38 3.26
C GLN D 228 23.49 -12.86 4.31
N VAL D 229 22.19 -12.84 3.97
CA VAL D 229 21.18 -13.28 4.91
C VAL D 229 21.33 -14.76 5.23
N LEU D 230 21.60 -15.57 4.21
CA LEU D 230 21.79 -17.00 4.45
C LEU D 230 23.03 -17.28 5.31
N ASP D 231 24.11 -16.52 5.07
CA ASP D 231 25.30 -16.64 5.90
C ASP D 231 24.99 -16.29 7.35
N THR D 232 24.31 -15.15 7.56
CA THR D 232 23.96 -14.74 8.92
C THR D 232 23.08 -15.79 9.60
N LEU D 233 22.21 -16.44 8.84
CA LEU D 233 21.32 -17.43 9.42
C LEU D 233 22.05 -18.72 9.77
N LEU D 234 22.96 -19.18 8.92
CA LEU D 234 23.58 -20.49 9.14
C LEU D 234 24.75 -20.41 10.11
N PHE D 235 25.61 -19.40 9.97
CA PHE D 235 26.72 -19.18 10.90
C PHE D 235 26.31 -18.34 12.10
N SER D 236 25.03 -18.36 12.46
CA SER D 236 24.54 -17.47 13.51
C SER D 236 25.18 -17.78 14.85
N SER D 237 25.37 -19.06 15.16
CA SER D 237 25.92 -19.42 16.48
C SER D 237 27.32 -18.85 16.66
N LEU D 238 28.18 -18.99 15.65
CA LEU D 238 29.54 -18.49 15.76
C LEU D 238 29.56 -16.98 15.84
N LEU D 239 28.65 -16.30 15.14
CA LEU D 239 28.57 -14.85 15.21
C LEU D 239 28.06 -14.38 16.56
N LEU D 240 27.14 -15.11 17.17
CA LEU D 240 26.58 -14.72 18.46
C LEU D 240 27.58 -14.95 19.59
N PHE D 241 28.25 -16.10 19.59
CA PHE D 241 29.17 -16.41 20.68
C PHE D 241 30.51 -15.71 20.54
N GLY D 242 30.77 -15.04 19.43
CA GLY D 242 32.01 -14.31 19.23
C GLY D 242 33.07 -15.05 18.45
N PHE D 243 32.79 -16.26 17.99
CA PHE D 243 33.77 -17.00 17.20
C PHE D 243 33.96 -16.36 15.82
N ALA D 244 32.89 -16.32 15.03
CA ALA D 244 32.95 -15.73 13.71
C ALA D 244 32.51 -14.27 13.77
N GLU D 245 32.88 -13.52 12.72
CA GLU D 245 32.52 -12.12 12.62
C GLU D 245 32.33 -11.78 11.15
N GLN D 246 31.33 -10.94 10.87
CA GLN D 246 30.98 -10.56 9.51
C GLN D 246 32.03 -9.60 8.98
N LYS D 247 33.18 -10.16 8.60
CA LYS D 247 34.31 -9.38 8.13
C LYS D 247 34.96 -10.09 6.95
N GLN D 248 35.78 -9.33 6.23
CA GLN D 248 36.54 -9.82 5.10
C GLN D 248 38.02 -9.58 5.37
N LEU D 249 38.84 -10.55 4.97
CA LEU D 249 40.29 -10.42 5.02
C LEU D 249 40.83 -10.39 3.60
N LEU D 250 41.35 -9.24 3.18
CA LEU D 250 41.94 -9.09 1.86
C LEU D 250 43.45 -9.24 1.99
N GLU D 251 44.02 -10.17 1.24
CA GLU D 251 45.46 -10.42 1.25
C GLU D 251 46.07 -9.68 0.07
N VAL D 252 46.29 -8.38 0.25
CA VAL D 252 46.94 -7.58 -0.78
C VAL D 252 48.39 -8.06 -0.88
N GLU D 253 48.70 -8.76 -1.98
CA GLU D 253 50.03 -9.35 -2.17
C GLU D 253 50.93 -8.29 -2.77
N LEU D 254 51.59 -7.53 -1.91
CA LEU D 254 52.42 -6.42 -2.37
C LEU D 254 53.64 -6.90 -3.14
N TYR D 255 54.18 -8.07 -2.77
CA TYR D 255 55.41 -8.56 -3.39
C TYR D 255 55.33 -10.07 -3.48
N SER D 256 55.24 -10.60 -4.70
CA SER D 256 55.18 -12.04 -4.91
C SER D 256 56.49 -12.72 -4.56
N ASP D 257 57.63 -12.06 -4.79
CA ASP D 257 58.91 -12.61 -4.39
C ASP D 257 59.84 -11.43 -4.08
N TYR D 258 60.19 -11.28 -2.81
CA TYR D 258 61.05 -10.19 -2.37
C TYR D 258 62.46 -10.71 -2.14
N ARG D 259 63.44 -9.90 -2.56
CA ARG D 259 64.85 -10.18 -2.30
C ARG D 259 65.51 -8.87 -1.87
N GLU D 260 66.28 -8.92 -0.80
CA GLU D 260 66.84 -7.72 -0.19
C GLU D 260 68.05 -7.21 -0.97
N ASN D 261 68.12 -5.90 -1.13
CA ASN D 261 69.30 -5.27 -1.72
C ASN D 261 70.50 -5.48 -0.80
N SER D 262 71.65 -5.77 -1.40
CA SER D 262 72.82 -6.19 -0.63
C SER D 262 73.30 -5.09 0.32
N TYR D 263 73.47 -3.87 -0.18
CA TYR D 263 74.09 -2.81 0.59
C TYR D 263 73.10 -2.01 1.44
N VAL D 264 71.80 -2.18 1.21
CA VAL D 264 70.80 -1.42 1.96
C VAL D 264 69.69 -2.35 2.44
N PRO D 265 69.53 -2.56 3.73
CA PRO D 265 68.43 -3.39 4.24
C PRO D 265 67.14 -2.58 4.32
N THR D 266 66.04 -3.29 4.56
CA THR D 266 64.72 -2.67 4.65
C THR D 266 64.43 -2.33 6.11
N THR D 267 64.47 -1.05 6.43
CA THR D 267 64.16 -0.62 7.79
C THR D 267 62.67 -0.73 8.10
N GLY D 268 61.82 -0.50 7.10
CA GLY D 268 60.40 -0.56 7.32
C GLY D 268 59.64 -0.26 6.05
N ALA D 269 58.35 0.04 6.21
CA ALA D 269 57.47 0.30 5.09
C ALA D 269 56.45 1.38 5.43
N ILE D 270 56.15 2.24 4.47
CA ILE D 270 55.08 3.22 4.57
C ILE D 270 53.93 2.74 3.68
N ILE D 271 52.76 2.58 4.28
CA ILE D 271 51.62 1.96 3.61
C ILE D 271 50.46 2.95 3.60
N GLU D 272 49.79 3.05 2.46
CA GLU D 272 48.74 4.02 2.26
C GLU D 272 47.56 3.37 1.56
N ILE D 273 46.36 3.72 2.00
CA ILE D 273 45.12 3.33 1.35
C ILE D 273 44.45 4.58 0.83
N HIS D 274 44.23 4.64 -0.48
CA HIS D 274 43.72 5.85 -1.12
C HIS D 274 42.19 5.86 -1.15
N SER D 275 41.57 5.66 0.01
CA SER D 275 40.14 5.72 0.13
C SER D 275 39.78 6.56 1.35
N LYS D 276 38.83 7.49 1.17
CA LYS D 276 38.35 8.33 2.24
C LYS D 276 37.12 7.74 2.92
N ARG D 277 36.74 6.51 2.56
CA ARG D 277 35.56 5.87 3.14
C ARG D 277 35.82 4.42 3.53
N ILE D 278 37.06 3.94 3.46
CA ILE D 278 37.33 2.54 3.73
C ILE D 278 37.21 2.28 5.23
N GLN D 279 36.09 1.67 5.62
CA GLN D 279 35.91 1.23 6.99
C GLN D 279 36.72 -0.03 7.21
N MET D 280 37.56 -0.04 8.24
CA MET D 280 38.42 -1.19 8.49
C MET D 280 38.72 -1.28 9.97
N TYR D 281 39.07 -2.50 10.39
CA TYR D 281 39.46 -2.80 11.77
C TYR D 281 40.96 -2.72 11.97
N GLY D 282 41.74 -3.35 11.12
CA GLY D 282 43.18 -3.37 11.31
C GLY D 282 43.90 -3.92 10.09
N ALA D 283 45.23 -3.97 10.21
CA ALA D 283 46.09 -4.35 9.11
C ALA D 283 47.37 -4.97 9.63
N TYR D 284 47.78 -6.08 9.02
CA TYR D 284 49.05 -6.73 9.31
C TYR D 284 49.93 -6.73 8.08
N LEU D 285 51.18 -6.32 8.23
CA LEU D 285 52.19 -6.49 7.19
C LEU D 285 52.92 -7.78 7.51
N ARG D 286 52.72 -8.78 6.67
CA ARG D 286 53.28 -10.11 6.90
C ARG D 286 54.32 -10.44 5.84
N ILE D 287 55.50 -10.84 6.30
CA ILE D 287 56.59 -11.28 5.43
C ILE D 287 57.00 -12.68 5.84
N HIS D 288 57.02 -13.58 4.87
CA HIS D 288 57.27 -14.99 5.16
C HIS D 288 58.05 -15.63 4.02
N ALA D 289 58.89 -16.62 4.33
CA ALA D 289 59.68 -17.29 3.31
C ALA D 289 58.78 -17.92 2.27
N HIS D 290 59.19 -17.84 1.00
CA HIS D 290 58.34 -18.26 -0.10
C HIS D 290 58.22 -19.77 -0.24
N PHE D 291 58.95 -20.55 0.56
CA PHE D 291 58.81 -21.99 0.55
C PHE D 291 57.37 -22.36 0.89
N THR D 292 56.63 -22.90 -0.08
CA THR D 292 55.20 -23.11 0.11
C THR D 292 54.78 -24.53 -0.23
N GLY D 293 55.41 -25.12 -1.25
CA GLY D 293 54.94 -26.36 -1.84
C GLY D 293 54.65 -27.48 -0.86
N LEU D 294 55.57 -27.72 0.08
CA LEU D 294 55.32 -28.74 1.10
C LEU D 294 54.20 -28.32 2.04
N ARG D 295 54.14 -27.03 2.38
CA ARG D 295 53.19 -26.51 3.36
C ARG D 295 52.01 -25.78 2.73
N TYR D 296 51.81 -25.92 1.41
CA TYR D 296 50.81 -25.12 0.70
C TYR D 296 49.44 -25.20 1.35
N LEU D 297 49.00 -26.43 1.67
CA LEU D 297 47.71 -26.59 2.32
C LEU D 297 47.69 -25.89 3.68
N LEU D 298 48.75 -26.07 4.47
CA LEU D 298 48.84 -25.35 5.74
C LEU D 298 49.06 -23.86 5.53
N TYR D 299 49.72 -23.50 4.43
CA TYR D 299 50.01 -22.09 4.16
C TYR D 299 48.73 -21.32 3.85
N ASN D 300 47.76 -21.96 3.21
CA ASN D 300 46.57 -21.26 2.75
C ASN D 300 45.23 -21.85 3.17
N PHE D 301 45.15 -23.15 3.49
CA PHE D 301 43.88 -23.80 3.81
C PHE D 301 44.00 -24.56 5.13
N PRO D 302 43.90 -23.86 6.25
CA PRO D 302 44.12 -24.50 7.56
C PRO D 302 43.09 -25.55 7.94
N MET D 303 41.81 -25.23 7.79
CA MET D 303 40.75 -26.12 8.27
C MET D 303 40.78 -27.46 7.53
N THR D 304 41.06 -27.42 6.23
CA THR D 304 41.18 -28.67 5.47
C THR D 304 42.33 -29.52 6.01
N CYS D 305 43.44 -28.86 6.39
CA CYS D 305 44.55 -29.60 6.98
C CYS D 305 44.13 -30.28 8.27
N ALA D 306 43.42 -29.56 9.13
CA ALA D 306 42.95 -30.17 10.38
C ALA D 306 42.05 -31.37 10.10
N PHE D 307 41.08 -31.21 9.19
CA PHE D 307 40.18 -32.31 8.87
C PHE D 307 40.95 -33.53 8.36
N VAL D 308 41.79 -33.32 7.35
CA VAL D 308 42.51 -34.43 6.73
C VAL D 308 43.45 -35.11 7.72
N GLY D 309 44.22 -34.30 8.47
CA GLY D 309 45.16 -34.88 9.43
C GLY D 309 44.47 -35.66 10.52
N VAL D 310 43.40 -35.09 11.09
CA VAL D 310 42.68 -35.78 12.16
C VAL D 310 42.07 -37.07 11.63
N ALA D 311 41.45 -37.04 10.45
CA ALA D 311 40.85 -38.25 9.90
C ALA D 311 41.91 -39.31 9.62
N SER D 312 43.03 -38.92 9.01
CA SER D 312 44.07 -39.88 8.67
C SER D 312 44.69 -40.49 9.91
N ASN D 313 44.97 -39.67 10.93
CA ASN D 313 45.58 -40.19 12.15
C ASN D 313 44.61 -41.06 12.94
N PHE D 314 43.32 -40.70 12.95
CA PHE D 314 42.33 -41.52 13.65
C PHE D 314 42.16 -42.86 12.95
N THR D 315 42.15 -42.87 11.62
CA THR D 315 42.11 -44.13 10.89
C THR D 315 43.36 -44.96 11.15
N PHE D 316 44.52 -44.30 11.19
CA PHE D 316 45.75 -45.01 11.52
C PHE D 316 45.72 -45.56 12.95
N LEU D 317 45.00 -44.90 13.84
CA LEU D 317 44.91 -45.34 15.22
C LEU D 317 43.66 -46.17 15.46
N LEU E 112 30.10 -33.10 43.93
CA LEU E 112 31.38 -32.48 44.22
C LEU E 112 31.62 -31.26 43.33
N LEU E 113 30.55 -30.79 42.69
CA LEU E 113 30.68 -29.61 41.83
C LEU E 113 31.04 -28.38 42.62
N TRP E 114 30.64 -28.32 43.90
CA TRP E 114 31.08 -27.23 44.77
C TRP E 114 32.60 -27.23 44.94
N VAL E 115 33.19 -28.41 45.12
CA VAL E 115 34.64 -28.51 45.23
C VAL E 115 35.29 -28.06 43.93
N SER E 116 34.70 -28.44 42.79
CA SER E 116 35.24 -28.04 41.50
C SER E 116 35.19 -26.52 41.33
N VAL E 117 34.09 -25.89 41.75
CA VAL E 117 33.97 -24.44 41.63
C VAL E 117 35.00 -23.76 42.53
N PHE E 118 35.18 -24.26 43.75
CA PHE E 118 36.17 -23.69 44.65
C PHE E 118 37.58 -23.85 44.06
N LEU E 119 37.86 -25.01 43.47
CA LEU E 119 39.18 -25.23 42.87
C LEU E 119 39.40 -24.30 41.69
N TYR E 120 38.38 -24.08 40.86
CA TYR E 120 38.50 -23.13 39.76
C TYR E 120 38.76 -21.72 40.27
N GLY E 121 38.05 -21.34 41.34
CA GLY E 121 38.28 -20.02 41.92
C GLY E 121 39.70 -19.86 42.44
N SER E 122 40.20 -20.88 43.12
CA SER E 122 41.58 -20.84 43.62
C SER E 122 42.57 -20.79 42.46
N PHE E 123 42.29 -21.55 41.40
CA PHE E 123 43.13 -21.50 40.19
C PHE E 123 43.18 -20.09 39.62
N TYR E 124 42.01 -19.45 39.50
CA TYR E 124 41.96 -18.09 38.97
C TYR E 124 42.70 -17.12 39.87
N TYR E 125 42.52 -17.24 41.19
CA TYR E 125 43.18 -16.33 42.11
C TYR E 125 44.70 -16.50 42.06
N SER E 126 45.17 -17.74 41.99
CA SER E 126 46.61 -17.99 41.97
C SER E 126 47.23 -17.50 40.66
N TYR E 127 46.60 -17.82 39.53
CA TYR E 127 47.20 -17.46 38.24
C TYR E 127 46.83 -16.07 37.76
N MET E 128 46.05 -15.31 38.52
CA MET E 128 45.76 -13.92 38.20
C MET E 128 46.01 -13.01 39.40
N PRO E 129 47.28 -12.84 39.80
CA PRO E 129 47.63 -11.76 40.72
C PRO E 129 48.00 -10.48 39.96
N THR E 130 47.04 -9.99 39.17
CA THR E 130 47.32 -8.93 38.22
C THR E 130 47.80 -7.66 38.92
N VAL E 131 49.08 -7.34 38.75
CA VAL E 131 49.62 -6.08 39.23
C VAL E 131 49.27 -5.03 38.20
N SER E 132 48.08 -4.45 38.31
CA SER E 132 47.57 -3.56 37.29
C SER E 132 46.71 -2.49 37.95
N HIS E 133 46.61 -1.35 37.27
CA HIS E 133 45.78 -0.24 37.73
C HIS E 133 44.80 0.15 36.63
N LEU E 134 43.54 0.29 37.02
CA LEU E 134 42.45 0.60 36.10
C LEU E 134 42.04 2.04 36.34
N SER E 135 42.71 2.96 35.67
CA SER E 135 42.42 4.37 35.85
C SER E 135 41.11 4.72 35.14
N PRO E 136 40.11 5.25 35.84
CA PRO E 136 38.89 5.68 35.17
C PRO E 136 39.14 6.97 34.41
N VAL E 137 38.68 7.00 33.16
CA VAL E 137 38.83 8.17 32.30
C VAL E 137 37.50 8.90 32.25
N HIS E 138 37.54 10.20 32.54
CA HIS E 138 36.34 11.01 32.68
C HIS E 138 36.37 12.08 31.60
N PHE E 139 35.50 11.94 30.61
CA PHE E 139 35.52 12.85 29.47
C PHE E 139 34.63 14.06 29.75
N HIS E 140 35.24 15.24 29.69
CA HIS E 140 34.53 16.50 29.85
C HIS E 140 34.54 17.26 28.52
N TYR E 141 33.43 17.92 28.24
CA TYR E 141 33.18 18.54 26.95
C TYR E 141 33.22 20.06 27.07
N ARG E 142 32.86 20.72 25.97
CA ARG E 142 32.50 22.12 25.96
C ARG E 142 31.03 22.22 25.56
N THR E 143 30.28 23.10 26.24
CA THR E 143 28.84 23.17 26.02
C THR E 143 28.35 24.59 25.79
N ASP E 144 28.93 25.32 24.83
CA ASP E 144 28.49 26.67 24.50
C ASP E 144 27.91 26.79 23.09
N CYS E 145 27.28 25.74 22.57
CA CYS E 145 26.69 25.81 21.24
C CYS E 145 25.18 25.97 21.34
N ASP E 146 24.50 25.92 20.19
CA ASP E 146 23.04 25.91 20.19
C ASP E 146 22.49 24.58 20.66
N SER E 147 23.25 23.49 20.47
CA SER E 147 22.86 22.14 20.87
C SER E 147 21.55 21.70 20.22
N SER E 148 21.31 22.11 18.98
CA SER E 148 20.08 21.73 18.30
C SER E 148 20.09 20.30 17.79
N THR E 149 21.26 19.68 17.67
CA THR E 149 21.39 18.33 17.17
C THR E 149 22.16 17.48 18.18
N ALA E 150 22.11 16.16 17.97
CA ALA E 150 22.78 15.21 18.86
C ALA E 150 24.28 15.14 18.54
N SER E 151 24.95 16.27 18.77
CA SER E 151 26.39 16.36 18.57
C SER E 151 26.96 17.35 19.57
N LEU E 152 28.14 17.06 20.08
CA LEU E 152 28.79 17.90 21.07
C LEU E 152 29.46 19.09 20.39
N CYS E 153 30.28 19.81 21.16
CA CYS E 153 31.02 20.97 20.65
C CYS E 153 32.44 20.61 20.27
N SER E 154 33.21 20.09 21.21
CA SER E 154 34.62 19.76 21.00
C SER E 154 34.81 18.27 21.28
N PHE E 155 36.01 17.80 20.95
CA PHE E 155 36.33 16.39 21.09
C PHE E 155 36.43 16.03 22.57
N PRO E 156 35.88 14.88 22.98
CA PRO E 156 36.07 14.42 24.36
C PRO E 156 37.54 14.32 24.71
N VAL E 157 37.93 15.03 25.78
CA VAL E 157 39.30 15.05 26.27
C VAL E 157 39.28 14.68 27.74
N ALA E 158 40.41 14.17 28.22
CA ALA E 158 40.47 13.76 29.61
C ALA E 158 41.90 13.65 30.15
N ASN E 159 42.19 14.39 31.23
CA ASN E 159 43.39 14.17 32.01
C ASN E 159 43.16 13.04 33.00
N VAL E 160 44.12 12.12 33.07
CA VAL E 160 44.05 11.04 34.05
C VAL E 160 45.41 10.95 34.73
N SER E 161 45.39 10.87 36.06
CA SER E 161 46.60 10.78 36.85
C SER E 161 46.81 9.35 37.32
N LEU E 162 48.05 9.04 37.70
CA LEU E 162 48.42 7.70 38.11
C LEU E 162 49.03 7.62 39.51
N ALA E 163 49.31 8.76 40.14
CA ALA E 163 49.90 8.75 41.49
C ALA E 163 48.86 8.39 42.54
N ARG E 169 54.50 2.00 42.77
CA ARG E 169 53.87 2.31 41.50
C ARG E 169 53.62 1.05 40.67
N VAL E 170 53.30 1.24 39.40
CA VAL E 170 53.12 0.13 38.47
C VAL E 170 54.03 0.38 37.27
N LEU E 171 54.33 1.65 36.99
CA LEU E 171 55.14 2.03 35.84
C LEU E 171 56.58 2.23 36.31
N MET E 172 57.28 1.10 36.46
CA MET E 172 58.69 1.10 36.82
C MET E 172 59.53 0.73 35.60
N TYR E 173 60.84 0.69 35.79
CA TYR E 173 61.76 0.56 34.68
C TYR E 173 62.08 -0.91 34.40
N GLY E 174 62.25 -1.22 33.13
CA GLY E 174 62.62 -2.56 32.69
C GLY E 174 61.49 -3.48 32.28
N GLN E 175 60.53 -3.69 33.18
CA GLN E 175 59.42 -4.58 32.87
C GLN E 175 58.55 -3.98 31.77
N PRO E 176 58.08 -4.77 30.81
CA PRO E 176 57.15 -4.25 29.81
C PRO E 176 55.71 -4.29 30.29
N TYR E 177 54.91 -3.36 29.76
CA TYR E 177 53.48 -3.33 30.07
C TYR E 177 52.71 -2.92 28.83
N ARG E 178 51.42 -3.25 28.82
CA ARG E 178 50.52 -2.99 27.69
C ARG E 178 49.49 -1.95 28.11
N VAL E 179 49.58 -0.76 27.52
CA VAL E 179 48.67 0.34 27.84
C VAL E 179 47.53 0.35 26.83
N THR E 180 46.31 0.21 27.33
CA THR E 180 45.13 0.20 26.47
C THR E 180 44.06 1.10 27.07
N LEU E 181 43.06 1.42 26.26
CA LEU E 181 41.91 2.22 26.67
C LEU E 181 40.64 1.46 26.33
N GLU E 182 40.18 0.63 27.26
CA GLU E 182 38.93 -0.09 27.05
C GLU E 182 37.78 0.89 27.00
N LEU E 183 37.04 0.87 25.90
CA LEU E 183 36.05 1.88 25.58
C LEU E 183 34.67 1.24 25.49
N GLU E 184 33.69 1.84 26.15
CA GLU E 184 32.35 1.26 26.27
C GLU E 184 31.39 2.06 25.40
N LEU E 185 30.93 1.46 24.32
CA LEU E 185 30.04 2.09 23.36
C LEU E 185 28.70 1.38 23.30
N PRO E 186 27.59 2.11 23.20
CA PRO E 186 26.31 1.48 22.87
C PRO E 186 26.17 1.28 21.37
N GLU E 187 25.29 0.35 21.01
CA GLU E 187 25.02 0.00 19.63
C GLU E 187 23.91 0.84 19.02
N SER E 188 23.73 2.06 19.51
CA SER E 188 22.67 2.93 19.01
C SER E 188 22.95 3.31 17.55
N PRO E 189 21.90 3.59 16.78
CA PRO E 189 22.11 3.94 15.38
C PRO E 189 23.01 5.14 15.17
N VAL E 190 23.12 6.04 16.15
CA VAL E 190 24.05 7.14 16.04
C VAL E 190 25.50 6.65 16.00
N ASN E 191 25.77 5.50 16.61
CA ASN E 191 27.12 4.95 16.65
C ASN E 191 27.43 4.02 15.48
N GLN E 192 26.44 3.28 14.97
CA GLN E 192 26.70 2.44 13.81
C GLN E 192 26.89 3.26 12.55
N ASP E 193 26.31 4.45 12.50
CA ASP E 193 26.49 5.35 11.36
C ASP E 193 27.68 6.28 11.53
N LEU E 194 28.36 6.22 12.67
CA LEU E 194 29.44 7.17 12.93
C LEU E 194 30.66 6.88 12.06
N GLY E 195 31.08 5.63 11.98
CA GLY E 195 32.26 5.28 11.22
C GLY E 195 33.52 5.40 12.03
N MET E 196 34.65 5.49 11.31
CA MET E 196 35.95 5.54 11.95
C MET E 196 36.13 6.83 12.75
N PHE E 197 36.88 6.71 13.84
CA PHE E 197 37.25 7.87 14.64
C PHE E 197 38.58 7.61 15.33
N LEU E 198 39.28 8.70 15.62
CA LEU E 198 40.67 8.66 16.07
C LEU E 198 40.77 8.80 17.58
N VAL E 199 41.67 8.03 18.17
CA VAL E 199 41.96 8.08 19.60
C VAL E 199 43.43 8.44 19.77
N THR E 200 43.70 9.50 20.53
CA THR E 200 45.07 9.97 20.73
C THR E 200 45.40 9.98 22.21
N VAL E 201 46.57 9.45 22.56
CA VAL E 201 47.02 9.40 23.93
C VAL E 201 48.37 10.12 24.02
N SER E 202 48.52 10.92 25.07
CA SER E 202 49.75 11.71 25.27
C SER E 202 50.12 11.60 26.75
N CYS E 203 51.15 10.81 27.03
CA CYS E 203 51.67 10.75 28.39
C CYS E 203 52.48 12.01 28.68
N TYR E 204 52.26 12.58 29.86
CA TYR E 204 52.86 13.86 30.21
C TYR E 204 53.79 13.70 31.41
N THR E 205 54.81 14.57 31.45
CA THR E 205 55.72 14.62 32.57
C THR E 205 55.11 15.41 33.71
N ARG E 206 55.88 15.61 34.78
CA ARG E 206 55.41 16.43 35.89
C ARG E 206 55.22 17.88 35.47
N GLY E 207 56.12 18.40 34.64
CA GLY E 207 56.06 19.77 34.19
C GLY E 207 55.19 20.03 32.98
N GLY E 208 54.49 19.02 32.46
CA GLY E 208 53.64 19.17 31.31
C GLY E 208 54.23 18.68 30.01
N ARG E 209 55.54 18.42 29.98
CA ARG E 209 56.17 17.94 28.76
C ARG E 209 55.61 16.57 28.38
N ILE E 210 55.54 16.32 27.07
CA ILE E 210 54.97 15.09 26.55
C ILE E 210 56.01 13.98 26.61
N ILE E 211 55.58 12.79 27.05
CA ILE E 211 56.48 11.64 27.17
C ILE E 211 56.47 10.85 25.87
N SER E 212 55.31 10.31 25.51
CA SER E 212 55.20 9.44 24.34
C SER E 212 53.81 9.60 23.73
N THR E 213 53.74 10.29 22.60
CA THR E 213 52.48 10.46 21.89
C THR E 213 52.17 9.22 21.06
N SER E 214 50.90 8.80 21.09
CA SER E 214 50.46 7.66 20.29
C SER E 214 49.07 7.98 19.75
N SER E 215 48.75 7.34 18.63
CA SER E 215 47.46 7.54 18.00
C SER E 215 47.00 6.22 17.37
N ARG E 216 45.69 6.00 17.38
CA ARG E 216 45.08 4.83 16.79
C ARG E 216 43.76 5.24 16.16
N SER E 217 43.27 4.42 15.24
CA SER E 217 41.95 4.62 14.67
C SER E 217 41.09 3.44 15.07
N VAL E 218 40.00 3.71 15.78
CA VAL E 218 39.15 2.64 16.28
C VAL E 218 37.73 2.91 15.81
N MET E 219 37.02 1.83 15.49
CA MET E 219 35.68 1.93 14.95
C MET E 219 34.83 0.82 15.53
N LEU E 220 33.54 1.09 15.63
CA LEU E 220 32.60 0.15 16.25
C LEU E 220 32.45 -1.10 15.38
N HIS E 221 32.45 -2.26 16.02
CA HIS E 221 32.25 -3.51 15.31
C HIS E 221 30.86 -3.52 14.65
N TYR E 222 30.81 -4.04 13.43
CA TYR E 222 29.56 -4.04 12.66
C TYR E 222 28.85 -5.38 12.77
N ARG E 223 27.56 -5.32 13.07
CA ARG E 223 26.68 -6.48 13.03
C ARG E 223 25.41 -6.08 12.30
N SER E 224 24.94 -6.96 11.41
CA SER E 224 23.80 -6.66 10.57
C SER E 224 22.52 -6.59 11.41
N GLN E 225 21.48 -6.00 10.81
CA GLN E 225 20.22 -5.84 11.52
C GLN E 225 19.60 -7.18 11.92
N LEU E 226 19.65 -8.18 11.03
CA LEU E 226 19.18 -9.51 11.39
C LEU E 226 19.99 -10.10 12.53
N LEU E 227 21.31 -9.89 12.51
CA LEU E 227 22.15 -10.38 13.61
C LEU E 227 21.79 -9.67 14.92
N GLN E 228 21.54 -8.36 14.87
CA GLN E 228 21.16 -7.63 16.08
C GLN E 228 19.84 -8.14 16.63
N VAL E 229 18.86 -8.39 15.75
CA VAL E 229 17.58 -8.90 16.19
C VAL E 229 17.72 -10.28 16.78
N LEU E 230 18.51 -11.15 16.15
CA LEU E 230 18.75 -12.49 16.68
C LEU E 230 19.45 -12.45 18.03
N ASP E 231 20.42 -11.56 18.21
CA ASP E 231 21.08 -11.39 19.49
C ASP E 231 20.09 -10.93 20.55
N THR E 232 19.27 -9.92 20.22
CA THR E 232 18.28 -9.44 21.18
C THR E 232 17.31 -10.55 21.58
N LEU E 233 16.93 -11.40 20.62
CA LEU E 233 15.97 -12.45 20.93
C LEU E 233 16.60 -13.55 21.79
N LEU E 234 17.81 -14.00 21.45
CA LEU E 234 18.39 -15.15 22.15
C LEU E 234 18.99 -14.76 23.50
N PHE E 235 19.65 -13.61 23.57
CA PHE E 235 20.17 -13.10 24.83
C PHE E 235 19.17 -12.24 25.56
N SER E 236 17.88 -12.45 25.32
CA SER E 236 16.85 -11.55 25.88
C SER E 236 16.83 -11.59 27.40
N SER E 237 16.98 -12.79 27.99
CA SER E 237 16.89 -12.90 29.44
C SER E 237 17.99 -12.11 30.12
N LEU E 238 19.22 -12.22 29.63
CA LEU E 238 20.34 -11.52 30.24
C LEU E 238 20.19 -10.02 30.10
N LEU E 239 19.62 -9.56 28.98
CA LEU E 239 19.42 -8.13 28.78
C LEU E 239 18.30 -7.61 29.67
N LEU E 240 17.27 -8.43 29.88
CA LEU E 240 16.13 -7.99 30.70
C LEU E 240 16.50 -7.95 32.17
N PHE E 241 17.18 -8.98 32.67
CA PHE E 241 17.50 -9.04 34.09
C PHE E 241 18.65 -8.12 34.48
N GLY E 242 19.33 -7.51 33.53
CA GLY E 242 20.40 -6.59 33.81
C GLY E 242 21.81 -7.16 33.74
N PHE E 243 21.95 -8.45 33.41
CA PHE E 243 23.27 -9.04 33.31
C PHE E 243 23.99 -8.55 32.07
N ALA E 244 23.45 -8.83 30.89
CA ALA E 244 24.05 -8.40 29.65
C ALA E 244 23.47 -7.06 29.21
N GLU E 245 24.25 -6.33 28.41
CA GLU E 245 23.82 -5.06 27.87
C GLU E 245 24.30 -4.96 26.42
N GLN E 246 23.48 -4.31 25.60
CA GLN E 246 23.79 -4.15 24.17
C GLN E 246 24.85 -3.07 23.99
N LYS E 247 26.08 -3.46 24.32
CA LYS E 247 27.21 -2.54 24.27
C LYS E 247 28.40 -3.24 23.63
N GLN E 248 29.40 -2.44 23.26
CA GLN E 248 30.62 -2.94 22.66
C GLN E 248 31.82 -2.44 23.46
N LEU E 249 32.79 -3.32 23.66
CA LEU E 249 34.04 -2.96 24.34
C LEU E 249 35.16 -2.98 23.30
N LEU E 250 35.67 -1.79 22.96
CA LEU E 250 36.79 -1.65 22.04
C LEU E 250 38.06 -1.52 22.85
N GLU E 251 38.98 -2.46 22.66
CA GLU E 251 40.26 -2.44 23.36
C GLU E 251 41.28 -1.73 22.47
N VAL E 252 41.23 -0.40 22.51
CA VAL E 252 42.20 0.41 21.79
C VAL E 252 43.57 0.19 22.44
N GLU E 253 44.44 -0.55 21.76
CA GLU E 253 45.76 -0.91 22.31
C GLU E 253 46.73 0.21 21.95
N LEU E 254 46.96 1.12 22.90
CA LEU E 254 47.81 2.27 22.63
C LEU E 254 49.29 1.90 22.66
N TYR E 255 49.67 0.93 23.50
CA TYR E 255 51.07 0.56 23.67
C TYR E 255 51.16 -0.93 23.96
N SER E 256 52.01 -1.63 23.19
CA SER E 256 52.16 -3.07 23.32
C SER E 256 53.33 -3.48 24.19
N ASP E 257 54.42 -2.71 24.19
CA ASP E 257 55.59 -3.03 25.00
C ASP E 257 56.12 -1.77 25.68
N TYR E 258 55.24 -1.06 26.38
CA TYR E 258 55.66 0.13 27.11
C TYR E 258 56.74 -0.21 28.13
N ARG E 259 57.82 0.57 28.12
CA ARG E 259 58.89 0.46 29.09
C ARG E 259 59.21 1.86 29.60
N GLU E 260 59.22 2.01 30.92
CA GLU E 260 59.31 3.34 31.52
C GLU E 260 60.71 3.93 31.34
N ASN E 261 60.75 5.22 31.05
CA ASN E 261 62.02 5.95 31.01
C ASN E 261 62.52 6.16 32.42
N SER E 262 63.80 5.85 32.65
CA SER E 262 64.35 5.90 34.00
C SER E 262 64.39 7.34 34.53
N TYR E 263 64.76 8.29 33.68
CA TYR E 263 64.95 9.67 34.14
C TYR E 263 63.63 10.34 34.52
N VAL E 264 62.59 10.13 33.72
CA VAL E 264 61.31 10.80 33.95
C VAL E 264 60.19 9.77 33.99
N PRO E 265 59.45 9.67 35.09
CA PRO E 265 58.34 8.71 35.17
C PRO E 265 57.10 9.27 34.50
N THR E 266 56.09 8.41 34.37
CA THR E 266 54.82 8.77 33.75
C THR E 266 53.87 9.27 34.83
N THR E 267 53.69 10.59 34.90
CA THR E 267 52.75 11.14 35.86
C THR E 267 51.30 10.84 35.48
N GLY E 268 50.97 10.92 34.19
CA GLY E 268 49.61 10.66 33.76
C GLY E 268 49.49 10.77 32.26
N ALA E 269 48.24 10.64 31.80
CA ALA E 269 47.95 10.60 30.37
C ALA E 269 46.79 11.52 30.03
N ILE E 270 46.90 12.23 28.91
CA ILE E 270 45.80 12.99 28.34
C ILE E 270 45.27 12.21 27.15
N ILE E 271 43.99 11.90 27.19
CA ILE E 271 43.36 11.03 26.19
C ILE E 271 42.27 11.80 25.48
N GLU E 272 42.21 11.64 24.16
CA GLU E 272 41.27 12.40 23.34
C GLU E 272 40.64 11.47 22.32
N ILE E 273 39.35 11.67 22.10
CA ILE E 273 38.59 10.97 21.06
C ILE E 273 38.09 12.01 20.08
N HIS E 274 38.48 11.89 18.82
CA HIS E 274 38.24 12.92 17.81
C HIS E 274 36.92 12.69 17.07
N SER E 275 35.83 12.56 17.82
CA SER E 275 34.50 12.45 17.24
C SER E 275 33.55 13.32 18.04
N LYS E 276 32.73 14.10 17.33
CA LYS E 276 31.73 14.96 17.94
C LYS E 276 30.40 14.26 18.14
N ARG E 277 30.33 12.97 17.85
CA ARG E 277 29.08 12.23 17.95
C ARG E 277 29.24 10.88 18.63
N ILE E 278 30.40 10.58 19.20
CA ILE E 278 30.68 9.22 19.67
C ILE E 278 29.94 9.02 21.00
N GLN E 279 28.83 8.29 20.94
CA GLN E 279 28.07 7.99 22.15
C GLN E 279 28.78 6.90 22.93
N MET E 280 29.07 7.17 24.20
CA MET E 280 29.81 6.22 25.02
C MET E 280 29.36 6.34 26.47
N TYR E 281 29.62 5.26 27.23
CA TYR E 281 29.28 5.20 28.64
C TYR E 281 30.43 5.61 29.54
N GLY E 282 31.64 5.15 29.24
CA GLY E 282 32.79 5.46 30.06
C GLY E 282 34.06 4.98 29.37
N ALA E 283 35.14 4.98 30.13
CA ALA E 283 36.43 4.57 29.58
C ALA E 283 37.37 4.19 30.72
N TYR E 284 38.16 3.14 30.48
CA TYR E 284 39.18 2.68 31.41
C TYR E 284 40.54 2.70 30.73
N LEU E 285 41.56 3.15 31.45
CA LEU E 285 42.94 3.08 31.01
C LEU E 285 43.60 1.97 31.83
N ARG E 286 44.00 0.90 31.17
CA ARG E 286 44.50 -0.28 31.84
C ARG E 286 45.95 -0.54 31.45
N ILE E 287 46.82 -0.66 32.46
CA ILE E 287 48.22 -1.00 32.28
C ILE E 287 48.50 -2.26 33.07
N HIS E 288 49.12 -3.24 32.40
CA HIS E 288 49.33 -4.55 33.00
C HIS E 288 50.63 -5.13 32.50
N ALA E 289 51.28 -5.97 33.32
CA ALA E 289 52.51 -6.63 32.92
C ALA E 289 52.26 -7.49 31.70
N HIS E 290 53.22 -7.48 30.76
CA HIS E 290 52.98 -8.07 29.44
C HIS E 290 53.05 -9.60 29.46
N PHE E 291 53.45 -10.19 30.59
CA PHE E 291 53.50 -11.64 30.73
C PHE E 291 52.12 -12.24 30.45
N THR E 292 51.99 -13.00 29.36
CA THR E 292 50.68 -13.45 28.91
C THR E 292 50.65 -14.95 28.67
N GLY E 293 51.77 -15.53 28.24
CA GLY E 293 51.74 -16.89 27.70
C GLY E 293 51.12 -17.90 28.65
N LEU E 294 51.49 -17.83 29.93
CA LEU E 294 50.90 -18.74 30.91
C LEU E 294 49.42 -18.44 31.13
N ARG E 295 49.06 -17.17 31.19
CA ARG E 295 47.71 -16.75 31.54
C ARG E 295 46.86 -16.34 30.35
N TYR E 296 47.30 -16.63 29.12
CA TYR E 296 46.67 -16.07 27.93
C TYR E 296 45.18 -16.29 27.87
N LEU E 297 44.73 -17.52 28.19
CA LEU E 297 43.30 -17.80 28.21
C LEU E 297 42.59 -16.90 29.22
N LEU E 298 43.12 -16.80 30.43
CA LEU E 298 42.54 -15.91 31.42
C LEU E 298 42.85 -14.45 31.09
N TYR E 299 43.94 -14.20 30.37
CA TYR E 299 44.30 -12.84 29.99
C TYR E 299 43.26 -12.24 29.05
N ASN E 300 42.77 -13.01 28.08
CA ASN E 300 41.95 -12.46 27.02
C ASN E 300 40.61 -13.16 26.79
N PHE E 301 40.45 -14.41 27.21
CA PHE E 301 39.20 -15.15 27.00
C PHE E 301 38.70 -15.72 28.33
N PRO E 302 38.30 -14.85 29.26
CA PRO E 302 37.98 -15.32 30.61
C PRO E 302 36.81 -16.30 30.67
N MET E 303 35.82 -16.14 29.78
CA MET E 303 34.62 -16.96 29.86
C MET E 303 34.93 -18.44 29.68
N THR E 304 35.79 -18.76 28.71
CA THR E 304 36.09 -20.17 28.44
C THR E 304 36.87 -20.79 29.59
N CYS E 305 37.63 -19.99 30.32
CA CYS E 305 38.44 -20.52 31.42
C CYS E 305 37.56 -21.10 32.51
N ALA E 306 36.41 -20.49 32.77
CA ALA E 306 35.49 -21.02 33.77
C ALA E 306 35.07 -22.45 33.40
N PHE E 307 34.60 -22.63 32.17
CA PHE E 307 34.19 -23.97 31.74
C PHE E 307 35.35 -24.95 31.77
N VAL E 308 36.52 -24.54 31.28
CA VAL E 308 37.66 -25.45 31.24
C VAL E 308 38.06 -25.88 32.65
N GLY E 309 38.22 -24.93 33.56
CA GLY E 309 38.61 -25.26 34.91
C GLY E 309 37.57 -26.10 35.64
N VAL E 310 36.30 -25.75 35.51
CA VAL E 310 35.25 -26.50 36.18
C VAL E 310 35.19 -27.93 35.66
N ALA E 311 35.23 -28.11 34.34
CA ALA E 311 35.16 -29.45 33.77
C ALA E 311 36.39 -30.27 34.17
N SER E 312 37.58 -29.66 34.12
CA SER E 312 38.79 -30.39 34.47
C SER E 312 38.78 -30.81 35.93
N ASN E 313 38.37 -29.91 36.83
CA ASN E 313 38.36 -30.25 38.24
C ASN E 313 37.28 -31.26 38.57
N PHE E 314 36.11 -31.17 37.93
CA PHE E 314 35.05 -32.13 38.16
C PHE E 314 35.45 -33.52 37.67
N THR E 315 36.10 -33.59 36.51
CA THR E 315 36.60 -34.88 36.03
C THR E 315 37.68 -35.41 36.96
N PHE E 316 38.56 -34.54 37.44
CA PHE E 316 39.59 -34.97 38.39
C PHE E 316 38.97 -35.43 39.70
N LEU E 317 37.95 -34.71 40.18
CA LEU E 317 37.26 -35.08 41.41
C LEU E 317 36.41 -36.33 41.20
N LEU F 112 9.26 -23.07 57.36
CA LEU F 112 9.99 -22.13 58.19
C LEU F 112 10.50 -20.95 57.36
N LEU F 113 9.88 -20.74 56.20
CA LEU F 113 10.28 -19.62 55.35
C LEU F 113 10.01 -18.28 56.03
N TRP F 114 9.04 -18.24 56.95
CA TRP F 114 8.84 -17.06 57.78
C TRP F 114 10.10 -16.71 58.55
N VAL F 115 10.69 -17.71 59.20
CA VAL F 115 11.92 -17.49 59.98
C VAL F 115 13.06 -17.10 59.06
N SER F 116 13.11 -17.69 57.86
CA SER F 116 14.16 -17.33 56.91
C SER F 116 14.05 -15.87 56.47
N VAL F 117 12.83 -15.41 56.22
CA VAL F 117 12.63 -14.02 55.84
C VAL F 117 13.00 -13.09 56.98
N PHE F 118 12.61 -13.46 58.21
CA PHE F 118 12.97 -12.64 59.37
C PHE F 118 14.48 -12.59 59.54
N LEU F 119 15.17 -13.72 59.35
CA LEU F 119 16.62 -13.76 59.47
C LEU F 119 17.29 -12.90 58.41
N TYR F 120 16.78 -12.94 57.18
CA TYR F 120 17.33 -12.09 56.13
C TYR F 120 17.12 -10.61 56.45
N GLY F 121 15.96 -10.28 56.98
CA GLY F 121 15.71 -8.90 57.37
C GLY F 121 16.65 -8.43 58.47
N SER F 122 16.85 -9.28 59.48
CA SER F 122 17.79 -8.94 60.55
C SER F 122 19.21 -8.83 60.01
N PHE F 123 19.59 -9.71 59.09
CA PHE F 123 20.89 -9.62 58.42
C PHE F 123 21.06 -8.27 57.74
N TYR F 124 20.06 -7.86 56.96
CA TYR F 124 20.14 -6.58 56.25
C TYR F 124 20.22 -5.42 57.23
N TYR F 125 19.40 -5.46 58.28
CA TYR F 125 19.38 -4.37 59.24
C TYR F 125 20.72 -4.24 59.98
N SER F 126 21.28 -5.38 60.40
CA SER F 126 22.54 -5.34 61.14
C SER F 126 23.69 -4.92 60.25
N TYR F 127 23.74 -5.43 59.02
CA TYR F 127 24.89 -5.16 58.17
C TYR F 127 24.71 -3.93 57.29
N MET F 128 23.58 -3.23 57.41
CA MET F 128 23.38 -1.95 56.72
C MET F 128 22.91 -0.87 57.68
N PRO F 129 23.75 -0.46 58.63
CA PRO F 129 23.51 0.80 59.36
C PRO F 129 24.16 1.98 58.66
N THR F 130 23.81 2.17 57.38
CA THR F 130 24.55 3.07 56.51
C THR F 130 24.50 4.49 57.04
N VAL F 131 25.65 4.98 57.51
CA VAL F 131 25.80 6.38 57.88
C VAL F 131 25.92 7.15 56.57
N SER F 132 24.79 7.69 56.10
CA SER F 132 24.73 8.26 54.77
C SER F 132 23.62 9.29 54.74
N HIS F 133 23.69 10.20 53.77
CA HIS F 133 22.62 11.18 53.62
C HIS F 133 22.22 11.29 52.15
N LEU F 134 20.91 11.41 51.95
CA LEU F 134 20.27 11.47 50.63
C LEU F 134 19.62 12.84 50.50
N SER F 135 20.39 13.81 50.03
CA SER F 135 19.86 15.15 49.84
C SER F 135 19.05 15.22 48.55
N PRO F 136 17.76 15.56 48.64
CA PRO F 136 16.99 15.75 47.41
C PRO F 136 17.49 16.96 46.64
N VAL F 137 17.40 16.89 45.32
CA VAL F 137 17.85 17.96 44.45
C VAL F 137 16.66 18.48 43.67
N HIS F 138 16.47 19.79 43.70
CA HIS F 138 15.30 20.44 43.11
C HIS F 138 15.78 21.37 42.01
N PHE F 139 15.50 21.00 40.76
CA PHE F 139 16.00 21.76 39.62
C PHE F 139 14.98 22.83 39.22
N HIS F 140 15.38 24.08 39.30
CA HIS F 140 14.56 25.20 38.87
C HIS F 140 15.11 25.78 37.58
N TYR F 141 14.20 26.26 36.74
CA TYR F 141 14.50 26.64 35.36
C TYR F 141 14.30 28.13 35.18
N ARG F 142 14.38 28.55 33.91
CA ARG F 142 13.89 29.83 33.45
C ARG F 142 12.75 29.56 32.47
N THR F 143 11.74 30.45 32.47
CA THR F 143 10.55 30.21 31.67
C THR F 143 10.10 31.44 30.90
N ASP F 144 11.01 32.06 30.15
CA ASP F 144 10.70 33.24 29.37
C ASP F 144 10.61 32.98 27.87
N CYS F 145 10.78 31.74 27.43
CA CYS F 145 10.78 31.45 26.02
C CYS F 145 9.36 31.30 25.48
N ASP F 146 9.25 31.20 24.16
CA ASP F 146 7.95 31.03 23.51
C ASP F 146 7.36 29.66 23.83
N SER F 147 8.20 28.69 24.21
CA SER F 147 7.78 27.33 24.54
C SER F 147 7.07 26.63 23.39
N SER F 148 7.46 26.94 22.14
CA SER F 148 6.87 26.29 20.99
C SER F 148 7.38 24.86 20.80
N THR F 149 8.44 24.47 21.51
CA THR F 149 9.00 23.13 21.41
C THR F 149 9.23 22.60 22.82
N ALA F 150 9.39 21.28 22.90
CA ALA F 150 9.60 20.61 24.19
C ALA F 150 11.05 20.78 24.67
N SER F 151 11.42 22.04 24.87
CA SER F 151 12.75 22.39 25.37
C SER F 151 12.61 23.55 26.35
N LEU F 152 13.51 23.56 27.34
CA LEU F 152 13.49 24.59 28.37
C LEU F 152 14.23 25.82 27.89
N CYS F 153 14.48 26.76 28.79
CA CYS F 153 15.24 27.97 28.47
C CYS F 153 16.69 27.87 28.94
N SER F 154 16.89 27.65 30.23
CA SER F 154 18.22 27.56 30.82
C SER F 154 18.44 26.15 31.35
N PHE F 155 19.71 25.86 31.64
CA PHE F 155 20.07 24.52 32.09
C PHE F 155 19.53 24.26 33.49
N PRO F 156 19.04 23.06 33.77
CA PRO F 156 18.66 22.70 35.14
C PRO F 156 19.82 22.93 36.11
N VAL F 157 19.58 23.79 37.10
CA VAL F 157 20.55 24.12 38.14
C VAL F 157 19.88 23.89 39.49
N ALA F 158 20.72 23.68 40.50
CA ALA F 158 20.20 23.43 41.84
C ALA F 158 21.21 23.64 42.95
N ASN F 159 20.84 24.47 43.93
CA ASN F 159 21.56 24.54 45.20
C ASN F 159 20.99 23.52 46.15
N VAL F 160 21.88 22.74 46.78
CA VAL F 160 21.46 21.76 47.77
C VAL F 160 22.35 21.90 48.99
N SER F 161 21.74 21.97 50.17
CA SER F 161 22.46 22.12 51.42
C SER F 161 22.49 20.79 52.16
N LEU F 162 23.65 20.44 52.70
CA LEU F 162 23.85 19.17 53.37
C LEU F 162 23.50 19.22 54.85
N ALA F 163 23.17 20.39 55.39
CA ALA F 163 22.84 20.52 56.80
C ALA F 163 21.44 19.98 57.08
N ARG F 169 27.60 16.01 61.83
CA ARG F 169 27.50 16.09 60.38
C ARG F 169 27.78 14.74 59.74
N VAL F 170 28.02 14.75 58.42
CA VAL F 170 28.40 13.54 57.70
C VAL F 170 29.77 13.67 57.06
N LEU F 171 30.09 14.80 56.44
CA LEU F 171 31.38 14.99 55.78
C LEU F 171 32.38 15.49 56.82
N MET F 172 33.07 14.56 57.46
CA MET F 172 34.11 14.85 58.43
C MET F 172 35.47 14.51 57.84
N TYR F 173 36.51 14.62 58.65
CA TYR F 173 37.88 14.52 58.16
C TYR F 173 38.37 13.08 58.23
N GLY F 174 39.12 12.68 57.21
CA GLY F 174 39.74 11.36 57.17
C GLY F 174 38.98 10.26 56.48
N GLN F 175 37.71 10.06 56.86
CA GLN F 175 36.92 9.00 56.27
C GLN F 175 36.64 9.31 54.80
N PRO F 176 36.76 8.32 53.91
CA PRO F 176 36.39 8.55 52.50
C PRO F 176 34.90 8.32 52.28
N TYR F 177 34.33 9.13 51.39
CA TYR F 177 32.93 8.98 51.00
C TYR F 177 32.83 9.08 49.48
N ARG F 178 31.77 8.47 48.94
CA ARG F 178 31.51 8.45 47.51
C ARG F 178 30.32 9.36 47.21
N VAL F 179 30.59 10.52 46.63
CA VAL F 179 29.56 11.49 46.29
C VAL F 179 29.06 11.18 44.89
N THR F 180 27.77 10.88 44.77
CA THR F 180 27.14 10.60 43.50
C THR F 180 25.82 11.35 43.41
N LEU F 181 25.32 11.47 42.19
CA LEU F 181 24.03 12.10 41.90
C LEU F 181 23.16 11.09 41.15
N GLU F 182 22.34 10.36 41.90
CA GLU F 182 21.41 9.44 41.28
C GLU F 182 20.35 10.23 40.52
N LEU F 183 20.16 9.89 39.24
CA LEU F 183 19.35 10.67 38.33
C LEU F 183 18.26 9.78 37.77
N GLU F 184 17.02 10.26 37.78
CA GLU F 184 15.85 9.48 37.39
C GLU F 184 15.31 10.03 36.07
N LEU F 185 15.46 9.25 35.01
CA LEU F 185 15.02 9.67 33.68
C LEU F 185 13.87 8.79 33.20
N PRO F 186 12.99 9.31 32.37
CA PRO F 186 12.07 8.45 31.63
C PRO F 186 12.68 7.99 30.32
N GLU F 187 12.27 6.80 29.90
CA GLU F 187 12.75 6.24 28.65
C GLU F 187 11.92 6.77 27.49
N SER F 188 11.73 8.05 27.45
CA SER F 188 10.94 8.70 26.42
C SER F 188 11.76 8.92 25.16
N PRO F 189 11.11 8.98 24.00
CA PRO F 189 11.84 9.23 22.76
C PRO F 189 12.65 10.52 22.78
N VAL F 190 12.22 11.52 23.55
CA VAL F 190 13.02 12.73 23.68
C VAL F 190 14.34 12.44 24.40
N ASN F 191 14.35 11.48 25.32
CA ASN F 191 15.56 11.13 26.05
C ASN F 191 16.48 10.19 25.30
N GLN F 192 15.94 9.28 24.49
CA GLN F 192 16.79 8.39 23.71
C GLN F 192 17.50 9.14 22.60
N ASP F 193 16.86 10.17 22.04
CA ASP F 193 17.48 10.97 20.99
C ASP F 193 18.33 12.11 21.54
N LEU F 194 18.39 12.27 22.86
CA LEU F 194 19.14 13.37 23.44
C LEU F 194 20.64 13.19 23.27
N GLY F 195 21.13 12.00 23.56
CA GLY F 195 22.56 11.75 23.48
C GLY F 195 23.30 12.14 24.73
N MET F 196 24.59 12.39 24.58
CA MET F 196 25.44 12.74 25.71
C MET F 196 25.06 14.10 26.29
N PHE F 197 25.23 14.23 27.60
CA PHE F 197 25.03 15.51 28.26
C PHE F 197 25.89 15.57 29.50
N LEU F 198 26.33 16.79 29.83
CA LEU F 198 27.33 17.05 30.85
C LEU F 198 26.67 17.40 32.17
N VAL F 199 27.18 16.79 33.24
CA VAL F 199 26.73 17.03 34.61
C VAL F 199 27.90 17.62 35.39
N THR F 200 27.66 18.78 36.02
CA THR F 200 28.70 19.46 36.76
C THR F 200 28.27 19.66 38.21
N VAL F 201 29.21 19.43 39.12
CA VAL F 201 28.99 19.62 40.54
C VAL F 201 30.05 20.57 41.09
N SER F 202 29.62 21.50 41.93
CA SER F 202 30.54 22.47 42.53
C SER F 202 30.20 22.58 44.01
N CYS F 203 31.06 22.04 44.86
CA CYS F 203 30.87 22.19 46.30
C CYS F 203 31.32 23.58 46.73
N TYR F 204 30.53 24.22 47.59
CA TYR F 204 30.78 25.60 47.96
C TYR F 204 31.03 25.73 49.45
N THR F 205 31.67 26.84 49.82
CA THR F 205 31.93 27.19 51.21
C THR F 205 30.72 27.93 51.77
N ARG F 206 30.86 28.40 53.02
CA ARG F 206 29.81 29.20 53.63
C ARG F 206 29.66 30.56 52.94
N GLY F 207 30.76 31.17 52.53
CA GLY F 207 30.76 32.48 51.92
C GLY F 207 30.58 32.50 50.41
N GLY F 208 30.32 31.36 49.78
CA GLY F 208 30.13 31.29 48.35
C GLY F 208 31.32 30.78 47.58
N ARG F 209 32.50 30.74 48.18
CA ARG F 209 33.68 30.22 47.50
C ARG F 209 33.49 28.73 47.19
N ILE F 210 34.07 28.29 46.08
CA ILE F 210 33.89 26.92 45.62
C ILE F 210 34.98 26.04 46.22
N ILE F 211 34.57 24.92 46.80
CA ILE F 211 35.53 23.99 47.39
C ILE F 211 36.15 23.10 46.31
N SER F 212 35.32 22.27 45.67
CA SER F 212 35.80 21.33 44.68
C SER F 212 34.85 21.34 43.48
N THR F 213 35.42 21.44 42.30
CA THR F 213 34.68 21.40 41.04
C THR F 213 34.96 20.11 40.30
N SER F 214 33.90 19.46 39.85
CA SER F 214 34.01 18.21 39.11
C SER F 214 33.16 18.33 37.86
N SER F 215 33.20 17.28 37.04
CA SER F 215 32.41 17.21 35.81
C SER F 215 32.42 15.79 35.30
N ARG F 216 31.27 15.36 34.77
CA ARG F 216 31.11 14.04 34.20
C ARG F 216 30.20 14.17 32.98
N SER F 217 30.21 13.15 32.13
CA SER F 217 29.30 13.08 31.00
C SER F 217 28.49 11.81 31.12
N VAL F 218 27.16 11.95 31.15
CA VAL F 218 26.30 10.80 31.36
C VAL F 218 25.27 10.73 30.23
N MET F 219 24.88 9.51 29.90
CA MET F 219 23.95 9.29 28.79
C MET F 219 23.10 8.07 29.11
N LEU F 220 21.86 8.09 28.62
CA LEU F 220 20.87 7.09 28.96
C LEU F 220 21.20 5.77 28.27
N HIS F 221 21.14 4.68 29.03
CA HIS F 221 21.48 3.36 28.50
C HIS F 221 20.59 3.01 27.32
N TYR F 222 21.23 2.63 26.21
CA TYR F 222 20.50 2.30 24.99
C TYR F 222 19.92 0.89 25.07
N ARG F 223 18.65 0.78 24.70
CA ARG F 223 18.00 -0.52 24.53
C ARG F 223 17.16 -0.46 23.25
N SER F 224 17.25 -1.52 22.45
CA SER F 224 16.60 -1.52 21.16
C SER F 224 15.08 -1.52 21.32
N GLN F 225 14.39 -1.14 20.24
CA GLN F 225 12.93 -1.05 20.28
C GLN F 225 12.30 -2.40 20.55
N LEU F 226 12.83 -3.46 19.93
CA LEU F 226 12.35 -4.80 20.22
C LEU F 226 12.60 -5.16 21.69
N LEU F 227 13.75 -4.77 22.21
CA LEU F 227 14.03 -5.01 23.63
C LEU F 227 13.06 -4.25 24.52
N GLN F 228 12.75 -3.00 24.17
CA GLN F 228 11.78 -2.22 24.94
C GLN F 228 10.41 -2.89 24.92
N VAL F 229 9.99 -3.36 23.76
CA VAL F 229 8.69 -4.00 23.63
C VAL F 229 8.64 -5.29 24.46
N LEU F 230 9.70 -6.09 24.39
CA LEU F 230 9.73 -7.33 25.15
C LEU F 230 9.74 -7.06 26.65
N ASP F 231 10.46 -6.02 27.08
CA ASP F 231 10.44 -5.60 28.47
C ASP F 231 9.04 -5.20 28.89
N THR F 232 8.38 -4.35 28.10
CA THR F 232 7.02 -3.92 28.40
C THR F 232 6.05 -5.09 28.49
N LEU F 233 6.26 -6.12 27.67
CA LEU F 233 5.38 -7.28 27.69
C LEU F 233 5.63 -8.17 28.91
N LEU F 234 6.89 -8.49 29.20
CA LEU F 234 7.17 -9.45 30.26
C LEU F 234 7.03 -8.82 31.65
N PHE F 235 7.47 -7.58 31.82
CA PHE F 235 7.32 -6.85 33.07
C PHE F 235 6.01 -6.09 33.14
N SER F 236 4.99 -6.54 32.39
CA SER F 236 3.76 -5.76 32.27
C SER F 236 3.03 -5.63 33.59
N SER F 237 2.99 -6.69 34.38
CA SER F 237 2.21 -6.65 35.62
C SER F 237 2.78 -5.62 36.59
N LEU F 238 4.10 -5.60 36.76
CA LEU F 238 4.71 -4.64 37.67
C LEU F 238 4.50 -3.21 37.20
N LEU F 239 4.56 -2.97 35.88
CA LEU F 239 4.34 -1.62 35.36
C LEU F 239 2.88 -1.22 35.50
N LEU F 240 1.96 -2.18 35.42
CA LEU F 240 0.54 -1.87 35.52
C LEU F 240 0.14 -1.57 36.96
N PHE F 241 0.65 -2.35 37.92
CA PHE F 241 0.28 -2.19 39.31
C PHE F 241 1.07 -1.09 40.01
N GLY F 242 2.02 -0.45 39.33
CA GLY F 242 2.79 0.63 39.92
C GLY F 242 4.05 0.20 40.64
N PHE F 243 4.34 -1.10 40.71
CA PHE F 243 5.58 -1.55 41.33
C PHE F 243 6.79 -1.07 40.53
N ALA F 244 6.79 -1.33 39.23
CA ALA F 244 7.89 -0.94 38.36
C ALA F 244 7.46 0.22 37.47
N GLU F 245 8.46 0.90 36.90
CA GLU F 245 8.22 2.03 36.03
C GLU F 245 9.29 2.08 34.96
N GLN F 246 8.89 2.47 33.74
CA GLN F 246 9.81 2.53 32.61
C GLN F 246 10.72 3.75 32.75
N LYS F 247 11.72 3.59 33.61
CA LYS F 247 12.63 4.67 33.94
C LYS F 247 14.05 4.15 34.02
N GLN F 248 14.99 5.07 33.88
CA GLN F 248 16.42 4.79 34.00
C GLN F 248 16.95 5.47 35.25
N LEU F 249 17.75 4.75 36.02
CA LEU F 249 18.40 5.28 37.21
C LEU F 249 19.89 5.37 36.93
N LEU F 250 20.34 6.53 36.47
CA LEU F 250 21.77 6.74 36.27
C LEU F 250 22.43 7.09 37.59
N GLU F 251 23.70 6.72 37.71
CA GLU F 251 24.49 7.00 38.90
C GLU F 251 25.73 7.78 38.47
N VAL F 252 25.58 9.09 38.35
CA VAL F 252 26.71 9.95 38.02
C VAL F 252 27.62 10.00 39.25
N GLU F 253 28.75 9.30 39.18
CA GLU F 253 29.68 9.18 40.30
C GLU F 253 30.56 10.43 40.33
N LEU F 254 30.07 11.44 41.06
CA LEU F 254 30.75 12.73 41.08
C LEU F 254 32.10 12.65 41.78
N TYR F 255 32.26 11.76 42.75
CA TYR F 255 33.49 11.65 43.52
C TYR F 255 33.67 10.22 43.99
N SER F 256 34.68 9.53 43.46
CA SER F 256 34.95 8.16 43.86
C SER F 256 35.45 8.05 45.29
N ASP F 257 36.27 9.01 45.74
CA ASP F 257 36.71 9.06 47.13
C ASP F 257 36.81 10.53 47.53
N TYR F 258 35.93 10.96 48.44
CA TYR F 258 35.92 12.33 48.93
C TYR F 258 36.51 12.36 50.33
N ARG F 259 37.36 13.36 50.58
CA ARG F 259 37.93 13.60 51.88
C ARG F 259 37.79 15.08 52.22
N GLU F 260 37.11 15.38 53.32
CA GLU F 260 36.78 16.76 53.66
C GLU F 260 38.03 17.54 54.03
N ASN F 261 38.11 18.78 53.55
CA ASN F 261 39.16 19.68 53.98
C ASN F 261 38.97 20.05 55.44
N SER F 262 40.07 20.09 56.19
CA SER F 262 39.98 20.36 57.62
C SER F 262 39.54 21.79 57.91
N TYR F 263 40.07 22.75 57.16
CA TYR F 263 39.80 24.16 57.45
C TYR F 263 38.38 24.57 57.08
N VAL F 264 37.88 24.15 55.92
CA VAL F 264 36.57 24.57 55.46
C VAL F 264 35.71 23.34 55.16
N PRO F 265 34.62 23.12 55.88
CA PRO F 265 33.74 22.00 55.60
C PRO F 265 32.86 22.28 54.38
N THR F 266 32.22 21.23 53.89
CA THR F 266 31.37 21.31 52.71
C THR F 266 29.96 21.68 53.13
N THR F 267 29.57 22.93 52.88
CA THR F 267 28.22 23.36 53.22
C THR F 267 27.18 22.75 52.28
N GLY F 268 27.46 22.76 50.98
CA GLY F 268 26.51 22.24 50.03
C GLY F 268 27.08 22.22 48.63
N ALA F 269 26.23 21.84 47.69
CA ALA F 269 26.63 21.60 46.31
C ALA F 269 25.70 22.32 45.35
N ILE F 270 26.27 22.94 44.32
CA ILE F 270 25.51 23.45 43.18
C ILE F 270 25.68 22.46 42.03
N ILE F 271 24.57 21.95 41.52
CA ILE F 271 24.57 20.89 40.52
C ILE F 271 23.88 21.41 39.27
N GLU F 272 24.44 21.05 38.11
CA GLU F 272 23.93 21.55 36.85
C GLU F 272 23.95 20.44 35.82
N ILE F 273 22.89 20.39 35.01
CA ILE F 273 22.82 19.51 33.86
C ILE F 273 22.73 20.37 32.61
N HIS F 274 23.68 20.20 31.70
CA HIS F 274 23.79 21.05 30.51
C HIS F 274 23.00 20.50 29.33
N SER F 275 21.74 20.19 29.56
CA SER F 275 20.84 19.74 28.51
C SER F 275 19.53 20.50 28.61
N LYS F 276 19.09 21.07 27.50
CA LYS F 276 17.83 21.81 27.42
C LYS F 276 16.65 20.91 27.09
N ARG F 277 16.87 19.60 27.00
CA ARG F 277 15.82 18.67 26.64
C ARG F 277 15.78 17.44 27.54
N ILE F 278 16.54 17.42 28.62
CA ILE F 278 16.65 16.21 29.43
C ILE F 278 15.39 16.03 30.28
N GLN F 279 14.50 15.15 29.84
CA GLN F 279 13.33 14.83 30.64
C GLN F 279 13.75 14.02 31.86
N MET F 280 13.28 14.40 33.03
CA MET F 280 13.65 13.71 34.26
C MET F 280 12.59 13.94 35.32
N TYR F 281 12.60 13.06 36.33
CA TYR F 281 11.66 13.10 37.44
C TYR F 281 12.23 13.76 38.68
N GLY F 282 13.46 13.41 39.07
CA GLY F 282 14.06 13.95 40.27
C GLY F 282 15.54 13.61 40.31
N ALA F 283 16.15 13.89 41.45
CA ALA F 283 17.58 13.68 41.60
C ALA F 283 17.95 13.64 43.09
N TYR F 284 18.88 12.76 43.44
CA TYR F 284 19.41 12.67 44.79
C TYR F 284 20.92 12.84 44.78
N LEU F 285 21.44 13.56 45.76
CA LEU F 285 22.89 13.70 45.94
C LEU F 285 23.27 12.85 47.15
N ARG F 286 23.50 11.57 46.90
CA ARG F 286 23.76 10.62 47.97
C ARG F 286 25.23 10.63 48.36
N ILE F 287 25.48 10.69 49.67
CA ILE F 287 26.84 10.59 50.21
C ILE F 287 26.86 9.48 51.24
N HIS F 288 27.87 8.62 51.14
CA HIS F 288 27.99 7.37 51.88
C HIS F 288 29.46 7.05 52.04
N ALA F 289 29.84 6.57 53.23
CA ALA F 289 31.22 6.17 53.47
C ALA F 289 31.64 5.06 52.51
N HIS F 290 32.92 5.06 52.13
CA HIS F 290 33.40 4.21 51.06
C HIS F 290 33.56 2.74 51.45
N PHE F 291 33.37 2.39 52.71
CA PHE F 291 33.44 1.00 53.13
C PHE F 291 32.45 0.16 52.33
N THR F 292 32.95 -0.72 51.47
CA THR F 292 32.07 -1.42 50.55
C THR F 292 32.25 -2.93 50.55
N GLY F 293 33.48 -3.42 50.75
CA GLY F 293 33.78 -4.81 50.44
C GLY F 293 32.88 -5.80 51.15
N LEU F 294 32.63 -5.59 52.44
CA LEU F 294 31.73 -6.48 53.18
C LEU F 294 30.31 -6.38 52.65
N ARG F 295 29.85 -5.17 52.34
CA ARG F 295 28.47 -4.92 51.93
C ARG F 295 28.33 -4.73 50.43
N TYR F 296 29.37 -5.04 49.64
CA TYR F 296 29.36 -4.74 48.21
C TYR F 296 28.12 -5.29 47.52
N LEU F 297 27.80 -6.56 47.77
CA LEU F 297 26.61 -7.15 47.16
C LEU F 297 25.36 -6.42 47.59
N LEU F 298 25.23 -6.12 48.90
CA LEU F 298 24.08 -5.36 49.37
C LEU F 298 24.11 -3.92 48.88
N TYR F 299 25.31 -3.34 48.77
CA TYR F 299 25.43 -1.94 48.37
C TYR F 299 25.08 -1.76 46.89
N ASN F 300 25.19 -2.83 46.09
CA ASN F 300 25.00 -2.68 44.65
C ASN F 300 23.95 -3.61 44.06
N PHE F 301 23.84 -4.83 44.58
CA PHE F 301 22.97 -5.86 44.00
C PHE F 301 22.04 -6.42 45.07
N PRO F 302 20.96 -5.71 45.38
CA PRO F 302 20.10 -6.12 46.51
C PRO F 302 19.32 -7.40 46.29
N MET F 303 18.70 -7.56 45.11
CA MET F 303 17.82 -8.70 44.86
C MET F 303 18.59 -10.01 44.97
N THR F 304 19.81 -10.06 44.45
CA THR F 304 20.64 -11.24 44.60
C THR F 304 20.93 -11.54 46.07
N CYS F 305 21.16 -10.49 46.87
CA CYS F 305 21.36 -10.69 48.30
C CYS F 305 20.13 -11.32 48.94
N ALA F 306 18.95 -10.81 48.60
CA ALA F 306 17.73 -11.38 49.15
C ALA F 306 17.60 -12.85 48.77
N PHE F 307 17.79 -13.16 47.49
CA PHE F 307 17.68 -14.55 47.04
C PHE F 307 18.66 -15.45 47.79
N VAL F 308 19.94 -15.08 47.81
CA VAL F 308 20.95 -15.92 48.42
C VAL F 308 20.71 -16.07 49.92
N GLY F 309 20.42 -14.97 50.60
CA GLY F 309 20.22 -15.03 52.04
C GLY F 309 19.00 -15.86 52.41
N VAL F 310 17.89 -15.67 51.69
CA VAL F 310 16.69 -16.43 51.98
C VAL F 310 16.92 -17.92 51.73
N ALA F 311 17.55 -18.25 50.60
CA ALA F 311 17.82 -19.66 50.30
C ALA F 311 18.73 -20.28 51.35
N SER F 312 19.80 -19.59 51.72
CA SER F 312 20.73 -20.12 52.70
C SER F 312 20.07 -20.30 54.07
N ASN F 313 19.27 -19.31 54.49
CA ASN F 313 18.62 -19.41 55.80
C ASN F 313 17.57 -20.50 55.81
N PHE F 314 16.84 -20.67 54.71
CA PHE F 314 15.82 -21.72 54.63
C PHE F 314 16.46 -23.10 54.63
N THR F 315 17.55 -23.27 53.90
CA THR F 315 18.27 -24.53 53.93
C THR F 315 18.85 -24.80 55.31
N PHE F 316 19.39 -23.78 55.96
CA PHE F 316 19.92 -23.95 57.31
C PHE F 316 18.81 -24.28 58.29
N LEU F 317 17.65 -23.66 58.14
CA LEU F 317 16.51 -23.93 59.00
C LEU F 317 15.91 -25.29 58.70
N LEU G 112 -17.20 -14.83 58.87
CA LEU G 112 -16.80 -13.74 59.75
C LEU G 112 -16.13 -12.62 58.95
N LEU G 113 -16.23 -12.70 57.63
CA LEU G 113 -15.64 -11.67 56.78
C LEU G 113 -16.27 -10.31 57.03
N TRP G 114 -17.54 -10.28 57.42
CA TRP G 114 -18.18 -9.03 57.82
C TRP G 114 -17.47 -8.43 59.03
N VAL G 115 -17.15 -9.27 60.02
CA VAL G 115 -16.41 -8.81 61.19
C VAL G 115 -15.04 -8.31 60.78
N SER G 116 -14.37 -9.01 59.87
CA SER G 116 -13.04 -8.61 59.42
C SER G 116 -13.08 -7.25 58.72
N VAL G 117 -14.08 -7.03 57.88
CA VAL G 117 -14.19 -5.77 57.16
C VAL G 117 -14.48 -4.64 58.13
N PHE G 118 -15.37 -4.89 59.10
CA PHE G 118 -15.64 -3.87 60.12
C PHE G 118 -14.38 -3.56 60.93
N LEU G 119 -13.59 -4.59 61.25
CA LEU G 119 -12.35 -4.38 61.99
C LEU G 119 -11.35 -3.57 61.19
N TYR G 120 -11.24 -3.84 59.88
CA TYR G 120 -10.35 -3.04 59.04
C TYR G 120 -10.82 -1.59 58.96
N GLY G 121 -12.13 -1.38 58.87
CA GLY G 121 -12.64 -0.02 58.85
C GLY G 121 -12.35 0.73 60.13
N SER G 122 -12.54 0.05 61.27
CA SER G 122 -12.22 0.68 62.56
C SER G 122 -10.73 0.94 62.68
N PHE G 123 -9.90 0.01 62.18
CA PHE G 123 -8.45 0.22 62.13
C PHE G 123 -8.11 1.49 61.37
N TYR G 124 -8.68 1.65 60.18
CA TYR G 124 -8.40 2.83 59.37
C TYR G 124 -8.89 4.10 60.05
N TYR G 125 -10.08 4.05 60.65
CA TYR G 125 -10.63 5.23 61.29
C TYR G 125 -9.79 5.65 62.49
N SER G 126 -9.39 4.69 63.32
CA SER G 126 -8.60 5.02 64.50
C SER G 126 -7.20 5.51 64.13
N TYR G 127 -6.57 4.87 63.15
CA TYR G 127 -5.18 5.22 62.85
C TYR G 127 -5.07 6.31 61.81
N MET G 128 -6.19 6.85 61.32
CA MET G 128 -6.18 8.01 60.43
C MET G 128 -7.13 9.10 60.91
N PRO G 129 -6.82 9.73 62.06
CA PRO G 129 -7.50 10.98 62.42
C PRO G 129 -6.74 12.20 61.89
N THR G 130 -6.58 12.24 60.57
CA THR G 130 -5.66 13.18 59.95
C THR G 130 -6.03 14.62 60.27
N VAL G 131 -5.17 15.28 61.04
CA VAL G 131 -5.31 16.72 61.26
C VAL G 131 -4.68 17.39 60.05
N SER G 132 -5.47 17.60 59.00
CA SER G 132 -4.95 18.03 57.72
C SER G 132 -6.00 18.88 57.03
N HIS G 133 -5.56 19.70 56.09
CA HIS G 133 -6.50 20.49 55.31
C HIS G 133 -6.19 20.36 53.83
N LEU G 134 -7.26 20.39 53.03
CA LEU G 134 -7.21 20.15 51.59
C LEU G 134 -7.83 21.38 50.91
N SER G 135 -7.03 22.40 50.69
CA SER G 135 -7.53 23.61 50.05
C SER G 135 -7.67 23.37 48.55
N PRO G 136 -8.87 23.48 47.99
CA PRO G 136 -8.99 23.37 46.53
C PRO G 136 -8.35 24.58 45.86
N VAL G 137 -7.73 24.33 44.71
CA VAL G 137 -7.05 25.36 43.95
C VAL G 137 -7.78 25.55 42.63
N HIS G 138 -8.15 26.78 42.33
CA HIS G 138 -8.92 27.11 41.14
C HIS G 138 -8.07 27.99 40.23
N PHE G 139 -7.66 27.44 39.10
CA PHE G 139 -6.79 28.15 38.18
C PHE G 139 -7.62 28.94 37.19
N HIS G 140 -7.39 30.25 37.16
CA HIS G 140 -8.07 31.14 36.23
C HIS G 140 -7.07 31.74 35.26
N TYR G 141 -7.53 31.97 34.03
CA TYR G 141 -6.68 32.28 32.89
C TYR G 141 -6.93 33.71 32.42
N ARG G 142 -6.26 34.05 31.33
CA ARG G 142 -6.61 35.18 30.48
C ARG G 142 -7.07 34.61 29.14
N THR G 143 -8.07 35.23 28.52
CA THR G 143 -8.67 34.69 27.31
C THR G 143 -8.86 35.76 26.24
N ASP G 144 -7.82 36.53 25.93
CA ASP G 144 -7.90 37.57 24.93
C ASP G 144 -7.21 37.22 23.61
N CYS G 145 -6.76 35.97 23.46
CA CYS G 145 -6.02 35.61 22.26
C CYS G 145 -6.97 35.14 21.16
N ASP G 146 -6.38 34.85 19.99
CA ASP G 146 -7.17 34.38 18.85
C ASP G 146 -7.71 32.98 19.10
N SER G 147 -7.06 32.20 19.96
CA SER G 147 -7.46 30.83 20.30
C SER G 147 -7.45 29.91 19.08
N SER G 148 -6.56 30.16 18.12
CA SER G 148 -6.48 29.30 16.95
C SER G 148 -5.87 27.94 17.25
N THR G 149 -5.22 27.78 18.40
CA THR G 149 -4.61 26.52 18.80
C THR G 149 -5.03 26.20 20.23
N ALA G 150 -4.81 24.95 20.62
CA ALA G 150 -5.19 24.48 21.95
C ALA G 150 -4.17 24.93 23.00
N SER G 151 -3.92 26.22 23.08
CA SER G 151 -3.01 26.79 24.06
C SER G 151 -3.65 28.02 24.69
N LEU G 152 -3.35 28.26 25.95
CA LEU G 152 -3.93 29.37 26.69
C LEU G 152 -3.14 30.65 26.38
N CYS G 153 -3.51 31.74 27.07
CA CYS G 153 -2.81 33.01 26.90
C CYS G 153 -1.73 33.20 27.96
N SER G 154 -2.10 33.15 29.23
CA SER G 154 -1.18 33.35 30.33
C SER G 154 -1.08 32.07 31.15
N PHE G 155 -0.11 32.04 32.05
CA PHE G 155 0.12 30.86 32.87
C PHE G 155 -0.99 30.70 33.90
N PRO G 156 -1.44 29.48 34.16
CA PRO G 156 -2.39 29.26 35.25
C PRO G 156 -1.85 29.76 36.58
N VAL G 157 -2.58 30.70 37.19
CA VAL G 157 -2.26 31.25 38.49
C VAL G 157 -3.48 31.09 39.38
N ALA G 158 -3.24 31.02 40.69
CA ALA G 158 -4.35 30.81 41.61
C ALA G 158 -4.00 31.30 43.01
N ASN G 159 -4.82 32.18 43.55
CA ASN G 159 -4.80 32.51 44.97
C ASN G 159 -5.62 31.49 45.74
N VAL G 160 -5.09 31.04 46.87
CA VAL G 160 -5.82 30.14 47.75
C VAL G 160 -5.66 30.64 49.17
N SER G 161 -6.77 30.66 49.91
CA SER G 161 -6.80 31.10 51.29
C SER G 161 -7.04 29.89 52.19
N LEU G 162 -6.25 29.79 53.26
CA LEU G 162 -6.30 28.66 54.17
C LEU G 162 -7.29 28.87 55.32
N ALA G 163 -7.94 30.02 55.38
CA ALA G 163 -8.90 30.30 56.45
C ALA G 163 -10.17 29.48 56.28
N ARG G 169 -6.70 27.20 63.72
CA ARG G 169 -5.94 27.08 62.48
C ARG G 169 -5.35 25.69 62.33
N VAL G 170 -4.62 25.48 61.23
CA VAL G 170 -3.90 24.25 61.00
C VAL G 170 -2.39 24.45 60.98
N LEU G 171 -1.92 25.61 60.55
CA LEU G 171 -0.49 25.91 60.53
C LEU G 171 -0.11 26.55 61.86
N MET G 172 0.32 25.72 62.80
CA MET G 172 0.76 26.16 64.12
C MET G 172 2.26 25.86 64.27
N TYR G 173 2.76 26.00 65.49
CA TYR G 173 4.19 25.98 65.73
C TYR G 173 4.62 24.69 66.41
N GLY G 174 5.85 24.29 66.15
CA GLY G 174 6.41 23.06 66.70
C GLY G 174 6.24 21.84 65.83
N GLN G 175 5.01 21.60 65.37
CA GLN G 175 4.74 20.46 64.52
C GLN G 175 5.21 20.75 63.09
N PRO G 176 5.91 19.82 62.45
CA PRO G 176 6.20 19.98 61.02
C PRO G 176 5.11 19.40 60.14
N TYR G 177 4.93 20.02 58.97
CA TYR G 177 3.93 19.58 58.02
C TYR G 177 4.54 19.54 56.62
N ARG G 178 3.95 18.68 55.77
CA ARG G 178 4.41 18.49 54.40
C ARG G 178 3.42 19.16 53.46
N VAL G 179 3.84 20.26 52.84
CA VAL G 179 3.00 21.02 51.92
C VAL G 179 3.20 20.48 50.51
N THR G 180 2.13 19.97 49.91
CA THR G 180 2.18 19.42 48.56
C THR G 180 0.99 19.94 47.76
N LEU G 181 1.14 19.90 46.44
CA LEU G 181 0.09 20.28 45.49
C LEU G 181 -0.23 19.08 44.61
N GLU G 182 -1.19 18.26 45.05
CA GLU G 182 -1.62 17.12 44.25
C GLU G 182 -2.28 17.62 42.98
N LEU G 183 -1.73 17.26 41.83
CA LEU G 183 -2.13 17.79 40.54
C LEU G 183 -2.71 16.66 39.70
N GLU G 184 -3.86 16.92 39.08
CA GLU G 184 -4.61 15.92 38.34
C GLU G 184 -4.51 16.23 36.85
N LEU G 185 -3.76 15.40 36.12
CA LEU G 185 -3.56 15.59 34.70
C LEU G 185 -4.24 14.48 33.91
N PRO G 186 -4.72 14.78 32.70
CA PRO G 186 -5.09 13.71 31.77
C PRO G 186 -3.89 13.24 30.96
N GLU G 187 -4.00 12.01 30.47
CA GLU G 187 -2.97 11.38 29.65
C GLU G 187 -3.14 11.69 28.17
N SER G 188 -3.74 12.83 27.84
CA SER G 188 -3.99 13.20 26.46
C SER G 188 -2.66 13.40 25.73
N PRO G 189 -2.64 13.21 24.41
CA PRO G 189 -1.38 13.42 23.66
C PRO G 189 -0.81 14.80 23.81
N VAL G 190 -1.63 15.80 24.12
CA VAL G 190 -1.10 17.15 24.36
C VAL G 190 -0.24 17.17 25.60
N ASN G 191 -0.58 16.36 26.62
CA ASN G 191 0.19 16.35 27.85
C ASN G 191 1.43 15.48 27.76
N GLN G 192 1.38 14.37 27.03
CA GLN G 192 2.57 13.53 26.86
C GLN G 192 3.63 14.22 26.03
N ASP G 193 3.21 15.04 25.06
CA ASP G 193 4.15 15.79 24.23
C ASP G 193 4.55 17.12 24.86
N LEU G 194 4.03 17.44 26.04
CA LEU G 194 4.33 18.72 26.67
C LEU G 194 5.76 18.77 27.21
N GLY G 195 6.08 17.88 28.14
CA GLY G 195 7.40 17.85 28.72
C GLY G 195 7.45 18.46 30.11
N MET G 196 8.65 18.89 30.48
CA MET G 196 8.86 19.49 31.79
C MET G 196 8.15 20.83 31.89
N PHE G 197 7.65 21.14 33.09
CA PHE G 197 7.05 22.43 33.37
C PHE G 197 7.23 22.76 34.84
N LEU G 198 7.38 24.05 35.11
CA LEU G 198 7.75 24.56 36.43
C LEU G 198 6.50 24.94 37.22
N VAL G 199 6.50 24.57 38.50
CA VAL G 199 5.42 24.89 39.44
C VAL G 199 6.01 25.73 40.56
N THR G 200 5.42 26.90 40.79
CA THR G 200 5.91 27.83 41.79
C THR G 200 4.82 28.11 42.82
N VAL G 201 5.22 28.15 44.09
CA VAL G 201 4.32 28.46 45.18
C VAL G 201 4.92 29.58 46.01
N SER G 202 4.06 30.51 46.45
CA SER G 202 4.51 31.66 47.23
C SER G 202 3.48 31.87 48.34
N CYS G 203 3.87 31.55 49.57
CA CYS G 203 2.99 31.84 50.70
C CYS G 203 3.08 33.31 51.05
N TYR G 204 1.92 33.93 51.29
CA TYR G 204 1.85 35.37 51.47
C TYR G 204 1.31 35.72 52.85
N THR G 205 1.60 36.94 53.27
CA THR G 205 1.12 37.48 54.53
C THR G 205 -0.26 38.11 54.33
N ARG G 206 -0.78 38.72 55.40
CA ARG G 206 -2.06 39.42 55.29
C ARG G 206 -1.93 40.68 54.43
N GLY G 207 -0.80 41.37 54.52
CA GLY G 207 -0.58 42.60 53.80
C GLY G 207 -0.03 42.46 52.40
N GLY G 208 0.12 41.24 51.89
CA GLY G 208 0.64 41.00 50.56
C GLY G 208 2.09 40.57 50.53
N ARG G 209 2.83 40.75 51.62
CA ARG G 209 4.21 40.32 51.67
C ARG G 209 4.30 38.81 51.55
N ILE G 210 5.41 38.32 50.99
CA ILE G 210 5.60 36.90 50.73
C ILE G 210 6.32 36.25 51.90
N ILE G 211 5.78 35.13 52.39
CA ILE G 211 6.40 34.43 53.50
C ILE G 211 7.53 33.52 53.01
N SER G 212 7.19 32.53 52.19
CA SER G 212 8.16 31.57 51.68
C SER G 212 7.86 31.26 50.23
N THR G 213 8.89 31.38 49.38
CA THR G 213 8.80 31.07 47.97
C THR G 213 9.51 29.75 47.68
N SER G 214 8.88 28.93 46.85
CA SER G 214 9.45 27.66 46.45
C SER G 214 9.24 27.48 44.96
N SER G 215 9.91 26.47 44.40
CA SER G 215 9.77 26.16 42.99
C SER G 215 10.22 24.72 42.76
N ARG G 216 9.47 24.01 41.92
CA ARG G 216 9.78 22.64 41.56
C ARG G 216 9.54 22.48 40.07
N SER G 217 10.09 21.41 39.50
CA SER G 217 9.84 21.08 38.10
C SER G 217 9.16 19.72 38.08
N VAL G 218 7.95 19.67 37.54
CA VAL G 218 7.18 18.43 37.54
C VAL G 218 6.79 18.11 36.11
N MET G 219 6.68 16.82 35.82
CA MET G 219 6.40 16.34 34.47
C MET G 219 5.62 15.03 34.56
N LEU G 220 4.78 14.81 33.55
CA LEU G 220 3.92 13.63 33.52
C LEU G 220 4.75 12.36 33.41
N HIS G 221 4.37 11.34 34.18
CA HIS G 221 5.01 10.04 34.06
C HIS G 221 4.80 9.47 32.67
N TYR G 222 5.87 8.90 32.10
CA TYR G 222 5.81 8.38 30.74
C TYR G 222 5.52 6.89 30.75
N ARG G 223 4.60 6.48 29.87
CA ARG G 223 4.32 5.07 29.63
C ARG G 223 4.22 4.87 28.13
N SER G 224 4.77 3.77 27.63
CA SER G 224 4.80 3.51 26.21
C SER G 224 3.38 3.27 25.68
N GLN G 225 3.24 3.40 24.35
CA GLN G 225 1.93 3.23 23.74
C GLN G 225 1.39 1.83 23.95
N LEU G 226 2.26 0.82 23.86
CA LEU G 226 1.84 -0.54 24.15
C LEU G 226 1.38 -0.68 25.60
N LEU G 227 2.10 -0.06 26.53
CA LEU G 227 1.68 -0.07 27.93
C LEU G 227 0.34 0.61 28.11
N GLN G 228 0.12 1.73 27.41
CA GLN G 228 -1.17 2.42 27.50
C GLN G 228 -2.30 1.55 26.98
N VAL G 229 -2.08 0.87 25.86
CA VAL G 229 -3.11 -0.01 25.31
C VAL G 229 -3.40 -1.17 26.26
N LEU G 230 -2.34 -1.76 26.82
CA LEU G 230 -2.54 -2.87 27.76
C LEU G 230 -3.28 -2.42 29.01
N ASP G 231 -2.98 -1.22 29.50
CA ASP G 231 -3.71 -0.65 30.64
C ASP G 231 -5.18 -0.47 30.29
N THR G 232 -5.45 0.18 29.14
CA THR G 232 -6.83 0.40 28.72
C THR G 232 -7.58 -0.91 28.54
N LEU G 233 -6.89 -1.99 28.18
CA LEU G 233 -7.53 -3.28 28.00
C LEU G 233 -7.81 -3.99 29.32
N LEU G 234 -6.82 -4.07 30.21
CA LEU G 234 -7.00 -4.83 31.44
C LEU G 234 -7.88 -4.10 32.45
N PHE G 235 -7.68 -2.79 32.60
CA PHE G 235 -8.50 -1.98 33.49
C PHE G 235 -9.74 -1.43 32.80
N SER G 236 -10.20 -2.10 31.74
CA SER G 236 -11.29 -1.56 30.93
C SER G 236 -12.58 -1.44 31.73
N SER G 237 -12.87 -2.42 32.59
CA SER G 237 -14.14 -2.40 33.33
C SER G 237 -14.22 -1.20 34.25
N LEU G 238 -13.14 -0.90 34.96
CA LEU G 238 -13.16 0.22 35.89
C LEU G 238 -13.28 1.55 35.14
N LEU G 239 -12.66 1.64 33.96
CA LEU G 239 -12.78 2.85 33.16
C LEU G 239 -14.17 3.01 32.57
N LEU G 240 -14.82 1.89 32.22
CA LEU G 240 -16.15 1.95 31.63
C LEU G 240 -17.20 2.32 32.66
N PHE G 241 -17.14 1.70 33.83
CA PHE G 241 -18.14 1.97 34.86
C PHE G 241 -17.89 3.28 35.60
N GLY G 242 -16.75 3.93 35.38
CA GLY G 242 -16.45 5.19 36.03
C GLY G 242 -15.61 5.10 37.27
N PHE G 243 -15.23 3.89 37.69
CA PHE G 243 -14.37 3.75 38.87
C PHE G 243 -12.99 4.33 38.62
N ALA G 244 -12.35 3.93 37.52
CA ALA G 244 -11.02 4.39 37.18
C ALA G 244 -11.09 5.40 36.04
N GLU G 245 -9.99 6.14 35.88
CA GLU G 245 -9.93 7.15 34.83
C GLU G 245 -8.47 7.29 34.39
N GLN G 246 -8.28 7.50 33.09
CA GLN G 246 -6.94 7.62 32.52
C GLN G 246 -6.35 8.98 32.88
N LYS G 247 -5.90 9.07 34.12
CA LYS G 247 -5.37 10.31 34.67
C LYS G 247 -4.13 10.00 35.51
N GLN G 248 -3.34 11.05 35.74
CA GLN G 248 -2.13 10.98 36.54
C GLN G 248 -2.25 11.95 37.71
N LEU G 249 -1.80 11.51 38.88
CA LEU G 249 -1.73 12.37 40.06
C LEU G 249 -0.27 12.63 40.38
N LEU G 250 0.17 13.87 40.18
CA LEU G 250 1.53 14.29 40.49
C LEU G 250 1.53 14.96 41.86
N GLU G 251 2.29 14.41 42.80
CA GLU G 251 2.38 14.95 44.14
C GLU G 251 3.59 15.86 44.22
N VAL G 252 3.42 17.07 43.69
CA VAL G 252 4.46 18.09 43.76
C VAL G 252 4.69 18.45 45.22
N GLU G 253 5.85 18.06 45.76
CA GLU G 253 6.17 18.23 47.17
C GLU G 253 6.81 19.61 47.34
N LEU G 254 5.96 20.61 47.58
CA LEU G 254 6.44 21.98 47.69
C LEU G 254 7.31 22.19 48.93
N TYR G 255 7.01 21.47 50.01
CA TYR G 255 7.72 21.67 51.27
C TYR G 255 7.82 20.33 51.99
N SER G 256 9.04 19.79 52.07
CA SER G 256 9.26 18.52 52.76
C SER G 256 9.04 18.62 54.25
N ASP G 257 9.29 19.80 54.84
CA ASP G 257 9.05 20.01 56.27
C ASP G 257 8.81 21.49 56.47
N TYR G 258 7.56 21.85 56.79
CA TYR G 258 7.19 23.25 56.98
C TYR G 258 7.06 23.55 58.46
N ARG G 259 7.59 24.71 58.86
CA ARG G 259 7.44 25.24 60.21
C ARG G 259 7.11 26.73 60.09
N GLU G 260 6.06 27.15 60.81
CA GLU G 260 5.52 28.49 60.62
C GLU G 260 6.27 29.51 61.46
N ASN G 261 6.46 30.71 60.88
CA ASN G 261 7.05 31.81 61.62
C ASN G 261 6.12 32.25 62.74
N SER G 262 6.70 32.54 63.90
CA SER G 262 5.91 32.75 65.11
C SER G 262 5.00 33.97 64.98
N TYR G 263 5.53 35.09 64.50
CA TYR G 263 4.80 36.35 64.51
C TYR G 263 3.94 36.57 63.28
N VAL G 264 4.24 35.92 62.16
CA VAL G 264 3.50 36.14 60.92
C VAL G 264 2.94 34.82 60.43
N PRO G 265 1.64 34.54 60.65
CA PRO G 265 1.07 33.29 60.17
C PRO G 265 0.86 33.26 58.66
N THR G 266 0.57 32.10 58.11
CA THR G 266 0.35 31.96 56.67
C THR G 266 -1.12 32.15 56.35
N THR G 267 -1.45 33.26 55.71
CA THR G 267 -2.82 33.51 55.29
C THR G 267 -3.22 32.68 54.08
N GLY G 268 -2.29 32.46 53.15
CA GLY G 268 -2.62 31.68 51.97
C GLY G 268 -1.43 31.60 51.05
N ALA G 269 -1.66 31.01 49.88
CA ALA G 269 -0.60 30.74 48.92
C ALA G 269 -1.05 31.09 47.50
N ILE G 270 -0.11 31.62 46.72
CA ILE G 270 -0.31 31.85 45.29
C ILE G 270 0.49 30.78 44.54
N ILE G 271 -0.20 30.06 43.66
CA ILE G 271 0.39 28.92 42.98
C ILE G 271 0.28 29.14 41.48
N GLU G 272 1.38 28.82 40.78
CA GLU G 272 1.47 29.09 39.36
C GLU G 272 2.08 27.90 38.65
N ILE G 273 1.55 27.58 37.47
CA ILE G 273 2.12 26.59 36.57
C ILE G 273 2.56 27.29 35.30
N HIS G 274 3.84 27.16 34.98
CA HIS G 274 4.43 27.91 33.86
C HIS G 274 4.35 27.13 32.55
N SER G 275 3.14 26.67 32.22
CA SER G 275 2.91 25.97 30.95
C SER G 275 1.65 26.52 30.32
N LYS G 276 1.74 26.84 29.03
CA LYS G 276 0.61 27.35 28.27
C LYS G 276 -0.19 26.24 27.60
N ARG G 277 0.15 24.98 27.86
CA ARG G 277 -0.53 23.87 27.23
C ARG G 277 -0.88 22.77 28.24
N ILE G 278 -0.70 23.00 29.52
CA ILE G 278 -0.86 21.95 30.51
C ILE G 278 -2.34 21.65 30.71
N GLN G 279 -2.81 20.56 30.11
CA GLN G 279 -4.19 20.13 30.30
C GLN G 279 -4.31 19.48 31.68
N MET G 280 -5.27 19.96 32.47
CA MET G 280 -5.45 19.44 33.83
C MET G 280 -6.91 19.54 34.22
N TYR G 281 -7.30 18.71 35.19
CA TYR G 281 -8.66 18.68 35.71
C TYR G 281 -8.84 19.57 36.93
N GLY G 282 -7.95 19.49 37.90
CA GLY G 282 -8.07 20.26 39.12
C GLY G 282 -6.77 20.27 39.89
N ALA G 283 -6.85 20.71 41.15
CA ALA G 283 -5.65 20.84 41.96
C ALA G 283 -6.04 20.98 43.43
N TYR G 284 -5.31 20.29 44.29
CA TYR G 284 -5.45 20.40 45.74
C TYR G 284 -4.13 20.83 46.35
N LEU G 285 -4.18 21.72 47.34
CA LEU G 285 -3.03 22.04 48.17
C LEU G 285 -3.31 21.38 49.52
N ARG G 286 -2.56 20.32 49.81
CA ARG G 286 -2.78 19.50 50.99
C ARG G 286 -1.69 19.74 52.01
N ILE G 287 -2.08 20.06 53.24
CA ILE G 287 -1.14 20.21 54.34
C ILE G 287 -1.52 19.22 55.43
N HIS G 288 -0.54 18.46 55.88
CA HIS G 288 -0.76 17.32 56.77
C HIS G 288 0.44 17.21 57.71
N ALA G 289 0.19 16.75 58.94
CA ALA G 289 1.26 16.59 59.90
C ALA G 289 2.28 15.57 59.40
N HIS G 290 3.56 15.84 59.67
CA HIS G 290 4.63 15.03 59.12
C HIS G 290 4.79 13.67 59.79
N PHE G 291 4.03 13.40 60.86
CA PHE G 291 4.05 12.08 61.48
C PHE G 291 3.67 11.02 60.46
N THR G 292 4.62 10.16 60.08
CA THR G 292 4.40 9.26 58.96
C THR G 292 4.70 7.81 59.32
N GLY G 293 5.64 7.59 60.24
CA GLY G 293 6.19 6.26 60.43
C GLY G 293 5.15 5.21 60.74
N LEU G 294 4.23 5.52 61.67
CA LEU G 294 3.19 4.56 62.02
C LEU G 294 2.22 4.35 60.85
N ARG G 295 1.85 5.43 60.17
CA ARG G 295 0.82 5.40 59.15
C ARG G 295 1.39 5.36 57.73
N TYR G 296 2.68 5.11 57.58
CA TYR G 296 3.35 5.24 56.28
C TYR G 296 2.62 4.46 55.19
N LEU G 297 2.26 3.21 55.47
CA LEU G 297 1.52 2.42 54.49
C LEU G 297 0.21 3.09 54.13
N LEU G 298 -0.56 3.50 55.14
CA LEU G 298 -1.81 4.19 54.87
C LEU G 298 -1.59 5.60 54.33
N TYR G 299 -0.50 6.25 54.75
CA TYR G 299 -0.23 7.61 54.31
C TYR G 299 0.12 7.67 52.82
N ASN G 300 0.71 6.60 52.30
CA ASN G 300 1.21 6.62 50.93
C ASN G 300 0.73 5.49 50.03
N PHE G 301 0.42 4.30 50.57
CA PHE G 301 0.01 3.15 49.77
C PHE G 301 -1.28 2.58 50.34
N PRO G 302 -2.40 3.31 50.21
CA PRO G 302 -3.64 2.89 50.87
C PRO G 302 -4.18 1.55 50.40
N MET G 303 -3.99 1.23 49.12
CA MET G 303 -4.61 0.03 48.56
C MET G 303 -4.08 -1.24 49.23
N THR G 304 -2.78 -1.32 49.45
CA THR G 304 -2.19 -2.51 50.07
C THR G 304 -2.66 -2.66 51.50
N CYS G 305 -2.93 -1.55 52.18
CA CYS G 305 -3.37 -1.61 53.57
C CYS G 305 -4.70 -2.35 53.71
N ALA G 306 -5.60 -2.14 52.75
CA ALA G 306 -6.88 -2.85 52.79
C ALA G 306 -6.66 -4.35 52.77
N PHE G 307 -5.87 -4.84 51.82
CA PHE G 307 -5.60 -6.28 51.72
C PHE G 307 -4.92 -6.79 52.98
N VAL G 308 -3.90 -6.06 53.46
CA VAL G 308 -3.15 -6.52 54.63
C VAL G 308 -4.06 -6.61 55.85
N GLY G 309 -4.82 -5.54 56.13
CA GLY G 309 -5.68 -5.54 57.29
C GLY G 309 -6.79 -6.57 57.21
N VAL G 310 -7.41 -6.70 56.03
CA VAL G 310 -8.49 -7.67 55.88
C VAL G 310 -7.96 -9.09 56.08
N ALA G 311 -6.83 -9.41 55.45
CA ALA G 311 -6.26 -10.75 55.60
C ALA G 311 -5.87 -11.03 57.04
N SER G 312 -5.23 -10.05 57.70
CA SER G 312 -4.81 -10.25 59.08
C SER G 312 -6.01 -10.46 60.00
N ASN G 313 -7.05 -9.64 59.84
CA ASN G 313 -8.22 -9.76 60.70
C ASN G 313 -8.99 -11.05 60.44
N PHE G 314 -9.08 -11.46 59.16
CA PHE G 314 -9.79 -12.69 58.84
C PHE G 314 -9.04 -13.91 59.37
N THR G 315 -7.71 -13.92 59.24
CA THR G 315 -6.93 -15.01 59.80
C THR G 315 -7.02 -15.02 61.33
N PHE G 316 -7.00 -13.84 61.95
CA PHE G 316 -7.15 -13.77 63.40
C PHE G 316 -8.54 -14.25 63.84
N LEU G 317 -9.57 -13.90 63.07
CA LEU G 317 -10.93 -14.34 63.39
C LEU G 317 -11.10 -15.83 63.08
N LEU H 112 -41.55 -11.08 46.96
CA LEU H 112 -41.79 -9.78 47.54
C LEU H 112 -40.89 -8.71 46.92
N LEU H 113 -40.39 -9.01 45.72
CA LEU H 113 -39.52 -8.05 45.03
C LEU H 113 -40.27 -6.78 44.68
N TRP H 114 -41.57 -6.89 44.39
CA TRP H 114 -42.39 -5.70 44.20
C TRP H 114 -42.43 -4.85 45.45
N VAL H 115 -42.59 -5.48 46.62
CA VAL H 115 -42.55 -4.74 47.88
C VAL H 115 -41.19 -4.09 48.07
N SER H 116 -40.11 -4.80 47.72
CA SER H 116 -38.77 -4.24 47.86
C SER H 116 -38.58 -3.02 46.97
N VAL H 117 -39.08 -3.09 45.72
CA VAL H 117 -38.94 -1.95 44.82
C VAL H 117 -39.73 -0.76 45.32
N PHE H 118 -40.95 -1.01 45.81
CA PHE H 118 -41.74 0.08 46.37
C PHE H 118 -41.04 0.68 47.59
N LEU H 119 -40.42 -0.16 48.42
CA LEU H 119 -39.71 0.33 49.60
C LEU H 119 -38.51 1.17 49.20
N TYR H 120 -37.77 0.75 48.17
CA TYR H 120 -36.65 1.56 47.70
C TYR H 120 -37.14 2.89 47.15
N GLY H 121 -38.27 2.89 46.43
CA GLY H 121 -38.82 4.14 45.95
C GLY H 121 -39.21 5.08 47.06
N SER H 122 -39.86 4.54 48.10
CA SER H 122 -40.23 5.35 49.26
C SER H 122 -38.99 5.86 49.99
N PHE H 123 -37.96 5.03 50.08
CA PHE H 123 -36.67 5.44 50.64
C PHE H 123 -36.11 6.65 49.90
N TYR H 124 -36.08 6.55 48.56
CA TYR H 124 -35.54 7.64 47.76
C TYR H 124 -36.39 8.91 47.91
N TYR H 125 -37.72 8.76 47.93
CA TYR H 125 -38.58 9.93 48.07
C TYR H 125 -38.41 10.59 49.43
N SER H 126 -38.30 9.78 50.49
CA SER H 126 -38.17 10.33 51.83
C SER H 126 -36.84 11.03 52.01
N TYR H 127 -35.74 10.40 51.58
CA TYR H 127 -34.44 10.99 51.84
C TYR H 127 -34.00 11.97 50.76
N MET H 128 -34.83 12.23 49.75
CA MET H 128 -34.55 13.27 48.76
C MET H 128 -35.72 14.22 48.65
N PRO H 129 -35.98 15.03 49.68
CA PRO H 129 -36.88 16.19 49.53
C PRO H 129 -36.09 17.43 49.11
N THR H 130 -35.45 17.34 47.93
CA THR H 130 -34.45 18.32 47.56
C THR H 130 -35.04 19.71 47.40
N VAL H 131 -34.76 20.57 48.38
CA VAL H 131 -35.13 21.98 48.28
C VAL H 131 -34.09 22.64 47.38
N SER H 132 -34.36 22.63 46.08
CA SER H 132 -33.36 23.02 45.09
C SER H 132 -34.06 23.56 43.87
N HIS H 133 -33.33 24.36 43.09
CA HIS H 133 -33.85 24.87 41.83
C HIS H 133 -32.84 24.65 40.71
N LEU H 134 -33.40 24.41 39.51
CA LEU H 134 -32.67 23.96 38.34
C LEU H 134 -32.89 24.91 37.17
N SER H 135 -32.64 26.20 37.38
CA SER H 135 -32.76 27.21 36.33
C SER H 135 -32.02 26.79 35.08
N PRO H 136 -32.71 26.53 33.98
CA PRO H 136 -32.02 26.22 32.72
C PRO H 136 -31.33 27.46 32.17
N VAL H 137 -30.21 27.23 31.49
CA VAL H 137 -29.39 28.29 30.93
C VAL H 137 -29.49 28.21 29.41
N HIS H 138 -29.77 29.35 28.78
CA HIS H 138 -30.04 29.42 27.36
C HIS H 138 -28.99 30.31 26.71
N PHE H 139 -27.99 29.69 26.09
CA PHE H 139 -26.88 30.45 25.53
C PHE H 139 -27.27 31.04 24.18
N HIS H 140 -27.09 32.34 24.05
CA HIS H 140 -27.32 33.04 22.80
C HIS H 140 -26.00 33.62 22.30
N TYR H 141 -25.86 33.67 20.99
CA TYR H 141 -24.59 33.93 20.31
C TYR H 141 -24.65 35.25 19.56
N ARG H 142 -23.60 35.51 18.80
CA ARG H 142 -23.61 36.49 17.73
C ARG H 142 -23.33 35.75 16.42
N THR H 143 -24.04 36.15 15.35
CA THR H 143 -23.95 35.43 14.08
C THR H 143 -23.79 36.37 12.91
N ASP H 144 -22.83 37.28 12.97
CA ASP H 144 -22.61 38.26 11.90
C ASP H 144 -21.34 37.99 11.10
N CYS H 145 -20.70 36.83 11.27
CA CYS H 145 -19.45 36.55 10.58
C CYS H 145 -19.70 35.85 9.25
N ASP H 146 -18.62 35.40 8.62
CA ASP H 146 -18.73 34.65 7.38
C ASP H 146 -19.24 33.24 7.62
N SER H 147 -18.97 32.68 8.82
CA SER H 147 -19.37 31.33 9.20
C SER H 147 -18.81 30.27 8.27
N SER H 148 -17.59 30.47 7.76
CA SER H 148 -16.97 29.51 6.87
C SER H 148 -16.37 28.32 7.61
N THR H 149 -16.23 28.40 8.93
CA THR H 149 -15.66 27.32 9.73
C THR H 149 -16.58 27.00 10.88
N ALA H 150 -16.35 25.85 11.51
CA ALA H 150 -17.15 25.39 12.63
C ALA H 150 -16.75 26.10 13.93
N SER H 151 -16.93 27.43 13.91
CA SER H 151 -16.62 28.26 15.06
C SER H 151 -17.59 29.43 15.09
N LEU H 152 -17.96 29.85 16.29
CA LEU H 152 -18.91 30.95 16.45
C LEU H 152 -18.19 32.29 16.37
N CYS H 153 -18.94 33.35 16.64
CA CYS H 153 -18.40 34.71 16.64
C CYS H 153 -18.01 35.16 18.04
N SER H 154 -18.96 35.14 18.97
CA SER H 154 -18.75 35.62 20.32
C SER H 154 -18.92 34.46 21.29
N PHE H 155 -18.47 34.67 22.52
CA PHE H 155 -18.54 33.63 23.54
C PHE H 155 -19.99 33.42 23.97
N PRO H 156 -20.40 32.18 24.22
CA PRO H 156 -21.73 31.93 24.76
C PRO H 156 -21.94 32.68 26.08
N VAL H 157 -22.98 33.52 26.11
CA VAL H 157 -23.35 34.29 27.28
C VAL H 157 -24.82 34.02 27.56
N ALA H 158 -25.21 34.17 28.83
CA ALA H 158 -26.59 33.91 29.19
C ALA H 158 -27.02 34.56 30.50
N ASN H 159 -28.08 35.36 30.45
CA ASN H 159 -28.77 35.84 31.64
C ASN H 159 -29.73 34.77 32.11
N VAL H 160 -29.73 34.49 33.41
CA VAL H 160 -30.67 33.56 34.01
C VAL H 160 -31.25 34.20 35.26
N SER H 161 -32.58 34.16 35.38
CA SER H 161 -33.28 34.75 36.51
C SER H 161 -33.74 33.64 37.45
N LEU H 162 -34.07 34.04 38.69
CA LEU H 162 -34.47 33.10 39.72
C LEU H 162 -35.82 33.41 40.34
N ALA H 163 -36.38 34.59 40.09
CA ALA H 163 -37.68 34.95 40.66
C ALA H 163 -38.81 34.20 39.96
N ARG H 169 -38.14 33.26 48.10
CA ARG H 169 -36.82 33.04 47.53
C ARG H 169 -36.19 31.76 48.07
N VAL H 170 -35.60 30.97 47.17
CA VAL H 170 -34.82 29.81 47.62
C VAL H 170 -33.53 30.28 48.29
N LEU H 171 -32.89 31.30 47.73
CA LEU H 171 -31.64 31.83 48.28
C LEU H 171 -31.96 32.67 49.51
N MET H 172 -32.12 31.97 50.64
CA MET H 172 -32.36 32.59 51.93
C MET H 172 -31.11 32.52 52.80
N TYR H 173 -31.25 32.92 54.05
CA TYR H 173 -30.09 33.11 54.91
C TYR H 173 -29.93 31.94 55.88
N GLY H 174 -28.71 31.76 56.35
CA GLY H 174 -28.36 30.72 57.30
C GLY H 174 -27.91 29.41 56.68
N GLN H 175 -28.65 28.92 55.69
CA GLN H 175 -28.31 27.65 55.07
C GLN H 175 -27.29 27.89 53.96
N PRO H 176 -26.17 27.18 53.96
CA PRO H 176 -25.22 27.30 52.86
C PRO H 176 -25.65 26.48 51.65
N TYR H 177 -25.35 27.01 50.46
CA TYR H 177 -25.78 26.41 49.21
C TYR H 177 -24.58 26.22 48.30
N ARG H 178 -24.69 25.23 47.40
CA ARG H 178 -23.65 24.92 46.44
C ARG H 178 -24.14 25.22 45.04
N VAL H 179 -23.60 26.27 44.43
CA VAL H 179 -23.99 26.70 43.10
C VAL H 179 -23.08 26.03 42.07
N THR H 180 -23.67 25.28 41.16
CA THR H 180 -22.92 24.60 40.11
C THR H 180 -23.60 24.85 38.77
N LEU H 181 -22.85 24.57 37.70
CA LEU H 181 -23.34 24.69 36.33
C LEU H 181 -23.08 23.37 35.61
N GLU H 182 -24.03 22.44 35.73
CA GLU H 182 -23.92 21.18 35.01
C GLU H 182 -23.98 21.44 33.51
N LEU H 183 -22.94 21.01 32.81
CA LEU H 183 -22.74 21.34 31.41
C LEU H 183 -22.74 20.05 30.59
N GLU H 184 -23.51 20.04 29.51
CA GLU H 184 -23.73 18.85 28.69
C GLU H 184 -22.98 19.01 27.37
N LEU H 185 -21.93 18.20 27.18
CA LEU H 185 -21.11 18.30 26.00
C LEU H 185 -21.17 17.01 25.20
N PRO H 186 -21.03 17.07 23.88
CA PRO H 186 -20.80 15.85 23.10
C PRO H 186 -19.32 15.53 23.00
N GLU H 187 -19.04 14.24 22.94
CA GLU H 187 -17.66 13.77 22.81
C GLU H 187 -17.23 13.79 21.34
N SER H 188 -17.49 14.90 20.67
CA SER H 188 -17.15 15.05 19.27
C SER H 188 -15.68 15.39 19.10
N PRO H 189 -15.10 15.06 17.94
CA PRO H 189 -13.69 15.41 17.72
C PRO H 189 -13.40 16.90 17.84
N VAL H 190 -14.40 17.76 17.60
CA VAL H 190 -14.19 19.18 17.80
C VAL H 190 -14.02 19.52 19.28
N ASN H 191 -14.65 18.76 20.17
CA ASN H 191 -14.56 19.03 21.61
C ASN H 191 -13.33 18.41 22.25
N GLN H 192 -12.89 17.24 21.79
CA GLN H 192 -11.67 16.65 22.32
C GLN H 192 -10.46 17.50 21.99
N ASP H 193 -10.41 18.06 20.78
CA ASP H 193 -9.29 18.91 20.40
C ASP H 193 -9.38 20.31 20.99
N LEU H 194 -10.50 20.64 21.64
CA LEU H 194 -10.68 22.00 22.13
C LEU H 194 -9.73 22.33 23.27
N GLY H 195 -9.65 21.45 24.26
CA GLY H 195 -8.79 21.70 25.40
C GLY H 195 -9.48 22.51 26.49
N MET H 196 -8.67 23.16 27.31
CA MET H 196 -9.18 23.91 28.45
C MET H 196 -9.98 25.12 27.99
N PHE H 197 -11.01 25.45 28.76
CA PHE H 197 -11.79 26.67 28.52
C PHE H 197 -12.37 27.18 29.83
N LEU H 198 -12.65 28.48 29.84
CA LEU H 198 -12.97 29.21 31.07
C LEU H 198 -14.47 29.45 31.19
N VAL H 199 -14.98 29.26 32.41
CA VAL H 199 -16.39 29.49 32.73
C VAL H 199 -16.47 30.56 33.80
N THR H 200 -17.24 31.61 33.53
CA THR H 200 -17.38 32.73 34.45
C THR H 200 -18.83 32.89 34.86
N VAL H 201 -19.05 33.14 36.14
CA VAL H 201 -20.38 33.37 36.67
C VAL H 201 -20.37 34.69 37.44
N SER H 202 -21.43 35.48 37.24
CA SER H 202 -21.52 36.78 37.90
C SER H 202 -22.96 36.94 38.39
N CYS H 203 -23.15 36.85 39.71
CA CYS H 203 -24.46 37.10 40.27
C CYS H 203 -24.72 38.60 40.31
N TYR H 204 -25.92 39.01 39.92
CA TYR H 204 -26.23 40.43 39.77
C TYR H 204 -27.35 40.84 40.72
N THR H 205 -27.39 42.14 41.00
CA THR H 205 -28.43 42.73 41.83
C THR H 205 -29.66 43.05 40.97
N ARG H 206 -30.65 43.68 41.59
CA ARG H 206 -31.83 44.12 40.85
C ARG H 206 -31.47 45.22 39.85
N GLY H 207 -30.58 46.13 40.23
CA GLY H 207 -30.20 47.26 39.41
C GLY H 207 -29.07 47.03 38.44
N GLY H 208 -28.58 45.80 38.31
CA GLY H 208 -27.50 45.47 37.41
C GLY H 208 -26.14 45.34 38.06
N ARG H 209 -25.99 45.81 39.31
CA ARG H 209 -24.73 45.66 40.01
C ARG H 209 -24.43 44.19 40.24
N ILE H 210 -23.14 43.84 40.24
CA ILE H 210 -22.72 42.46 40.37
C ILE H 210 -22.53 42.13 41.84
N ILE H 211 -23.12 41.03 42.29
CA ILE H 211 -22.99 40.61 43.68
C ILE H 211 -21.68 39.87 43.89
N SER H 212 -21.52 38.72 43.24
CA SER H 212 -20.33 37.89 43.43
C SER H 212 -19.87 37.37 42.09
N THR H 213 -18.58 37.50 41.83
CA THR H 213 -17.95 37.04 40.59
C THR H 213 -17.07 35.83 40.86
N SER H 214 -17.20 34.80 40.03
CA SER H 214 -16.41 33.60 40.16
C SER H 214 -15.99 33.12 38.78
N SER H 215 -14.87 32.41 38.74
CA SER H 215 -14.36 31.85 37.50
C SER H 215 -13.75 30.49 37.77
N ARG H 216 -13.81 29.62 36.76
CA ARG H 216 -13.26 28.27 36.85
C ARG H 216 -12.74 27.89 35.47
N SER H 217 -11.85 26.91 35.44
CA SER H 217 -11.36 26.33 34.20
C SER H 217 -11.84 24.90 34.11
N VAL H 218 -12.64 24.60 33.10
CA VAL H 218 -13.23 23.27 32.98
C VAL H 218 -12.89 22.72 31.60
N MET H 219 -12.70 21.40 31.54
CA MET H 219 -12.26 20.75 30.33
C MET H 219 -12.85 19.35 30.26
N LEU H 220 -13.07 18.88 29.04
CA LEU H 220 -13.70 17.57 28.82
C LEU H 220 -12.80 16.45 29.32
N HIS H 221 -13.41 15.47 29.99
CA HIS H 221 -12.68 14.28 30.41
C HIS H 221 -12.16 13.54 29.19
N TYR H 222 -10.90 13.10 29.27
CA TYR H 222 -10.24 12.45 28.14
C TYR H 222 -10.39 10.94 28.23
N ARG H 223 -10.77 10.33 27.10
CA ARG H 223 -10.81 8.88 26.96
C ARG H 223 -10.16 8.52 25.63
N SER H 224 -9.31 7.49 25.65
CA SER H 224 -8.58 7.12 24.45
C SER H 224 -9.52 6.55 23.40
N GLN H 225 -9.04 6.50 22.16
CA GLN H 225 -9.86 6.04 21.06
C GLN H 225 -10.29 4.58 21.25
N LEU H 226 -9.37 3.75 21.76
CA LEU H 226 -9.72 2.37 22.07
C LEU H 226 -10.80 2.32 23.15
N LEU H 227 -10.69 3.18 24.16
CA LEU H 227 -11.70 3.22 25.21
C LEU H 227 -13.05 3.67 24.65
N GLN H 228 -13.04 4.67 23.76
CA GLN H 228 -14.28 5.11 23.14
C GLN H 228 -14.93 3.99 22.33
N VAL H 229 -14.12 3.25 21.58
CA VAL H 229 -14.65 2.16 20.77
C VAL H 229 -15.22 1.06 21.66
N LEU H 230 -14.51 0.73 22.75
CA LEU H 230 -15.00 -0.29 23.66
C LEU H 230 -16.30 0.14 24.34
N ASP H 231 -16.40 1.41 24.72
CA ASP H 231 -17.64 1.93 25.29
C ASP H 231 -18.77 1.84 24.28
N THR H 232 -18.52 2.25 23.04
CA THR H 232 -19.54 2.17 22.01
C THR H 232 -20.00 0.74 21.79
N LEU H 233 -19.07 -0.21 21.84
CA LEU H 233 -19.43 -1.61 21.60
C LEU H 233 -20.23 -2.20 22.76
N LEU H 234 -19.81 -1.93 24.00
CA LEU H 234 -20.45 -2.59 25.14
C LEU H 234 -21.73 -1.91 25.58
N PHE H 235 -21.79 -0.58 25.55
CA PHE H 235 -23.01 0.16 25.84
C PHE H 235 -23.85 0.40 24.58
N SER H 236 -23.71 -0.46 23.58
CA SER H 236 -24.34 -0.21 22.28
C SER H 236 -25.85 -0.21 22.39
N SER H 237 -26.41 -1.14 23.17
CA SER H 237 -27.86 -1.25 23.25
C SER H 237 -28.51 0.02 23.79
N LEU H 238 -27.94 0.56 24.87
CA LEU H 238 -28.50 1.77 25.46
C LEU H 238 -28.36 2.96 24.53
N LEU H 239 -27.29 3.01 23.76
CA LEU H 239 -27.11 4.09 22.79
C LEU H 239 -28.07 3.96 21.62
N LEU H 240 -28.37 2.72 21.20
CA LEU H 240 -29.26 2.52 20.07
C LEU H 240 -30.71 2.79 20.44
N PHE H 241 -31.12 2.35 21.63
CA PHE H 241 -32.51 2.49 22.05
C PHE H 241 -32.83 3.88 22.59
N GLY H 242 -31.84 4.76 22.72
CA GLY H 242 -32.07 6.11 23.19
C GLY H 242 -31.86 6.33 24.66
N PHE H 243 -31.53 5.29 25.43
CA PHE H 243 -31.30 5.46 26.86
C PHE H 243 -30.01 6.23 27.12
N ALA H 244 -28.88 5.66 26.72
CA ALA H 244 -27.59 6.31 26.92
C ALA H 244 -27.23 7.17 25.71
N GLU H 245 -26.29 8.09 25.94
CA GLU H 245 -25.81 8.98 24.89
C GLU H 245 -24.35 9.27 25.12
N GLN H 246 -23.60 9.39 24.03
CA GLN H 246 -22.16 9.67 24.10
C GLN H 246 -21.95 11.15 24.44
N LYS H 247 -22.17 11.46 25.71
CA LYS H 247 -22.10 12.83 26.20
C LYS H 247 -21.37 12.86 27.53
N GLN H 248 -20.88 14.03 27.88
CA GLN H 248 -20.20 14.28 29.13
C GLN H 248 -20.97 15.33 29.92
N LEU H 249 -21.11 15.11 31.22
CA LEU H 249 -21.68 16.08 32.13
C LEU H 249 -20.56 16.61 33.02
N LEU H 250 -20.18 17.86 32.80
CA LEU H 250 -19.17 18.52 33.61
C LEU H 250 -19.87 19.31 34.70
N GLU H 251 -19.55 19.00 35.96
CA GLU H 251 -20.16 19.69 37.10
C GLU H 251 -19.21 20.78 37.55
N VAL H 252 -19.23 21.88 36.82
CA VAL H 252 -18.46 23.07 37.19
C VAL H 252 -19.01 23.59 38.51
N GLU H 253 -18.23 23.47 39.58
CA GLU H 253 -18.65 23.86 40.92
C GLU H 253 -18.32 25.34 41.11
N LEU H 254 -19.29 26.20 40.77
CA LEU H 254 -19.05 27.63 40.83
C LEU H 254 -18.87 28.12 42.26
N TYR H 255 -19.64 27.56 43.19
CA TYR H 255 -19.63 28.03 44.58
C TYR H 255 -19.80 26.83 45.50
N SER H 256 -18.74 26.53 46.27
CA SER H 256 -18.80 25.41 47.21
C SER H 256 -19.72 25.69 48.39
N ASP H 257 -19.75 26.93 48.88
CA ASP H 257 -20.66 27.33 49.94
C ASP H 257 -21.12 28.75 49.66
N TYR H 258 -22.38 28.91 49.30
CA TYR H 258 -22.96 30.23 49.08
C TYR H 258 -23.77 30.66 50.29
N ARG H 259 -23.57 31.89 50.71
CA ARG H 259 -24.33 32.50 51.81
C ARG H 259 -24.80 33.87 51.35
N GLU H 260 -26.11 34.07 51.35
CA GLU H 260 -26.70 35.26 50.74
C GLU H 260 -26.39 36.51 51.57
N ASN H 261 -26.05 37.59 50.87
CA ASN H 261 -25.89 38.88 51.54
C ASN H 261 -27.23 39.34 52.09
N SER H 262 -27.19 39.93 53.29
CA SER H 262 -28.41 40.18 54.04
C SER H 262 -29.34 41.14 53.31
N TYR H 263 -28.82 42.29 52.88
CA TYR H 263 -29.64 43.35 52.30
C TYR H 263 -29.71 43.30 50.78
N VAL H 264 -28.92 42.45 50.12
CA VAL H 264 -28.89 42.41 48.66
C VAL H 264 -29.15 40.98 48.19
N PRO H 265 -30.40 40.64 47.85
CA PRO H 265 -30.69 39.29 47.37
C PRO H 265 -30.16 39.07 45.96
N THR H 266 -30.00 37.80 45.60
CA THR H 266 -29.50 37.41 44.29
C THR H 266 -30.67 37.30 43.32
N THR H 267 -30.80 38.29 42.44
CA THR H 267 -31.86 38.24 41.44
C THR H 267 -31.58 37.19 40.38
N GLY H 268 -30.32 37.03 39.98
CA GLY H 268 -29.98 36.05 38.96
C GLY H 268 -28.50 36.07 38.68
N ALA H 269 -28.12 35.30 37.65
CA ALA H 269 -26.72 35.12 37.31
C ALA H 269 -26.50 35.28 35.81
N ILE H 270 -25.39 35.91 35.45
CA ILE H 270 -24.91 35.97 34.07
C ILE H 270 -23.77 34.99 33.94
N ILE H 271 -23.87 34.07 32.99
CA ILE H 271 -22.94 32.97 32.85
C ILE H 271 -22.32 33.03 31.46
N GLU H 272 -21.00 32.82 31.41
CA GLU H 272 -20.27 32.95 30.16
C GLU H 272 -19.29 31.79 30.02
N ILE H 273 -19.16 31.28 28.80
CA ILE H 273 -18.17 30.26 28.46
C ILE H 273 -17.24 30.86 27.41
N HIS H 274 -15.96 30.93 27.74
CA HIS H 274 -14.97 31.62 26.91
C HIS H 274 -14.34 30.71 25.87
N SER H 275 -15.17 30.07 25.05
CA SER H 275 -14.69 29.23 23.96
C SER H 275 -15.58 29.47 22.74
N LYS H 276 -14.94 29.68 21.59
CA LYS H 276 -15.65 29.88 20.33
C LYS H 276 -15.91 28.58 19.60
N ARG H 277 -15.59 27.44 20.21
CA ARG H 277 -15.76 26.15 19.55
C ARG H 277 -16.43 25.13 20.44
N ILE H 278 -16.90 25.52 21.63
CA ILE H 278 -17.37 24.55 22.61
C ILE H 278 -18.75 24.04 22.20
N GLN H 279 -18.78 22.85 21.59
CA GLN H 279 -20.04 22.23 21.21
C GLN H 279 -20.75 21.73 22.46
N MET H 280 -22.02 22.09 22.62
CA MET H 280 -22.77 21.72 23.81
C MET H 280 -24.25 21.62 23.48
N TYR H 281 -24.97 20.91 24.35
CA TYR H 281 -26.41 20.70 24.21
C TYR H 281 -27.22 21.67 25.06
N GLY H 282 -26.81 21.90 26.31
CA GLY H 282 -27.55 22.76 27.20
C GLY H 282 -26.76 23.00 28.48
N ALA H 283 -27.43 23.57 29.47
CA ALA H 283 -26.78 23.90 30.73
C ALA H 283 -27.83 24.14 31.80
N TYR H 284 -27.52 23.74 33.03
CA TYR H 284 -28.36 24.00 34.19
C TYR H 284 -27.55 24.73 35.25
N LEU H 285 -28.19 25.67 35.95
CA LEU H 285 -27.57 26.36 37.08
C LEU H 285 -28.27 25.85 38.33
N ARG H 286 -27.79 24.73 38.85
CA ARG H 286 -28.44 24.02 39.94
C ARG H 286 -27.96 24.54 41.28
N ILE H 287 -28.91 24.89 42.15
CA ILE H 287 -28.58 25.32 43.50
C ILE H 287 -29.32 24.44 44.50
N HIS H 288 -28.59 23.94 45.50
CA HIS H 288 -29.12 22.92 46.39
C HIS H 288 -28.47 23.07 47.75
N ALA H 289 -29.17 22.62 48.80
CA ALA H 289 -28.65 22.71 50.16
C ALA H 289 -27.41 21.86 50.31
N HIS H 290 -26.46 22.33 51.12
CA HIS H 290 -25.16 21.68 51.22
C HIS H 290 -25.19 20.45 52.14
N PHE H 291 -26.32 20.17 52.77
CA PHE H 291 -26.44 18.95 53.58
C PHE H 291 -26.22 17.73 52.70
N THR H 292 -25.11 17.03 52.92
CA THR H 292 -24.70 15.96 52.00
C THR H 292 -24.47 14.64 52.72
N GLY H 293 -24.01 14.71 53.98
CA GLY H 293 -23.50 13.50 54.63
C GLY H 293 -24.48 12.36 54.66
N LEU H 294 -25.73 12.63 55.03
CA LEU H 294 -26.74 11.58 55.06
C LEU H 294 -27.06 11.06 53.66
N ARG H 295 -27.17 11.97 52.68
CA ARG H 295 -27.59 11.63 51.34
C ARG H 295 -26.45 11.52 50.34
N TYR H 296 -25.20 11.45 50.81
CA TYR H 296 -24.04 11.53 49.93
C TYR H 296 -24.11 10.54 48.78
N LEU H 297 -24.47 9.29 49.07
CA LEU H 297 -24.61 8.30 48.00
C LEU H 297 -25.66 8.75 46.99
N LEU H 298 -26.83 9.18 47.46
CA LEU H 298 -27.84 9.66 46.54
C LEU H 298 -27.49 11.04 45.99
N TYR H 299 -26.68 11.81 46.73
CA TYR H 299 -26.30 13.15 46.27
C TYR H 299 -25.38 13.08 45.06
N ASN H 300 -24.46 12.11 45.04
CA ASN H 300 -23.44 12.06 44.00
C ASN H 300 -23.37 10.75 43.22
N PHE H 301 -23.81 9.63 43.77
CA PHE H 301 -23.69 8.32 43.11
C PHE H 301 -25.06 7.65 43.06
N PRO H 302 -26.00 8.19 42.28
CA PRO H 302 -27.37 7.65 42.30
C PRO H 302 -27.48 6.22 41.81
N MET H 303 -26.63 5.80 40.88
CA MET H 303 -26.77 4.48 40.27
C MET H 303 -26.59 3.37 41.32
N THR H 304 -25.58 3.49 42.18
CA THR H 304 -25.33 2.46 43.17
C THR H 304 -26.42 2.42 44.23
N CYS H 305 -27.11 3.55 44.44
CA CYS H 305 -28.17 3.60 45.46
C CYS H 305 -29.30 2.65 45.12
N ALA H 306 -29.64 2.53 43.83
CA ALA H 306 -30.69 1.59 43.44
C ALA H 306 -30.35 0.17 43.87
N PHE H 307 -29.15 -0.29 43.53
CA PHE H 307 -28.73 -1.62 43.91
C PHE H 307 -28.69 -1.78 45.42
N VAL H 308 -28.14 -0.79 46.13
CA VAL H 308 -28.01 -0.89 47.58
C VAL H 308 -29.38 -1.00 48.23
N GLY H 309 -30.29 -0.11 47.88
CA GLY H 309 -31.62 -0.12 48.48
C GLY H 309 -32.40 -1.38 48.14
N VAL H 310 -32.38 -1.78 46.87
CA VAL H 310 -33.13 -2.96 46.46
C VAL H 310 -32.60 -4.20 47.17
N ALA H 311 -31.27 -4.37 47.20
CA ALA H 311 -30.69 -5.54 47.83
C ALA H 311 -30.98 -5.54 49.33
N SER H 312 -30.83 -4.39 49.99
CA SER H 312 -31.08 -4.32 51.42
C SER H 312 -32.53 -4.64 51.75
N ASN H 313 -33.47 -4.08 51.00
CA ASN H 313 -34.88 -4.32 51.28
C ASN H 313 -35.28 -5.75 50.95
N PHE H 314 -34.72 -6.33 49.89
CA PHE H 314 -35.03 -7.70 49.54
C PHE H 314 -34.49 -8.68 50.57
N THR H 315 -33.25 -8.46 51.03
CA THR H 315 -32.70 -9.28 52.10
C THR H 315 -33.50 -9.13 53.38
N PHE H 316 -33.90 -7.90 53.71
CA PHE H 316 -34.75 -7.69 54.87
C PHE H 316 -36.10 -8.37 54.71
N LEU H 317 -36.67 -8.29 53.53
CA LEU H 317 -37.94 -8.96 53.25
C LEU H 317 -37.74 -10.46 53.08
N LEU I 112 -57.00 -13.28 24.33
CA LEU I 112 -57.63 -12.01 24.66
C LEU I 112 -56.68 -10.84 24.39
N LEU I 113 -55.61 -11.11 23.62
CA LEU I 113 -54.65 -10.07 23.30
C LEU I 113 -55.26 -8.99 22.41
N TRP I 114 -56.23 -9.38 21.57
CA TRP I 114 -56.97 -8.39 20.79
C TRP I 114 -57.73 -7.42 21.70
N VAL I 115 -58.36 -7.95 22.75
CA VAL I 115 -59.03 -7.09 23.71
C VAL I 115 -58.03 -6.17 24.39
N SER I 116 -56.84 -6.70 24.70
CA SER I 116 -55.80 -5.87 25.33
C SER I 116 -55.36 -4.75 24.40
N VAL I 117 -55.20 -5.04 23.11
CA VAL I 117 -54.78 -4.01 22.16
C VAL I 117 -55.86 -2.94 22.05
N PHE I 118 -57.13 -3.37 21.97
CA PHE I 118 -58.22 -2.39 21.92
C PHE I 118 -58.25 -1.54 23.18
N LEU I 119 -58.02 -2.15 24.34
CA LEU I 119 -58.00 -1.41 25.60
C LEU I 119 -56.86 -0.40 25.62
N TYR I 120 -55.68 -0.79 25.14
CA TYR I 120 -54.57 0.15 25.06
C TYR I 120 -54.89 1.32 24.12
N GLY I 121 -55.52 1.02 22.99
CA GLY I 121 -55.88 2.09 22.07
C GLY I 121 -56.88 3.06 22.70
N SER I 122 -57.89 2.53 23.39
CA SER I 122 -58.86 3.37 24.06
C SER I 122 -58.20 4.18 25.18
N PHE I 123 -57.27 3.55 25.90
CA PHE I 123 -56.52 4.24 26.95
C PHE I 123 -55.75 5.42 26.38
N TYR I 124 -55.09 5.21 25.24
CA TYR I 124 -54.37 6.30 24.60
C TYR I 124 -55.33 7.40 24.14
N TYR I 125 -56.45 7.01 23.53
CA TYR I 125 -57.38 8.00 22.98
C TYR I 125 -58.00 8.85 24.09
N SER I 126 -58.42 8.22 25.18
CA SER I 126 -59.08 8.96 26.26
C SER I 126 -58.11 9.91 26.95
N TYR I 127 -56.89 9.45 27.22
CA TYR I 127 -55.94 10.26 27.97
C TYR I 127 -55.16 11.24 27.10
N MET I 128 -55.37 11.23 25.79
CA MET I 128 -54.73 12.18 24.88
C MET I 128 -55.75 12.91 24.01
N PRO I 129 -56.59 13.76 24.60
CA PRO I 129 -57.36 14.73 23.79
C PRO I 129 -56.60 16.05 23.67
N THR I 130 -55.38 15.96 23.14
CA THR I 130 -54.44 17.06 23.20
C THR I 130 -54.97 18.29 22.47
N VAL I 131 -55.39 19.29 23.25
CA VAL I 131 -55.78 20.58 22.68
C VAL I 131 -54.48 21.29 22.31
N SER I 132 -54.09 21.16 21.04
CA SER I 132 -52.78 21.62 20.60
C SER I 132 -52.85 21.93 19.12
N HIS I 133 -51.89 22.72 18.65
CA HIS I 133 -51.85 23.00 17.22
C HIS I 133 -50.43 22.88 16.72
N LEU I 134 -50.32 22.36 15.49
CA LEU I 134 -49.05 22.03 14.83
C LEU I 134 -48.96 22.83 13.55
N SER I 135 -48.46 24.05 13.65
CA SER I 135 -48.33 24.89 12.47
C SER I 135 -47.14 24.44 11.64
N PRO I 136 -47.33 24.05 10.38
CA PRO I 136 -46.17 23.74 9.54
C PRO I 136 -45.37 24.99 9.26
N VAL I 137 -44.05 24.84 9.15
CA VAL I 137 -43.16 25.94 8.89
C VAL I 137 -42.49 25.74 7.54
N HIS I 138 -42.59 26.73 6.67
CA HIS I 138 -42.11 26.65 5.30
C HIS I 138 -40.98 27.66 5.15
N PHE I 139 -39.76 27.16 5.02
CA PHE I 139 -38.60 28.03 4.96
C PHE I 139 -38.28 28.41 3.52
N HIS I 140 -38.37 29.70 3.22
CA HIS I 140 -38.03 30.22 1.91
C HIS I 140 -36.70 30.96 1.97
N TYR I 141 -35.94 30.87 0.88
CA TYR I 141 -34.54 31.26 0.84
C TYR I 141 -34.35 32.43 -0.12
N ARG I 142 -33.09 32.73 -0.37
CA ARG I 142 -32.66 33.54 -1.50
C ARG I 142 -31.76 32.68 -2.37
N THR I 143 -31.85 32.84 -3.68
CA THR I 143 -31.14 31.96 -4.62
C THR I 143 -30.43 32.75 -5.70
N ASP I 144 -29.64 33.74 -5.31
CA ASP I 144 -28.91 34.58 -6.26
C ASP I 144 -27.43 34.26 -6.35
N CYS I 145 -26.90 33.41 -5.46
CA CYS I 145 -25.47 33.14 -5.46
C CYS I 145 -25.07 32.19 -6.57
N ASP I 146 -23.77 32.07 -6.78
CA ASP I 146 -23.25 31.19 -7.83
C ASP I 146 -23.56 29.73 -7.55
N SER I 147 -23.79 29.38 -6.29
CA SER I 147 -24.13 28.02 -5.87
C SER I 147 -23.02 27.02 -6.20
N SER I 148 -21.76 27.46 -6.19
CA SER I 148 -20.65 26.55 -6.43
C SER I 148 -20.44 25.56 -5.29
N THR I 149 -21.03 25.81 -4.12
CA THR I 149 -20.93 24.92 -2.98
C THR I 149 -22.32 24.66 -2.42
N ALA I 150 -22.42 23.67 -1.54
CA ALA I 150 -23.68 23.27 -0.94
C ALA I 150 -24.06 24.21 0.22
N SER I 151 -24.14 25.49 -0.11
CA SER I 151 -24.53 26.51 0.85
C SER I 151 -25.53 27.46 0.21
N LEU I 152 -26.48 27.92 1.01
CA LEU I 152 -27.52 28.83 0.51
C LEU I 152 -26.98 30.26 0.45
N CYS I 153 -27.87 31.21 0.24
CA CYS I 153 -27.53 32.63 0.21
C CYS I 153 -27.92 33.35 1.50
N SER I 154 -29.17 33.21 1.93
CA SER I 154 -29.67 33.87 3.12
C SER I 154 -30.18 32.83 4.11
N PHE I 155 -30.35 33.27 5.35
CA PHE I 155 -30.75 32.35 6.41
C PHE I 155 -32.20 31.89 6.19
N PRO I 156 -32.49 30.61 6.42
CA PRO I 156 -33.88 30.15 6.40
C PRO I 156 -34.76 30.98 7.32
N VAL I 157 -35.76 31.64 6.74
CA VAL I 157 -36.73 32.46 7.46
C VAL I 157 -38.11 31.94 7.14
N ALA I 158 -39.06 32.22 8.03
CA ALA I 158 -40.42 31.75 7.82
C ALA I 158 -41.46 32.51 8.63
N ASN I 159 -42.47 33.05 7.95
CA ASN I 159 -43.67 33.58 8.57
C ASN I 159 -44.67 32.44 8.72
N VAL I 160 -45.23 32.29 9.91
CA VAL I 160 -46.25 31.27 10.17
C VAL I 160 -47.39 31.94 10.91
N SER I 161 -48.62 31.65 10.47
CA SER I 161 -49.82 32.20 11.08
C SER I 161 -50.57 31.12 11.83
N LEU I 162 -51.02 31.44 13.04
CA LEU I 162 -51.71 30.48 13.89
C LEU I 162 -53.21 30.41 13.63
N ALA I 163 -53.75 31.29 12.80
CA ALA I 163 -55.17 31.29 12.51
C ALA I 163 -55.53 30.18 11.52
N ARG I 169 -59.33 31.71 17.97
CA ARG I 169 -58.06 31.84 18.67
C ARG I 169 -57.75 30.57 19.47
N VAL I 170 -56.49 30.16 19.47
CA VAL I 170 -56.03 28.99 20.21
C VAL I 170 -55.21 29.39 21.43
N LEU I 171 -54.40 30.44 21.31
CA LEU I 171 -53.62 30.94 22.44
C LEU I 171 -54.50 31.83 23.30
N MET I 172 -55.03 31.28 24.39
CA MET I 172 -55.89 31.99 25.32
C MET I 172 -55.09 32.37 26.56
N TYR I 173 -55.81 32.84 27.58
CA TYR I 173 -55.19 33.47 28.74
C TYR I 173 -55.36 32.60 29.98
N GLY I 174 -54.36 32.63 30.84
CA GLY I 174 -54.36 31.85 32.07
C GLY I 174 -53.71 30.49 31.95
N GLN I 175 -54.10 29.71 30.96
CA GLN I 175 -53.49 28.41 30.73
C GLN I 175 -52.08 28.59 30.17
N PRO I 176 -51.08 27.89 30.71
CA PRO I 176 -49.75 27.94 30.10
C PRO I 176 -49.59 26.92 28.99
N TYR I 177 -48.75 27.26 28.02
CA TYR I 177 -48.45 26.37 26.90
C TYR I 177 -46.95 26.36 26.65
N ARG I 178 -46.48 25.25 26.08
CA ARG I 178 -45.07 25.07 25.75
C ARG I 178 -44.90 25.18 24.24
N VAL I 179 -44.32 26.29 23.80
CA VAL I 179 -44.07 26.56 22.39
C VAL I 179 -42.74 25.94 22.00
N THR I 180 -42.78 24.99 21.05
CA THR I 180 -41.57 24.32 20.59
C THR I 180 -41.53 24.34 19.08
N LEU I 181 -40.33 24.13 18.53
CA LEU I 181 -40.12 24.02 17.09
C LEU I 181 -39.43 22.69 16.81
N GLU I 182 -40.23 21.66 16.54
CA GLU I 182 -39.68 20.36 16.18
C GLU I 182 -39.08 20.44 14.79
N LEU I 183 -37.78 20.20 14.69
CA LEU I 183 -37.01 20.42 13.48
C LEU I 183 -36.42 19.09 13.01
N GLU I 184 -36.60 18.79 11.73
CA GLU I 184 -36.19 17.51 11.16
C GLU I 184 -34.91 17.70 10.36
N LEU I 185 -33.84 17.03 10.78
CA LEU I 185 -32.56 17.12 10.10
C LEU I 185 -32.15 15.75 9.59
N PRO I 186 -31.41 15.71 8.49
CA PRO I 186 -30.71 14.48 8.11
C PRO I 186 -29.35 14.38 8.78
N GLU I 187 -28.88 13.14 8.90
CA GLU I 187 -27.57 12.85 9.49
C GLU I 187 -26.45 12.92 8.47
N SER I 188 -26.62 13.70 7.41
CA SER I 188 -25.60 13.81 6.39
C SER I 188 -24.35 14.46 6.94
N PRO I 189 -23.18 14.16 6.38
CA PRO I 189 -21.94 14.75 6.89
C PRO I 189 -21.93 16.27 6.89
N VAL I 190 -22.71 16.91 6.02
CA VAL I 190 -22.81 18.36 6.05
C VAL I 190 -23.42 18.84 7.36
N ASN I 191 -24.29 18.03 7.97
CA ASN I 191 -24.92 18.41 9.24
C ASN I 191 -24.07 18.05 10.45
N GLN I 192 -23.33 16.94 10.41
CA GLN I 192 -22.47 16.59 11.53
C GLN I 192 -21.28 17.55 11.64
N ASP I 193 -20.81 18.07 10.52
CA ASP I 193 -19.73 19.03 10.53
C ASP I 193 -20.21 20.47 10.69
N LEU I 194 -21.52 20.69 10.77
CA LEU I 194 -22.04 22.05 10.84
C LEU I 194 -21.73 22.70 12.18
N GLY I 195 -21.99 21.99 13.27
CA GLY I 195 -21.78 22.55 14.59
C GLY I 195 -23.00 23.28 15.11
N MET I 196 -22.76 24.17 16.07
CA MET I 196 -23.84 24.92 16.71
C MET I 196 -24.48 25.89 15.73
N PHE I 197 -25.78 26.14 15.93
CA PHE I 197 -26.48 27.14 15.15
C PHE I 197 -27.65 27.68 15.95
N LEU I 198 -27.98 28.94 15.66
CA LEU I 198 -28.90 29.74 16.46
C LEU I 198 -30.29 29.73 15.82
N VAL I 199 -31.31 29.56 16.65
CA VAL I 199 -32.71 29.58 16.24
C VAL I 199 -33.39 30.74 16.94
N THR I 200 -34.01 31.63 16.17
CA THR I 200 -34.69 32.80 16.71
C THR I 200 -36.16 32.77 16.37
N VAL I 201 -36.99 33.09 17.35
CA VAL I 201 -38.43 33.14 17.19
C VAL I 201 -38.93 34.50 17.63
N SER I 202 -39.84 35.09 16.85
CA SER I 202 -40.38 36.41 17.13
C SER I 202 -41.88 36.36 16.87
N CYS I 203 -42.66 36.33 17.94
CA CYS I 203 -44.11 36.45 17.78
C CYS I 203 -44.47 37.89 17.43
N TYR I 204 -45.43 38.04 16.52
CA TYR I 204 -45.80 39.37 16.04
C TYR I 204 -47.27 39.65 16.31
N THR I 205 -47.60 40.94 16.37
CA THR I 205 -48.96 41.39 16.59
C THR I 205 -49.73 41.35 15.26
N ARG I 206 -50.95 41.88 15.29
CA ARG I 206 -51.73 41.99 14.06
C ARG I 206 -51.12 43.01 13.10
N GLY I 207 -50.57 44.09 13.63
CA GLY I 207 -49.99 45.16 12.84
C GLY I 207 -48.51 45.02 12.55
N GLY I 208 -47.88 43.91 12.91
CA GLY I 208 -46.48 43.68 12.64
C GLY I 208 -45.56 43.90 13.83
N ARG I 209 -46.04 44.53 14.90
CA ARG I 209 -45.21 44.74 16.07
C ARG I 209 -44.84 43.39 16.70
N ILE I 210 -43.63 43.32 17.25
CA ILE I 210 -43.11 42.08 17.82
C ILE I 210 -43.65 41.91 19.23
N ILE I 211 -44.18 40.72 19.52
CA ILE I 211 -44.73 40.45 20.84
C ILE I 211 -43.63 40.02 21.81
N SER I 212 -42.99 38.89 21.53
CA SER I 212 -41.98 38.34 22.42
C SER I 212 -40.88 37.68 21.59
N THR I 213 -39.66 38.17 21.74
CA THR I 213 -38.51 37.65 21.04
C THR I 213 -37.76 36.65 21.92
N SER I 214 -37.44 35.49 21.34
CA SER I 214 -36.67 34.48 22.05
C SER I 214 -35.51 34.07 21.16
N SER I 215 -34.63 33.23 21.72
CA SER I 215 -33.50 32.70 20.98
C SER I 215 -32.96 31.49 21.71
N ARG I 216 -32.47 30.53 20.93
CA ARG I 216 -31.88 29.30 21.46
C ARG I 216 -30.74 28.87 20.57
N SER I 217 -29.88 28.00 21.09
CA SER I 217 -28.80 27.42 20.31
C SER I 217 -29.01 25.92 20.28
N VAL I 218 -29.16 25.36 19.08
CA VAL I 218 -29.44 23.93 18.93
C VAL I 218 -28.39 23.34 18.00
N MET I 219 -28.03 22.09 18.27
CA MET I 219 -26.98 21.40 17.52
C MET I 219 -27.32 19.93 17.42
N LEU I 220 -26.86 19.31 16.33
CA LEU I 220 -27.19 17.92 16.06
C LEU I 220 -26.56 17.00 17.09
N HIS I 221 -27.31 15.99 17.51
CA HIS I 221 -26.78 14.98 18.41
C HIS I 221 -25.63 14.23 17.76
N TYR I 222 -24.56 14.02 18.51
CA TYR I 222 -23.37 13.37 18.01
C TYR I 222 -23.46 11.86 18.24
N ARG I 223 -23.24 11.10 17.17
CA ARG I 223 -23.10 9.65 17.25
C ARG I 223 -21.87 9.26 16.45
N SER I 224 -21.04 8.41 17.03
CA SER I 224 -19.79 8.04 16.38
C SER I 224 -20.05 7.24 15.12
N GLN I 225 -19.03 7.15 14.26
CA GLN I 225 -19.17 6.45 13.00
C GLN I 225 -19.49 4.97 13.22
N LEU I 226 -18.83 4.36 14.19
CA LEU I 226 -19.15 2.97 14.53
C LEU I 226 -20.59 2.85 15.01
N LEU I 227 -21.04 3.81 15.81
CA LEU I 227 -22.43 3.80 16.28
C LEU I 227 -23.39 3.97 15.11
N GLN I 228 -23.08 4.87 14.17
CA GLN I 228 -23.94 5.05 13.01
C GLN I 228 -24.01 3.78 12.17
N VAL I 229 -22.88 3.11 11.98
CA VAL I 229 -22.85 1.88 11.20
C VAL I 229 -23.65 0.78 11.88
N LEU I 230 -23.48 0.63 13.20
CA LEU I 230 -24.21 -0.41 13.92
C LEU I 230 -25.70 -0.12 13.92
N ASP I 231 -26.08 1.15 14.02
CA ASP I 231 -27.48 1.54 13.90
C ASP I 231 -28.03 1.17 12.52
N THR I 232 -27.28 1.50 11.48
CA THR I 232 -27.72 1.17 10.13
C THR I 232 -27.89 -0.33 9.94
N LEU I 233 -27.01 -1.12 10.56
CA LEU I 233 -27.09 -2.56 10.40
C LEU I 233 -28.26 -3.16 11.17
N LEU I 234 -28.47 -2.72 12.41
CA LEU I 234 -29.48 -3.37 13.24
C LEU I 234 -30.88 -2.89 12.91
N PHE I 235 -31.05 -1.59 12.65
CA PHE I 235 -32.33 -1.05 12.22
C PHE I 235 -32.49 -1.05 10.70
N SER I 236 -31.82 -1.97 10.02
CA SER I 236 -31.80 -1.96 8.55
C SER I 236 -33.19 -2.19 7.97
N SER I 237 -33.95 -3.12 8.55
CA SER I 237 -35.25 -3.46 7.97
C SER I 237 -36.19 -2.26 7.97
N LEU I 238 -36.25 -1.54 9.09
CA LEU I 238 -37.13 -0.37 9.16
C LEU I 238 -36.71 0.71 8.20
N LEU I 239 -35.40 0.90 8.00
CA LEU I 239 -34.93 1.89 7.06
C LEU I 239 -35.19 1.47 5.61
N LEU I 240 -35.16 0.16 5.33
CA LEU I 240 -35.40 -0.34 3.99
C LEU I 240 -36.87 -0.26 3.60
N PHE I 241 -37.75 -0.61 4.54
CA PHE I 241 -39.18 -0.61 4.24
C PHE I 241 -39.82 0.77 4.38
N GLY I 242 -39.06 1.78 4.78
CA GLY I 242 -39.57 3.12 4.92
C GLY I 242 -40.19 3.45 6.26
N PHE I 243 -40.23 2.50 7.20
CA PHE I 243 -40.74 2.79 8.53
C PHE I 243 -39.86 3.81 9.24
N ALA I 244 -38.56 3.56 9.28
CA ALA I 244 -37.61 4.43 9.95
C ALA I 244 -36.80 5.21 8.92
N GLU I 245 -36.12 6.24 9.39
CA GLU I 245 -35.31 7.09 8.54
C GLU I 245 -34.15 7.65 9.35
N GLN I 246 -32.98 7.74 8.71
CA GLN I 246 -31.78 8.26 9.37
C GLN I 246 -31.90 9.76 9.50
N LYS I 247 -32.64 10.18 10.53
CA LYS I 247 -32.94 11.58 10.75
C LYS I 247 -32.91 11.88 12.25
N GLN I 248 -32.73 13.15 12.56
CA GLN I 248 -32.75 13.66 13.92
C GLN I 248 -33.92 14.62 14.07
N LEU I 249 -34.61 14.53 15.20
CA LEU I 249 -35.66 15.46 15.55
C LEU I 249 -35.17 16.30 16.73
N LEU I 250 -34.95 17.59 16.49
CA LEU I 250 -34.52 18.52 17.53
C LEU I 250 -35.74 19.29 18.03
N GLU I 251 -36.01 19.20 19.33
CA GLU I 251 -37.14 19.89 19.94
C GLU I 251 -36.62 21.18 20.57
N VAL I 252 -36.41 22.18 19.71
CA VAL I 252 -36.00 23.50 20.19
C VAL I 252 -37.16 24.09 21.00
N GLU I 253 -36.97 24.16 22.32
CA GLU I 253 -38.03 24.60 23.24
C GLU I 253 -38.00 26.12 23.31
N LEU I 254 -38.80 26.74 22.46
CA LEU I 254 -38.79 28.20 22.36
C LEU I 254 -39.37 28.85 23.60
N TYR I 255 -40.32 28.19 24.27
CA TYR I 255 -40.99 28.80 25.43
C TYR I 255 -41.42 27.67 26.36
N SER I 256 -40.81 27.62 27.55
CA SER I 256 -41.17 26.61 28.55
C SER I 256 -42.56 26.82 29.11
N ASP I 257 -42.97 28.07 29.34
CA ASP I 257 -44.32 28.37 29.80
C ASP I 257 -44.74 29.68 29.14
N TYR I 258 -45.69 29.60 28.21
CA TYR I 258 -46.20 30.77 27.51
C TYR I 258 -47.54 31.18 28.10
N ARG I 259 -47.68 32.47 28.36
CA ARG I 259 -48.94 33.06 28.79
C ARG I 259 -49.20 34.31 27.95
N GLU I 260 -50.35 34.36 27.30
CA GLU I 260 -50.62 35.39 26.31
C GLU I 260 -51.03 36.70 26.97
N ASN I 261 -50.54 37.80 26.41
CA ASN I 261 -51.00 39.12 26.84
C ASN I 261 -52.47 39.29 26.51
N SER I 262 -53.23 39.80 27.49
CA SER I 262 -54.68 39.87 27.35
C SER I 262 -55.09 40.80 26.22
N TYR I 263 -54.44 41.96 26.10
CA TYR I 263 -54.88 42.96 25.13
C TYR I 263 -54.51 42.58 23.70
N VAL I 264 -53.31 42.03 23.49
CA VAL I 264 -52.83 41.75 22.13
C VAL I 264 -52.59 40.25 21.98
N PRO I 265 -53.40 39.54 21.20
CA PRO I 265 -53.18 38.11 20.98
C PRO I 265 -52.03 37.88 20.00
N THR I 266 -51.58 36.63 19.94
CA THR I 266 -50.48 36.25 19.06
C THR I 266 -51.04 35.84 17.70
N THR I 267 -50.80 36.66 16.70
CA THR I 267 -51.23 36.32 15.34
C THR I 267 -50.36 35.25 14.72
N GLY I 268 -49.05 35.32 14.92
CA GLY I 268 -48.15 34.35 14.33
C GLY I 268 -46.72 34.59 14.76
N ALA I 269 -45.83 33.78 14.17
CA ALA I 269 -44.42 33.76 14.55
C ALA I 269 -43.54 33.83 13.32
N ILE I 270 -42.46 34.60 13.42
CA ILE I 270 -41.39 34.60 12.43
C ILE I 270 -40.22 33.82 13.01
N ILE I 271 -39.77 32.81 12.27
CA ILE I 271 -38.75 31.89 12.77
C ILE I 271 -37.56 31.92 11.81
N GLU I 272 -36.37 31.92 12.38
CA GLU I 272 -35.15 32.04 11.59
C GLU I 272 -34.10 31.10 12.12
N ILE I 273 -33.36 30.49 11.19
CA ILE I 273 -32.20 29.65 11.52
C ILE I 273 -30.98 30.28 10.89
N HIS I 274 -29.98 30.61 11.70
CA HIS I 274 -28.82 31.36 11.26
C HIS I 274 -27.69 30.45 10.79
N SER I 275 -28.01 29.54 9.89
CA SER I 275 -27.02 28.65 9.30
C SER I 275 -27.23 28.60 7.80
N LYS I 276 -26.14 28.77 7.05
CA LYS I 276 -26.19 28.72 5.59
C LYS I 276 -25.91 27.33 5.05
N ARG I 277 -25.76 26.33 5.91
CA ARG I 277 -25.49 24.98 5.49
C ARG I 277 -26.37 23.95 6.17
N ILE I 278 -27.39 24.36 6.92
CA ILE I 278 -28.20 23.44 7.70
C ILE I 278 -29.12 22.65 6.78
N GLN I 279 -28.77 21.39 6.52
CA GLN I 279 -29.64 20.52 5.74
C GLN I 279 -30.81 20.09 6.62
N MET I 280 -32.03 20.24 6.10
CA MET I 280 -33.21 19.89 6.87
C MET I 280 -34.35 19.51 5.92
N TYR I 281 -35.30 18.76 6.47
CA TYR I 281 -36.50 18.34 5.75
C TYR I 281 -37.70 19.23 6.04
N GLY I 282 -37.94 19.57 7.29
CA GLY I 282 -39.11 20.35 7.64
C GLY I 282 -39.09 20.78 9.10
N ALA I 283 -40.12 21.52 9.47
CA ALA I 283 -40.21 22.11 10.80
C ALA I 283 -41.67 22.29 11.17
N TYR I 284 -42.01 21.94 12.41
CA TYR I 284 -43.34 22.13 12.95
C TYR I 284 -43.28 22.98 14.21
N LEU I 285 -44.05 24.08 14.23
CA LEU I 285 -44.18 24.91 15.42
C LEU I 285 -45.37 24.36 16.19
N ARG I 286 -45.09 23.72 17.32
CA ARG I 286 -46.09 23.04 18.11
C ARG I 286 -46.39 23.82 19.39
N ILE I 287 -47.67 24.06 19.64
CA ILE I 287 -48.13 24.67 20.88
C ILE I 287 -49.14 23.76 21.53
N HIS I 288 -48.96 23.52 22.83
CA HIS I 288 -49.72 22.54 23.57
C HIS I 288 -49.74 22.94 25.04
N ALA I 289 -50.85 22.65 25.72
CA ALA I 289 -50.99 23.02 27.12
C ALA I 289 -49.93 22.34 27.98
N HIS I 290 -49.46 23.04 29.00
CA HIS I 290 -48.33 22.56 29.79
C HIS I 290 -48.67 21.40 30.72
N PHE I 291 -49.94 21.03 30.85
CA PHE I 291 -50.32 19.89 31.67
C PHE I 291 -49.60 18.64 31.19
N THR I 292 -48.69 18.12 32.00
CA THR I 292 -47.80 17.06 31.55
C THR I 292 -47.79 15.86 32.49
N GLY I 293 -47.95 16.10 33.79
CA GLY I 293 -47.63 15.07 34.78
C GLY I 293 -48.38 13.77 34.57
N LEU I 294 -49.68 13.86 34.32
CA LEU I 294 -50.47 12.65 34.10
C LEU I 294 -50.05 11.95 32.81
N ARG I 295 -49.80 12.72 31.75
CA ARG I 295 -49.50 12.17 30.43
C ARG I 295 -48.02 12.16 30.11
N TYR I 296 -47.15 12.39 31.10
CA TYR I 296 -45.72 12.59 30.85
C TYR I 296 -45.13 11.44 30.02
N LEU I 297 -45.45 10.21 30.40
CA LEU I 297 -44.93 9.06 29.65
C LEU I 297 -45.40 9.11 28.20
N LEU I 298 -46.69 9.37 27.99
CA LEU I 298 -47.19 9.48 26.62
C LEU I 298 -46.74 10.78 25.97
N TYR I 299 -46.57 11.84 26.75
CA TYR I 299 -46.17 13.13 26.20
C TYR I 299 -44.75 13.09 25.64
N ASN I 300 -43.88 12.28 26.25
CA ASN I 300 -42.46 12.28 25.87
C ASN I 300 -41.91 10.93 25.45
N PHE I 301 -42.41 9.81 25.97
CA PHE I 301 -41.86 8.48 25.67
C PHE I 301 -42.98 7.54 25.23
N PRO I 302 -43.55 7.77 24.04
CA PRO I 302 -44.70 6.94 23.62
C PRO I 302 -44.38 5.46 23.45
N MET I 303 -43.14 5.13 23.04
CA MET I 303 -42.82 3.75 22.73
C MET I 303 -42.99 2.83 23.93
N THR I 304 -42.50 3.24 25.10
CA THR I 304 -42.63 2.40 26.29
C THR I 304 -44.08 2.32 26.75
N CYS I 305 -44.89 3.34 26.45
CA CYS I 305 -46.28 3.34 26.88
C CYS I 305 -47.04 2.19 26.24
N ALA I 306 -46.77 1.90 24.96
CA ALA I 306 -47.44 0.79 24.30
C ALA I 306 -47.15 -0.52 25.03
N PHE I 307 -45.87 -0.79 25.30
CA PHE I 307 -45.51 -2.02 26.00
C PHE I 307 -46.15 -2.09 27.38
N VAL I 308 -46.08 -1.00 28.13
CA VAL I 308 -46.62 -0.99 29.50
C VAL I 308 -48.12 -1.24 29.48
N GLY I 309 -48.85 -0.50 28.63
CA GLY I 309 -50.29 -0.65 28.59
C GLY I 309 -50.72 -2.02 28.10
N VAL I 310 -50.06 -2.53 27.07
CA VAL I 310 -50.42 -3.84 26.53
C VAL I 310 -50.16 -4.92 27.57
N ALA I 311 -49.00 -4.87 28.24
CA ALA I 311 -48.70 -5.88 29.25
C ALA I 311 -49.67 -5.80 30.41
N SER I 312 -49.98 -4.59 30.88
CA SER I 312 -50.89 -4.44 32.00
C SER I 312 -52.28 -4.94 31.65
N ASN I 313 -52.77 -4.59 30.46
CA ASN I 313 -54.11 -5.01 30.07
C ASN I 313 -54.18 -6.51 29.83
N PHE I 314 -53.12 -7.10 29.27
CA PHE I 314 -53.12 -8.54 29.03
C PHE I 314 -53.06 -9.31 30.35
N THR I 315 -52.24 -8.84 31.29
CA THR I 315 -52.22 -9.47 32.61
C THR I 315 -53.56 -9.31 33.32
N PHE I 316 -54.17 -8.14 33.21
CA PHE I 316 -55.48 -7.93 33.80
C PHE I 316 -56.53 -8.82 33.14
N LEU I 317 -56.46 -8.97 31.82
CA LEU I 317 -57.38 -9.83 31.10
C LEU I 317 -57.01 -11.30 31.30
N LEU J 112 -59.89 -19.80 -2.09
CA LEU J 112 -60.70 -18.62 -2.42
C LEU J 112 -59.83 -17.37 -2.47
N LEU J 113 -58.52 -17.57 -2.65
CA LEU J 113 -57.61 -16.42 -2.75
C LEU J 113 -57.92 -15.59 -3.98
N TRP J 114 -58.35 -16.24 -5.06
CA TRP J 114 -58.82 -15.51 -6.23
C TRP J 114 -59.98 -14.58 -5.88
N VAL J 115 -60.96 -15.10 -5.14
CA VAL J 115 -62.09 -14.28 -4.71
C VAL J 115 -61.62 -13.15 -3.80
N SER J 116 -60.67 -13.44 -2.91
CA SER J 116 -60.15 -12.40 -2.02
C SER J 116 -59.47 -11.28 -2.80
N VAL J 117 -58.67 -11.63 -3.81
CA VAL J 117 -57.99 -10.63 -4.61
C VAL J 117 -59.00 -9.79 -5.39
N PHE J 118 -60.03 -10.45 -5.95
CA PHE J 118 -61.06 -9.71 -6.66
C PHE J 118 -61.81 -8.77 -5.72
N LEU J 119 -62.08 -9.24 -4.49
CA LEU J 119 -62.76 -8.40 -3.51
C LEU J 119 -61.91 -7.19 -3.14
N TYR J 120 -60.60 -7.38 -2.95
CA TYR J 120 -59.74 -6.25 -2.64
C TYR J 120 -59.68 -5.27 -3.80
N GLY J 121 -59.64 -5.78 -5.03
CA GLY J 121 -59.65 -4.90 -6.18
C GLY J 121 -60.92 -4.07 -6.27
N SER J 122 -62.07 -4.72 -6.03
CA SER J 122 -63.34 -3.99 -6.02
C SER J 122 -63.38 -2.98 -4.90
N PHE J 123 -62.85 -3.33 -3.73
CA PHE J 123 -62.74 -2.39 -2.61
C PHE J 123 -61.94 -1.16 -3.02
N TYR J 124 -60.77 -1.37 -3.63
CA TYR J 124 -59.93 -0.25 -4.04
C TYR J 124 -60.63 0.60 -5.10
N TYR J 125 -61.29 -0.04 -6.07
CA TYR J 125 -61.96 0.71 -7.12
C TYR J 125 -63.12 1.54 -6.56
N SER J 126 -63.91 0.94 -5.67
CA SER J 126 -65.06 1.65 -5.11
C SER J 126 -64.62 2.82 -4.23
N TYR J 127 -63.59 2.60 -3.40
CA TYR J 127 -63.22 3.66 -2.46
C TYR J 127 -62.18 4.62 -3.02
N MET J 128 -61.78 4.45 -4.29
CA MET J 128 -60.89 5.40 -4.96
C MET J 128 -61.46 5.85 -6.29
N PRO J 129 -62.54 6.64 -6.29
CA PRO J 129 -62.93 7.40 -7.48
C PRO J 129 -62.27 8.78 -7.50
N THR J 130 -60.94 8.78 -7.44
CA THR J 130 -60.20 10.01 -7.21
C THR J 130 -60.42 11.01 -8.33
N VAL J 131 -61.23 12.03 -8.05
CA VAL J 131 -61.46 13.11 -9.00
C VAL J 131 -60.22 14.00 -8.96
N SER J 132 -59.28 13.74 -9.86
CA SER J 132 -57.99 14.42 -9.82
C SER J 132 -57.45 14.50 -11.23
N HIS J 133 -56.52 15.44 -11.43
CA HIS J 133 -55.85 15.59 -12.70
C HIS J 133 -54.35 15.63 -12.46
N LEU J 134 -53.61 14.89 -13.30
CA LEU J 134 -52.18 14.73 -13.16
C LEU J 134 -51.52 15.46 -14.32
N SER J 135 -51.30 16.76 -14.14
CA SER J 135 -50.71 17.54 -15.21
C SER J 135 -49.22 17.23 -15.32
N PRO J 136 -48.75 16.72 -16.46
CA PRO J 136 -47.31 16.56 -16.64
C PRO J 136 -46.63 17.92 -16.68
N VAL J 137 -45.42 17.98 -16.12
CA VAL J 137 -44.64 19.20 -16.09
C VAL J 137 -43.37 18.96 -16.90
N HIS J 138 -43.14 19.81 -17.89
CA HIS J 138 -42.05 19.65 -18.84
C HIS J 138 -41.07 20.80 -18.64
N PHE J 139 -39.91 20.49 -18.06
CA PHE J 139 -38.93 21.52 -17.77
C PHE J 139 -38.03 21.75 -18.98
N HIS J 140 -38.05 22.98 -19.50
CA HIS J 140 -37.20 23.36 -20.61
C HIS J 140 -36.16 24.37 -20.14
N TYR J 141 -34.96 24.24 -20.69
CA TYR J 141 -33.77 24.93 -20.22
C TYR J 141 -33.33 25.99 -21.22
N ARG J 142 -32.17 26.57 -20.93
CA ARG J 142 -31.39 27.34 -21.89
C ARG J 142 -30.10 26.58 -22.15
N THR J 143 -29.62 26.62 -23.40
CA THR J 143 -28.44 25.85 -23.78
C THR J 143 -27.44 26.67 -24.59
N ASP J 144 -27.09 27.86 -24.12
CA ASP J 144 -26.15 28.72 -24.83
C ASP J 144 -24.76 28.76 -24.19
N CYS J 145 -24.52 27.95 -23.17
CA CYS J 145 -23.24 28.00 -22.48
C CYS J 145 -22.23 27.04 -23.09
N ASP J 146 -21.03 27.02 -22.50
CA ASP J 146 -19.98 26.13 -22.98
C ASP J 146 -20.31 24.67 -22.70
N SER J 147 -21.09 24.40 -21.66
CA SER J 147 -21.49 23.05 -21.25
C SER J 147 -20.30 22.17 -20.92
N SER J 148 -19.20 22.76 -20.44
CA SER J 148 -18.02 21.99 -20.09
C SER J 148 -18.21 21.17 -18.82
N THR J 149 -19.22 21.50 -18.01
CA THR J 149 -19.48 20.79 -16.76
C THR J 149 -20.92 20.32 -16.72
N ALA J 150 -21.20 19.39 -15.82
CA ALA J 150 -22.53 18.82 -15.67
C ALA J 150 -23.46 19.76 -14.91
N SER J 151 -23.67 20.94 -15.50
CA SER J 151 -24.57 21.93 -14.94
C SER J 151 -25.23 22.68 -16.07
N LEU J 152 -26.50 23.03 -15.88
CA LEU J 152 -27.27 23.70 -16.92
C LEU J 152 -26.96 25.19 -16.94
N CYS J 153 -27.73 25.92 -17.75
CA CYS J 153 -27.56 27.37 -17.87
C CYS J 153 -28.49 28.13 -16.94
N SER J 154 -29.80 27.90 -17.05
CA SER J 154 -30.79 28.60 -16.26
C SER J 154 -31.62 27.60 -15.46
N PHE J 155 -32.47 28.13 -14.60
CA PHE J 155 -33.27 27.27 -13.73
C PHE J 155 -34.37 26.57 -14.53
N PRO J 156 -34.60 25.29 -14.28
CA PRO J 156 -35.73 24.61 -14.92
C PRO J 156 -37.06 25.30 -14.60
N VAL J 157 -37.72 25.78 -15.65
CA VAL J 157 -39.02 26.42 -15.55
C VAL J 157 -39.99 25.66 -16.43
N ALA J 158 -41.29 25.81 -16.14
CA ALA J 158 -42.30 25.07 -16.89
C ALA J 158 -43.65 25.74 -16.75
N ASN J 159 -44.26 26.09 -17.88
CA ASN J 159 -45.67 26.44 -17.93
C ASN J 159 -46.49 25.16 -18.02
N VAL J 160 -47.57 25.09 -17.23
CA VAL J 160 -48.48 23.95 -17.30
C VAL J 160 -49.90 24.50 -17.31
N SER J 161 -50.72 23.96 -18.20
CA SER J 161 -52.12 24.37 -18.34
C SER J 161 -53.02 23.24 -17.87
N LEU J 162 -54.02 23.59 -17.06
CA LEU J 162 -54.93 22.62 -16.46
C LEU J 162 -56.18 22.38 -17.30
N ALA J 163 -56.31 23.05 -18.45
CA ALA J 163 -57.48 22.88 -19.30
C ALA J 163 -57.46 21.54 -20.01
N ARG J 169 -63.77 22.65 -16.55
CA ARG J 169 -62.93 23.05 -15.43
C ARG J 169 -62.93 21.98 -14.35
N VAL J 170 -61.83 21.92 -13.58
CA VAL J 170 -61.69 20.99 -12.47
C VAL J 170 -61.60 21.72 -11.13
N LEU J 171 -60.85 22.82 -11.09
CA LEU J 171 -60.73 23.63 -9.87
C LEU J 171 -61.98 24.47 -9.73
N MET J 172 -62.84 24.09 -8.78
CA MET J 172 -64.12 24.73 -8.55
C MET J 172 -64.13 25.36 -7.16
N TYR J 173 -65.30 25.86 -6.75
CA TYR J 173 -65.43 26.69 -5.57
C TYR J 173 -65.96 25.88 -4.40
N GLY J 174 -65.46 26.18 -3.21
CA GLY J 174 -65.90 25.52 -1.99
C GLY J 174 -65.14 24.28 -1.59
N GLN J 175 -65.00 23.33 -2.50
CA GLN J 175 -64.26 22.11 -2.21
C GLN J 175 -62.78 22.43 -2.08
N PRO J 176 -62.11 21.94 -1.04
CA PRO J 176 -60.66 22.12 -0.93
C PRO J 176 -59.90 21.02 -1.67
N TYR J 177 -58.69 21.36 -2.09
CA TYR J 177 -57.81 20.41 -2.76
C TYR J 177 -56.38 20.64 -2.32
N ARG J 178 -55.55 19.61 -2.47
CA ARG J 178 -54.14 19.65 -2.08
C ARG J 178 -53.28 19.63 -3.33
N VAL J 179 -52.65 20.76 -3.63
CA VAL J 179 -51.79 20.93 -4.79
C VAL J 179 -50.37 20.53 -4.43
N THR J 180 -49.82 19.55 -5.14
CA THR J 180 -48.46 19.08 -4.90
C THR J 180 -47.73 18.93 -6.22
N LEU J 181 -46.41 18.82 -6.15
CA LEU J 181 -45.55 18.60 -7.30
C LEU J 181 -44.68 17.38 -7.02
N GLU J 182 -45.20 16.19 -7.35
CA GLU J 182 -44.44 14.97 -7.18
C GLU J 182 -43.22 14.98 -8.11
N LEU J 183 -42.03 14.98 -7.52
CA LEU J 183 -40.79 15.18 -8.26
C LEU J 183 -39.98 13.89 -8.23
N GLU J 184 -39.40 13.54 -9.37
CA GLU J 184 -38.71 12.27 -9.55
C GLU J 184 -37.21 12.53 -9.68
N LEU J 185 -36.45 12.20 -8.64
CA LEU J 185 -35.02 12.38 -8.59
C LEU J 185 -34.31 11.03 -8.52
N PRO J 186 -33.24 10.85 -9.29
CA PRO J 186 -32.35 9.70 -9.06
C PRO J 186 -31.37 9.97 -7.93
N GLU J 187 -30.99 8.87 -7.27
CA GLU J 187 -30.05 8.95 -6.16
C GLU J 187 -28.62 8.99 -6.71
N SER J 188 -28.37 9.88 -7.64
CA SER J 188 -27.05 10.02 -8.24
C SER J 188 -26.12 10.79 -7.31
N PRO J 189 -24.81 10.58 -7.43
CA PRO J 189 -23.87 11.32 -6.58
C PRO J 189 -23.99 12.83 -6.75
N VAL J 190 -24.39 13.31 -7.92
CA VAL J 190 -24.58 14.75 -8.10
C VAL J 190 -25.77 15.24 -7.28
N ASN J 191 -26.83 14.43 -7.16
CA ASN J 191 -28.00 14.84 -6.42
C ASN J 191 -27.79 14.82 -4.91
N GLN J 192 -26.99 13.88 -4.40
CA GLN J 192 -26.75 13.83 -2.97
C GLN J 192 -25.86 14.98 -2.51
N ASP J 193 -24.89 15.36 -3.33
CA ASP J 193 -24.01 16.47 -2.99
C ASP J 193 -24.65 17.83 -3.23
N LEU J 194 -25.84 17.87 -3.83
CA LEU J 194 -26.46 19.14 -4.19
C LEU J 194 -26.94 19.89 -2.95
N GLY J 195 -27.66 19.21 -2.08
CA GLY J 195 -28.22 19.87 -0.91
C GLY J 195 -29.57 20.50 -1.16
N MET J 196 -29.92 21.50 -0.36
CA MET J 196 -31.24 22.12 -0.43
C MET J 196 -31.42 22.89 -1.73
N PHE J 197 -32.67 22.95 -2.19
CA PHE J 197 -33.01 23.73 -3.37
C PHE J 197 -34.46 24.19 -3.27
N LEU J 198 -34.72 25.36 -3.85
CA LEU J 198 -36.01 26.03 -3.72
C LEU J 198 -36.91 25.69 -4.90
N VAL J 199 -38.20 25.55 -4.61
CA VAL J 199 -39.25 25.29 -5.59
C VAL J 199 -40.28 26.41 -5.51
N THR J 200 -40.59 27.01 -6.66
CA THR J 200 -41.54 28.10 -6.70
C THR J 200 -42.68 27.76 -7.65
N VAL J 201 -43.90 28.10 -7.25
CA VAL J 201 -45.10 27.87 -8.03
C VAL J 201 -45.86 29.18 -8.11
N SER J 202 -46.32 29.53 -9.31
CA SER J 202 -47.09 30.76 -9.51
C SER J 202 -48.30 30.40 -10.38
N CYS J 203 -49.47 30.34 -9.76
CA CYS J 203 -50.69 30.14 -10.53
C CYS J 203 -51.05 31.44 -11.24
N TYR J 204 -51.40 31.34 -12.53
CA TYR J 204 -51.62 32.52 -13.34
C TYR J 204 -53.05 32.57 -13.84
N THR J 205 -53.51 33.78 -14.14
CA THR J 205 -54.84 34.00 -14.66
C THR J 205 -54.88 33.71 -16.16
N ARG J 206 -56.03 33.99 -16.78
CA ARG J 206 -56.13 33.85 -18.22
C ARG J 206 -55.31 34.91 -18.95
N GLY J 207 -55.22 36.11 -18.38
CA GLY J 207 -54.50 37.22 -18.97
C GLY J 207 -53.04 37.34 -18.58
N GLY J 208 -52.50 36.39 -17.81
CA GLY J 208 -51.12 36.40 -17.40
C GLY J 208 -50.88 36.86 -15.98
N ARG J 209 -51.87 37.48 -15.35
CA ARG J 209 -51.72 37.91 -13.96
C ARG J 209 -51.58 36.69 -13.06
N ILE J 210 -50.86 36.86 -11.94
CA ILE J 210 -50.57 35.78 -11.02
C ILE J 210 -51.69 35.67 -10.00
N ILE J 211 -52.20 34.45 -9.80
CA ILE J 211 -53.26 34.21 -8.84
C ILE J 211 -52.67 34.03 -7.45
N SER J 212 -51.88 32.97 -7.27
CA SER J 212 -51.30 32.66 -5.97
C SER J 212 -49.86 32.21 -6.17
N THR J 213 -48.96 32.81 -5.38
CA THR J 213 -47.54 32.46 -5.40
C THR J 213 -47.20 31.68 -4.14
N SER J 214 -46.44 30.60 -4.34
CA SER J 214 -46.01 29.76 -3.23
C SER J 214 -44.52 29.49 -3.39
N SER J 215 -43.90 28.99 -2.31
CA SER J 215 -42.50 28.62 -2.36
C SER J 215 -42.23 27.61 -1.25
N ARG J 216 -41.41 26.61 -1.57
CA ARG J 216 -41.01 25.59 -0.62
C ARG J 216 -39.54 25.30 -0.83
N SER J 217 -38.92 24.69 0.17
CA SER J 217 -37.54 24.23 0.04
C SER J 217 -37.54 22.72 0.20
N VAL J 218 -37.09 22.01 -0.83
CA VAL J 218 -37.11 20.56 -0.84
C VAL J 218 -35.72 20.05 -1.12
N MET J 219 -35.37 18.91 -0.53
CA MET J 219 -34.04 18.35 -0.64
C MET J 219 -34.12 16.84 -0.66
N LEU J 220 -33.16 16.23 -1.35
CA LEU J 220 -33.14 14.79 -1.53
C LEU J 220 -32.97 14.09 -0.19
N HIS J 221 -33.75 13.03 0.03
CA HIS J 221 -33.61 12.21 1.23
C HIS J 221 -32.22 11.58 1.29
N TYR J 222 -31.62 11.62 2.48
CA TYR J 222 -30.27 11.10 2.65
C TYR J 222 -30.31 9.68 3.20
N ARG J 223 -29.55 8.79 2.57
CA ARG J 223 -29.34 7.44 3.06
C ARG J 223 -27.85 7.15 2.97
N SER J 224 -27.29 6.54 4.01
CA SER J 224 -25.86 6.31 4.07
C SER J 224 -25.43 5.33 3.00
N GLN J 225 -24.12 5.32 2.72
CA GLN J 225 -23.58 4.47 1.66
C GLN J 225 -23.82 2.99 1.97
N LEU J 226 -23.64 2.60 3.23
CA LEU J 226 -23.94 1.23 3.62
C LEU J 226 -25.41 0.90 3.42
N LEU J 227 -26.30 1.84 3.75
CA LEU J 227 -27.72 1.65 3.52
C LEU J 227 -28.02 1.52 2.02
N GLN J 228 -27.38 2.33 1.19
CA GLN J 228 -27.58 2.23 -0.24
C GLN J 228 -27.13 0.89 -0.79
N VAL J 229 -25.98 0.40 -0.32
CA VAL J 229 -25.48 -0.89 -0.78
C VAL J 229 -26.41 -2.01 -0.33
N LEU J 230 -26.88 -1.94 0.92
CA LEU J 230 -27.80 -2.97 1.42
C LEU J 230 -29.12 -2.96 0.65
N ASP J 231 -29.63 -1.76 0.32
CA ASP J 231 -30.82 -1.65 -0.49
C ASP J 231 -30.61 -2.27 -1.87
N THR J 232 -29.49 -1.92 -2.51
CA THR J 232 -29.19 -2.47 -3.83
C THR J 232 -29.09 -3.99 -3.79
N LEU J 233 -28.53 -4.53 -2.71
CA LEU J 233 -28.35 -5.98 -2.63
C LEU J 233 -29.67 -6.69 -2.36
N LEU J 234 -30.52 -6.14 -1.49
CA LEU J 234 -31.74 -6.85 -1.11
C LEU J 234 -32.86 -6.66 -2.12
N PHE J 235 -33.04 -5.45 -2.64
CA PHE J 235 -34.01 -5.18 -3.69
C PHE J 235 -33.43 -5.38 -5.09
N SER J 236 -32.41 -6.23 -5.20
CA SER J 236 -31.69 -6.37 -6.46
C SER J 236 -32.58 -6.90 -7.57
N SER J 237 -33.44 -7.87 -7.25
CA SER J 237 -34.26 -8.50 -8.29
C SER J 237 -35.20 -7.49 -8.92
N LEU J 238 -35.84 -6.65 -8.10
CA LEU J 238 -36.77 -5.67 -8.64
C LEU J 238 -36.05 -4.64 -9.49
N LEU J 239 -34.84 -4.26 -9.10
CA LEU J 239 -34.07 -3.31 -9.91
C LEU J 239 -33.60 -3.94 -11.21
N LEU J 240 -33.29 -5.23 -11.19
CA LEU J 240 -32.79 -5.91 -12.39
C LEU J 240 -33.90 -6.13 -13.40
N PHE J 241 -35.08 -6.57 -12.95
CA PHE J 241 -36.18 -6.84 -13.85
C PHE J 241 -36.91 -5.58 -14.30
N GLY J 242 -36.58 -4.42 -13.73
CA GLY J 242 -37.22 -3.18 -14.10
C GLY J 242 -38.39 -2.78 -13.25
N PHE J 243 -38.77 -3.59 -12.25
CA PHE J 243 -39.88 -3.23 -11.38
C PHE J 243 -39.54 -2.01 -10.53
N ALA J 244 -38.38 -2.02 -9.87
CA ALA J 244 -37.95 -0.94 -9.00
C ALA J 244 -36.81 -0.17 -9.63
N GLU J 245 -36.62 1.06 -9.17
CA GLU J 245 -35.55 1.91 -9.67
C GLU J 245 -35.01 2.75 -8.52
N GLN J 246 -33.71 2.99 -8.55
CA GLN J 246 -33.03 3.78 -7.52
C GLN J 246 -33.35 5.26 -7.70
N LYS J 247 -34.57 5.61 -7.32
CA LYS J 247 -35.08 6.97 -7.47
C LYS J 247 -35.81 7.38 -6.20
N GLN J 248 -35.95 8.69 -6.03
CA GLN J 248 -36.67 9.27 -4.91
C GLN J 248 -37.83 10.10 -5.42
N LEU J 249 -38.96 10.01 -4.72
CA LEU J 249 -40.14 10.81 -5.03
C LEU J 249 -40.35 11.81 -3.90
N LEU J 250 -40.18 13.10 -4.21
CA LEU J 250 -40.41 14.17 -3.26
C LEU J 250 -41.77 14.78 -3.56
N GLU J 251 -42.65 14.77 -2.56
CA GLU J 251 -43.99 15.31 -2.68
C GLU J 251 -43.97 16.72 -2.11
N VAL J 252 -43.56 17.68 -2.93
CA VAL J 252 -43.54 19.08 -2.52
C VAL J 252 -44.99 19.55 -2.38
N GLU J 253 -45.44 19.70 -1.13
CA GLU J 253 -46.83 20.08 -0.83
C GLU J 253 -46.96 21.58 -1.02
N LEU J 254 -47.42 21.97 -2.21
CA LEU J 254 -47.51 23.40 -2.54
C LEU J 254 -48.67 24.07 -1.81
N TYR J 255 -49.81 23.37 -1.71
CA TYR J 255 -51.01 23.94 -1.12
C TYR J 255 -51.78 22.83 -0.40
N SER J 256 -52.15 23.09 0.85
CA SER J 256 -52.81 22.10 1.68
C SER J 256 -54.32 22.24 1.71
N ASP J 257 -54.84 23.46 1.64
CA ASP J 257 -56.28 23.70 1.66
C ASP J 257 -56.65 24.69 0.55
N TYR J 258 -56.18 24.42 -0.66
CA TYR J 258 -56.46 25.30 -1.78
C TYR J 258 -57.96 25.41 -2.02
N ARG J 259 -58.42 26.65 -2.22
CA ARG J 259 -59.79 26.93 -2.61
C ARG J 259 -59.77 27.99 -3.69
N GLU J 260 -60.55 27.77 -4.75
CA GLU J 260 -60.47 28.59 -5.96
C GLU J 260 -61.20 29.90 -5.79
N ASN J 261 -60.61 30.97 -6.34
CA ASN J 261 -61.28 32.26 -6.37
C ASN J 261 -62.49 32.19 -7.29
N SER J 262 -63.61 32.75 -6.82
CA SER J 262 -64.87 32.65 -7.57
C SER J 262 -64.79 33.42 -8.88
N TYR J 263 -64.23 34.62 -8.87
CA TYR J 263 -64.25 35.49 -10.04
C TYR J 263 -63.19 35.12 -11.08
N VAL J 264 -62.05 34.59 -10.67
CA VAL J 264 -60.98 34.26 -11.61
C VAL J 264 -60.53 32.82 -11.39
N PRO J 265 -60.80 31.92 -12.34
CA PRO J 265 -60.35 30.53 -12.18
C PRO J 265 -58.86 30.37 -12.45
N THR J 266 -58.31 29.21 -12.13
CA THR J 266 -56.89 28.93 -12.32
C THR J 266 -56.69 28.32 -13.70
N THR J 267 -56.11 29.10 -14.62
CA THR J 267 -55.81 28.58 -15.94
C THR J 267 -54.63 27.62 -15.92
N GLY J 268 -53.63 27.89 -15.09
CA GLY J 268 -52.47 27.02 -15.04
C GLY J 268 -51.44 27.57 -14.06
N ALA J 269 -50.29 26.90 -14.03
CA ALA J 269 -49.24 27.22 -13.09
C ALA J 269 -47.88 27.25 -13.76
N ILE J 270 -47.02 28.18 -13.33
CA ILE J 270 -45.63 28.23 -13.73
C ILE J 270 -44.80 27.72 -12.57
N ILE J 271 -44.01 26.67 -12.82
CA ILE J 271 -43.26 25.99 -11.77
C ILE J 271 -41.78 26.08 -12.10
N GLU J 272 -40.97 26.32 -11.06
CA GLU J 272 -39.55 26.56 -11.25
C GLU J 272 -38.76 25.90 -10.14
N ILE J 273 -37.65 25.28 -10.52
CA ILE J 273 -36.68 24.73 -9.58
C ILE J 273 -35.39 25.51 -9.75
N HIS J 274 -34.87 26.05 -8.65
CA HIS J 274 -33.77 26.99 -8.69
C HIS J 274 -32.41 26.31 -8.66
N SER J 275 -32.38 24.99 -8.73
CA SER J 275 -31.13 24.24 -8.76
C SER J 275 -30.64 24.13 -10.20
N LYS J 276 -29.37 24.48 -10.41
CA LYS J 276 -28.71 24.31 -11.69
C LYS J 276 -28.09 22.93 -11.84
N ARG J 277 -28.27 22.06 -10.86
CA ARG J 277 -27.69 20.72 -10.91
C ARG J 277 -28.67 19.62 -10.54
N ILE J 278 -29.96 19.93 -10.45
CA ILE J 278 -30.97 18.96 -10.04
C ILE J 278 -31.20 17.97 -11.19
N GLN J 279 -30.56 16.80 -11.10
CA GLN J 279 -30.80 15.71 -12.03
C GLN J 279 -32.14 15.08 -11.71
N MET J 280 -33.07 15.11 -12.66
CA MET J 280 -34.42 14.61 -12.44
C MET J 280 -34.94 13.96 -13.71
N TYR J 281 -35.89 13.06 -13.52
CA TYR J 281 -36.52 12.33 -14.62
C TYR J 281 -37.75 13.04 -15.17
N GLY J 282 -38.61 13.53 -14.29
CA GLY J 282 -39.83 14.19 -14.71
C GLY J 282 -40.50 14.87 -13.53
N ALA J 283 -41.75 15.27 -13.73
CA ALA J 283 -42.49 15.99 -12.70
C ALA J 283 -43.97 15.95 -13.00
N TYR J 284 -44.77 15.72 -11.96
CA TYR J 284 -46.23 15.77 -12.05
C TYR J 284 -46.75 16.86 -11.13
N LEU J 285 -47.80 17.54 -11.57
CA LEU J 285 -48.54 18.48 -10.73
C LEU J 285 -49.90 17.81 -10.46
N ARG J 286 -50.16 17.48 -9.21
CA ARG J 286 -51.34 16.71 -8.84
C ARG J 286 -52.24 17.52 -7.92
N ILE J 287 -53.51 17.61 -8.31
CA ILE J 287 -54.53 18.28 -7.52
C ILE J 287 -55.64 17.29 -7.23
N HIS J 288 -55.97 17.14 -5.95
CA HIS J 288 -56.90 16.12 -5.50
C HIS J 288 -57.67 16.64 -4.30
N ALA J 289 -58.93 16.24 -4.17
CA ALA J 289 -59.77 16.71 -3.07
C ALA J 289 -59.16 16.34 -1.74
N HIS J 290 -59.25 17.26 -0.78
CA HIS J 290 -58.57 17.11 0.50
C HIS J 290 -59.18 16.02 1.38
N PHE J 291 -60.34 15.47 0.99
CA PHE J 291 -60.91 14.35 1.72
C PHE J 291 -59.90 13.22 1.82
N THR J 292 -59.48 12.91 3.05
CA THR J 292 -58.41 11.93 3.25
C THR J 292 -58.81 10.86 4.26
N GLY J 293 -59.57 11.25 5.28
CA GLY J 293 -59.87 10.39 6.42
C GLY J 293 -60.19 8.94 6.13
N LEU J 294 -61.25 8.69 5.34
CA LEU J 294 -61.62 7.31 5.03
C LEU J 294 -60.55 6.63 4.20
N ARG J 295 -59.96 7.34 3.24
CA ARG J 295 -59.04 6.76 2.27
C ARG J 295 -57.58 6.96 2.64
N TYR J 296 -57.29 7.40 3.87
CA TYR J 296 -55.93 7.80 4.24
C TYR J 296 -54.90 6.72 3.90
N LEU J 297 -55.20 5.47 4.26
CA LEU J 297 -54.30 4.38 3.92
C LEU J 297 -54.10 4.29 2.41
N LEU J 298 -55.20 4.31 1.65
CA LEU J 298 -55.09 4.28 0.20
C LEU J 298 -54.60 5.63 -0.33
N TYR J 299 -54.82 6.70 0.42
CA TYR J 299 -54.33 8.02 0.00
C TYR J 299 -52.81 8.06 -0.02
N ASN J 300 -52.16 7.46 0.97
CA ASN J 300 -50.72 7.66 1.17
C ASN J 300 -49.90 6.39 1.36
N PHE J 301 -50.49 5.27 1.80
CA PHE J 301 -49.75 4.04 2.07
C PHE J 301 -50.40 2.89 1.31
N PRO J 302 -50.13 2.77 0.02
CA PRO J 302 -50.89 1.80 -0.81
C PRO J 302 -50.66 0.35 -0.45
N MET J 303 -49.40 -0.08 -0.30
CA MET J 303 -49.11 -1.49 -0.11
C MET J 303 -49.72 -2.02 1.18
N THR J 304 -49.81 -1.18 2.21
CA THR J 304 -50.45 -1.59 3.45
C THR J 304 -51.92 -1.92 3.22
N CYS J 305 -52.59 -1.19 2.33
CA CYS J 305 -53.99 -1.47 2.03
C CYS J 305 -54.14 -2.88 1.47
N ALA J 306 -53.27 -3.28 0.55
CA ALA J 306 -53.31 -4.65 0.06
C ALA J 306 -53.02 -5.63 1.19
N PHE J 307 -51.92 -5.41 1.92
CA PHE J 307 -51.51 -6.35 2.96
C PHE J 307 -52.61 -6.57 3.99
N VAL J 308 -53.45 -5.56 4.22
CA VAL J 308 -54.52 -5.69 5.19
C VAL J 308 -55.79 -6.25 4.56
N GLY J 309 -56.24 -5.65 3.46
CA GLY J 309 -57.51 -6.03 2.87
C GLY J 309 -57.52 -7.43 2.30
N VAL J 310 -56.44 -7.80 1.59
CA VAL J 310 -56.38 -9.14 1.01
C VAL J 310 -56.39 -10.19 2.10
N ALA J 311 -55.59 -9.97 3.16
CA ALA J 311 -55.56 -10.93 4.26
C ALA J 311 -56.91 -11.01 4.96
N SER J 312 -57.56 -9.86 5.18
CA SER J 312 -58.86 -9.87 5.86
C SER J 312 -59.91 -10.58 5.02
N ASN J 313 -59.93 -10.34 3.71
CA ASN J 313 -60.89 -11.00 2.84
C ASN J 313 -60.63 -12.49 2.75
N PHE J 314 -59.36 -12.89 2.70
CA PHE J 314 -59.02 -14.31 2.66
C PHE J 314 -59.43 -15.02 3.94
N THR J 315 -59.18 -14.38 5.09
CA THR J 315 -59.61 -14.96 6.36
C THR J 315 -61.12 -15.04 6.45
N PHE J 316 -61.81 -13.99 5.96
CA PHE J 316 -63.27 -14.02 5.93
C PHE J 316 -63.78 -15.13 5.02
N LEU J 317 -63.13 -15.33 3.88
CA LEU J 317 -63.51 -16.39 2.96
C LEU J 317 -63.09 -17.75 3.48
N LEU K 112 -49.09 -29.66 -25.24
CA LEU K 112 -49.77 -28.78 -26.18
C LEU K 112 -49.20 -27.37 -26.13
N LEU K 113 -47.93 -27.26 -25.71
CA LEU K 113 -47.28 -25.96 -25.64
C LEU K 113 -47.13 -25.34 -27.03
N TRP K 114 -47.02 -26.18 -28.06
CA TRP K 114 -47.00 -25.68 -29.43
C TRP K 114 -48.29 -24.94 -29.75
N VAL K 115 -49.43 -25.52 -29.38
CA VAL K 115 -50.72 -24.86 -29.60
C VAL K 115 -50.79 -23.56 -28.82
N SER K 116 -50.29 -23.56 -27.58
CA SER K 116 -50.31 -22.35 -26.76
C SER K 116 -49.47 -21.25 -27.39
N VAL K 117 -48.29 -21.59 -27.91
CA VAL K 117 -47.43 -20.59 -28.54
C VAL K 117 -48.10 -20.04 -29.79
N PHE K 118 -48.71 -20.92 -30.59
CA PHE K 118 -49.42 -20.45 -31.78
C PHE K 118 -50.58 -19.53 -31.40
N LEU K 119 -51.30 -19.88 -30.34
CA LEU K 119 -52.43 -19.05 -29.89
C LEU K 119 -51.95 -17.69 -29.41
N TYR K 120 -50.82 -17.66 -28.68
CA TYR K 120 -50.28 -16.37 -28.24
C TYR K 120 -49.83 -15.53 -29.42
N GLY K 121 -49.22 -16.16 -30.42
CA GLY K 121 -48.83 -15.42 -31.61
C GLY K 121 -50.02 -14.84 -32.35
N SER K 122 -51.09 -15.64 -32.50
CA SER K 122 -52.30 -15.14 -33.14
C SER K 122 -52.93 -14.03 -32.33
N PHE K 123 -52.93 -14.16 -31.00
CA PHE K 123 -53.42 -13.10 -30.13
C PHE K 123 -52.67 -11.80 -30.35
N TYR K 124 -51.33 -11.89 -30.39
CA TYR K 124 -50.52 -10.69 -30.60
C TYR K 124 -50.79 -10.09 -31.98
N TYR K 125 -50.88 -10.94 -33.01
CA TYR K 125 -51.11 -10.42 -34.35
C TYR K 125 -52.46 -9.74 -34.46
N SER K 126 -53.51 -10.34 -33.90
CA SER K 126 -54.84 -9.77 -34.00
C SER K 126 -54.96 -8.49 -33.20
N TYR K 127 -54.42 -8.46 -31.98
CA TYR K 127 -54.61 -7.28 -31.14
C TYR K 127 -53.53 -6.23 -31.34
N MET K 128 -52.58 -6.47 -32.23
CA MET K 128 -51.57 -5.46 -32.58
C MET K 128 -51.48 -5.28 -34.09
N PRO K 129 -52.53 -4.72 -34.72
CA PRO K 129 -52.38 -4.18 -36.08
C PRO K 129 -51.94 -2.72 -36.06
N THR K 130 -50.74 -2.49 -35.53
CA THR K 130 -50.31 -1.14 -35.19
C THR K 130 -50.20 -0.27 -36.43
N VAL K 131 -51.18 0.62 -36.61
CA VAL K 131 -51.14 1.60 -37.69
C VAL K 131 -50.17 2.69 -37.21
N SER K 132 -48.91 2.55 -37.58
CA SER K 132 -47.85 3.39 -37.02
C SER K 132 -46.70 3.44 -38.00
N HIS K 133 -45.84 4.43 -37.82
CA HIS K 133 -44.64 4.52 -38.64
C HIS K 133 -43.42 4.81 -37.76
N LEU K 134 -42.28 4.29 -38.23
CA LEU K 134 -41.04 4.26 -37.48
C LEU K 134 -39.90 4.91 -38.26
N SER K 135 -40.11 6.14 -38.69
CA SER K 135 -39.11 6.92 -39.40
C SER K 135 -37.79 6.94 -38.63
N PRO K 136 -36.74 6.32 -39.17
CA PRO K 136 -35.44 6.38 -38.51
C PRO K 136 -34.82 7.77 -38.66
N VAL K 137 -34.17 8.22 -37.60
CA VAL K 137 -33.54 9.53 -37.55
C VAL K 137 -32.04 9.36 -37.71
N HIS K 138 -31.45 10.14 -38.61
CA HIS K 138 -30.04 10.04 -38.95
C HIS K 138 -29.35 11.33 -38.54
N PHE K 139 -28.58 11.27 -37.47
CA PHE K 139 -27.97 12.47 -36.91
C PHE K 139 -26.66 12.77 -37.62
N HIS K 140 -26.59 13.94 -38.25
CA HIS K 140 -25.39 14.40 -38.93
C HIS K 140 -24.80 15.58 -38.16
N TYR K 141 -23.48 15.67 -38.22
CA TYR K 141 -22.69 16.54 -37.34
C TYR K 141 -22.00 17.61 -38.17
N ARG K 142 -21.14 18.38 -37.50
CA ARG K 142 -20.11 19.19 -38.13
C ARG K 142 -18.78 18.73 -37.56
N THR K 143 -17.76 18.59 -38.43
CA THR K 143 -16.50 18.00 -38.02
C THR K 143 -15.29 18.81 -38.47
N ASP K 144 -15.29 20.13 -38.24
CA ASP K 144 -14.20 20.99 -38.64
C ASP K 144 -13.42 21.57 -37.45
N CYS K 145 -13.33 20.84 -36.35
CA CYS K 145 -12.61 21.31 -35.18
C CYS K 145 -11.27 20.57 -35.07
N ASP K 146 -10.57 20.78 -33.96
CA ASP K 146 -9.33 20.05 -33.70
C ASP K 146 -9.60 18.58 -33.42
N SER K 147 -10.73 18.27 -32.79
CA SER K 147 -11.15 16.91 -32.43
C SER K 147 -10.18 16.23 -31.47
N SER K 148 -9.42 16.99 -30.67
CA SER K 148 -8.49 16.39 -29.74
C SER K 148 -9.18 15.75 -28.54
N THR K 149 -10.43 16.11 -28.28
CA THR K 149 -11.17 15.60 -27.14
C THR K 149 -12.38 14.81 -27.62
N ALA K 150 -12.89 13.95 -26.73
CA ALA K 150 -14.04 13.11 -27.05
C ALA K 150 -15.34 13.92 -26.95
N SER K 151 -15.46 14.90 -27.84
CA SER K 151 -16.66 15.71 -27.93
C SER K 151 -16.80 16.23 -29.35
N LEU K 152 -18.05 16.35 -29.79
CA LEU K 152 -18.36 16.81 -31.14
C LEU K 152 -18.25 18.32 -31.22
N CYS K 153 -18.55 18.85 -32.42
CA CYS K 153 -18.48 20.29 -32.63
C CYS K 153 -19.85 20.95 -32.45
N SER K 154 -20.85 20.48 -33.18
CA SER K 154 -22.19 21.06 -33.14
C SER K 154 -23.17 20.01 -32.63
N PHE K 155 -24.37 20.46 -32.30
CA PHE K 155 -25.36 19.56 -31.74
C PHE K 155 -25.91 18.63 -32.82
N PRO K 156 -26.17 17.37 -32.49
CA PRO K 156 -26.83 16.48 -33.45
C PRO K 156 -28.16 17.04 -33.91
N VAL K 157 -28.27 17.23 -35.22
CA VAL K 157 -29.48 17.72 -35.86
C VAL K 157 -29.86 16.76 -36.98
N ALA K 158 -31.15 16.69 -37.27
CA ALA K 158 -31.60 15.73 -38.28
C ALA K 158 -32.97 16.08 -38.86
N ASN K 159 -33.04 16.18 -40.18
CA ASN K 159 -34.30 16.23 -40.88
C ASN K 159 -34.82 14.82 -41.12
N VAL K 160 -36.11 14.62 -40.87
CA VAL K 160 -36.76 13.35 -41.14
C VAL K 160 -38.06 13.62 -41.86
N SER K 161 -38.28 12.90 -42.96
CA SER K 161 -39.47 13.06 -43.78
C SER K 161 -40.42 11.89 -43.56
N LEU K 162 -41.70 12.20 -43.43
CA LEU K 162 -42.73 11.21 -43.13
C LEU K 162 -43.45 10.71 -44.38
N ALA K 163 -43.06 11.17 -45.56
CA ALA K 163 -43.70 10.75 -46.80
C ALA K 163 -43.26 9.35 -47.19
N ARG K 169 -51.65 8.47 -45.95
CA ARG K 169 -50.64 8.88 -44.98
C ARG K 169 -50.89 8.24 -43.61
N VAL K 170 -50.22 8.77 -42.60
CA VAL K 170 -50.45 8.35 -41.23
C VAL K 170 -50.93 9.48 -40.34
N LEU K 171 -50.58 10.73 -40.64
CA LEU K 171 -51.00 11.88 -39.85
C LEU K 171 -52.20 12.53 -40.55
N MET K 172 -53.40 12.08 -40.21
CA MET K 172 -54.64 12.64 -40.71
C MET K 172 -55.36 13.39 -39.59
N TYR K 173 -56.57 13.85 -39.90
CA TYR K 173 -57.30 14.71 -38.99
C TYR K 173 -58.22 13.90 -38.09
N GLY K 174 -58.43 14.40 -36.88
CA GLY K 174 -59.35 13.79 -35.94
C GLY K 174 -58.70 12.80 -35.00
N GLN K 175 -58.11 11.74 -35.55
CA GLN K 175 -57.49 10.72 -34.72
C GLN K 175 -56.27 11.30 -34.02
N PRO K 176 -56.09 11.04 -32.73
CA PRO K 176 -54.87 11.47 -32.03
C PRO K 176 -53.76 10.44 -32.17
N TYR K 177 -52.53 10.93 -32.06
CA TYR K 177 -51.35 10.06 -32.11
C TYR K 177 -50.32 10.57 -31.11
N ARG K 178 -49.42 9.68 -30.71
CA ARG K 178 -48.37 9.96 -29.74
C ARG K 178 -47.03 9.98 -30.45
N VAL K 179 -46.44 11.16 -30.59
CA VAL K 179 -45.15 11.35 -31.25
C VAL K 179 -44.06 11.24 -30.20
N THR K 180 -43.17 10.26 -30.37
CA THR K 180 -42.06 10.07 -29.46
C THR K 180 -40.78 9.84 -30.25
N LEU K 181 -39.65 10.03 -29.58
CA LEU K 181 -38.33 9.81 -30.16
C LEU K 181 -37.59 8.79 -29.29
N GLU K 182 -37.79 7.51 -29.60
CA GLU K 182 -37.07 6.46 -28.90
C GLU K 182 -35.59 6.57 -29.20
N LEU K 183 -34.79 6.77 -28.17
CA LEU K 183 -33.39 7.14 -28.32
C LEU K 183 -32.54 6.08 -27.63
N GLU K 184 -31.50 5.61 -28.32
CA GLU K 184 -30.71 4.46 -27.91
C GLU K 184 -29.33 4.91 -27.47
N LEU K 185 -29.04 4.80 -26.17
CA LEU K 185 -27.80 5.27 -25.60
C LEU K 185 -27.00 4.10 -25.03
N PRO K 186 -25.67 4.19 -25.03
CA PRO K 186 -24.87 3.25 -24.25
C PRO K 186 -24.65 3.75 -22.84
N GLU K 187 -24.36 2.81 -21.94
CA GLU K 187 -24.12 3.09 -20.53
C GLU K 187 -22.66 3.44 -20.26
N SER K 188 -21.95 3.97 -21.25
CA SER K 188 -20.55 4.29 -21.08
C SER K 188 -20.37 5.40 -20.05
N PRO K 189 -19.20 5.44 -19.39
CA PRO K 189 -18.98 6.50 -18.39
C PRO K 189 -19.09 7.91 -18.96
N VAL K 190 -18.89 8.08 -20.28
CA VAL K 190 -19.09 9.38 -20.87
C VAL K 190 -20.55 9.81 -20.83
N ASN K 191 -21.47 8.85 -20.74
CA ASN K 191 -22.90 9.14 -20.71
C ASN K 191 -23.47 9.24 -19.31
N GLN K 192 -22.96 8.47 -18.36
CA GLN K 192 -23.44 8.59 -16.98
C GLN K 192 -22.97 9.89 -16.35
N ASP K 193 -21.83 10.42 -16.79
CA ASP K 193 -21.37 11.71 -16.30
C ASP K 193 -21.93 12.88 -17.08
N LEU K 194 -22.69 12.61 -18.14
CA LEU K 194 -23.19 13.70 -19.00
C LEU K 194 -24.26 14.52 -18.28
N GLY K 195 -25.23 13.86 -17.67
CA GLY K 195 -26.30 14.58 -16.99
C GLY K 195 -27.45 14.94 -17.91
N MET K 196 -28.20 15.98 -17.54
CA MET K 196 -29.38 16.37 -18.31
C MET K 196 -28.99 16.93 -19.67
N PHE K 197 -29.85 16.69 -20.65
CA PHE K 197 -29.69 17.30 -21.97
C PHE K 197 -31.04 17.46 -22.63
N LEU K 198 -31.13 18.46 -23.50
CA LEU K 198 -32.39 18.92 -24.08
C LEU K 198 -32.61 18.30 -25.46
N VAL K 199 -33.87 17.96 -25.73
CA VAL K 199 -34.29 17.43 -27.02
C VAL K 199 -35.37 18.35 -27.58
N THR K 200 -35.16 18.83 -28.81
CA THR K 200 -36.10 19.75 -29.44
C THR K 200 -36.62 19.14 -30.73
N VAL K 201 -37.93 19.24 -30.94
CA VAL K 201 -38.57 18.76 -32.15
C VAL K 201 -39.34 19.90 -32.78
N SER K 202 -39.22 20.02 -34.10
CA SER K 202 -39.90 21.09 -34.83
C SER K 202 -40.53 20.46 -36.07
N CYS K 203 -41.85 20.31 -36.07
CA CYS K 203 -42.53 19.85 -37.27
C CYS K 203 -42.63 20.99 -38.27
N TYR K 204 -42.30 20.71 -39.53
CA TYR K 204 -42.21 21.74 -40.55
C TYR K 204 -43.26 21.53 -41.64
N THR K 205 -43.61 22.63 -42.30
CA THR K 205 -44.54 22.60 -43.41
C THR K 205 -43.81 22.17 -44.69
N ARG K 206 -44.54 22.19 -45.80
CA ARG K 206 -43.92 21.89 -47.09
C ARG K 206 -42.93 22.98 -47.48
N GLY K 207 -43.25 24.24 -47.20
CA GLY K 207 -42.41 25.36 -47.56
C GLY K 207 -41.33 25.73 -46.57
N GLY K 208 -41.16 24.97 -45.49
CA GLY K 208 -40.15 25.24 -44.50
C GLY K 208 -40.66 25.88 -43.22
N ARG K 209 -41.89 26.41 -43.23
CA ARG K 209 -42.45 26.98 -42.03
C ARG K 209 -42.66 25.91 -40.97
N ILE K 210 -42.52 26.31 -39.71
CA ILE K 210 -42.62 25.37 -38.60
C ILE K 210 -44.07 25.23 -38.17
N ILE K 211 -44.52 23.97 -38.04
CA ILE K 211 -45.88 23.68 -37.63
C ILE K 211 -46.00 23.74 -36.11
N SER K 212 -45.28 22.86 -35.42
CA SER K 212 -45.36 22.77 -33.96
C SER K 212 -43.96 22.55 -33.41
N THR K 213 -43.59 23.38 -32.43
CA THR K 213 -42.32 23.25 -31.74
C THR K 213 -42.53 22.69 -30.35
N SER K 214 -41.68 21.74 -29.97
CA SER K 214 -41.75 21.13 -28.66
C SER K 214 -40.34 20.88 -28.15
N SER K 215 -40.21 20.86 -26.82
CA SER K 215 -38.93 20.62 -26.19
C SER K 215 -39.13 19.79 -24.93
N ARG K 216 -38.15 18.96 -24.64
CA ARG K 216 -38.16 18.12 -23.45
C ARG K 216 -36.74 18.04 -22.91
N SER K 217 -36.61 17.66 -21.64
CA SER K 217 -35.31 17.40 -21.05
C SER K 217 -35.25 15.92 -20.70
N VAL K 218 -34.28 15.20 -21.26
CA VAL K 218 -34.19 13.77 -21.07
C VAL K 218 -32.79 13.43 -20.60
N MET K 219 -32.71 12.44 -19.71
CA MET K 219 -31.44 12.08 -19.10
C MET K 219 -31.41 10.58 -18.86
N LEU K 220 -30.20 10.02 -18.89
CA LEU K 220 -30.01 8.58 -18.76
C LEU K 220 -30.41 8.11 -17.37
N HIS K 221 -31.09 6.96 -17.33
CA HIS K 221 -31.44 6.34 -16.06
C HIS K 221 -30.17 5.98 -15.29
N TYR K 222 -30.16 6.28 -14.00
CA TYR K 222 -29.00 6.04 -13.17
C TYR K 222 -29.08 4.69 -12.47
N ARG K 223 -28.00 3.92 -12.56
CA ARG K 223 -27.86 2.68 -11.82
C ARG K 223 -26.48 2.65 -11.19
N SER K 224 -26.41 2.22 -9.93
CA SER K 224 -25.15 2.24 -9.20
C SER K 224 -24.16 1.23 -9.79
N GLN K 225 -22.89 1.41 -9.44
CA GLN K 225 -21.84 0.54 -9.96
C GLN K 225 -22.06 -0.91 -9.55
N LEU K 226 -22.48 -1.14 -8.30
CA LEU K 226 -22.79 -2.49 -7.86
C LEU K 226 -23.95 -3.06 -8.66
N LEU K 227 -24.98 -2.25 -8.92
CA LEU K 227 -26.10 -2.70 -9.73
C LEU K 227 -25.66 -3.04 -11.15
N GLN K 228 -24.80 -2.21 -11.73
CA GLN K 228 -24.29 -2.48 -13.07
C GLN K 228 -23.51 -3.79 -13.10
N VAL K 229 -22.67 -4.02 -12.08
CA VAL K 229 -21.88 -5.24 -12.05
C VAL K 229 -22.79 -6.46 -11.88
N LEU K 230 -23.79 -6.38 -11.01
CA LEU K 230 -24.70 -7.50 -10.82
C LEU K 230 -25.51 -7.77 -12.09
N ASP K 231 -25.93 -6.72 -12.79
CA ASP K 231 -26.61 -6.88 -14.08
C ASP K 231 -25.70 -7.58 -15.08
N THR K 232 -24.46 -7.11 -15.20
CA THR K 232 -23.51 -7.73 -16.12
C THR K 232 -23.29 -9.20 -15.79
N LEU K 233 -23.26 -9.54 -14.51
CA LEU K 233 -23.03 -10.92 -14.12
C LEU K 233 -24.24 -11.81 -14.39
N LEU K 234 -25.44 -11.35 -14.05
CA LEU K 234 -26.62 -12.21 -14.17
C LEU K 234 -27.13 -12.31 -15.60
N PHE K 235 -27.15 -11.20 -16.34
CA PHE K 235 -27.51 -11.21 -17.75
C PHE K 235 -26.31 -11.44 -18.65
N SER K 236 -25.28 -12.11 -18.14
CA SER K 236 -24.04 -12.28 -18.89
C SER K 236 -24.26 -13.09 -20.16
N SER K 237 -25.08 -14.14 -20.09
CA SER K 237 -25.27 -15.01 -21.25
C SER K 237 -25.89 -14.25 -22.40
N LEU K 238 -26.92 -13.44 -22.13
CA LEU K 238 -27.60 -12.70 -23.17
C LEU K 238 -26.69 -11.64 -23.78
N LEU K 239 -25.78 -11.07 -22.97
CA LEU K 239 -24.85 -10.09 -23.49
C LEU K 239 -23.76 -10.74 -24.33
N LEU K 240 -23.31 -11.93 -23.93
CA LEU K 240 -22.26 -12.62 -24.67
C LEU K 240 -22.78 -13.15 -26.00
N PHE K 241 -24.00 -13.68 -26.02
CA PHE K 241 -24.54 -14.28 -27.23
C PHE K 241 -25.14 -13.26 -28.19
N GLY K 242 -25.16 -11.98 -27.82
CA GLY K 242 -25.68 -10.94 -28.68
C GLY K 242 -27.15 -10.62 -28.52
N PHE K 243 -27.86 -11.35 -27.66
CA PHE K 243 -29.27 -11.05 -27.44
C PHE K 243 -29.45 -9.71 -26.75
N ALA K 244 -28.92 -9.56 -25.55
CA ALA K 244 -29.02 -8.33 -24.79
C ALA K 244 -27.80 -7.44 -25.02
N GLU K 245 -27.98 -6.16 -24.76
CA GLU K 245 -26.90 -5.20 -24.90
C GLU K 245 -27.03 -4.15 -23.80
N GLN K 246 -25.88 -3.71 -23.27
CA GLN K 246 -25.86 -2.72 -22.19
C GLN K 246 -26.19 -1.35 -22.76
N LYS K 247 -27.49 -1.13 -22.95
CA LYS K 247 -27.98 0.09 -23.56
C LYS K 247 -29.27 0.52 -22.87
N GLN K 248 -29.56 1.81 -22.99
CA GLN K 248 -30.77 2.41 -22.46
C GLN K 248 -31.63 2.92 -23.62
N LEU K 249 -32.94 2.71 -23.52
CA LEU K 249 -33.89 3.23 -24.49
C LEU K 249 -34.73 4.29 -23.79
N LEU K 250 -34.48 5.55 -24.10
CA LEU K 250 -35.24 6.66 -23.54
C LEU K 250 -36.39 7.00 -24.48
N GLU K 251 -37.60 7.00 -23.95
CA GLU K 251 -38.79 7.33 -24.74
C GLU K 251 -39.14 8.78 -24.48
N VAL K 252 -38.45 9.67 -25.19
CA VAL K 252 -38.75 11.09 -25.13
C VAL K 252 -40.11 11.31 -25.80
N GLU K 253 -41.14 11.56 -24.99
CA GLU K 253 -42.50 11.70 -25.47
C GLU K 253 -42.71 13.14 -25.93
N LEU K 254 -42.46 13.37 -27.22
CA LEU K 254 -42.52 14.71 -27.76
C LEU K 254 -43.93 15.26 -27.77
N TYR K 255 -44.92 14.41 -28.01
CA TYR K 255 -46.31 14.86 -28.13
C TYR K 255 -47.23 13.78 -27.56
N SER K 256 -47.89 14.11 -26.44
CA SER K 256 -48.81 13.18 -25.81
C SER K 256 -50.07 12.97 -26.63
N ASP K 257 -50.55 14.00 -27.32
CA ASP K 257 -51.70 13.86 -28.21
C ASP K 257 -51.50 14.81 -29.39
N TYR K 258 -51.18 14.26 -30.55
CA TYR K 258 -51.03 15.03 -31.77
C TYR K 258 -52.30 14.93 -32.61
N ARG K 259 -52.78 16.08 -33.07
CA ARG K 259 -53.92 16.15 -33.98
C ARG K 259 -53.53 17.06 -35.13
N GLU K 260 -53.55 16.49 -36.34
CA GLU K 260 -53.01 17.19 -37.50
C GLU K 260 -53.86 18.41 -37.85
N ASN K 261 -53.20 19.52 -38.17
CA ASN K 261 -53.90 20.69 -38.66
C ASN K 261 -54.50 20.40 -40.03
N SER K 262 -55.73 20.88 -40.24
CA SER K 262 -56.46 20.52 -41.44
C SER K 262 -55.85 21.17 -42.68
N TYR K 263 -55.42 22.42 -42.58
CA TYR K 263 -54.94 23.17 -43.73
C TYR K 263 -53.54 22.75 -44.17
N VAL K 264 -52.63 22.53 -43.23
CA VAL K 264 -51.25 22.18 -43.55
C VAL K 264 -50.86 20.90 -42.84
N PRO K 265 -50.60 19.81 -43.55
CA PRO K 265 -50.20 18.55 -42.91
C PRO K 265 -48.72 18.59 -42.53
N THR K 266 -48.31 17.57 -41.76
CA THR K 266 -46.94 17.48 -41.27
C THR K 266 -46.09 16.76 -42.31
N THR K 267 -45.29 17.53 -43.05
CA THR K 267 -44.37 16.93 -44.01
C THR K 267 -43.25 16.17 -43.31
N GLY K 268 -42.73 16.71 -42.21
CA GLY K 268 -41.64 16.04 -41.53
C GLY K 268 -41.23 16.81 -40.29
N ALA K 269 -40.17 16.31 -39.64
CA ALA K 269 -39.73 16.86 -38.37
C ALA K 269 -38.22 17.07 -38.38
N ILE K 270 -37.78 18.20 -37.83
CA ILE K 270 -36.38 18.47 -37.57
C ILE K 270 -36.14 18.25 -36.08
N ILE K 271 -35.18 17.39 -35.76
CA ILE K 271 -34.95 16.95 -34.39
C ILE K 271 -33.51 17.29 -34.01
N GLU K 272 -33.36 17.79 -32.79
CA GLU K 272 -32.06 18.24 -32.32
C GLU K 272 -31.83 17.78 -30.88
N ILE K 273 -30.60 17.37 -30.60
CA ILE K 273 -30.18 17.02 -29.25
C ILE K 273 -29.06 17.98 -28.86
N HIS K 274 -29.27 18.74 -27.78
CA HIS K 274 -28.37 19.81 -27.38
C HIS K 274 -27.28 19.33 -26.43
N SER K 275 -26.55 18.30 -26.83
CA SER K 275 -25.42 17.81 -26.07
C SER K 275 -24.26 17.53 -27.02
N LYS K 276 -23.08 18.04 -26.68
CA LYS K 276 -21.88 17.82 -27.46
C LYS K 276 -21.15 16.55 -27.06
N ARG K 277 -21.73 15.75 -26.17
CA ARG K 277 -21.10 14.54 -25.69
C ARG K 277 -22.03 13.34 -25.65
N ILE K 278 -23.25 13.46 -26.18
CA ILE K 278 -24.25 12.42 -25.98
C ILE K 278 -23.91 11.25 -26.90
N GLN K 279 -23.32 10.20 -26.33
CA GLN K 279 -23.02 9.00 -27.10
C GLN K 279 -24.31 8.22 -27.34
N MET K 280 -24.55 7.86 -28.60
CA MET K 280 -25.78 7.17 -28.96
C MET K 280 -25.56 6.30 -30.18
N TYR K 281 -26.45 5.32 -30.35
CA TYR K 281 -26.42 4.41 -31.49
C TYR K 281 -27.33 4.85 -32.62
N GLY K 282 -28.56 5.27 -32.31
CA GLY K 282 -29.51 5.68 -33.32
C GLY K 282 -30.73 6.28 -32.66
N ALA K 283 -31.76 6.50 -33.48
CA ALA K 283 -32.98 7.13 -32.99
C ALA K 283 -34.13 6.84 -33.94
N TYR K 284 -35.33 6.69 -33.38
CA TYR K 284 -36.56 6.50 -34.14
C TYR K 284 -37.55 7.59 -33.76
N LEU K 285 -38.32 8.06 -34.75
CA LEU K 285 -39.40 9.02 -34.50
C LEU K 285 -40.70 8.24 -34.74
N ARG K 286 -41.15 7.55 -33.71
CA ARG K 286 -42.28 6.65 -33.81
C ARG K 286 -43.59 7.40 -33.61
N ILE K 287 -44.50 7.25 -34.56
CA ILE K 287 -45.83 7.84 -34.44
C ILE K 287 -46.87 6.72 -34.57
N HIS K 288 -47.81 6.72 -33.63
CA HIS K 288 -48.75 5.61 -33.48
C HIS K 288 -50.04 6.15 -32.89
N ALA K 289 -51.17 5.53 -33.25
CA ALA K 289 -52.47 5.98 -32.75
C ALA K 289 -52.54 5.83 -31.23
N HIS K 290 -53.24 6.75 -30.59
CA HIS K 290 -53.21 6.85 -29.13
C HIS K 290 -54.06 5.77 -28.46
N PHE K 291 -54.79 4.96 -29.22
CA PHE K 291 -55.57 3.88 -28.63
C PHE K 291 -54.66 2.94 -27.84
N THR K 292 -54.83 2.90 -26.53
CA THR K 292 -53.89 2.17 -25.67
C THR K 292 -54.60 1.23 -24.72
N GLY K 293 -55.81 1.59 -24.27
CA GLY K 293 -56.40 0.92 -23.13
C GLY K 293 -56.52 -0.59 -23.28
N LEU K 294 -57.00 -1.04 -24.44
CA LEU K 294 -57.10 -2.47 -24.67
C LEU K 294 -55.72 -3.12 -24.80
N ARG K 295 -54.78 -2.43 -25.42
CA ARG K 295 -53.47 -2.97 -25.74
C ARG K 295 -52.37 -2.47 -24.80
N TYR K 296 -52.74 -1.87 -23.66
CA TYR K 296 -51.76 -1.18 -22.82
C TYR K 296 -50.60 -2.11 -22.42
N LEU K 297 -50.93 -3.33 -22.03
CA LEU K 297 -49.88 -4.28 -21.66
C LEU K 297 -48.95 -4.54 -22.84
N LEU K 298 -49.52 -4.80 -24.02
CA LEU K 298 -48.69 -5.00 -25.20
C LEU K 298 -48.09 -3.70 -25.70
N TYR K 299 -48.74 -2.58 -25.42
CA TYR K 299 -48.22 -1.28 -25.86
C TYR K 299 -46.96 -0.90 -25.09
N ASN K 300 -46.87 -1.28 -23.82
CA ASN K 300 -45.78 -0.83 -22.96
C ASN K 300 -44.98 -1.94 -22.29
N PHE K 301 -45.55 -3.11 -22.03
CA PHE K 301 -44.87 -4.19 -21.31
C PHE K 301 -45.01 -5.49 -22.11
N PRO K 302 -44.36 -5.57 -23.28
CA PRO K 302 -44.57 -6.75 -24.14
C PRO K 302 -44.12 -8.06 -23.51
N MET K 303 -43.06 -8.03 -22.68
CA MET K 303 -42.52 -9.27 -22.16
C MET K 303 -43.53 -9.99 -21.27
N THR K 304 -44.22 -9.25 -20.41
CA THR K 304 -45.19 -9.88 -19.52
C THR K 304 -46.37 -10.47 -20.29
N CYS K 305 -46.72 -9.86 -21.43
CA CYS K 305 -47.83 -10.35 -22.22
C CYS K 305 -47.56 -11.76 -22.72
N ALA K 306 -46.33 -12.02 -23.16
CA ALA K 306 -45.97 -13.37 -23.61
C ALA K 306 -46.22 -14.40 -22.53
N PHE K 307 -45.70 -14.14 -21.33
CA PHE K 307 -45.88 -15.08 -20.22
C PHE K 307 -47.35 -15.26 -19.89
N VAL K 308 -48.10 -14.16 -19.79
CA VAL K 308 -49.50 -14.24 -19.41
C VAL K 308 -50.29 -15.04 -20.45
N GLY K 309 -50.13 -14.69 -21.73
CA GLY K 309 -50.88 -15.37 -22.77
C GLY K 309 -50.51 -16.83 -22.89
N VAL K 310 -49.22 -17.15 -22.81
CA VAL K 310 -48.79 -18.53 -22.93
C VAL K 310 -49.33 -19.35 -21.76
N ALA K 311 -49.22 -18.82 -20.54
CA ALA K 311 -49.72 -19.56 -19.38
C ALA K 311 -51.23 -19.76 -19.46
N SER K 312 -51.96 -18.70 -19.82
CA SER K 312 -53.41 -18.81 -19.91
C SER K 312 -53.84 -19.81 -20.97
N ASN K 313 -53.21 -19.76 -22.14
CA ASN K 313 -53.57 -20.68 -23.21
C ASN K 313 -53.21 -22.12 -22.86
N PHE K 314 -52.04 -22.33 -22.25
CA PHE K 314 -51.62 -23.68 -21.89
C PHE K 314 -52.54 -24.26 -20.81
N THR K 315 -52.92 -23.45 -19.82
CA THR K 315 -53.86 -23.92 -18.82
C THR K 315 -55.22 -24.21 -19.44
N PHE K 316 -55.67 -23.36 -20.36
CA PHE K 316 -56.93 -23.60 -21.05
C PHE K 316 -56.85 -24.85 -21.91
N LEU K 317 -55.72 -25.08 -22.57
CA LEU K 317 -55.52 -26.27 -23.38
C LEU K 317 -55.38 -27.51 -22.51
N LEU L 112 -27.68 -39.91 -39.23
CA LEU L 112 -28.10 -39.25 -40.47
C LEU L 112 -27.81 -37.75 -40.39
N LEU L 113 -26.99 -37.36 -39.41
CA LEU L 113 -26.61 -35.96 -39.29
C LEU L 113 -25.83 -35.49 -40.50
N TRP L 114 -25.17 -36.42 -41.20
CA TRP L 114 -24.59 -36.09 -42.49
C TRP L 114 -25.64 -35.57 -43.47
N VAL L 115 -26.75 -36.31 -43.61
CA VAL L 115 -27.80 -35.90 -44.54
C VAL L 115 -28.44 -34.60 -44.07
N SER L 116 -28.60 -34.43 -42.75
CA SER L 116 -29.18 -33.19 -42.24
C SER L 116 -28.30 -31.99 -42.55
N VAL L 117 -26.99 -32.12 -42.37
CA VAL L 117 -26.07 -31.03 -42.69
C VAL L 117 -26.09 -30.73 -44.18
N PHE L 118 -26.09 -31.78 -45.01
CA PHE L 118 -26.15 -31.57 -46.45
C PHE L 118 -27.45 -30.88 -46.85
N LEU L 119 -28.56 -31.26 -46.24
CA LEU L 119 -29.84 -30.62 -46.53
C LEU L 119 -29.84 -29.17 -46.10
N TYR L 120 -29.23 -28.86 -44.95
CA TYR L 120 -29.13 -27.47 -44.53
C TYR L 120 -28.28 -26.67 -45.52
N GLY L 121 -27.19 -27.24 -46.00
CA GLY L 121 -26.37 -26.55 -46.99
C GLY L 121 -27.11 -26.30 -48.29
N SER L 122 -27.86 -27.30 -48.75
CA SER L 122 -28.66 -27.12 -49.95
C SER L 122 -29.75 -26.08 -49.75
N PHE L 123 -30.37 -26.08 -48.56
CA PHE L 123 -31.38 -25.08 -48.23
C PHE L 123 -30.79 -23.68 -48.26
N TYR L 124 -29.58 -23.52 -47.72
CA TYR L 124 -28.92 -22.22 -47.76
C TYR L 124 -28.60 -21.82 -49.19
N TYR L 125 -28.10 -22.76 -49.99
CA TYR L 125 -27.68 -22.43 -51.36
C TYR L 125 -28.87 -22.04 -52.22
N SER L 126 -29.96 -22.79 -52.11
CA SER L 126 -31.13 -22.51 -52.95
C SER L 126 -31.76 -21.17 -52.61
N TYR L 127 -31.82 -20.81 -51.33
CA TYR L 127 -32.49 -19.58 -50.92
C TYR L 127 -31.56 -18.39 -50.85
N MET L 128 -30.26 -18.56 -51.13
CA MET L 128 -29.30 -17.46 -51.16
C MET L 128 -28.51 -17.43 -52.46
N PRO L 129 -29.17 -17.18 -53.60
CA PRO L 129 -28.42 -16.82 -54.82
C PRO L 129 -28.24 -15.30 -54.92
N THR L 130 -27.62 -14.73 -53.89
CA THR L 130 -27.63 -13.28 -53.70
C THR L 130 -27.00 -12.56 -54.88
N VAL L 131 -27.81 -11.78 -55.59
CA VAL L 131 -27.29 -10.88 -56.62
C VAL L 131 -26.78 -9.66 -55.88
N SER L 132 -25.51 -9.71 -55.48
CA SER L 132 -24.95 -8.70 -54.59
C SER L 132 -23.47 -8.56 -54.89
N HIS L 133 -22.91 -7.40 -54.54
CA HIS L 133 -21.48 -7.18 -54.75
C HIS L 133 -20.86 -6.59 -53.49
N LEU L 134 -19.61 -6.97 -53.26
CA LEU L 134 -18.84 -6.64 -52.07
C LEU L 134 -17.57 -5.94 -52.51
N SER L 135 -17.64 -4.63 -52.69
CA SER L 135 -16.47 -3.87 -53.10
C SER L 135 -15.55 -3.65 -51.91
N PRO L 136 -14.30 -4.10 -51.95
CA PRO L 136 -13.36 -3.76 -50.88
C PRO L 136 -13.04 -2.27 -50.92
N VAL L 137 -12.88 -1.69 -49.74
CA VAL L 137 -12.60 -0.27 -49.61
C VAL L 137 -11.21 -0.12 -49.01
N HIS L 138 -10.35 0.65 -49.69
CA HIS L 138 -8.95 0.78 -49.32
C HIS L 138 -8.70 2.21 -48.89
N PHE L 139 -8.45 2.42 -47.61
CA PHE L 139 -8.30 3.76 -47.06
C PHE L 139 -6.84 4.17 -47.09
N HIS L 140 -6.53 5.21 -47.83
CA HIS L 140 -5.20 5.78 -47.89
C HIS L 140 -5.17 7.11 -47.14
N TYR L 141 -4.02 7.40 -46.54
CA TYR L 141 -3.88 8.48 -45.57
C TYR L 141 -2.94 9.56 -46.12
N ARG L 142 -2.60 10.49 -45.24
CA ARG L 142 -1.47 11.39 -45.42
C ARG L 142 -0.45 11.09 -44.32
N THR L 143 0.83 11.21 -44.64
CA THR L 143 1.87 10.81 -43.70
C THR L 143 2.98 11.85 -43.58
N ASP L 144 2.63 13.11 -43.33
CA ASP L 144 3.61 14.17 -43.20
C ASP L 144 3.82 14.65 -41.77
N CYS L 145 2.99 14.20 -40.82
CA CYS L 145 3.09 14.69 -39.46
C CYS L 145 4.24 14.02 -38.71
N ASP L 146 4.54 14.58 -37.53
CA ASP L 146 5.62 14.05 -36.72
C ASP L 146 5.31 12.64 -36.22
N SER L 147 4.02 12.28 -36.13
CA SER L 147 3.58 10.96 -35.69
C SER L 147 4.07 10.65 -34.28
N SER L 148 4.15 11.67 -33.42
CA SER L 148 4.54 11.45 -32.03
C SER L 148 3.47 10.71 -31.24
N THR L 149 2.23 10.68 -31.74
CA THR L 149 1.13 9.99 -31.08
C THR L 149 0.43 9.10 -32.11
N ALA L 150 -0.42 8.19 -31.59
CA ALA L 150 -1.14 7.25 -32.44
C ALA L 150 -2.35 7.92 -33.09
N SER L 151 -2.05 8.94 -33.90
CA SER L 151 -3.06 9.66 -34.65
C SER L 151 -2.53 9.94 -36.05
N LEU L 152 -3.42 9.84 -37.04
CA LEU L 152 -3.03 10.04 -38.43
C LEU L 152 -2.94 11.52 -38.75
N CYS L 153 -2.74 11.85 -40.02
CA CYS L 153 -2.70 13.23 -40.47
C CYS L 153 -4.06 13.71 -41.00
N SER L 154 -4.58 13.03 -42.01
CA SER L 154 -5.84 13.40 -42.64
C SER L 154 -6.85 12.27 -42.45
N PHE L 155 -8.10 12.54 -42.79
CA PHE L 155 -9.16 11.58 -42.59
C PHE L 155 -9.03 10.42 -43.59
N PRO L 156 -9.28 9.20 -43.15
CA PRO L 156 -9.35 8.08 -44.11
C PRO L 156 -10.37 8.36 -45.21
N VAL L 157 -9.88 8.34 -46.45
CA VAL L 157 -10.68 8.54 -47.65
C VAL L 157 -10.45 7.37 -48.59
N ALA L 158 -11.42 7.15 -49.48
CA ALA L 158 -11.30 6.03 -50.40
C ALA L 158 -12.20 6.15 -51.62
N ASN L 159 -11.61 6.04 -52.80
CA ASN L 159 -12.35 5.87 -54.06
C ASN L 159 -12.58 4.39 -54.29
N VAL L 160 -13.81 4.00 -54.58
CA VAL L 160 -14.14 2.62 -54.89
C VAL L 160 -14.98 2.60 -56.16
N SER L 161 -14.63 1.72 -57.09
CA SER L 161 -15.36 1.58 -58.34
C SER L 161 -16.12 0.26 -58.34
N LEU L 162 -17.37 0.32 -58.79
CA LEU L 162 -18.24 -0.86 -58.81
C LEU L 162 -18.07 -1.69 -60.08
N ALA L 163 -17.26 -1.25 -61.03
CA ALA L 163 -17.05 -1.98 -62.26
C ALA L 163 -16.13 -3.18 -62.04
N ARG L 169 -24.00 -5.01 -65.07
CA ARG L 169 -23.93 -4.19 -63.88
C ARG L 169 -24.80 -4.77 -62.76
N VAL L 170 -24.73 -4.15 -61.59
CA VAL L 170 -25.54 -4.56 -60.44
C VAL L 170 -26.60 -3.52 -60.11
N LEU L 171 -26.24 -2.23 -60.15
CA LEU L 171 -27.19 -1.16 -59.85
C LEU L 171 -27.99 -0.87 -61.12
N MET L 172 -29.13 -1.55 -61.24
CA MET L 172 -30.06 -1.38 -62.35
C MET L 172 -31.30 -0.63 -61.85
N TYR L 173 -32.32 -0.56 -62.70
CA TYR L 173 -33.47 0.29 -62.46
C TYR L 173 -34.65 -0.53 -61.94
N GLY L 174 -35.41 0.08 -61.04
CA GLY L 174 -36.61 -0.54 -60.49
C GLY L 174 -36.40 -1.31 -59.20
N GLN L 175 -35.45 -2.24 -59.19
CA GLN L 175 -35.17 -3.00 -58.00
C GLN L 175 -34.49 -2.12 -56.96
N PRO L 176 -34.93 -2.15 -55.71
CA PRO L 176 -34.23 -1.42 -54.65
C PRO L 176 -33.06 -2.24 -54.09
N TYR L 177 -32.05 -1.52 -53.61
CA TYR L 177 -30.89 -2.16 -52.99
C TYR L 177 -30.52 -1.40 -51.72
N ARG L 178 -29.88 -2.11 -50.79
CA ARG L 178 -29.45 -1.57 -49.52
C ARG L 178 -27.93 -1.39 -49.55
N VAL L 179 -27.48 -0.14 -49.63
CA VAL L 179 -26.06 0.19 -49.66
C VAL L 179 -25.57 0.40 -48.24
N THR L 180 -24.63 -0.44 -47.81
CA THR L 180 -24.04 -0.34 -46.47
C THR L 180 -22.53 -0.43 -46.59
N LEU L 181 -21.86 -0.05 -45.49
CA LEU L 181 -20.40 -0.11 -45.39
C LEU L 181 -20.04 -0.90 -44.14
N GLU L 182 -19.90 -2.21 -44.30
CA GLU L 182 -19.49 -3.05 -43.18
C GLU L 182 -18.06 -2.72 -42.81
N LEU L 183 -17.86 -2.29 -41.57
CA LEU L 183 -16.60 -1.70 -41.13
C LEU L 183 -16.07 -2.52 -39.96
N GLU L 184 -14.79 -2.85 -40.00
CA GLU L 184 -14.16 -3.75 -39.05
C GLU L 184 -13.23 -2.97 -38.14
N LEU L 185 -13.60 -2.85 -36.87
CA LEU L 185 -12.81 -2.15 -35.88
C LEU L 185 -12.27 -3.14 -34.87
N PRO L 186 -11.09 -2.87 -34.31
CA PRO L 186 -10.66 -3.61 -33.11
C PRO L 186 -11.19 -2.96 -31.85
N GLU L 187 -11.42 -3.80 -30.84
CA GLU L 187 -11.92 -3.32 -29.56
C GLU L 187 -10.77 -2.84 -28.70
N SER L 188 -9.92 -2.03 -29.26
CA SER L 188 -8.75 -1.48 -28.60
C SER L 188 -9.14 -0.30 -27.71
N PRO L 189 -8.34 -0.03 -26.68
CA PRO L 189 -8.64 1.10 -25.81
C PRO L 189 -8.73 2.43 -26.53
N VAL L 190 -8.01 2.60 -27.65
CA VAL L 190 -8.14 3.82 -28.42
C VAL L 190 -9.52 3.94 -29.05
N ASN L 191 -10.12 2.82 -29.46
CA ASN L 191 -11.44 2.84 -30.09
C ASN L 191 -12.56 3.06 -29.09
N GLN L 192 -12.44 2.52 -27.88
CA GLN L 192 -13.47 2.73 -26.87
C GLN L 192 -13.47 4.16 -26.35
N ASP L 193 -12.30 4.79 -26.33
CA ASP L 193 -12.19 6.15 -25.83
C ASP L 193 -12.41 7.20 -26.91
N LEU L 194 -12.69 6.78 -28.14
CA LEU L 194 -12.84 7.73 -29.24
C LEU L 194 -14.21 8.39 -29.21
N GLY L 195 -15.26 7.60 -29.29
CA GLY L 195 -16.60 8.16 -29.33
C GLY L 195 -17.17 8.19 -30.73
N MET L 196 -18.13 9.09 -30.92
CA MET L 196 -18.85 9.18 -32.19
C MET L 196 -17.93 9.69 -33.30
N PHE L 197 -18.18 9.19 -34.51
CA PHE L 197 -17.47 9.64 -35.69
C PHE L 197 -18.36 9.50 -36.91
N LEU L 198 -18.15 10.41 -37.85
CA LEU L 198 -19.03 10.61 -39.01
C LEU L 198 -18.50 9.85 -40.21
N VAL L 199 -19.39 9.11 -40.87
CA VAL L 199 -19.10 8.39 -42.10
C VAL L 199 -19.86 9.07 -43.23
N THR L 200 -19.14 9.48 -44.28
CA THR L 200 -19.74 10.18 -45.41
C THR L 200 -19.51 9.38 -46.68
N VAL L 201 -20.57 9.17 -47.45
CA VAL L 201 -20.51 8.47 -48.72
C VAL L 201 -21.02 9.40 -49.82
N SER L 202 -20.29 9.43 -50.93
CA SER L 202 -20.64 10.29 -52.06
C SER L 202 -20.51 9.45 -53.33
N CYS L 203 -21.64 9.06 -53.89
CA CYS L 203 -21.62 8.38 -55.18
C CYS L 203 -21.32 9.40 -56.28
N TYR L 204 -20.47 9.00 -57.23
CA TYR L 204 -20.01 9.90 -58.27
C TYR L 204 -20.39 9.38 -59.64
N THR L 205 -20.52 10.30 -60.59
CA THR L 205 -20.83 9.97 -61.97
C THR L 205 -19.57 9.47 -62.69
N ARG L 206 -19.69 9.26 -64.00
CA ARG L 206 -18.53 8.87 -64.79
C ARG L 206 -17.54 10.02 -64.92
N GLY L 207 -18.03 11.26 -64.98
CA GLY L 207 -17.20 12.43 -65.13
C GLY L 207 -16.78 13.10 -63.83
N GLY L 208 -17.08 12.51 -62.68
CA GLY L 208 -16.69 13.06 -61.40
C GLY L 208 -17.79 13.78 -60.65
N ARG L 209 -18.89 14.12 -61.32
CA ARG L 209 -19.99 14.79 -60.64
C ARG L 209 -20.59 13.88 -59.58
N ILE L 210 -21.02 14.47 -58.47
CA ILE L 210 -21.55 13.72 -57.35
C ILE L 210 -23.02 13.38 -57.61
N ILE L 211 -23.37 12.11 -57.41
CA ILE L 211 -24.74 11.65 -57.64
C ILE L 211 -25.60 11.94 -56.43
N SER L 212 -25.29 11.29 -55.30
CA SER L 212 -26.12 11.37 -54.10
C SER L 212 -25.21 11.35 -52.88
N THR L 213 -25.25 12.41 -52.10
CA THR L 213 -24.45 12.55 -50.89
C THR L 213 -25.26 12.10 -49.67
N SER L 214 -24.63 11.28 -48.83
CA SER L 214 -25.25 10.81 -47.60
C SER L 214 -24.28 11.04 -46.45
N SER L 215 -24.74 10.75 -45.24
CA SER L 215 -23.90 10.87 -44.06
C SER L 215 -24.58 10.14 -42.90
N ARG L 216 -23.76 9.54 -42.05
CA ARG L 216 -24.23 8.84 -40.87
C ARG L 216 -23.23 9.07 -39.75
N SER L 217 -23.67 8.82 -38.51
CA SER L 217 -22.77 8.87 -37.35
C SER L 217 -22.76 7.50 -36.73
N VAL L 218 -21.58 6.87 -36.71
CA VAL L 218 -21.46 5.50 -36.20
C VAL L 218 -20.46 5.49 -35.08
N MET L 219 -20.69 4.62 -34.09
CA MET L 219 -19.86 4.56 -32.91
C MET L 219 -19.78 3.12 -32.42
N LEU L 220 -18.65 2.79 -31.80
CA LEU L 220 -18.39 1.42 -31.34
C LEU L 220 -19.38 1.02 -30.25
N HIS L 221 -19.86 -0.21 -30.32
CA HIS L 221 -20.70 -0.74 -29.25
C HIS L 221 -19.91 -0.80 -27.95
N TYR L 222 -20.56 -0.38 -26.86
CA TYR L 222 -19.92 -0.35 -25.55
C TYR L 222 -20.17 -1.65 -24.81
N ARG L 223 -19.09 -2.22 -24.26
CA ARG L 223 -19.18 -3.36 -23.36
C ARG L 223 -18.26 -3.10 -22.19
N SER L 224 -18.75 -3.38 -20.98
CA SER L 224 -17.99 -3.08 -19.78
C SER L 224 -16.74 -3.94 -19.69
N GLN L 225 -15.80 -3.50 -18.84
CA GLN L 225 -14.53 -4.21 -18.71
C GLN L 225 -14.74 -5.62 -18.21
N LEU L 226 -15.66 -5.79 -17.24
CA LEU L 226 -15.99 -7.13 -16.78
C LEU L 226 -16.61 -7.97 -17.89
N LEU L 227 -17.45 -7.36 -18.71
CA LEU L 227 -18.02 -8.08 -19.85
C LEU L 227 -16.93 -8.49 -20.85
N GLN L 228 -15.98 -7.59 -21.11
CA GLN L 228 -14.87 -7.93 -22.00
C GLN L 228 -14.05 -9.08 -21.44
N VAL L 229 -13.78 -9.06 -20.14
CA VAL L 229 -13.00 -10.11 -19.52
C VAL L 229 -13.72 -11.44 -19.60
N LEU L 230 -15.03 -11.44 -19.32
CA LEU L 230 -15.80 -12.68 -19.38
C LEU L 230 -15.87 -13.20 -20.81
N ASP L 231 -15.97 -12.31 -21.79
CA ASP L 231 -15.94 -12.70 -23.19
C ASP L 231 -14.60 -13.35 -23.54
N THR L 232 -13.50 -12.70 -23.14
CA THR L 232 -12.17 -13.24 -23.41
C THR L 232 -11.96 -14.58 -22.74
N LEU L 233 -12.61 -14.81 -21.60
CA LEU L 233 -12.47 -16.08 -20.90
C LEU L 233 -13.30 -17.19 -21.54
N LEU L 234 -14.59 -16.96 -21.77
CA LEU L 234 -15.45 -18.02 -22.26
C LEU L 234 -15.21 -18.32 -23.74
N PHE L 235 -15.02 -17.28 -24.55
CA PHE L 235 -14.71 -17.45 -25.97
C PHE L 235 -13.22 -17.61 -26.23
N SER L 236 -12.45 -18.04 -25.23
CA SER L 236 -11.00 -18.09 -25.36
C SER L 236 -10.56 -19.10 -26.41
N SER L 237 -11.25 -20.24 -26.48
CA SER L 237 -10.83 -21.30 -27.41
C SER L 237 -10.91 -20.81 -28.85
N LEU L 238 -12.00 -20.11 -29.20
CA LEU L 238 -12.14 -19.61 -30.56
C LEU L 238 -11.13 -18.50 -30.85
N LEU L 239 -10.81 -17.67 -29.85
CA LEU L 239 -9.87 -16.58 -30.07
C LEU L 239 -8.43 -17.09 -30.20
N LEU L 240 -8.10 -18.19 -29.53
CA LEU L 240 -6.73 -18.69 -29.54
C LEU L 240 -6.38 -19.33 -30.88
N PHE L 241 -7.34 -20.04 -31.48
CA PHE L 241 -7.09 -20.77 -32.71
C PHE L 241 -7.39 -19.98 -33.97
N GLY L 242 -7.79 -18.71 -33.82
CA GLY L 242 -8.05 -17.86 -34.97
C GLY L 242 -9.45 -17.92 -35.51
N PHE L 243 -10.33 -18.74 -34.93
CA PHE L 243 -11.72 -18.75 -35.36
C PHE L 243 -12.39 -17.42 -35.07
N ALA L 244 -12.26 -16.93 -33.84
CA ALA L 244 -12.86 -15.68 -33.42
C ALA L 244 -11.78 -14.63 -33.19
N GLU L 245 -12.20 -13.37 -33.22
CA GLU L 245 -11.28 -12.25 -33.02
C GLU L 245 -12.04 -11.14 -32.30
N GLN L 246 -11.33 -10.46 -31.40
CA GLN L 246 -11.92 -9.38 -30.61
C GLN L 246 -12.09 -8.13 -31.49
N LYS L 247 -13.11 -8.20 -32.34
CA LYS L 247 -13.37 -7.15 -33.31
C LYS L 247 -14.86 -6.85 -33.32
N GLN L 248 -15.18 -5.63 -33.77
CA GLN L 248 -16.55 -5.17 -33.93
C GLN L 248 -16.84 -4.93 -35.41
N LEU L 249 -17.98 -5.41 -35.87
CA LEU L 249 -18.46 -5.16 -37.23
C LEU L 249 -19.61 -4.17 -37.15
N LEU L 250 -19.38 -2.95 -37.64
CA LEU L 250 -20.41 -1.92 -37.69
C LEU L 250 -20.99 -1.88 -39.10
N GLU L 251 -22.31 -2.06 -39.20
CA GLU L 251 -22.99 -2.03 -40.47
C GLU L 251 -23.61 -0.64 -40.65
N VAL L 252 -22.77 0.31 -41.02
CA VAL L 252 -23.23 1.66 -41.36
C VAL L 252 -24.13 1.56 -42.58
N GLU L 253 -25.43 1.79 -42.39
CA GLU L 253 -26.42 1.62 -43.46
C GLU L 253 -26.53 2.93 -44.22
N LEU L 254 -25.80 3.01 -45.33
CA LEU L 254 -25.75 4.26 -46.10
C LEU L 254 -27.06 4.53 -46.83
N TYR L 255 -27.73 3.49 -47.31
CA TYR L 255 -28.95 3.66 -48.09
C TYR L 255 -29.85 2.45 -47.88
N SER L 256 -31.13 2.71 -47.59
CA SER L 256 -32.08 1.66 -47.28
C SER L 256 -32.86 1.18 -48.50
N ASP L 257 -33.22 2.08 -49.41
CA ASP L 257 -33.98 1.72 -50.60
C ASP L 257 -33.43 2.43 -51.82
N TYR L 258 -32.11 2.29 -52.03
CA TYR L 258 -31.46 2.92 -53.17
C TYR L 258 -32.08 2.47 -54.49
N ARG L 259 -32.31 3.44 -55.37
CA ARG L 259 -32.79 3.21 -56.74
C ARG L 259 -31.96 4.06 -57.69
N GLU L 260 -31.54 3.46 -58.79
CA GLU L 260 -30.60 4.10 -59.70
C GLU L 260 -31.29 5.14 -60.57
N ASN L 261 -30.62 6.28 -60.77
CA ASN L 261 -31.09 7.27 -61.72
C ASN L 261 -31.00 6.72 -63.14
N SER L 262 -32.03 7.01 -63.94
CA SER L 262 -32.15 6.40 -65.26
C SER L 262 -31.03 6.84 -66.19
N TYR L 263 -30.78 8.15 -66.28
CA TYR L 263 -29.83 8.66 -67.27
C TYR L 263 -28.38 8.44 -66.85
N VAL L 264 -28.07 8.55 -65.58
CA VAL L 264 -26.68 8.47 -65.12
C VAL L 264 -26.52 7.33 -64.12
N PRO L 265 -25.81 6.27 -64.47
CA PRO L 265 -25.58 5.17 -63.52
C PRO L 265 -24.52 5.53 -62.50
N THR L 266 -24.40 4.67 -61.49
CA THR L 266 -23.46 4.87 -60.40
C THR L 266 -22.15 4.17 -60.74
N THR L 267 -21.12 4.96 -61.07
CA THR L 267 -19.82 4.38 -61.33
C THR L 267 -19.11 3.92 -60.06
N GLY L 268 -19.19 4.70 -58.99
CA GLY L 268 -18.52 4.33 -57.77
C GLY L 268 -18.81 5.30 -56.66
N ALA L 269 -18.14 5.09 -55.54
CA ALA L 269 -18.38 5.85 -54.31
C ALA L 269 -17.08 6.34 -53.70
N ILE L 270 -17.09 7.55 -53.18
CA ILE L 270 -16.01 8.09 -52.37
C ILE L 270 -16.48 8.05 -50.92
N ILE L 271 -15.72 7.37 -50.07
CA ILE L 271 -16.11 7.12 -48.69
C ILE L 271 -15.07 7.74 -47.78
N GLU L 272 -15.55 8.40 -46.71
CA GLU L 272 -14.67 9.12 -45.82
C GLU L 272 -15.10 8.88 -44.38
N ILE L 273 -14.12 8.73 -43.50
CA ILE L 273 -14.34 8.63 -42.06
C ILE L 273 -13.64 9.80 -41.40
N HIS L 274 -14.40 10.61 -40.68
CA HIS L 274 -13.87 11.85 -40.10
C HIS L 274 -13.31 11.62 -38.71
N SER L 275 -12.44 10.64 -38.58
CA SER L 275 -11.76 10.36 -37.32
C SER L 275 -10.28 10.18 -37.58
N LYS L 276 -9.47 10.87 -36.78
CA LYS L 276 -8.01 10.77 -36.86
C LYS L 276 -7.47 9.70 -35.93
N ARG L 277 -8.34 8.97 -35.24
CA ARG L 277 -7.89 7.92 -34.34
C ARG L 277 -8.65 6.61 -34.49
N ILE L 278 -9.43 6.45 -35.55
CA ILE L 278 -10.22 5.23 -35.74
C ILE L 278 -9.33 4.07 -36.18
N GLN L 279 -8.98 3.21 -35.23
CA GLN L 279 -8.25 1.99 -35.54
C GLN L 279 -9.20 1.02 -36.23
N MET L 280 -8.78 0.48 -37.37
CA MET L 280 -9.63 -0.40 -38.16
C MET L 280 -8.77 -1.35 -38.99
N TYR L 281 -9.37 -2.47 -39.37
CA TYR L 281 -8.71 -3.49 -40.18
C TYR L 281 -9.00 -3.36 -41.66
N GLY L 282 -10.26 -3.10 -42.03
CA GLY L 282 -10.66 -2.98 -43.42
C GLY L 282 -12.07 -2.44 -43.50
N ALA L 283 -12.62 -2.49 -44.70
CA ALA L 283 -13.96 -1.98 -44.94
C ALA L 283 -14.52 -2.59 -46.21
N TYR L 284 -15.80 -2.94 -46.18
CA TYR L 284 -16.51 -3.49 -47.34
C TYR L 284 -17.72 -2.64 -47.63
N LEU L 285 -17.95 -2.35 -48.92
CA LEU L 285 -19.16 -1.67 -49.38
C LEU L 285 -20.01 -2.73 -50.06
N ARG L 286 -21.11 -3.11 -49.41
CA ARG L 286 -21.94 -4.21 -49.86
C ARG L 286 -23.25 -3.67 -50.42
N ILE L 287 -23.59 -4.08 -51.63
CA ILE L 287 -24.86 -3.72 -52.24
C ILE L 287 -25.62 -4.99 -52.58
N HIS L 288 -26.89 -5.02 -52.21
CA HIS L 288 -27.73 -6.21 -52.21
C HIS L 288 -29.18 -5.78 -52.40
N ALA L 289 -29.93 -6.49 -53.22
CA ALA L 289 -31.34 -6.18 -53.43
C ALA L 289 -32.10 -6.24 -52.12
N HIS L 290 -33.06 -5.33 -51.96
CA HIS L 290 -33.72 -5.12 -50.68
C HIS L 290 -34.63 -6.26 -50.25
N PHE L 291 -34.89 -7.23 -51.12
CA PHE L 291 -35.70 -8.38 -50.75
C PHE L 291 -35.10 -9.08 -49.53
N THR L 292 -35.86 -9.09 -48.44
CA THR L 292 -35.35 -9.61 -47.18
C THR L 292 -36.27 -10.65 -46.56
N GLY L 293 -37.58 -10.45 -46.70
CA GLY L 293 -38.59 -11.21 -45.99
C GLY L 293 -38.37 -12.71 -45.84
N LEU L 294 -38.26 -13.41 -46.97
CA LEU L 294 -38.05 -14.86 -46.90
C LEU L 294 -36.69 -15.19 -46.29
N ARG L 295 -35.67 -14.40 -46.62
CA ARG L 295 -34.30 -14.67 -46.22
C ARG L 295 -33.87 -13.87 -44.99
N TYR L 296 -34.81 -13.20 -44.32
CA TYR L 296 -34.46 -12.27 -43.24
C TYR L 296 -33.58 -12.93 -42.19
N LEU L 297 -33.96 -14.12 -41.73
CA LEU L 297 -33.14 -14.82 -40.74
C LEU L 297 -31.77 -15.12 -41.29
N LEU L 298 -31.69 -15.64 -42.52
CA LEU L 298 -30.39 -15.90 -43.12
C LEU L 298 -29.64 -14.61 -43.43
N TYR L 299 -30.35 -13.56 -43.86
CA TYR L 299 -29.72 -12.30 -44.19
C TYR L 299 -29.13 -11.61 -42.97
N ASN L 300 -29.64 -11.91 -41.77
CA ASN L 300 -29.16 -11.19 -40.60
C ASN L 300 -28.64 -12.09 -39.48
N PHE L 301 -29.24 -13.25 -39.26
CA PHE L 301 -28.89 -14.12 -38.12
C PHE L 301 -28.64 -15.53 -38.62
N PRO L 302 -27.51 -15.76 -39.28
CA PRO L 302 -27.27 -17.11 -39.85
C PRO L 302 -27.00 -18.17 -38.81
N MET L 303 -26.45 -17.80 -37.66
CA MET L 303 -26.14 -18.80 -36.63
C MET L 303 -27.40 -19.50 -36.15
N THR L 304 -28.48 -18.75 -35.93
CA THR L 304 -29.75 -19.35 -35.56
C THR L 304 -30.30 -20.21 -36.70
N CYS L 305 -30.11 -19.76 -37.94
CA CYS L 305 -30.59 -20.53 -39.08
C CYS L 305 -29.92 -21.90 -39.15
N ALA L 306 -28.62 -21.95 -38.89
CA ALA L 306 -27.92 -23.24 -38.90
C ALA L 306 -28.57 -24.21 -37.93
N PHE L 307 -28.75 -23.78 -36.67
CA PHE L 307 -29.35 -24.65 -35.66
C PHE L 307 -30.76 -25.06 -36.05
N VAL L 308 -31.58 -24.10 -36.50
CA VAL L 308 -32.97 -24.39 -36.82
C VAL L 308 -33.05 -25.39 -37.97
N GLY L 309 -32.31 -25.13 -39.05
CA GLY L 309 -32.34 -26.02 -40.20
C GLY L 309 -31.82 -27.40 -39.88
N VAL L 310 -30.71 -27.49 -39.13
CA VAL L 310 -30.15 -28.79 -38.79
C VAL L 310 -31.14 -29.57 -37.92
N ALA L 311 -31.72 -28.92 -36.92
CA ALA L 311 -32.67 -29.62 -36.05
C ALA L 311 -33.89 -30.07 -36.83
N SER L 312 -34.44 -29.20 -37.68
CA SER L 312 -35.64 -29.56 -38.44
C SER L 312 -35.36 -30.71 -39.38
N ASN L 313 -34.22 -30.67 -40.07
CA ASN L 313 -33.90 -31.73 -41.02
C ASN L 313 -33.60 -33.05 -40.32
N PHE L 314 -32.92 -32.99 -39.17
CA PHE L 314 -32.64 -34.22 -38.43
C PHE L 314 -33.91 -34.83 -37.87
N THR L 315 -34.83 -34.00 -37.36
CA THR L 315 -36.11 -34.54 -36.90
C THR L 315 -36.92 -35.11 -38.06
N PHE L 316 -36.89 -34.43 -39.21
CA PHE L 316 -37.60 -34.95 -40.39
C PHE L 316 -36.97 -36.26 -40.86
N LEU L 317 -35.65 -36.34 -40.85
CA LEU L 317 -34.95 -37.55 -41.25
C LEU L 317 -35.17 -38.66 -40.22
N LEU M 5 -9.83 -13.71 -43.03
CA LEU M 5 -10.55 -14.53 -43.99
C LEU M 5 -11.45 -15.54 -43.27
N VAL M 6 -12.75 -15.34 -43.40
CA VAL M 6 -13.74 -16.21 -42.77
C VAL M 6 -13.64 -17.59 -43.40
N PRO M 7 -13.92 -18.67 -42.65
CA PRO M 7 -13.79 -20.02 -43.20
C PRO M 7 -14.93 -20.46 -44.11
N LEU M 8 -16.02 -19.72 -44.18
CA LEU M 8 -17.15 -20.07 -45.06
C LEU M 8 -17.53 -18.84 -45.87
N VAL M 9 -16.84 -18.65 -47.01
CA VAL M 9 -17.15 -17.56 -47.92
C VAL M 9 -17.33 -18.09 -49.34
N SER M 10 -16.38 -18.89 -49.81
CA SER M 10 -16.38 -19.40 -51.18
C SER M 10 -16.19 -20.91 -51.22
N ASP M 11 -16.21 -21.55 -50.06
CA ASP M 11 -16.10 -23.01 -49.99
C ASP M 11 -17.43 -23.70 -49.75
N LEU M 12 -18.56 -22.98 -49.80
CA LEU M 12 -19.85 -23.64 -49.66
C LEU M 12 -20.09 -24.63 -50.80
N THR M 13 -19.69 -24.25 -52.02
CA THR M 13 -19.76 -25.16 -53.15
C THR M 13 -18.83 -26.36 -52.94
N LEU M 14 -17.64 -26.11 -52.39
CA LEU M 14 -16.74 -27.20 -52.05
C LEU M 14 -17.36 -28.10 -50.99
N SER M 15 -18.01 -27.50 -49.99
CA SER M 15 -18.70 -28.27 -48.96
C SER M 15 -19.92 -29.00 -49.50
N PHE M 16 -20.44 -28.60 -50.66
CA PHE M 16 -21.52 -29.32 -51.30
C PHE M 16 -21.05 -30.58 -52.01
N LEU M 17 -19.75 -30.72 -52.25
CA LEU M 17 -19.23 -31.95 -52.83
C LEU M 17 -18.17 -32.64 -51.98
N VAL M 18 -17.24 -31.92 -51.35
CA VAL M 18 -16.20 -32.58 -50.56
C VAL M 18 -16.83 -33.34 -49.38
N PHE M 19 -17.81 -32.71 -48.73
CA PHE M 19 -18.61 -33.40 -47.72
C PHE M 19 -19.38 -34.57 -48.35
N TRP M 20 -19.89 -34.37 -49.57
CA TRP M 20 -20.62 -35.39 -50.30
C TRP M 20 -19.71 -36.59 -50.60
N LEU M 21 -18.40 -36.37 -50.64
CA LEU M 21 -17.46 -37.48 -50.78
C LEU M 21 -17.52 -38.46 -49.61
N CYS M 22 -18.37 -38.22 -48.62
CA CYS M 22 -18.57 -39.21 -47.57
C CYS M 22 -19.26 -40.46 -48.11
N LEU M 23 -19.93 -40.31 -49.25
CA LEU M 23 -20.74 -41.38 -49.83
C LEU M 23 -19.86 -42.44 -50.51
N PRO M 24 -18.92 -42.07 -51.41
CA PRO M 24 -18.02 -43.10 -51.97
C PRO M 24 -16.92 -43.48 -51.00
N VAL M 25 -16.47 -42.53 -50.19
CA VAL M 25 -15.41 -42.78 -49.22
C VAL M 25 -16.01 -43.09 -47.86
N LEU N 5 12.36 -19.46 -40.39
CA LEU N 5 12.39 -20.63 -41.28
C LEU N 5 11.45 -21.72 -40.77
N VAL N 6 10.33 -21.88 -41.47
CA VAL N 6 9.33 -22.88 -41.10
C VAL N 6 9.94 -24.26 -41.31
N PRO N 7 9.56 -25.27 -40.52
CA PRO N 7 10.17 -26.60 -40.66
C PRO N 7 9.67 -27.42 -41.83
N LEU N 8 8.59 -27.01 -42.51
CA LEU N 8 8.08 -27.73 -43.67
C LEU N 8 7.89 -26.74 -44.81
N VAL N 9 8.98 -26.49 -45.54
CA VAL N 9 8.94 -25.60 -46.70
C VAL N 9 9.54 -26.31 -47.92
N SER N 10 10.71 -26.91 -47.76
CA SER N 10 11.43 -27.55 -48.85
C SER N 10 11.80 -28.99 -48.52
N ASP N 11 11.25 -29.53 -47.43
CA ASP N 11 11.50 -30.91 -47.05
C ASP N 11 10.33 -31.85 -47.28
N LEU N 12 9.27 -31.41 -47.95
CA LEU N 12 8.16 -32.31 -48.27
C LEU N 12 8.63 -33.44 -49.17
N THR N 13 9.47 -33.11 -50.15
CA THR N 13 10.06 -34.15 -51.00
C THR N 13 10.93 -35.10 -50.17
N LEU N 14 11.67 -34.56 -49.21
CA LEU N 14 12.42 -35.41 -48.29
C LEU N 14 11.49 -36.26 -47.45
N SER N 15 10.39 -35.67 -46.98
CA SER N 15 9.39 -36.41 -46.21
C SER N 15 8.71 -37.50 -47.03
N PHE N 16 8.70 -37.38 -48.36
CA PHE N 16 8.16 -38.41 -49.23
C PHE N 16 9.07 -39.62 -49.32
N LEU N 17 10.35 -39.47 -49.00
CA LEU N 17 11.29 -40.59 -49.02
C LEU N 17 11.90 -40.91 -47.66
N VAL N 18 12.27 -39.92 -46.83
CA VAL N 18 12.83 -40.22 -45.52
C VAL N 18 11.82 -40.98 -44.67
N PHE N 19 10.56 -40.53 -44.70
CA PHE N 19 9.49 -41.26 -44.01
C PHE N 19 9.27 -42.62 -44.66
N TRP N 20 9.42 -42.67 -45.98
CA TRP N 20 9.27 -43.90 -46.75
C TRP N 20 10.31 -44.94 -46.35
N LEU N 21 11.42 -44.49 -45.75
CA LEU N 21 12.40 -45.41 -45.18
C LEU N 21 11.83 -46.25 -44.04
N CYS N 22 10.56 -46.06 -43.67
CA CYS N 22 9.93 -46.92 -42.68
C CYS N 22 9.74 -48.33 -43.23
N LEU N 23 9.79 -48.48 -44.55
CA LEU N 23 9.59 -49.77 -45.18
C LEU N 23 10.84 -50.64 -45.08
N PRO N 24 12.04 -50.18 -45.52
CA PRO N 24 13.22 -51.04 -45.41
C PRO N 24 13.80 -51.07 -44.00
N VAL N 25 13.69 -49.96 -43.28
CA VAL N 25 14.21 -49.87 -41.92
C VAL N 25 13.10 -50.15 -40.91
N LEU O 5 31.83 -21.04 -26.14
CA LEU O 5 32.32 -22.24 -26.81
C LEU O 5 31.35 -23.41 -26.64
N VAL O 6 30.75 -23.83 -27.74
CA VAL O 6 29.78 -24.92 -27.73
C VAL O 6 30.52 -26.21 -27.35
N PRO O 7 29.86 -27.17 -26.71
CA PRO O 7 30.56 -28.38 -26.26
C PRO O 7 30.82 -29.42 -27.34
N LEU O 8 30.21 -29.30 -28.52
CA LEU O 8 30.40 -30.25 -29.62
C LEU O 8 30.63 -29.46 -30.92
N VAL O 9 31.90 -29.11 -31.17
CA VAL O 9 32.27 -28.41 -32.39
C VAL O 9 33.41 -29.16 -33.09
N SER O 10 34.45 -29.52 -32.35
CA SER O 10 35.64 -30.16 -32.91
C SER O 10 35.96 -31.47 -32.18
N ASP O 11 35.14 -31.85 -31.21
CA ASP O 11 35.34 -33.08 -30.47
C ASP O 11 34.50 -34.24 -30.98
N LEU O 12 33.79 -34.09 -32.10
CA LEU O 12 33.02 -35.20 -32.67
C LEU O 12 33.97 -36.32 -33.08
N THR O 13 35.11 -35.98 -33.65
CA THR O 13 36.11 -36.99 -33.98
C THR O 13 36.63 -37.70 -32.74
N LEU O 14 36.84 -36.95 -31.66
CA LEU O 14 37.20 -37.56 -30.39
C LEU O 14 36.06 -38.41 -29.86
N SER O 15 34.82 -37.94 -30.04
CA SER O 15 33.65 -38.72 -29.65
C SER O 15 33.50 -39.99 -30.45
N PHE O 16 34.10 -40.07 -31.63
CA PHE O 16 34.11 -41.30 -32.41
C PHE O 16 35.08 -42.33 -31.86
N LEU O 17 36.04 -41.91 -31.03
CA LEU O 17 36.99 -42.85 -30.42
C LEU O 17 36.95 -42.89 -28.90
N VAL O 18 36.88 -41.75 -28.20
CA VAL O 18 36.83 -41.78 -26.74
C VAL O 18 35.59 -42.52 -26.26
N PHE O 19 34.45 -42.24 -26.89
CA PHE O 19 33.23 -42.99 -26.61
C PHE O 19 33.37 -44.43 -27.08
N TRP O 20 34.07 -44.65 -28.19
CA TRP O 20 34.36 -45.98 -28.71
C TRP O 20 35.21 -46.79 -27.74
N LEU O 21 35.97 -46.10 -26.88
CA LEU O 21 36.69 -46.79 -25.81
C LEU O 21 35.76 -47.49 -24.82
N CYS O 22 34.45 -47.40 -25.00
CA CYS O 22 33.52 -48.15 -24.16
C CYS O 22 33.62 -49.64 -24.46
N LEU O 23 34.23 -50.00 -25.58
CA LEU O 23 34.39 -51.40 -25.96
C LEU O 23 35.54 -52.06 -25.20
N PRO O 24 36.79 -51.53 -25.25
CA PRO O 24 37.87 -52.21 -24.52
C PRO O 24 37.86 -51.89 -23.02
N VAL O 25 37.43 -50.68 -22.67
CA VAL O 25 37.40 -50.26 -21.27
C VAL O 25 36.02 -50.50 -20.68
N LEU P 5 42.56 -17.97 -4.67
CA LEU P 5 43.39 -19.15 -4.89
C LEU P 5 42.55 -20.42 -5.00
N VAL P 6 42.57 -21.03 -6.18
CA VAL P 6 41.80 -22.25 -6.44
C VAL P 6 42.39 -23.37 -5.59
N PRO P 7 41.59 -24.36 -5.19
CA PRO P 7 42.10 -25.41 -4.30
C PRO P 7 42.88 -26.51 -5.00
N LEU P 8 42.88 -26.58 -6.33
CA LEU P 8 43.63 -27.59 -7.07
C LEU P 8 44.38 -26.91 -8.22
N VAL P 9 45.58 -26.43 -7.92
CA VAL P 9 46.43 -25.80 -8.91
C VAL P 9 47.81 -26.45 -8.91
N SER P 10 48.42 -26.61 -7.74
CA SER P 10 49.77 -27.16 -7.60
C SER P 10 49.82 -28.29 -6.58
N ASP P 11 48.66 -28.73 -6.10
CA ASP P 11 48.60 -29.83 -5.14
C ASP P 11 48.19 -31.15 -5.75
N LEU P 12 48.08 -31.25 -7.07
CA LEU P 12 47.77 -32.53 -7.71
C LEU P 12 48.86 -33.56 -7.43
N THR P 13 50.12 -33.11 -7.47
CA THR P 13 51.23 -34.00 -7.11
C THR P 13 51.14 -34.45 -5.67
N LEU P 14 50.75 -33.54 -4.76
CA LEU P 14 50.51 -33.92 -3.38
C LEU P 14 49.33 -34.88 -3.28
N SER P 15 48.28 -34.63 -4.07
CA SER P 15 47.12 -35.52 -4.10
C SER P 15 47.46 -36.89 -4.65
N PHE P 16 48.54 -37.02 -5.44
CA PHE P 16 48.98 -38.32 -5.91
C PHE P 16 49.63 -39.15 -4.81
N LEU P 17 50.09 -38.51 -3.74
CA LEU P 17 50.71 -39.22 -2.63
C LEU P 17 49.96 -39.09 -1.31
N VAL P 18 49.43 -37.92 -0.95
CA VAL P 18 48.69 -37.78 0.30
C VAL P 18 47.49 -38.72 0.30
N PHE P 19 46.76 -38.75 -0.81
CA PHE P 19 45.65 -39.68 -0.96
C PHE P 19 46.16 -41.12 -1.01
N TRP P 20 47.36 -41.31 -1.58
CA TRP P 20 48.00 -42.62 -1.66
C TRP P 20 48.33 -43.16 -0.28
N LEU P 21 48.51 -42.27 0.70
CA LEU P 21 48.65 -42.71 2.09
C LEU P 21 47.41 -43.40 2.64
N CYS P 22 46.35 -43.52 1.85
CA CYS P 22 45.19 -44.29 2.26
C CYS P 22 45.52 -45.78 2.30
N LEU P 23 46.59 -46.18 1.63
CA LEU P 23 47.01 -47.58 1.58
C LEU P 23 47.71 -48.01 2.88
N PRO P 24 48.78 -47.32 3.33
CA PRO P 24 49.44 -47.75 4.58
C PRO P 24 48.62 -47.40 5.81
N VAL P 25 47.74 -46.41 5.70
CA VAL P 25 46.88 -46.02 6.79
C VAL P 25 45.53 -46.71 6.70
N LEU Q 5 41.34 -11.14 18.23
CA LEU Q 5 42.25 -12.14 18.78
C LEU Q 5 41.77 -13.55 18.50
N VAL Q 6 42.46 -14.24 17.60
CA VAL Q 6 42.11 -15.62 17.25
C VAL Q 6 42.38 -16.51 18.45
N PRO Q 7 41.63 -17.60 18.63
CA PRO Q 7 41.82 -18.45 19.82
C PRO Q 7 42.95 -19.46 19.71
N LEU Q 8 43.53 -19.65 18.53
CA LEU Q 8 44.65 -20.61 18.35
C LEU Q 8 45.76 -19.88 17.62
N VAL Q 9 46.58 -19.13 18.38
CA VAL Q 9 47.73 -18.43 17.83
C VAL Q 9 48.99 -18.78 18.63
N SER Q 10 48.91 -18.67 19.96
CA SER Q 10 50.05 -18.85 20.84
C SER Q 10 49.78 -19.90 21.91
N ASP Q 11 48.69 -20.64 21.76
CA ASP Q 11 48.35 -21.69 22.72
C ASP Q 11 48.50 -23.10 22.18
N LEU Q 12 49.09 -23.28 21.00
CA LEU Q 12 49.30 -24.63 20.47
C LEU Q 12 50.24 -25.43 21.38
N THR Q 13 51.27 -24.76 21.91
CA THR Q 13 52.15 -25.42 22.88
C THR Q 13 51.40 -25.77 24.16
N LEU Q 14 50.51 -24.90 24.61
CA LEU Q 14 49.67 -25.21 25.76
C LEU Q 14 48.76 -26.41 25.45
N SER Q 15 48.20 -26.44 24.24
CA SER Q 15 47.39 -27.58 23.82
C SER Q 15 48.20 -28.87 23.70
N PHE Q 16 49.51 -28.77 23.44
CA PHE Q 16 50.38 -29.94 23.44
C PHE Q 16 50.58 -30.52 24.84
N LEU Q 17 50.39 -29.70 25.87
CA LEU Q 17 50.54 -30.17 27.24
C LEU Q 17 49.25 -30.15 28.06
N VAL Q 18 48.41 -29.11 27.97
CA VAL Q 18 47.20 -29.07 28.79
C VAL Q 18 46.24 -30.19 28.39
N PHE Q 19 46.04 -30.39 27.08
CA PHE Q 19 45.24 -31.52 26.60
C PHE Q 19 45.91 -32.85 26.96
N TRP Q 20 47.25 -32.86 26.99
CA TRP Q 20 48.06 -34.02 27.37
C TRP Q 20 47.78 -34.44 28.81
N LEU Q 21 47.28 -33.51 29.63
CA LEU Q 21 46.84 -33.88 30.97
C LEU Q 21 45.64 -34.83 30.97
N CYS Q 22 45.16 -35.26 29.80
CA CYS Q 22 44.12 -36.29 29.76
C CYS Q 22 44.65 -37.63 30.26
N LEU Q 23 45.97 -37.78 30.28
CA LEU Q 23 46.61 -39.02 30.69
C LEU Q 23 46.62 -39.16 32.22
N PRO Q 24 47.18 -38.21 33.00
CA PRO Q 24 47.19 -38.40 34.45
C PRO Q 24 45.83 -38.11 35.08
N VAL Q 25 45.07 -37.22 34.47
CA VAL Q 25 43.76 -36.83 34.99
C VAL Q 25 42.65 -37.57 34.24
N LEU R 5 28.57 -2.15 36.35
CA LEU R 5 29.17 -2.91 37.45
C LEU R 5 29.03 -4.41 37.21
N VAL R 6 30.12 -5.04 36.82
CA VAL R 6 30.14 -6.47 36.56
C VAL R 6 29.90 -7.21 37.87
N PRO R 7 29.27 -8.39 37.86
CA PRO R 7 28.97 -9.10 39.10
C PRO R 7 30.15 -9.84 39.73
N LEU R 8 31.28 -9.98 39.02
CA LEU R 8 32.46 -10.66 39.56
C LEU R 8 33.69 -9.81 39.27
N VAL R 9 33.97 -8.88 40.18
CA VAL R 9 35.16 -8.02 40.07
C VAL R 9 35.97 -8.08 41.36
N SER R 10 35.30 -7.92 42.50
CA SER R 10 35.96 -7.86 43.81
C SER R 10 35.30 -8.82 44.79
N ASP R 11 34.38 -9.65 44.33
CA ASP R 11 33.72 -10.63 45.20
C ASP R 11 34.27 -12.05 45.04
N LEU R 12 35.36 -12.24 44.30
CA LEU R 12 35.96 -13.57 44.19
C LEU R 12 36.44 -14.05 45.55
N THR R 13 37.01 -13.14 46.35
CA THR R 13 37.42 -13.50 47.71
C THR R 13 36.21 -13.87 48.56
N LEU R 14 35.09 -13.17 48.37
CA LEU R 14 33.86 -13.54 49.05
C LEU R 14 33.37 -14.90 48.58
N SER R 15 33.46 -15.15 47.27
CA SER R 15 33.08 -16.46 46.73
C SER R 15 33.98 -17.58 47.24
N PHE R 16 35.22 -17.27 47.63
CA PHE R 16 36.11 -18.26 48.21
C PHE R 16 35.65 -18.70 49.60
N LEU R 17 34.82 -17.89 50.27
CA LEU R 17 34.31 -18.25 51.58
C LEU R 17 32.79 -18.37 51.64
N VAL R 18 32.02 -17.50 50.97
CA VAL R 18 30.56 -17.62 51.00
C VAL R 18 30.13 -18.96 50.45
N PHE R 19 30.71 -19.37 49.33
CA PHE R 19 30.45 -20.68 48.78
C PHE R 19 30.98 -21.77 49.71
N TRP R 20 32.11 -21.50 50.35
CA TRP R 20 32.73 -22.42 51.30
C TRP R 20 31.82 -22.67 52.50
N LEU R 21 30.92 -21.72 52.78
CA LEU R 21 29.91 -21.93 53.82
C LEU R 21 28.95 -23.07 53.50
N CYS R 22 29.10 -23.73 52.35
CA CYS R 22 28.30 -24.91 52.04
C CYS R 22 28.68 -26.07 52.94
N LEU R 23 29.86 -25.99 53.57
CA LEU R 23 30.33 -27.06 54.43
C LEU R 23 29.63 -27.03 55.79
N PRO R 24 29.63 -25.90 56.54
CA PRO R 24 28.93 -25.91 57.84
C PRO R 24 27.41 -25.81 57.69
N VAL R 25 26.96 -25.15 56.63
CA VAL R 25 25.54 -24.98 56.38
C VAL R 25 25.04 -25.99 55.37
N LEU S 5 7.51 6.70 45.04
CA LEU S 5 7.77 6.26 46.41
C LEU S 5 7.94 4.75 46.46
N VAL S 6 9.17 4.32 46.68
CA VAL S 6 9.51 2.90 46.73
C VAL S 6 8.81 2.27 47.94
N PRO S 7 8.42 1.00 47.87
CA PRO S 7 7.68 0.37 48.98
C PRO S 7 8.54 -0.06 50.16
N LEU S 8 9.88 -0.10 50.02
CA LEU S 8 10.76 -0.53 51.10
C LEU S 8 11.87 0.51 51.28
N VAL S 9 11.57 1.56 52.04
CA VAL S 9 12.55 2.60 52.34
C VAL S 9 12.68 2.82 53.84
N SER S 10 11.54 2.97 54.53
CA SER S 10 11.51 3.26 55.96
C SER S 10 10.58 2.33 56.71
N ASP S 11 10.05 1.33 56.02
CA ASP S 11 9.17 0.35 56.66
C ASP S 11 9.86 -0.97 56.98
N LEU S 12 11.17 -1.06 56.84
CA LEU S 12 11.89 -2.28 57.22
C LEU S 12 11.73 -2.55 58.71
N THR S 13 11.80 -1.49 59.52
CA THR S 13 11.57 -1.63 60.96
C THR S 13 10.15 -2.10 61.23
N LEU S 14 9.17 -1.58 60.49
CA LEU S 14 7.81 -2.08 60.61
C LEU S 14 7.72 -3.53 60.18
N SER S 15 8.42 -3.90 59.11
CA SER S 15 8.45 -5.28 58.65
C SER S 15 9.12 -6.22 59.64
N PHE S 16 9.98 -5.69 60.51
CA PHE S 16 10.60 -6.49 61.57
C PHE S 16 9.62 -6.81 62.70
N LEU S 17 8.53 -6.07 62.82
CA LEU S 17 7.53 -6.35 63.84
C LEU S 17 6.15 -6.72 63.29
N VAL S 18 5.67 -6.07 62.24
CA VAL S 18 4.36 -6.42 61.68
C VAL S 18 4.37 -7.86 61.19
N PHE S 19 5.43 -8.25 60.48
CA PHE S 19 5.61 -9.63 60.08
C PHE S 19 5.76 -10.54 61.29
N TRP S 20 6.46 -10.03 62.33
CA TRP S 20 6.67 -10.78 63.56
C TRP S 20 5.35 -11.04 64.28
N LEU S 21 4.31 -10.26 63.98
CA LEU S 21 2.98 -10.54 64.50
C LEU S 21 2.43 -11.87 63.99
N CYS S 22 3.16 -12.59 63.15
CA CYS S 22 2.74 -13.92 62.73
C CYS S 22 2.77 -14.90 63.90
N LEU S 23 3.53 -14.57 64.94
CA LEU S 23 3.68 -15.45 66.10
C LEU S 23 2.45 -15.39 67.00
N PRO S 24 1.98 -14.20 67.47
CA PRO S 24 0.80 -14.18 68.33
C PRO S 24 -0.50 -14.34 67.55
N VAL S 25 -0.53 -13.84 66.31
CA VAL S 25 -1.72 -13.94 65.47
C VAL S 25 -1.58 -15.11 64.51
N LEU T 5 -15.07 12.68 41.69
CA LEU T 5 -15.39 12.40 43.09
C LEU T 5 -15.08 10.94 43.43
N VAL T 6 -14.10 10.74 44.31
CA VAL T 6 -13.70 9.40 44.73
C VAL T 6 -14.84 8.79 45.52
N PRO T 7 -15.04 7.47 45.48
CA PRO T 7 -16.18 6.86 46.17
C PRO T 7 -16.01 6.67 47.67
N LEU T 8 -14.80 6.87 48.21
CA LEU T 8 -14.58 6.71 49.66
C LEU T 8 -13.74 7.90 50.15
N VAL T 9 -14.44 8.98 50.50
CA VAL T 9 -13.80 10.17 51.05
C VAL T 9 -14.46 10.57 52.37
N SER T 10 -15.80 10.64 52.36
CA SER T 10 -16.57 11.10 53.51
C SER T 10 -17.67 10.11 53.88
N ASP T 11 -17.64 8.93 53.27
CA ASP T 11 -18.62 7.89 53.58
C ASP T 11 -18.06 6.75 54.40
N LEU T 12 -16.85 6.87 54.94
CA LEU T 12 -16.30 5.82 55.80
C LEU T 12 -17.15 5.65 57.05
N THR T 13 -17.61 6.76 57.63
CA THR T 13 -18.50 6.69 58.78
C THR T 13 -19.81 5.99 58.43
N LEU T 14 -20.34 6.25 57.24
CA LEU T 14 -21.52 5.54 56.78
C LEU T 14 -21.23 4.05 56.64
N SER T 15 -20.07 3.71 56.08
CA SER T 15 -19.67 2.32 55.96
C SER T 15 -19.48 1.63 57.29
N PHE T 16 -19.13 2.38 58.34
CA PHE T 16 -18.99 1.82 59.68
C PHE T 16 -20.32 1.44 60.29
N LEU T 17 -21.42 1.95 59.76
CA LEU T 17 -22.74 1.60 60.24
C LEU T 17 -23.65 0.93 59.21
N VAL T 18 -23.63 1.36 57.94
CA VAL T 18 -24.45 0.70 56.93
C VAL T 18 -24.07 -0.77 56.81
N PHE T 19 -22.76 -1.04 56.77
CA PHE T 19 -22.28 -2.41 56.77
C PHE T 19 -22.68 -3.13 58.06
N TRP T 20 -22.66 -2.40 59.17
CA TRP T 20 -23.04 -2.92 60.49
C TRP T 20 -24.50 -3.41 60.49
N LEU T 21 -25.32 -2.87 59.59
CA LEU T 21 -26.69 -3.35 59.44
C LEU T 21 -26.77 -4.81 58.99
N CYS T 22 -25.64 -5.48 58.74
CA CYS T 22 -25.69 -6.90 58.42
C CYS T 22 -26.10 -7.71 59.64
N LEU T 23 -25.99 -7.12 60.83
CA LEU T 23 -26.35 -7.81 62.07
C LEU T 23 -27.86 -7.86 62.26
N PRO T 24 -28.60 -6.72 62.20
CA PRO T 24 -30.05 -6.83 62.35
C PRO T 24 -30.75 -7.31 61.09
N VAL T 25 -30.16 -7.01 59.93
CA VAL T 25 -30.73 -7.41 58.65
C VAL T 25 -29.95 -8.58 58.06
N LEU U 5 -34.06 14.19 27.81
CA LEU U 5 -35.09 13.92 28.81
C LEU U 5 -34.85 12.59 29.49
N VAL U 6 -34.36 12.64 30.73
CA VAL U 6 -34.08 11.44 31.51
C VAL U 6 -35.41 10.74 31.81
N PRO U 7 -35.43 9.41 31.91
CA PRO U 7 -36.69 8.69 32.11
C PRO U 7 -37.21 8.69 33.54
N LEU U 8 -36.41 9.07 34.53
CA LEU U 8 -36.84 9.09 35.94
C LEU U 8 -36.49 10.46 36.52
N VAL U 9 -37.37 11.43 36.32
CA VAL U 9 -37.19 12.77 36.87
C VAL U 9 -38.43 13.20 37.66
N SER U 10 -39.61 13.06 37.04
CA SER U 10 -40.86 13.50 37.64
C SER U 10 -41.91 12.39 37.64
N ASP U 11 -41.52 11.18 37.26
CA ASP U 11 -42.43 10.05 37.28
C ASP U 11 -42.25 9.13 38.47
N LEU U 12 -41.45 9.51 39.46
CA LEU U 12 -41.28 8.69 40.66
C LEU U 12 -42.60 8.56 41.40
N THR U 13 -43.37 9.65 41.47
CA THR U 13 -44.69 9.60 42.10
C THR U 13 -45.62 8.66 41.34
N LEU U 14 -45.53 8.66 40.01
CA LEU U 14 -46.30 7.70 39.21
C LEU U 14 -45.85 6.28 39.51
N SER U 15 -44.54 6.08 39.61
CA SER U 15 -44.01 4.76 39.96
C SER U 15 -44.42 4.31 41.35
N PHE U 16 -44.74 5.26 42.25
CA PHE U 16 -45.25 4.92 43.57
C PHE U 16 -46.67 4.38 43.51
N LEU U 17 -47.39 4.64 42.42
CA LEU U 17 -48.75 4.13 42.26
C LEU U 17 -48.92 3.22 41.06
N VAL U 18 -48.30 3.50 39.90
CA VAL U 18 -48.44 2.61 38.75
C VAL U 18 -47.91 1.21 39.09
N PHE U 19 -46.75 1.16 39.73
CA PHE U 19 -46.21 -0.13 40.19
C PHE U 19 -47.10 -0.73 41.26
N TRP U 20 -47.72 0.12 42.08
CA TRP U 20 -48.63 -0.30 43.14
C TRP U 20 -49.84 -1.04 42.56
N LEU U 21 -50.14 -0.80 41.29
CA LEU U 21 -51.20 -1.57 40.62
C LEU U 21 -50.88 -3.06 40.51
N CYS U 22 -49.72 -3.51 40.99
CA CYS U 22 -49.43 -4.93 41.02
C CYS U 22 -50.35 -5.65 42.00
N LEU U 23 -50.94 -4.91 42.94
CA LEU U 23 -51.81 -5.50 43.95
C LEU U 23 -53.20 -5.81 43.39
N PRO U 24 -53.92 -4.85 42.76
CA PRO U 24 -55.24 -5.19 42.22
C PRO U 24 -55.17 -5.94 40.90
N VAL U 25 -54.17 -5.64 40.09
CA VAL U 25 -54.00 -6.30 38.80
C VAL U 25 -53.04 -7.48 38.93
N LEU V 5 -44.41 10.86 5.89
CA LEU V 5 -45.72 10.68 6.51
C LEU V 5 -45.70 9.52 7.50
N VAL V 6 -45.83 9.84 8.78
CA VAL V 6 -45.81 8.85 9.85
C VAL V 6 -47.02 7.93 9.69
N PRO V 7 -46.92 6.66 10.08
CA PRO V 7 -48.04 5.72 9.89
C PRO V 7 -49.15 5.83 10.93
N LEU V 8 -48.91 6.50 12.06
CA LEU V 8 -49.92 6.63 13.12
C LEU V 8 -50.05 8.10 13.51
N VAL V 9 -50.88 8.83 12.77
CA VAL V 9 -51.16 10.23 13.07
C VAL V 9 -52.66 10.46 13.17
N SER V 10 -53.41 10.00 12.18
CA SER V 10 -54.85 10.21 12.11
C SER V 10 -55.61 8.91 11.84
N ASP V 11 -54.91 7.78 11.89
CA ASP V 11 -55.56 6.49 11.70
C ASP V 11 -55.79 5.71 12.98
N LEU V 12 -55.54 6.30 14.16
CA LEU V 12 -55.86 5.64 15.41
C LEU V 12 -57.35 5.38 15.52
N THR V 13 -58.16 6.35 15.08
CA THR V 13 -59.61 6.16 15.03
C THR V 13 -59.95 5.02 14.07
N LEU V 14 -59.26 4.94 12.94
CA LEU V 14 -59.45 3.82 12.02
C LEU V 14 -59.03 2.51 12.69
N SER V 15 -57.93 2.52 13.43
CA SER V 15 -57.49 1.33 14.14
C SER V 15 -58.46 0.92 15.24
N PHE V 16 -59.28 1.83 15.75
CA PHE V 16 -60.25 1.50 16.78
C PHE V 16 -61.39 0.65 16.27
N LEU V 17 -61.67 0.67 14.97
CA LEU V 17 -62.69 -0.22 14.42
C LEU V 17 -62.17 -1.22 13.39
N VAL V 18 -61.18 -0.88 12.57
CA VAL V 18 -60.63 -1.84 11.61
C VAL V 18 -60.12 -3.07 12.35
N PHE V 19 -59.41 -2.86 13.46
CA PHE V 19 -58.97 -3.97 14.29
C PHE V 19 -60.17 -4.67 14.93
N TRP V 20 -61.20 -3.90 15.26
CA TRP V 20 -62.41 -4.43 15.87
C TRP V 20 -63.13 -5.40 14.92
N LEU V 21 -62.85 -5.28 13.62
CA LEU V 21 -63.37 -6.26 12.66
C LEU V 21 -62.80 -7.66 12.88
N CYS V 22 -61.92 -7.86 13.87
CA CYS V 22 -61.44 -9.20 14.19
C CYS V 22 -62.55 -10.02 14.84
N LEU V 23 -63.59 -9.34 15.34
CA LEU V 23 -64.70 -10.01 15.98
C LEU V 23 -65.65 -10.64 14.95
N PRO V 24 -66.16 -9.88 13.95
CA PRO V 24 -67.06 -10.53 12.97
C PRO V 24 -66.31 -11.35 11.95
N VAL V 25 -65.07 -10.95 11.64
CA VAL V 25 -64.27 -11.67 10.65
C VAL V 25 -63.28 -12.59 11.35
N LEU W 5 -43.15 4.43 -16.13
CA LEU W 5 -44.55 4.02 -16.18
C LEU W 5 -44.84 2.91 -15.18
N VAL W 6 -45.60 3.23 -14.14
CA VAL W 6 -45.95 2.27 -13.11
C VAL W 6 -46.82 1.18 -13.73
N PRO W 7 -46.76 -0.05 -13.25
CA PRO W 7 -47.52 -1.14 -13.87
C PRO W 7 -48.99 -1.21 -13.49
N LEU W 8 -49.44 -0.45 -12.48
CA LEU W 8 -50.84 -0.44 -12.07
C LEU W 8 -51.31 1.02 -11.98
N VAL W 9 -51.71 1.57 -13.12
CA VAL W 9 -52.24 2.93 -13.18
C VAL W 9 -53.59 2.94 -13.87
N SER W 10 -53.70 2.30 -15.03
CA SER W 10 -54.90 2.30 -15.84
C SER W 10 -55.33 0.89 -16.22
N ASP W 11 -54.65 -0.11 -15.68
CA ASP W 11 -55.02 -1.50 -15.94
C ASP W 11 -55.78 -2.16 -14.80
N LEU W 12 -56.22 -1.41 -13.80
CA LEU W 12 -57.01 -1.98 -12.71
C LEU W 12 -58.31 -2.55 -13.24
N THR W 13 -58.96 -1.84 -14.16
CA THR W 13 -60.19 -2.34 -14.77
C THR W 13 -59.92 -3.62 -15.57
N LEU W 14 -58.78 -3.68 -16.25
CA LEU W 14 -58.39 -4.90 -16.94
C LEU W 14 -58.16 -6.04 -15.93
N SER W 15 -57.49 -5.73 -14.82
CA SER W 15 -57.27 -6.71 -13.78
C SER W 15 -58.56 -7.18 -13.13
N PHE W 16 -59.61 -6.37 -13.15
CA PHE W 16 -60.92 -6.77 -12.65
C PHE W 16 -61.59 -7.80 -13.54
N LEU W 17 -61.18 -7.89 -14.80
CA LEU W 17 -61.74 -8.87 -15.73
C LEU W 17 -60.72 -9.89 -16.24
N VAL W 18 -59.48 -9.51 -16.52
CA VAL W 18 -58.49 -10.48 -16.97
C VAL W 18 -58.27 -11.54 -15.90
N PHE W 19 -58.13 -11.10 -14.65
CA PHE W 19 -58.01 -12.04 -13.54
C PHE W 19 -59.29 -12.85 -13.38
N TRP W 20 -60.43 -12.22 -13.68
CA TRP W 20 -61.74 -12.87 -13.62
C TRP W 20 -61.82 -14.04 -14.59
N LEU W 21 -61.00 -14.04 -15.63
CA LEU W 21 -60.90 -15.19 -16.53
C LEU W 21 -60.40 -16.45 -15.83
N CYS W 22 -60.09 -16.39 -14.54
CA CYS W 22 -59.73 -17.60 -13.80
C CYS W 22 -60.93 -18.52 -13.65
N LEU W 23 -62.13 -17.98 -13.83
CA LEU W 23 -63.35 -18.77 -13.71
C LEU W 23 -63.59 -19.63 -14.95
N PRO W 24 -63.62 -19.07 -16.18
CA PRO W 24 -63.83 -19.93 -17.35
C PRO W 24 -62.59 -20.71 -17.75
N VAL W 25 -61.42 -20.13 -17.51
CA VAL W 25 -60.16 -20.77 -17.86
C VAL W 25 -59.52 -21.42 -16.64
N LEU X 5 -30.50 -4.91 -34.44
CA LEU X 5 -31.61 -5.62 -35.06
C LEU X 5 -32.19 -6.67 -34.12
N VAL X 6 -33.36 -6.38 -33.56
CA VAL X 6 -34.03 -7.28 -32.62
C VAL X 6 -34.43 -8.55 -33.37
N PRO X 7 -34.49 -9.70 -32.71
CA PRO X 7 -34.82 -10.95 -33.41
C PRO X 7 -36.30 -11.14 -33.70
N LEU X 8 -37.19 -10.28 -33.19
CA LEU X 8 -38.63 -10.37 -33.45
C LEU X 8 -39.15 -8.98 -33.78
N VAL X 9 -39.06 -8.61 -35.06
CA VAL X 9 -39.59 -7.34 -35.54
C VAL X 9 -40.52 -7.58 -36.74
N SER X 10 -40.06 -8.34 -37.72
CA SER X 10 -40.80 -8.59 -38.95
C SER X 10 -40.90 -10.08 -39.25
N ASP X 11 -40.44 -10.92 -38.34
CA ASP X 11 -40.54 -12.37 -38.51
C ASP X 11 -41.67 -13.00 -37.73
N LEU X 12 -42.54 -12.21 -37.08
CA LEU X 12 -43.72 -12.76 -36.43
C LEU X 12 -44.61 -13.46 -37.45
N THR X 13 -44.79 -12.83 -38.61
CA THR X 13 -45.52 -13.47 -39.69
C THR X 13 -44.82 -14.75 -40.15
N LEU X 14 -43.49 -14.71 -40.21
CA LEU X 14 -42.74 -15.92 -40.53
C LEU X 14 -42.93 -16.99 -39.46
N SER X 15 -42.94 -16.57 -38.20
CA SER X 15 -43.18 -17.51 -37.09
C SER X 15 -44.61 -18.03 -37.08
N PHE X 16 -45.54 -17.36 -37.76
CA PHE X 16 -46.92 -17.83 -37.82
C PHE X 16 -47.10 -19.02 -38.75
N LEU X 17 -46.16 -19.26 -39.67
CA LEU X 17 -46.20 -20.47 -40.48
C LEU X 17 -45.01 -21.38 -40.29
N VAL X 18 -43.78 -20.87 -40.11
CA VAL X 18 -42.63 -21.74 -39.91
C VAL X 18 -42.84 -22.62 -38.69
N PHE X 19 -43.36 -22.03 -37.61
CA PHE X 19 -43.75 -22.81 -36.44
C PHE X 19 -44.87 -23.77 -36.79
N TRP X 20 -45.81 -23.33 -37.63
CA TRP X 20 -46.92 -24.15 -38.08
C TRP X 20 -46.44 -25.36 -38.87
N LEU X 21 -45.22 -25.29 -39.43
CA LEU X 21 -44.63 -26.46 -40.06
C LEU X 21 -44.39 -27.62 -39.10
N CYS X 22 -44.70 -27.46 -37.81
CA CYS X 22 -44.62 -28.59 -36.89
C CYS X 22 -45.69 -29.62 -37.21
N LEU X 23 -46.71 -29.22 -37.96
CA LEU X 23 -47.81 -30.12 -38.31
C LEU X 23 -47.39 -31.09 -39.42
N PRO X 24 -46.88 -30.62 -40.59
CA PRO X 24 -46.47 -31.59 -41.62
C PRO X 24 -45.12 -32.22 -41.33
N VAL X 25 -44.22 -31.48 -40.70
CA VAL X 25 -42.89 -31.98 -40.38
C VAL X 25 -42.83 -32.44 -38.92
#